data_7LHZ
#
_entry.id   7LHZ
#
_cell.length_a   94.185
_cell.length_b   159.818
_cell.length_c   144.059
_cell.angle_alpha   90.000
_cell.angle_beta   94.940
_cell.angle_gamma   90.000
#
_symmetry.space_group_name_H-M   'P 1 21 1'
#
loop_
_entity.id
_entity.type
_entity.pdbx_description
1 polymer 'DNA topoisomerase 4 subunit B, DNA topoisomerase 4 subunit A chimera'
2 polymer "DNA (5'-D(P*TP*AP*CP*GP*TP*TP*GP*TP*AP*T)-3')"
3 polymer "DNA (5'-D(*GP*AP*TP*CP*AP*TP*AP*CP*AP*AP*CP*GP*TP*AP*A)-3')"
4 non-polymer (4S)-2-METHYL-2,4-PENTANEDIOL
5 non-polymer 'MAGNESIUM ION'
6 non-polymer '(3S)-10-[(3R)-3-(1-aminocyclopropyl)pyrrolidin-1-yl]-9-fluoro-3-methyl-5-oxo-2,3-dihydro-5H-[1,4]oxazino[2,3,4-ij]quinoline-6-carboxylic acid'
7 water water
#
loop_
_entity_poly.entity_id
_entity_poly.type
_entity_poly.pdbx_seq_one_letter_code
_entity_poly.pdbx_strand_id
1 'polypeptide(L)'
;MKKLTSGPALPGKLADCTAQDLNRTELFLVEGDSAGGSAKQARDREYQAIMPLKGKILNTWEVSSDEVLASQEVHDISVA
IGIDPDSDDLSQLRYGKICILADADSDGLHIATLLCALFVRHFRTLVKEGHVYVALPPLYRIDLGKEVYYALTEEEKTGV
LEQLKRKKGKPNVQRFKGLGEMNPMQLRETTLDPNTRRLVQLVISDEDEQQTTAIMDMLLAKKRSEDRRNWLQEKGDMAD
LEVEFMSDMAERLALHEFTENAYLNYSMYVIMDRALPFIGDGLKPVQRRIVYAMSELGLNASAKFKKSARTVGDVLGKYH
PHGDSACYEAMVLMAQPFSYRYPLVDGQGNWGAPDDPKSFAAMRYTESRLSKYAELLLSELGQGTVDWVPNFDGTLQEPK
MLPARLPNILLNGTTGIAVGMATDIPPHNLREVAKAAITLIEQPKTTLDELLDIVQGPDFPTEAEIITSRAEIRKIYQNG
RGSVRMRAVWSKEDGAVVITALPHQVSGAKVLEQIAAQMRNKKLPMVDDLRDESDHENPTRLVIVPRSNRVDMEQVMNHL
FATTDLEKSYRINLNMIGLDGRPAVKNLLEILSEWLVFRRDTVRRRLNHRLEKVLKRLHILEGLLVAFLNIDEVIEIIRT
EDEPKPALMSRFGISETQAEAILELKLRHLAKLEEMKIRGEQSELEKERDQLQAILASERKMNNLLKKELQADADAFGDD
RRSPLHEREEAKAMSLEHHHHHH
;
C,D,A,B
2 'polydeoxyribonucleotide' (DT)(DT)(DA)(DC)(DG)(DT)(DT)(DG)(DT)(DA)(DT) P,J,H,E
3 'polydeoxyribonucleotide' (DG)(DA)(DT)(DC)(DA)(DT)(DA)(DC)(DA)(DA)(DC)(DG)(DT)(DA)(DA) K,I,G,F
#
# COMPACT_ATOMS: atom_id res chain seq x y z
N GLY A 12 25.41 -59.87 2.94
CA GLY A 12 26.81 -59.55 3.15
C GLY A 12 27.03 -58.13 3.62
N LYS A 13 26.22 -57.21 3.10
CA LYS A 13 26.31 -55.80 3.45
C LYS A 13 25.42 -55.42 4.62
N LEU A 14 24.78 -56.40 5.26
CA LEU A 14 23.92 -56.14 6.40
C LEU A 14 24.73 -56.20 7.69
N ALA A 15 24.44 -55.26 8.59
CA ALA A 15 25.08 -55.20 9.91
C ALA A 15 24.14 -55.85 10.91
N ASP A 16 24.42 -57.11 11.24
CA ASP A 16 23.55 -57.87 12.13
C ASP A 16 23.58 -57.27 13.53
N CYS A 17 22.57 -57.62 14.32
CA CYS A 17 22.46 -57.19 15.70
C CYS A 17 22.84 -58.33 16.65
N THR A 18 23.09 -57.96 17.91
CA THR A 18 23.54 -58.94 18.90
C THR A 18 22.46 -59.95 19.23
N ALA A 19 21.23 -59.49 19.43
CA ALA A 19 20.17 -60.37 19.88
C ALA A 19 19.67 -61.26 18.73
N GLN A 20 18.95 -62.32 19.11
CA GLN A 20 18.39 -63.26 18.15
C GLN A 20 16.92 -63.56 18.46
N ASP A 21 16.31 -62.83 19.38
CA ASP A 21 14.92 -63.07 19.75
C ASP A 21 14.01 -62.90 18.53
N LEU A 22 13.38 -64.01 18.10
CA LEU A 22 12.48 -63.95 16.95
C LEU A 22 11.29 -63.06 17.21
N ASN A 23 11.01 -62.71 18.47
CA ASN A 23 9.91 -61.81 18.79
C ASN A 23 10.35 -60.36 18.89
N ARG A 24 11.59 -60.10 19.28
CA ARG A 24 12.06 -58.74 19.52
C ARG A 24 13.02 -58.23 18.47
N THR A 25 13.78 -59.11 17.81
CA THR A 25 14.65 -58.67 16.73
C THR A 25 13.81 -58.20 15.55
N GLU A 26 14.35 -57.21 14.82
CA GLU A 26 13.63 -56.58 13.72
C GLU A 26 14.62 -56.21 12.62
N LEU A 27 14.19 -56.40 11.37
CA LEU A 27 15.02 -56.16 10.20
C LEU A 27 14.57 -54.89 9.50
N PHE A 28 15.54 -54.11 9.03
CA PHE A 28 15.28 -52.87 8.30
C PHE A 28 16.02 -52.90 6.97
N LEU A 29 15.30 -52.63 5.89
CA LEU A 29 15.88 -52.54 4.54
C LEU A 29 15.77 -51.08 4.10
N VAL A 30 16.87 -50.34 4.23
CA VAL A 30 16.90 -48.91 3.91
C VAL A 30 17.16 -48.74 2.42
N GLU A 31 16.69 -47.61 1.88
CA GLU A 31 16.82 -47.36 0.45
C GLU A 31 18.23 -46.90 0.09
N GLY A 32 18.67 -45.78 0.66
CA GLY A 32 19.92 -45.18 0.24
C GLY A 32 21.14 -45.92 0.78
N ASP A 33 22.21 -45.92 -0.03
CA ASP A 33 23.49 -46.42 0.45
C ASP A 33 24.12 -45.43 1.43
N SER A 34 24.21 -44.16 1.03
CA SER A 34 24.64 -43.12 1.97
C SER A 34 23.63 -42.97 3.11
N ALA A 35 22.35 -43.24 2.83
CA ALA A 35 21.36 -43.26 3.90
C ALA A 35 21.64 -44.39 4.87
N GLY A 36 22.03 -45.56 4.35
CA GLY A 36 22.40 -46.65 5.23
C GLY A 36 23.59 -46.32 6.10
N GLY A 37 24.57 -45.60 5.54
CA GLY A 37 25.73 -45.20 6.32
C GLY A 37 25.34 -44.42 7.55
N SER A 38 24.27 -43.62 7.46
CA SER A 38 23.76 -42.91 8.62
C SER A 38 22.86 -43.80 9.46
N ALA A 39 21.94 -44.52 8.80
CA ALA A 39 21.03 -45.39 9.53
C ALA A 39 21.78 -46.33 10.47
N LYS A 40 22.79 -47.03 9.94
CA LYS A 40 23.61 -47.90 10.79
C LYS A 40 24.43 -47.10 11.79
N GLN A 41 24.67 -45.81 11.53
CA GLN A 41 25.46 -44.99 12.44
C GLN A 41 24.70 -44.63 13.71
N ALA A 42 23.37 -44.70 13.69
CA ALA A 42 22.55 -44.36 14.84
C ALA A 42 21.66 -45.50 15.29
N ARG A 43 21.71 -46.66 14.63
CA ARG A 43 20.87 -47.78 14.99
C ARG A 43 21.28 -48.36 16.34
N ASP A 44 20.31 -48.97 17.02
CA ASP A 44 20.58 -49.67 18.28
C ASP A 44 21.23 -51.00 17.94
N ARG A 45 22.54 -51.09 18.12
CA ARG A 45 23.25 -52.34 17.85
C ARG A 45 22.74 -53.49 18.70
N GLU A 46 21.93 -53.22 19.72
CA GLU A 46 21.42 -54.28 20.59
C GLU A 46 20.57 -55.28 19.81
N TYR A 47 19.53 -54.80 19.13
CA TYR A 47 18.62 -55.69 18.42
C TYR A 47 18.18 -55.15 17.07
N GLN A 48 18.82 -54.11 16.54
CA GLN A 48 18.42 -53.48 15.29
C GLN A 48 19.47 -53.77 14.23
N ALA A 49 19.03 -54.37 13.13
CA ALA A 49 19.91 -54.69 12.00
C ALA A 49 19.34 -54.08 10.75
N ILE A 50 20.11 -53.21 10.10
CA ILE A 50 19.71 -52.55 8.87
C ILE A 50 20.55 -53.07 7.72
N MET A 51 20.01 -52.95 6.51
CA MET A 51 20.70 -53.42 5.31
C MET A 51 20.39 -52.49 4.15
N PRO A 52 21.41 -51.93 3.49
CA PRO A 52 21.15 -51.00 2.38
C PRO A 52 20.70 -51.71 1.12
N LEU A 53 19.88 -51.00 0.34
CA LEU A 53 19.38 -51.46 -0.95
C LEU A 53 19.79 -50.46 -2.02
N LYS A 54 21.00 -50.62 -2.56
CA LYS A 54 21.53 -49.72 -3.56
C LYS A 54 20.71 -49.76 -4.84
N GLY A 55 19.93 -48.71 -5.09
CA GLY A 55 19.13 -48.64 -6.30
C GLY A 55 17.80 -49.35 -6.17
N LYS A 56 17.26 -49.71 -7.32
CA LYS A 56 15.95 -50.36 -7.42
C LYS A 56 16.13 -51.86 -7.61
N ILE A 57 15.37 -52.66 -6.87
CA ILE A 57 15.47 -54.10 -6.89
C ILE A 57 14.69 -54.67 -8.08
N LEU A 58 14.86 -55.95 -8.35
CA LEU A 58 14.11 -56.59 -9.41
C LEU A 58 12.64 -56.76 -9.02
N ASN A 59 11.78 -56.78 -10.03
CA ASN A 59 10.35 -57.03 -9.83
C ASN A 59 10.13 -58.54 -9.81
N THR A 60 9.90 -59.08 -8.61
CA THR A 60 9.81 -60.51 -8.41
C THR A 60 8.38 -61.04 -8.55
N TRP A 61 7.52 -60.36 -9.31
CA TRP A 61 6.14 -60.81 -9.44
C TRP A 61 6.04 -62.01 -10.36
N GLU A 62 6.58 -61.90 -11.57
CA GLU A 62 6.51 -62.95 -12.57
C GLU A 62 7.81 -63.74 -12.69
N VAL A 63 8.76 -63.54 -11.78
CA VAL A 63 10.06 -64.21 -11.86
C VAL A 63 9.95 -65.59 -11.25
N SER A 64 10.80 -66.50 -11.74
CA SER A 64 10.84 -67.86 -11.21
C SER A 64 11.58 -67.89 -9.87
N SER A 65 11.27 -68.93 -9.07
CA SER A 65 11.85 -69.02 -7.75
C SER A 65 13.37 -68.88 -7.80
N ASP A 66 14.02 -69.64 -8.68
CA ASP A 66 15.48 -69.55 -8.80
C ASP A 66 15.90 -68.20 -9.36
N GLU A 67 15.10 -67.62 -10.26
CA GLU A 67 15.43 -66.30 -10.79
C GLU A 67 15.47 -65.25 -9.68
N VAL A 68 14.56 -65.34 -8.71
CA VAL A 68 14.60 -64.45 -7.57
C VAL A 68 15.90 -64.63 -6.80
N LEU A 69 16.39 -65.87 -6.72
CA LEU A 69 17.65 -66.16 -6.07
C LEU A 69 18.85 -65.82 -6.94
N ALA A 70 18.63 -65.47 -8.20
CA ALA A 70 19.74 -65.12 -9.09
C ALA A 70 20.11 -63.64 -9.02
N SER A 71 19.13 -62.77 -8.79
CA SER A 71 19.40 -61.34 -8.70
C SER A 71 20.08 -61.00 -7.39
N GLN A 72 21.19 -60.25 -7.48
CA GLN A 72 21.98 -59.95 -6.28
C GLN A 72 21.11 -59.37 -5.17
N GLU A 73 20.33 -58.33 -5.48
CA GLU A 73 19.54 -57.65 -4.46
C GLU A 73 18.59 -58.62 -3.76
N VAL A 74 17.68 -59.22 -4.53
CA VAL A 74 16.70 -60.13 -3.94
C VAL A 74 17.40 -61.31 -3.29
N HIS A 75 18.50 -61.79 -3.90
CA HIS A 75 19.19 -62.95 -3.35
C HIS A 75 19.70 -62.66 -1.94
N ASP A 76 20.30 -61.49 -1.74
CA ASP A 76 20.78 -61.16 -0.40
C ASP A 76 19.63 -60.88 0.56
N ILE A 77 18.53 -60.33 0.06
CA ILE A 77 17.37 -60.07 0.91
C ILE A 77 16.80 -61.38 1.44
N SER A 78 16.66 -62.37 0.56
CA SER A 78 16.12 -63.66 0.99
C SER A 78 16.99 -64.27 2.08
N VAL A 79 18.31 -64.24 1.89
CA VAL A 79 19.21 -64.82 2.89
C VAL A 79 19.07 -64.05 4.20
N ALA A 80 19.21 -62.73 4.15
CA ALA A 80 19.10 -61.92 5.36
C ALA A 80 17.77 -62.19 6.06
N ILE A 81 16.67 -62.23 5.30
CA ILE A 81 15.37 -62.49 5.90
C ILE A 81 15.36 -63.86 6.57
N GLY A 82 15.86 -64.88 5.88
CA GLY A 82 15.91 -66.24 6.37
C GLY A 82 14.98 -67.20 5.64
N ILE A 83 13.82 -66.71 5.20
CA ILE A 83 12.84 -67.56 4.53
C ILE A 83 13.25 -67.77 3.08
N ASP A 84 13.26 -69.03 2.65
CA ASP A 84 13.55 -69.38 1.27
C ASP A 84 12.35 -69.08 0.38
N PRO A 85 12.57 -68.68 -0.87
CA PRO A 85 11.43 -68.31 -1.73
C PRO A 85 10.37 -69.40 -1.78
N ASP A 86 9.13 -68.97 -2.02
CA ASP A 86 7.99 -69.85 -2.25
C ASP A 86 7.74 -70.77 -1.05
N SER A 87 7.31 -70.12 0.04
CA SER A 87 6.72 -70.79 1.20
C SER A 87 7.72 -71.72 1.89
N ASP A 88 8.79 -71.11 2.42
CA ASP A 88 9.67 -71.81 3.34
C ASP A 88 8.99 -72.13 4.67
N ASP A 89 7.83 -71.53 4.93
CA ASP A 89 7.04 -71.76 6.14
C ASP A 89 7.61 -71.03 7.36
N LEU A 90 8.48 -70.04 7.15
CA LEU A 90 9.04 -69.26 8.26
C LEU A 90 9.66 -70.16 9.31
N SER A 91 10.36 -71.21 8.86
CA SER A 91 11.05 -72.13 9.75
C SER A 91 12.47 -71.68 10.08
N GLN A 92 12.97 -70.62 9.43
CA GLN A 92 14.32 -70.13 9.68
C GLN A 92 14.39 -68.62 9.72
N LEU A 93 13.26 -67.93 9.84
CA LEU A 93 13.25 -66.46 9.84
C LEU A 93 14.21 -65.91 10.87
N ARG A 94 15.25 -65.23 10.40
CA ARG A 94 16.31 -64.77 11.30
C ARG A 94 15.82 -63.64 12.20
N TYR A 95 14.99 -62.74 11.66
CA TYR A 95 14.49 -61.58 12.39
C TYR A 95 12.99 -61.69 12.55
N GLY A 96 12.45 -60.88 13.47
CA GLY A 96 11.04 -60.94 13.77
C GLY A 96 10.18 -60.08 12.87
N LYS A 97 10.49 -58.79 12.78
CA LYS A 97 9.71 -57.83 12.03
C LYS A 97 10.58 -57.24 10.92
N ILE A 98 10.30 -57.64 9.68
CA ILE A 98 10.97 -57.06 8.52
C ILE A 98 10.29 -55.73 8.19
N CYS A 99 11.10 -54.68 8.09
CA CYS A 99 10.59 -53.32 7.86
C CYS A 99 11.22 -52.73 6.61
N ILE A 100 10.40 -52.01 5.84
CA ILE A 100 10.85 -51.29 4.65
C ILE A 100 11.01 -49.83 5.01
N LEU A 101 12.20 -49.27 4.75
CA LEU A 101 12.54 -47.90 5.11
C LEU A 101 13.06 -47.19 3.86
N ALA A 102 12.15 -46.61 3.11
CA ALA A 102 12.48 -45.79 1.95
C ALA A 102 12.03 -44.36 2.20
N ASP A 103 12.66 -43.42 1.49
CA ASP A 103 12.35 -42.02 1.70
C ASP A 103 11.00 -41.67 1.09
N ALA A 104 10.53 -40.45 1.37
CA ALA A 104 9.19 -40.03 0.95
C ALA A 104 9.08 -39.77 -0.55
N ASP A 105 10.19 -39.88 -1.31
CA ASP A 105 10.14 -39.80 -2.76
C ASP A 105 9.02 -40.69 -3.30
N SER A 106 8.46 -40.29 -4.44
CA SER A 106 7.66 -41.22 -5.22
C SER A 106 8.49 -42.43 -5.62
N ASP A 107 9.77 -42.20 -5.95
CA ASP A 107 10.68 -43.30 -6.21
C ASP A 107 10.76 -44.26 -5.03
N GLY A 108 10.64 -43.74 -3.81
CA GLY A 108 10.60 -44.61 -2.65
C GLY A 108 9.37 -45.49 -2.63
N LEU A 109 8.22 -44.95 -3.02
CA LEU A 109 7.01 -45.74 -3.07
C LEU A 109 7.15 -46.90 -4.05
N HIS A 110 7.76 -46.65 -5.21
CA HIS A 110 8.03 -47.73 -6.15
C HIS A 110 8.93 -48.78 -5.53
N ILE A 111 10.03 -48.34 -4.91
CA ILE A 111 10.91 -49.27 -4.20
C ILE A 111 10.14 -49.98 -3.10
N ALA A 112 9.23 -49.28 -2.44
CA ALA A 112 8.39 -49.92 -1.44
C ALA A 112 7.44 -50.92 -2.10
N THR A 113 6.94 -50.61 -3.29
CA THR A 113 6.09 -51.57 -4.01
C THR A 113 6.92 -52.74 -4.51
N LEU A 114 8.12 -52.47 -5.02
CA LEU A 114 9.00 -53.55 -5.46
C LEU A 114 9.27 -54.55 -4.34
N LEU A 115 9.31 -54.07 -3.09
CA LEU A 115 9.52 -54.97 -1.96
C LEU A 115 8.26 -55.77 -1.66
N CYS A 116 7.08 -55.15 -1.80
CA CYS A 116 5.83 -55.87 -1.57
C CYS A 116 5.71 -57.06 -2.52
N ALA A 117 5.96 -56.83 -3.82
CA ALA A 117 5.87 -57.92 -4.79
C ALA A 117 6.71 -59.11 -4.36
N LEU A 118 7.93 -58.85 -3.88
CA LEU A 118 8.80 -59.95 -3.45
C LEU A 118 8.23 -60.64 -2.22
N PHE A 119 7.53 -59.92 -1.36
CA PHE A 119 7.02 -60.48 -0.12
C PHE A 119 5.62 -61.07 -0.26
N VAL A 120 5.07 -61.13 -1.47
CA VAL A 120 3.74 -61.67 -1.71
C VAL A 120 3.80 -62.95 -2.53
N ARG A 121 4.43 -62.91 -3.70
CA ARG A 121 4.49 -64.08 -4.56
C ARG A 121 5.33 -65.19 -3.92
N HIS A 122 6.46 -64.83 -3.32
CA HIS A 122 7.44 -65.78 -2.84
C HIS A 122 7.45 -65.97 -1.34
N PHE A 123 7.29 -64.89 -0.57
CA PHE A 123 7.25 -64.95 0.89
C PHE A 123 5.84 -64.72 1.41
N ARG A 124 4.84 -65.28 0.72
CA ARG A 124 3.44 -65.02 1.07
C ARG A 124 3.16 -65.34 2.53
N THR A 125 3.77 -66.41 3.05
CA THR A 125 3.57 -66.78 4.46
C THR A 125 4.16 -65.75 5.41
N LEU A 126 5.15 -64.97 4.96
CA LEU A 126 5.75 -63.96 5.82
C LEU A 126 4.82 -62.75 5.99
N VAL A 127 4.20 -62.30 4.90
CA VAL A 127 3.27 -61.18 4.98
C VAL A 127 1.90 -61.63 5.48
N LYS A 128 1.53 -62.89 5.23
CA LYS A 128 0.28 -63.43 5.73
C LYS A 128 0.31 -63.59 7.26
N GLU A 129 1.50 -63.75 7.82
CA GLU A 129 1.65 -63.74 9.27
C GLU A 129 1.74 -62.32 9.83
N GLY A 130 2.02 -61.34 8.99
CA GLY A 130 2.08 -59.96 9.43
C GLY A 130 3.45 -59.50 9.89
N HIS A 131 4.52 -59.99 9.28
CA HIS A 131 5.87 -59.56 9.62
C HIS A 131 6.44 -58.58 8.61
N VAL A 132 5.59 -57.94 7.82
CA VAL A 132 6.01 -56.96 6.83
C VAL A 132 5.47 -55.60 7.29
N TYR A 133 6.39 -54.70 7.65
CA TYR A 133 6.06 -53.36 8.10
C TYR A 133 6.55 -52.33 7.08
N VAL A 134 6.13 -51.08 7.27
CA VAL A 134 6.53 -49.97 6.41
C VAL A 134 6.75 -48.76 7.31
N ALA A 135 8.00 -48.39 7.51
CA ALA A 135 8.30 -47.22 8.32
C ALA A 135 7.92 -45.95 7.59
N LEU A 136 7.19 -45.07 8.28
CA LEU A 136 6.72 -43.82 7.67
C LEU A 136 7.76 -42.73 7.90
N PRO A 137 8.51 -42.30 6.87
CA PRO A 137 9.52 -41.29 7.08
C PRO A 137 8.90 -39.92 7.26
N PRO A 138 9.56 -39.02 7.99
CA PRO A 138 9.01 -37.67 8.18
C PRO A 138 9.20 -36.79 6.96
N LEU A 139 8.40 -35.73 6.91
CA LEU A 139 8.46 -34.77 5.82
C LEU A 139 9.19 -33.50 6.19
N TYR A 140 9.07 -33.03 7.43
CA TYR A 140 9.67 -31.78 7.87
C TYR A 140 10.35 -31.98 9.22
N ARG A 141 11.23 -31.04 9.54
CA ARG A 141 11.95 -31.02 10.83
C ARG A 141 11.94 -29.59 11.33
N ILE A 142 10.92 -29.24 12.12
CA ILE A 142 10.72 -27.88 12.61
C ILE A 142 11.32 -27.79 14.00
N ASP A 143 12.16 -26.78 14.22
CA ASP A 143 12.84 -26.57 15.50
C ASP A 143 12.78 -25.09 15.86
N LEU A 144 12.48 -24.82 17.13
CA LEU A 144 12.45 -23.46 17.67
C LEU A 144 13.21 -23.48 18.99
N GLY A 145 14.52 -23.23 18.91
CA GLY A 145 15.35 -23.33 20.10
C GLY A 145 15.41 -24.75 20.59
N LYS A 146 15.07 -24.94 21.86
CA LYS A 146 15.01 -26.28 22.46
C LYS A 146 13.63 -26.88 22.22
N GLU A 147 13.30 -27.01 20.93
CA GLU A 147 12.03 -27.59 20.51
C GLU A 147 12.26 -28.36 19.21
N VAL A 148 11.49 -29.43 19.03
CA VAL A 148 11.62 -30.28 17.86
C VAL A 148 10.24 -30.82 17.50
N TYR A 149 9.91 -30.79 16.21
CA TYR A 149 8.63 -31.29 15.72
C TYR A 149 8.84 -31.89 14.33
N TYR A 150 8.20 -33.04 14.10
CA TYR A 150 8.30 -33.76 12.85
C TYR A 150 6.91 -33.90 12.22
N ALA A 151 6.85 -33.82 10.90
CA ALA A 151 5.59 -33.86 10.18
C ALA A 151 5.64 -34.93 9.09
N LEU A 152 4.48 -35.21 8.52
CA LEU A 152 4.34 -36.17 7.44
C LEU A 152 3.78 -35.57 6.17
N THR A 153 2.84 -34.63 6.28
CA THR A 153 2.15 -34.04 5.13
C THR A 153 2.24 -32.52 5.20
N GLU A 154 1.71 -31.87 4.16
CA GLU A 154 1.73 -30.41 4.09
C GLU A 154 0.81 -29.79 5.14
N GLU A 155 -0.44 -30.26 5.22
CA GLU A 155 -1.35 -29.74 6.23
C GLU A 155 -0.89 -30.05 7.64
N GLU A 156 -0.04 -31.07 7.82
CA GLU A 156 0.54 -31.30 9.14
C GLU A 156 1.63 -30.29 9.47
N LYS A 157 2.22 -29.65 8.44
CA LYS A 157 3.17 -28.58 8.70
C LYS A 157 2.47 -27.35 9.26
N THR A 158 1.37 -26.94 8.63
CA THR A 158 0.68 -25.73 9.05
C THR A 158 0.16 -25.87 10.48
N GLY A 159 -0.44 -27.01 10.80
CA GLY A 159 -0.98 -27.23 12.14
C GLY A 159 0.08 -27.19 13.22
N VAL A 160 1.35 -27.28 12.86
CA VAL A 160 2.44 -27.23 13.81
C VAL A 160 3.07 -25.84 13.88
N LEU A 161 3.31 -25.22 12.72
CA LEU A 161 3.91 -23.89 12.72
C LEU A 161 3.04 -22.87 13.43
N GLU A 162 1.77 -22.75 13.01
CA GLU A 162 0.88 -21.79 13.65
C GLU A 162 0.63 -22.17 15.11
N GLN A 163 0.68 -23.47 15.43
CA GLN A 163 0.54 -23.88 16.81
C GLN A 163 1.57 -23.21 17.70
N LEU A 164 2.85 -23.32 17.34
CA LEU A 164 3.93 -22.65 18.06
C LEU A 164 4.16 -21.25 17.52
N LYS A 165 3.08 -20.50 17.38
CA LYS A 165 3.16 -19.09 17.03
C LYS A 165 3.19 -18.20 18.27
N ARG A 166 2.72 -18.70 19.41
CA ARG A 166 2.79 -17.95 20.66
C ARG A 166 4.18 -17.96 21.26
N LYS A 167 5.12 -18.71 20.69
CA LYS A 167 6.48 -18.80 21.23
C LYS A 167 7.39 -17.81 20.52
N LYS A 168 8.25 -17.15 21.30
CA LYS A 168 9.15 -16.16 20.75
C LYS A 168 10.12 -16.81 19.75
N GLY A 169 10.67 -15.98 18.89
CA GLY A 169 11.63 -16.43 17.89
C GLY A 169 10.97 -16.91 16.62
N LYS A 170 11.78 -16.97 15.56
CA LYS A 170 11.33 -17.41 14.25
C LYS A 170 11.76 -18.84 14.02
N PRO A 171 10.84 -19.78 13.83
CA PRO A 171 11.25 -21.18 13.66
C PRO A 171 12.04 -21.37 12.37
N ASN A 172 12.55 -22.59 12.21
CA ASN A 172 13.17 -23.05 10.98
C ASN A 172 12.50 -24.34 10.53
N VAL A 173 12.40 -24.50 9.21
CA VAL A 173 11.72 -25.65 8.61
C VAL A 173 12.68 -26.29 7.62
N GLN A 174 13.18 -27.48 7.96
CA GLN A 174 14.07 -28.24 7.09
C GLN A 174 13.23 -29.26 6.33
N ARG A 175 12.81 -28.89 5.12
CA ARG A 175 11.97 -29.75 4.28
C ARG A 175 12.87 -30.68 3.47
N PHE A 176 13.22 -31.80 4.07
CA PHE A 176 14.07 -32.80 3.42
C PHE A 176 13.19 -33.88 2.81
N LYS A 177 13.34 -34.10 1.51
CA LYS A 177 12.55 -35.10 0.81
C LYS A 177 13.18 -36.49 0.95
N GLY A 178 14.50 -36.59 0.74
CA GLY A 178 15.18 -37.86 0.84
C GLY A 178 15.65 -38.17 2.25
N LEU A 179 16.03 -39.43 2.46
CA LEU A 179 16.52 -39.86 3.76
C LEU A 179 18.01 -39.55 3.94
N GLY A 180 18.76 -39.45 2.84
CA GLY A 180 20.18 -39.14 2.93
C GLY A 180 20.47 -37.75 3.48
N GLU A 181 19.52 -36.83 3.37
CA GLU A 181 19.68 -35.48 3.88
C GLU A 181 19.51 -35.40 5.39
N MET A 182 19.33 -36.54 6.06
CA MET A 182 19.04 -36.57 7.48
C MET A 182 20.30 -36.87 8.28
N ASN A 183 20.42 -36.21 9.44
CA ASN A 183 21.52 -36.49 10.35
C ASN A 183 21.38 -37.90 10.91
N PRO A 184 22.49 -38.49 11.39
CA PRO A 184 22.38 -39.84 11.97
C PRO A 184 21.40 -39.90 13.13
N MET A 185 21.54 -39.01 14.12
CA MET A 185 20.60 -39.00 15.23
C MET A 185 19.21 -38.54 14.81
N GLN A 186 19.10 -37.79 13.71
CA GLN A 186 17.79 -37.35 13.24
C GLN A 186 16.97 -38.52 12.73
N LEU A 187 17.59 -39.43 11.97
CA LEU A 187 16.88 -40.61 11.50
C LEU A 187 16.56 -41.58 12.63
N ARG A 188 17.31 -41.52 13.73
CA ARG A 188 17.06 -42.42 14.85
C ARG A 188 15.67 -42.19 15.42
N GLU A 189 15.40 -40.97 15.89
CA GLU A 189 14.14 -40.71 16.56
C GLU A 189 12.95 -40.90 15.63
N THR A 190 13.15 -40.73 14.33
CA THR A 190 12.02 -40.72 13.40
C THR A 190 11.67 -42.10 12.86
N THR A 191 12.65 -42.98 12.72
CA THR A 191 12.41 -44.30 12.11
C THR A 191 13.00 -45.46 12.90
N LEU A 192 13.95 -45.24 13.79
CA LEU A 192 14.61 -46.32 14.51
C LEU A 192 14.18 -46.42 15.97
N ASP A 193 14.27 -45.34 16.73
CA ASP A 193 13.95 -45.39 18.16
C ASP A 193 12.46 -45.69 18.33
N PRO A 194 12.09 -46.81 18.95
CA PRO A 194 10.65 -47.15 19.04
C PRO A 194 9.82 -46.11 19.78
N ASN A 195 10.43 -45.36 20.70
CA ASN A 195 9.65 -44.42 21.51
C ASN A 195 8.95 -43.39 20.62
N THR A 196 9.64 -42.89 19.60
CA THR A 196 9.15 -41.77 18.82
C THR A 196 8.98 -42.05 17.33
N ARG A 197 9.42 -43.22 16.85
CA ARG A 197 9.31 -43.50 15.43
C ARG A 197 7.85 -43.71 15.03
N ARG A 198 7.58 -43.49 13.75
CA ARG A 198 6.26 -43.66 13.16
C ARG A 198 6.33 -44.83 12.19
N LEU A 199 5.56 -45.88 12.46
CA LEU A 199 5.66 -47.13 11.70
C LEU A 199 4.31 -47.81 11.63
N VAL A 200 3.91 -48.19 10.43
CA VAL A 200 2.65 -48.86 10.19
C VAL A 200 2.91 -50.33 9.93
N GLN A 201 1.86 -51.15 10.02
CA GLN A 201 1.96 -52.60 9.90
C GLN A 201 1.15 -53.06 8.68
N LEU A 202 1.85 -53.38 7.59
CA LEU A 202 1.19 -53.91 6.40
C LEU A 202 0.77 -55.35 6.65
N VAL A 203 -0.46 -55.67 6.25
CA VAL A 203 -1.01 -57.01 6.47
C VAL A 203 -2.07 -57.27 5.42
N ILE A 204 -2.13 -58.52 4.95
CA ILE A 204 -3.12 -58.95 3.96
C ILE A 204 -4.12 -59.85 4.68
N SER A 205 -5.39 -59.44 4.67
CA SER A 205 -6.43 -60.21 5.33
C SER A 205 -6.86 -61.38 4.45
N ASP A 206 -7.39 -62.42 5.11
CA ASP A 206 -7.84 -63.60 4.38
C ASP A 206 -9.08 -63.30 3.55
N GLU A 207 -9.95 -62.43 4.04
CA GLU A 207 -11.15 -62.05 3.30
C GLU A 207 -10.86 -61.05 2.18
N ASP A 208 -9.62 -60.61 2.03
CA ASP A 208 -9.24 -59.66 0.98
C ASP A 208 -8.02 -60.08 0.19
N GLU A 209 -7.34 -61.17 0.56
CA GLU A 209 -6.16 -61.58 -0.18
C GLU A 209 -6.50 -62.13 -1.55
N GLN A 210 -7.76 -62.50 -1.80
CA GLN A 210 -8.18 -62.80 -3.15
C GLN A 210 -8.08 -61.56 -4.04
N GLN A 211 -8.31 -60.37 -3.45
CA GLN A 211 -8.12 -59.11 -4.16
C GLN A 211 -6.70 -58.58 -4.08
N THR A 212 -5.93 -59.00 -3.07
CA THR A 212 -4.53 -58.59 -3.00
C THR A 212 -3.75 -59.13 -4.19
N THR A 213 -3.98 -60.38 -4.56
CA THR A 213 -3.30 -60.95 -5.73
C THR A 213 -3.81 -60.33 -7.02
N ALA A 214 -5.13 -60.15 -7.13
CA ALA A 214 -5.70 -59.60 -8.36
C ALA A 214 -5.27 -58.15 -8.57
N ILE A 215 -5.45 -57.31 -7.55
CA ILE A 215 -5.09 -55.90 -7.68
C ILE A 215 -3.60 -55.75 -7.92
N MET A 216 -2.78 -56.42 -7.09
CA MET A 216 -1.34 -56.30 -7.22
C MET A 216 -0.84 -56.90 -8.52
N ASP A 217 -1.58 -57.84 -9.10
CA ASP A 217 -1.20 -58.40 -10.41
C ASP A 217 -1.20 -57.33 -11.49
N MET A 218 -2.37 -56.73 -11.72
CA MET A 218 -2.48 -55.67 -12.71
C MET A 218 -1.38 -54.64 -12.59
N LEU A 219 -0.92 -54.37 -11.36
CA LEU A 219 0.08 -53.33 -11.15
C LEU A 219 1.47 -53.79 -11.58
N LEU A 220 1.80 -55.06 -11.35
CA LEU A 220 3.12 -55.58 -11.62
C LEU A 220 3.13 -56.62 -12.74
N ALA A 221 2.05 -56.70 -13.53
CA ALA A 221 1.96 -57.66 -14.63
C ALA A 221 2.62 -57.06 -15.86
N LYS A 222 3.77 -57.62 -16.26
CA LYS A 222 4.52 -57.06 -17.37
C LYS A 222 3.66 -56.96 -18.63
N LYS A 223 2.76 -57.93 -18.83
CA LYS A 223 1.97 -57.96 -20.07
C LYS A 223 0.74 -57.08 -19.97
N ARG A 224 0.11 -57.01 -18.79
CA ARG A 224 -1.13 -56.24 -18.60
C ARG A 224 -0.81 -54.75 -18.42
N SER A 225 -0.19 -54.17 -19.44
CA SER A 225 0.11 -52.75 -19.44
C SER A 225 -1.05 -51.92 -19.94
N GLU A 226 -1.84 -52.44 -20.88
CA GLU A 226 -3.05 -51.74 -21.33
C GLU A 226 -4.12 -51.74 -20.25
N ASP A 227 -4.08 -52.71 -19.32
CA ASP A 227 -4.99 -52.68 -18.18
C ASP A 227 -4.62 -51.56 -17.23
N ARG A 228 -3.35 -51.15 -17.18
CA ARG A 228 -2.97 -50.04 -16.33
C ARG A 228 -3.47 -48.70 -16.88
N ARG A 229 -3.53 -48.57 -18.20
CA ARG A 229 -3.92 -47.30 -18.80
C ARG A 229 -5.29 -46.84 -18.32
N ASN A 230 -6.33 -47.65 -18.60
CA ASN A 230 -7.67 -47.31 -18.15
C ASN A 230 -7.82 -47.41 -16.63
N TRP A 231 -6.81 -47.93 -15.93
CA TRP A 231 -6.79 -47.84 -14.47
C TRP A 231 -6.46 -46.42 -14.02
N LEU A 232 -5.40 -45.84 -14.58
CA LEU A 232 -5.03 -44.47 -14.25
C LEU A 232 -6.02 -43.46 -14.81
N GLN A 233 -6.83 -43.86 -15.79
CA GLN A 233 -7.84 -42.96 -16.35
C GLN A 233 -9.08 -42.90 -15.48
N GLU A 234 -9.44 -44.01 -14.83
CA GLU A 234 -10.58 -44.02 -13.92
C GLU A 234 -10.19 -43.48 -12.54
N LYS A 235 -9.04 -43.91 -12.03
CA LYS A 235 -8.56 -43.46 -10.73
C LYS A 235 -7.93 -42.08 -10.77
N GLY A 236 -7.79 -41.48 -11.95
CA GLY A 236 -7.21 -40.16 -12.09
C GLY A 236 -8.22 -39.03 -11.93
N ASP A 237 -9.30 -39.09 -12.70
CA ASP A 237 -10.35 -38.08 -12.65
C ASP A 237 -11.19 -38.16 -11.38
N MET A 238 -10.95 -39.15 -10.52
CA MET A 238 -11.66 -39.30 -9.26
C MET A 238 -10.69 -39.63 -8.15
N ALA A 239 -9.52 -38.97 -8.16
CA ALA A 239 -8.46 -39.28 -7.21
C ALA A 239 -8.66 -38.53 -5.89
N ASP A 240 -8.77 -37.21 -5.94
CA ASP A 240 -8.84 -36.39 -4.74
C ASP A 240 -10.28 -36.20 -4.27
N LEU A 241 -11.12 -35.60 -5.12
CA LEU A 241 -12.51 -35.32 -4.77
C LEU A 241 -13.37 -35.26 -6.02
N MET A 246 -4.92 -36.21 1.98
CA MET A 246 -4.30 -37.53 1.90
C MET A 246 -3.69 -37.92 3.24
N SER A 247 -4.32 -37.48 4.33
CA SER A 247 -3.84 -37.74 5.68
C SER A 247 -4.22 -39.12 6.20
N ASP A 248 -4.81 -39.97 5.35
CA ASP A 248 -5.26 -41.28 5.80
C ASP A 248 -4.07 -42.14 6.23
N MET A 249 -4.17 -42.73 7.41
CA MET A 249 -3.14 -43.61 7.94
C MET A 249 -3.69 -44.28 9.20
N ALA A 250 -2.97 -45.30 9.67
CA ALA A 250 -3.39 -46.04 10.85
C ALA A 250 -2.20 -46.81 11.41
N GLU A 251 -2.43 -47.44 12.56
CA GLU A 251 -1.37 -48.22 13.21
C GLU A 251 -1.07 -49.51 12.46
N ARG A 252 -2.00 -49.99 11.62
CA ARG A 252 -1.81 -51.20 10.83
C ARG A 252 -2.50 -50.99 9.49
N LEU A 253 -1.73 -51.06 8.41
CA LEU A 253 -2.23 -50.81 7.07
C LEU A 253 -2.45 -52.12 6.30
N ALA A 254 -3.17 -52.01 5.18
CA ALA A 254 -3.47 -53.16 4.34
C ALA A 254 -2.37 -53.35 3.30
N LEU A 255 -1.83 -54.57 3.23
CA LEU A 255 -0.75 -54.85 2.29
C LEU A 255 -1.19 -54.68 0.85
N HIS A 256 -2.50 -54.65 0.58
CA HIS A 256 -3.01 -54.44 -0.77
C HIS A 256 -3.44 -53.00 -1.03
N GLU A 257 -4.15 -52.38 -0.09
CA GLU A 257 -4.48 -50.97 -0.26
C GLU A 257 -3.22 -50.12 -0.35
N PHE A 258 -2.21 -50.42 0.48
CA PHE A 258 -0.94 -49.73 0.38
C PHE A 258 -0.29 -49.99 -0.98
N THR A 259 -0.39 -51.22 -1.48
CA THR A 259 0.21 -51.55 -2.76
C THR A 259 -0.39 -50.71 -3.89
N GLU A 260 -1.67 -50.35 -3.78
CA GLU A 260 -2.31 -49.59 -4.85
C GLU A 260 -2.03 -48.10 -4.74
N ASN A 261 -1.97 -47.57 -3.50
CA ASN A 261 -1.71 -46.14 -3.33
C ASN A 261 -0.27 -45.81 -3.68
N ALA A 262 0.69 -46.60 -3.18
CA ALA A 262 2.09 -46.31 -3.40
C ALA A 262 2.44 -46.36 -4.89
N TYR A 263 1.84 -47.30 -5.63
CA TYR A 263 2.19 -47.50 -7.03
C TYR A 263 1.49 -46.52 -7.95
N LEU A 264 0.34 -45.97 -7.53
CA LEU A 264 -0.33 -44.92 -8.29
C LEU A 264 0.36 -43.59 -8.10
N ASN A 265 0.59 -43.18 -6.85
CA ASN A 265 1.32 -41.95 -6.58
C ASN A 265 2.68 -41.96 -7.27
N TYR A 266 3.18 -43.13 -7.66
CA TYR A 266 4.34 -43.22 -8.53
C TYR A 266 3.94 -43.22 -10.00
N SER A 267 2.91 -43.99 -10.36
CA SER A 267 2.48 -44.06 -11.75
C SER A 267 2.14 -42.67 -12.28
N MET A 268 1.36 -41.91 -11.51
CA MET A 268 1.04 -40.54 -11.92
C MET A 268 2.30 -39.68 -11.98
N TYR A 269 3.17 -39.81 -10.98
CA TYR A 269 4.36 -38.99 -10.93
C TYR A 269 5.23 -39.17 -12.17
N VAL A 270 5.33 -40.41 -12.66
CA VAL A 270 6.20 -40.67 -13.80
C VAL A 270 5.56 -40.20 -15.10
N ILE A 271 4.24 -40.35 -15.21
CA ILE A 271 3.56 -39.88 -16.41
C ILE A 271 3.64 -38.36 -16.51
N MET A 272 3.59 -37.68 -15.38
CA MET A 272 3.45 -36.22 -15.37
C MET A 272 4.82 -35.52 -15.32
N ASP A 273 5.61 -35.81 -14.30
CA ASP A 273 6.80 -35.02 -13.99
C ASP A 273 8.11 -35.68 -14.40
N ARG A 274 8.08 -36.87 -15.02
CA ARG A 274 9.32 -37.52 -15.43
C ARG A 274 9.37 -37.85 -16.91
N ALA A 275 8.35 -38.53 -17.44
CA ALA A 275 8.47 -39.23 -18.71
C ALA A 275 7.71 -38.59 -19.87
N LEU A 276 6.55 -38.01 -19.62
CA LEU A 276 5.78 -37.45 -20.72
C LEU A 276 6.18 -36.00 -20.97
N PRO A 277 6.27 -35.58 -22.23
CA PRO A 277 6.56 -34.18 -22.53
C PRO A 277 5.30 -33.32 -22.59
N PHE A 278 5.50 -32.01 -22.57
CA PHE A 278 4.42 -31.04 -22.65
C PHE A 278 4.25 -30.58 -24.09
N ILE A 279 3.00 -30.52 -24.55
CA ILE A 279 2.74 -30.24 -25.96
C ILE A 279 3.29 -28.88 -26.36
N GLY A 280 3.16 -27.89 -25.48
CA GLY A 280 3.58 -26.54 -25.79
C GLY A 280 5.07 -26.40 -26.05
N ASP A 281 5.89 -26.61 -25.02
CA ASP A 281 7.33 -26.48 -25.15
C ASP A 281 8.02 -27.75 -25.62
N GLY A 282 7.31 -28.87 -25.67
CA GLY A 282 7.92 -30.13 -26.05
C GLY A 282 9.07 -30.53 -25.17
N LEU A 283 8.95 -30.31 -23.86
CA LEU A 283 10.03 -30.56 -22.93
C LEU A 283 9.54 -31.37 -21.75
N LYS A 284 10.46 -32.12 -21.16
CA LYS A 284 10.28 -32.82 -19.90
C LYS A 284 10.79 -31.96 -18.77
N PRO A 285 10.33 -32.20 -17.54
CA PRO A 285 10.83 -31.38 -16.43
C PRO A 285 12.34 -31.42 -16.26
N VAL A 286 12.96 -32.60 -16.39
CA VAL A 286 14.41 -32.67 -16.35
C VAL A 286 15.00 -31.82 -17.47
N GLN A 287 14.33 -31.78 -18.63
CA GLN A 287 14.81 -30.95 -19.74
C GLN A 287 14.59 -29.47 -19.45
N ARG A 288 13.34 -29.09 -19.17
CA ARG A 288 13.00 -27.69 -18.98
C ARG A 288 13.88 -27.03 -17.92
N ARG A 289 14.04 -27.70 -16.78
CA ARG A 289 14.80 -27.12 -15.68
C ARG A 289 16.26 -26.90 -16.05
N ILE A 290 16.78 -27.63 -17.03
CA ILE A 290 18.13 -27.37 -17.51
C ILE A 290 18.14 -26.13 -18.40
N VAL A 291 17.23 -26.07 -19.36
CA VAL A 291 17.17 -24.93 -20.27
C VAL A 291 17.00 -23.63 -19.47
N TYR A 292 16.03 -23.63 -18.54
CA TYR A 292 15.81 -22.45 -17.73
C TYR A 292 17.05 -22.09 -16.92
N ALA A 293 17.49 -23.01 -16.05
CA ALA A 293 18.57 -22.70 -15.12
C ALA A 293 19.84 -22.22 -15.83
N MET A 294 20.01 -22.56 -17.11
CA MET A 294 21.17 -22.07 -17.84
C MET A 294 21.02 -20.61 -18.22
N SER A 295 19.79 -20.18 -18.58
CA SER A 295 19.57 -18.78 -18.91
C SER A 295 19.65 -17.92 -17.65
N GLU A 296 19.07 -18.40 -16.55
CA GLU A 296 19.19 -17.68 -15.29
C GLU A 296 20.66 -17.55 -14.87
N LEU A 297 21.51 -18.48 -15.29
CA LEU A 297 22.94 -18.41 -15.04
C LEU A 297 23.67 -17.55 -16.08
N GLY A 298 22.95 -17.03 -17.08
CA GLY A 298 23.57 -16.19 -18.08
C GLY A 298 24.21 -16.91 -19.24
N LEU A 299 23.89 -18.19 -19.43
CA LEU A 299 24.50 -18.97 -20.51
C LEU A 299 23.62 -18.89 -21.75
N ASN A 300 23.59 -17.70 -22.35
CA ASN A 300 22.91 -17.53 -23.61
C ASN A 300 23.84 -17.94 -24.76
N ALA A 301 23.31 -17.93 -25.98
CA ALA A 301 24.08 -18.37 -27.13
C ALA A 301 25.34 -17.52 -27.34
N SER A 302 25.37 -16.29 -26.84
CA SER A 302 26.52 -15.42 -27.01
C SER A 302 27.48 -15.45 -25.83
N ALA A 303 27.02 -15.90 -24.66
CA ALA A 303 27.85 -15.87 -23.48
C ALA A 303 29.03 -16.85 -23.61
N LYS A 304 30.02 -16.67 -22.74
CA LYS A 304 31.17 -17.56 -22.73
C LYS A 304 30.77 -18.94 -22.20
N PHE A 305 31.53 -19.96 -22.60
CA PHE A 305 31.28 -21.30 -22.11
C PHE A 305 31.60 -21.40 -20.63
N LYS A 306 30.75 -22.13 -19.90
CA LYS A 306 30.97 -22.42 -18.49
C LYS A 306 30.95 -23.94 -18.29
N LYS A 307 31.67 -24.39 -17.26
CA LYS A 307 31.76 -25.82 -16.99
C LYS A 307 30.37 -26.40 -16.78
N SER A 308 30.15 -27.60 -17.32
CA SER A 308 28.85 -28.27 -17.19
C SER A 308 28.52 -28.59 -15.74
N ALA A 309 29.52 -28.65 -14.86
CA ALA A 309 29.27 -28.97 -13.46
C ALA A 309 28.36 -27.92 -12.84
N ARG A 310 28.81 -26.67 -12.80
CA ARG A 310 27.99 -25.61 -12.21
C ARG A 310 26.61 -25.59 -12.85
N THR A 311 26.53 -25.85 -14.16
CA THR A 311 25.24 -25.94 -14.82
C THR A 311 24.34 -26.97 -14.12
N VAL A 312 24.87 -28.18 -13.93
CA VAL A 312 24.09 -29.22 -13.25
C VAL A 312 23.94 -28.89 -11.78
N GLY A 313 24.99 -28.37 -11.15
CA GLY A 313 24.90 -27.97 -9.77
C GLY A 313 23.73 -27.03 -9.51
N ASP A 314 23.46 -26.13 -10.47
CA ASP A 314 22.34 -25.21 -10.33
C ASP A 314 21.01 -25.94 -10.51
N VAL A 315 20.90 -26.76 -11.57
CA VAL A 315 19.64 -27.42 -11.87
C VAL A 315 19.23 -28.33 -10.71
N LEU A 316 20.20 -28.81 -9.94
CA LEU A 316 19.90 -29.68 -8.83
C LEU A 316 19.63 -28.91 -7.55
N GLY A 317 20.52 -27.99 -7.20
CA GLY A 317 20.39 -27.25 -5.97
C GLY A 317 19.24 -26.28 -5.93
N LYS A 318 18.58 -26.04 -7.07
CA LYS A 318 17.49 -25.07 -7.13
C LYS A 318 16.16 -25.67 -7.54
N TYR A 319 16.14 -26.56 -8.52
CA TYR A 319 14.88 -26.93 -9.15
C TYR A 319 14.60 -28.42 -9.23
N HIS A 320 15.63 -29.25 -9.45
CA HIS A 320 15.43 -30.66 -9.79
C HIS A 320 16.17 -31.57 -8.82
N PRO A 321 15.51 -32.08 -7.78
CA PRO A 321 16.17 -32.97 -6.80
C PRO A 321 16.21 -34.45 -7.22
N HIS A 322 17.17 -34.80 -8.06
CA HIS A 322 17.34 -36.16 -8.52
C HIS A 322 18.82 -36.42 -8.76
N GLY A 323 19.12 -37.55 -9.40
CA GLY A 323 20.51 -37.96 -9.54
C GLY A 323 21.29 -36.99 -10.40
N ASP A 324 22.52 -36.70 -9.97
CA ASP A 324 23.40 -35.82 -10.74
C ASP A 324 23.79 -36.46 -12.06
N SER A 325 24.22 -37.72 -12.04
CA SER A 325 24.62 -38.40 -13.27
C SER A 325 23.45 -38.52 -14.22
N ALA A 326 22.27 -38.87 -13.70
CA ALA A 326 21.10 -39.06 -14.56
C ALA A 326 20.70 -37.77 -15.26
N CYS A 327 20.97 -36.62 -14.62
CA CYS A 327 20.62 -35.34 -15.22
C CYS A 327 21.59 -34.95 -16.32
N TYR A 328 22.89 -35.03 -16.04
CA TYR A 328 23.90 -34.69 -17.03
C TYR A 328 23.69 -35.49 -18.31
N GLU A 329 23.34 -36.77 -18.18
CA GLU A 329 23.07 -37.58 -19.36
C GLU A 329 21.94 -36.99 -20.18
N ALA A 330 20.95 -36.37 -19.53
CA ALA A 330 19.85 -35.73 -20.25
C ALA A 330 20.29 -34.43 -20.91
N MET A 331 21.28 -33.75 -20.34
CA MET A 331 21.78 -32.53 -20.96
C MET A 331 22.63 -32.83 -22.19
N VAL A 332 23.18 -34.04 -22.30
CA VAL A 332 23.96 -34.38 -23.48
C VAL A 332 23.04 -34.60 -24.68
N LEU A 333 21.93 -35.30 -24.48
CA LEU A 333 20.99 -35.50 -25.57
C LEU A 333 20.52 -34.15 -26.13
N MET A 334 20.51 -33.10 -25.30
CA MET A 334 20.17 -31.78 -25.78
C MET A 334 21.34 -31.08 -26.46
N ALA A 335 22.52 -31.69 -26.46
CA ALA A 335 23.71 -31.10 -27.07
C ALA A 335 24.23 -31.88 -28.25
N GLN A 336 23.95 -33.18 -28.32
CA GLN A 336 24.41 -34.03 -29.40
C GLN A 336 23.72 -33.70 -30.72
N PRO A 337 24.43 -33.16 -31.71
CA PRO A 337 23.78 -32.79 -32.97
C PRO A 337 23.26 -33.98 -33.77
N PHE A 338 23.58 -35.21 -33.36
CA PHE A 338 23.16 -36.42 -34.07
C PHE A 338 22.11 -37.27 -33.32
N SER A 339 21.64 -36.87 -32.14
CA SER A 339 20.48 -37.50 -31.51
C SER A 339 19.25 -36.60 -31.60
N TYR A 340 19.39 -35.32 -31.22
CA TYR A 340 18.35 -34.33 -31.49
C TYR A 340 18.49 -33.76 -32.91
N ARG A 341 17.36 -33.40 -33.50
CA ARG A 341 17.35 -32.79 -34.82
C ARG A 341 17.74 -31.32 -34.75
N TYR A 342 17.27 -30.61 -33.73
CA TYR A 342 17.61 -29.20 -33.49
C TYR A 342 18.09 -29.11 -32.06
N PRO A 343 19.41 -29.24 -31.83
CA PRO A 343 19.91 -29.29 -30.45
C PRO A 343 19.57 -28.02 -29.68
N LEU A 344 19.45 -28.18 -28.36
CA LEU A 344 19.19 -27.07 -27.46
C LEU A 344 20.45 -26.55 -26.78
N VAL A 345 21.48 -27.37 -26.65
CA VAL A 345 22.70 -27.01 -25.95
C VAL A 345 23.87 -27.07 -26.91
N ASP A 346 24.81 -26.13 -26.76
CA ASP A 346 26.05 -26.14 -27.51
C ASP A 346 27.20 -26.45 -26.56
N GLY A 347 28.04 -27.41 -26.92
CA GLY A 347 29.10 -27.84 -26.03
C GLY A 347 30.49 -27.62 -26.59
N GLN A 348 31.49 -27.69 -25.72
CA GLN A 348 32.88 -27.58 -26.13
C GLN A 348 33.67 -28.63 -25.36
N GLY A 349 34.23 -29.60 -26.08
CA GLY A 349 34.91 -30.71 -25.45
C GLY A 349 34.43 -32.05 -26.00
N ASN A 350 34.52 -33.10 -25.20
CA ASN A 350 34.10 -34.44 -25.63
C ASN A 350 32.63 -34.63 -25.27
N TRP A 351 31.76 -34.53 -26.27
CA TRP A 351 30.32 -34.67 -26.11
C TRP A 351 29.81 -35.89 -26.87
N GLY A 352 30.55 -36.99 -26.80
CA GLY A 352 30.15 -38.22 -27.46
C GLY A 352 30.40 -38.19 -28.95
N ALA A 353 30.22 -39.34 -29.58
CA ALA A 353 30.41 -39.53 -31.00
C ALA A 353 29.24 -40.29 -31.59
N PRO A 354 29.03 -40.20 -32.90
CA PRO A 354 27.89 -40.92 -33.49
C PRO A 354 27.94 -42.41 -33.24
N ASP A 355 29.15 -42.99 -33.16
CA ASP A 355 29.30 -44.43 -33.01
C ASP A 355 29.02 -44.88 -31.58
N ASP A 356 29.58 -44.19 -30.60
CA ASP A 356 29.33 -44.47 -29.19
C ASP A 356 28.84 -43.19 -28.53
N PRO A 357 27.53 -42.96 -28.50
CA PRO A 357 27.02 -41.70 -27.93
C PRO A 357 27.31 -41.53 -26.45
N LYS A 358 27.66 -42.59 -25.73
CA LYS A 358 27.92 -42.52 -24.31
C LYS A 358 29.40 -42.41 -23.97
N SER A 359 30.27 -42.12 -24.95
CA SER A 359 31.70 -42.02 -24.76
C SER A 359 32.09 -40.64 -24.29
N PHE A 360 31.15 -39.92 -23.71
CA PHE A 360 31.30 -38.50 -23.43
C PHE A 360 32.07 -38.26 -22.13
N ALA A 361 32.65 -37.06 -22.04
CA ALA A 361 33.51 -36.81 -20.90
C ALA A 361 32.67 -36.43 -19.68
N ALA A 362 33.32 -36.43 -18.52
CA ALA A 362 32.62 -36.07 -17.29
C ALA A 362 32.19 -34.61 -17.32
N MET A 363 31.18 -34.28 -16.52
CA MET A 363 30.69 -32.91 -16.47
C MET A 363 31.74 -31.96 -15.92
N ARG A 364 32.73 -32.46 -15.20
CA ARG A 364 33.80 -31.61 -14.69
C ARG A 364 34.77 -31.17 -15.78
N TYR A 365 34.65 -31.73 -16.98
CA TYR A 365 35.51 -31.37 -18.11
C TYR A 365 34.78 -30.61 -19.20
N THR A 366 33.57 -31.03 -19.54
CA THR A 366 32.82 -30.42 -20.64
C THR A 366 32.23 -29.10 -20.22
N GLU A 367 32.31 -28.12 -21.12
CA GLU A 367 31.65 -26.83 -20.95
C GLU A 367 30.40 -26.80 -21.83
N SER A 368 29.37 -26.12 -21.35
CA SER A 368 28.09 -26.08 -22.05
C SER A 368 27.53 -24.67 -22.06
N ARG A 369 26.68 -24.41 -23.04
CA ARG A 369 25.90 -23.17 -23.10
C ARG A 369 24.72 -23.44 -24.02
N LEU A 370 23.70 -22.58 -23.91
CA LEU A 370 22.51 -22.72 -24.74
C LEU A 370 22.83 -22.38 -26.19
N SER A 371 22.05 -22.94 -27.10
CA SER A 371 22.23 -22.73 -28.53
C SER A 371 21.28 -21.66 -29.04
N LYS A 372 21.53 -21.23 -30.29
CA LYS A 372 20.67 -20.22 -30.89
C LYS A 372 19.24 -20.71 -30.98
N TYR A 373 19.04 -21.96 -31.40
CA TYR A 373 17.70 -22.52 -31.46
C TYR A 373 17.00 -22.43 -30.10
N ALA A 374 17.76 -22.51 -29.01
CA ALA A 374 17.14 -22.52 -27.69
C ALA A 374 16.42 -21.22 -27.37
N GLU A 375 16.77 -20.13 -28.05
CA GLU A 375 16.09 -18.86 -27.81
C GLU A 375 14.59 -18.99 -28.07
N LEU A 376 14.20 -19.79 -29.05
CA LEU A 376 12.80 -20.00 -29.34
C LEU A 376 12.00 -20.48 -28.15
N LEU A 377 12.66 -20.91 -27.08
CA LEU A 377 11.98 -21.35 -25.87
C LEU A 377 12.05 -20.34 -24.75
N LEU A 378 12.95 -19.36 -24.84
CA LEU A 378 13.24 -18.48 -23.71
C LEU A 378 13.10 -16.99 -24.00
N SER A 379 13.15 -16.56 -25.26
CA SER A 379 13.12 -15.14 -25.56
C SER A 379 11.92 -14.46 -24.92
N GLU A 380 10.74 -15.10 -24.99
CA GLU A 380 9.52 -14.50 -24.49
C GLU A 380 9.25 -14.86 -23.04
N LEU A 381 10.27 -15.25 -22.29
CA LEU A 381 10.06 -15.70 -20.91
C LEU A 381 9.86 -14.53 -19.96
N GLY A 382 10.49 -13.40 -20.23
CA GLY A 382 10.39 -12.24 -19.37
C GLY A 382 9.16 -11.37 -19.54
N GLN A 383 8.27 -11.71 -20.48
CA GLN A 383 7.07 -10.95 -20.76
C GLN A 383 5.83 -11.62 -20.20
N GLY A 384 5.94 -12.22 -19.02
CA GLY A 384 4.77 -12.76 -18.34
C GLY A 384 3.89 -13.63 -19.22
N THR A 385 4.51 -14.50 -20.00
CA THR A 385 3.76 -15.32 -20.95
C THR A 385 3.41 -16.69 -20.39
N VAL A 386 4.12 -17.14 -19.35
CA VAL A 386 3.92 -18.47 -18.79
C VAL A 386 3.68 -18.35 -17.29
N ASP A 387 3.06 -19.38 -16.73
CA ASP A 387 2.81 -19.41 -15.30
C ASP A 387 4.07 -19.85 -14.55
N TRP A 388 4.08 -19.56 -13.25
CA TRP A 388 5.25 -19.74 -12.41
C TRP A 388 4.82 -20.44 -11.12
N VAL A 389 5.31 -21.67 -10.92
CA VAL A 389 5.05 -22.43 -9.70
C VAL A 389 6.32 -22.46 -8.87
N PRO A 390 6.23 -22.51 -7.55
CA PRO A 390 7.44 -22.52 -6.73
C PRO A 390 8.21 -23.83 -6.88
N ASN A 391 9.48 -23.77 -6.48
CA ASN A 391 10.38 -24.92 -6.62
C ASN A 391 10.07 -25.95 -5.53
N PHE A 392 10.93 -26.98 -5.45
CA PHE A 392 10.67 -28.08 -4.53
C PHE A 392 10.76 -27.66 -3.07
N ASP A 393 11.57 -26.65 -2.76
CA ASP A 393 11.72 -26.19 -1.39
C ASP A 393 11.04 -24.87 -1.10
N GLY A 394 10.68 -24.10 -2.12
CA GLY A 394 9.96 -22.86 -1.95
C GLY A 394 10.79 -21.61 -1.90
N THR A 395 12.12 -21.74 -1.94
CA THR A 395 12.97 -20.56 -1.85
C THR A 395 12.97 -19.76 -3.15
N LEU A 396 12.80 -20.42 -4.30
CA LEU A 396 12.88 -19.78 -5.60
C LEU A 396 11.59 -20.03 -6.40
N GLN A 397 11.59 -19.58 -7.64
CA GLN A 397 10.45 -19.61 -8.54
C GLN A 397 10.91 -20.20 -9.86
N GLU A 398 10.15 -21.15 -10.41
CA GLU A 398 10.52 -21.77 -11.67
C GLU A 398 9.36 -21.77 -12.64
N PRO A 399 9.64 -21.77 -13.95
CA PRO A 399 8.56 -21.76 -14.94
C PRO A 399 7.89 -23.13 -15.06
N LYS A 400 6.57 -23.16 -14.95
CA LYS A 400 5.83 -24.38 -15.21
C LYS A 400 5.97 -24.83 -16.65
N MET A 401 6.25 -23.91 -17.56
CA MET A 401 6.39 -24.21 -18.98
C MET A 401 7.16 -23.06 -19.62
N LEU A 402 7.47 -23.20 -20.90
CA LEU A 402 8.24 -22.17 -21.59
C LEU A 402 7.50 -21.68 -22.84
N PRO A 403 7.54 -20.37 -23.13
CA PRO A 403 6.82 -19.84 -24.29
C PRO A 403 7.48 -20.22 -25.61
N ALA A 404 7.24 -21.43 -26.08
CA ALA A 404 7.84 -21.89 -27.33
C ALA A 404 7.29 -21.11 -28.50
N ARG A 405 8.16 -20.42 -29.23
CA ARG A 405 7.75 -19.74 -30.45
C ARG A 405 7.56 -20.69 -31.63
N LEU A 406 7.99 -21.95 -31.50
CA LEU A 406 7.75 -22.96 -32.51
C LEU A 406 7.43 -24.27 -31.82
N PRO A 407 6.69 -25.17 -32.47
CA PRO A 407 6.24 -26.38 -31.80
C PRO A 407 7.36 -27.40 -31.62
N ASN A 408 8.18 -27.17 -30.59
CA ASN A 408 9.32 -28.05 -30.35
C ASN A 408 8.89 -29.50 -30.16
N ILE A 409 7.68 -29.70 -29.62
CA ILE A 409 7.20 -31.06 -29.38
C ILE A 409 7.32 -31.92 -30.62
N LEU A 410 7.18 -31.33 -31.81
CA LEU A 410 7.35 -32.08 -33.05
C LEU A 410 8.73 -31.91 -33.66
N LEU A 411 9.41 -30.79 -33.39
CA LEU A 411 10.67 -30.51 -34.08
C LEU A 411 11.77 -31.43 -33.57
N ASN A 412 11.88 -31.59 -32.26
CA ASN A 412 12.89 -32.47 -31.68
C ASN A 412 12.34 -33.83 -31.27
N GLY A 413 11.06 -33.91 -30.90
CA GLY A 413 10.48 -35.16 -30.46
C GLY A 413 11.08 -35.64 -29.15
N THR A 414 10.55 -36.75 -28.67
CA THR A 414 11.05 -37.35 -27.43
C THR A 414 10.91 -38.86 -27.51
N THR A 415 11.41 -39.54 -26.49
CA THR A 415 11.29 -40.99 -26.39
C THR A 415 11.27 -41.32 -24.89
N GLY A 416 10.08 -41.53 -24.35
CA GLY A 416 9.92 -41.73 -22.93
C GLY A 416 9.15 -43.00 -22.62
N ILE A 417 9.31 -43.45 -21.38
CA ILE A 417 8.65 -44.65 -20.88
C ILE A 417 8.09 -44.31 -19.51
N ALA A 418 6.77 -44.14 -19.43
CA ALA A 418 6.10 -43.94 -18.16
C ALA A 418 5.60 -45.28 -17.63
N VAL A 419 4.75 -45.25 -16.61
CA VAL A 419 4.10 -46.45 -16.10
C VAL A 419 2.72 -46.51 -16.74
N GLY A 420 2.46 -47.58 -17.49
CA GLY A 420 1.21 -47.76 -18.18
C GLY A 420 1.15 -47.17 -19.57
N MET A 421 2.07 -46.28 -19.91
CA MET A 421 2.07 -45.63 -21.22
C MET A 421 3.48 -45.14 -21.52
N ALA A 422 3.71 -44.85 -22.81
CA ALA A 422 5.01 -44.35 -23.25
C ALA A 422 4.78 -43.30 -24.35
N THR A 423 5.89 -42.75 -24.85
CA THR A 423 5.83 -41.72 -25.88
C THR A 423 7.00 -41.89 -26.84
N ASP A 424 6.71 -41.75 -28.13
CA ASP A 424 7.71 -41.88 -29.19
C ASP A 424 7.34 -40.90 -30.29
N ILE A 425 7.99 -39.74 -30.30
CA ILE A 425 7.70 -38.67 -31.24
C ILE A 425 8.95 -38.44 -32.10
N PRO A 426 8.89 -38.68 -33.41
CA PRO A 426 10.05 -38.40 -34.25
C PRO A 426 10.19 -36.92 -34.51
N PRO A 427 11.42 -36.43 -34.67
CA PRO A 427 11.62 -35.01 -35.00
C PRO A 427 11.28 -34.71 -36.44
N HIS A 428 10.79 -33.49 -36.66
CA HIS A 428 10.32 -33.05 -37.97
C HIS A 428 11.09 -31.81 -38.42
N ASN A 429 10.98 -31.52 -39.72
CA ASN A 429 11.65 -30.35 -40.27
C ASN A 429 10.96 -29.08 -39.80
N LEU A 430 11.77 -28.08 -39.44
CA LEU A 430 11.21 -26.84 -38.91
C LEU A 430 10.42 -26.11 -39.98
N ARG A 431 11.01 -25.91 -41.16
CA ARG A 431 10.35 -25.15 -42.21
C ARG A 431 9.09 -25.84 -42.68
N GLU A 432 9.03 -27.17 -42.56
CA GLU A 432 7.83 -27.89 -43.00
C GLU A 432 6.74 -27.81 -41.94
N VAL A 433 7.11 -27.85 -40.67
CA VAL A 433 6.11 -27.73 -39.61
C VAL A 433 5.60 -26.30 -39.51
N ALA A 434 6.48 -25.32 -39.76
CA ALA A 434 6.06 -23.92 -39.68
C ALA A 434 5.06 -23.58 -40.78
N LYS A 435 5.37 -23.95 -42.02
CA LYS A 435 4.45 -23.71 -43.13
C LYS A 435 3.11 -24.39 -42.89
N ALA A 436 3.12 -25.54 -42.22
CA ALA A 436 1.85 -26.21 -41.91
C ALA A 436 1.03 -25.39 -40.92
N ALA A 437 1.67 -24.84 -39.89
CA ALA A 437 0.94 -24.03 -38.92
C ALA A 437 0.42 -22.75 -39.56
N ILE A 438 1.23 -22.13 -40.42
CA ILE A 438 0.78 -20.93 -41.12
C ILE A 438 -0.46 -21.24 -41.93
N THR A 439 -0.37 -22.20 -42.85
CA THR A 439 -1.53 -22.55 -43.67
C THR A 439 -2.69 -23.03 -42.80
N LEU A 440 -2.40 -23.63 -41.64
CA LEU A 440 -3.47 -24.06 -40.76
C LEU A 440 -4.24 -22.85 -40.22
N ILE A 441 -3.52 -21.76 -39.90
CA ILE A 441 -4.20 -20.54 -39.48
C ILE A 441 -5.01 -19.94 -40.62
N GLU A 442 -4.38 -19.83 -41.80
CA GLU A 442 -5.02 -19.15 -42.92
C GLU A 442 -6.34 -19.81 -43.30
N GLN A 443 -6.36 -21.14 -43.35
CA GLN A 443 -7.57 -21.91 -43.61
C GLN A 443 -7.74 -22.89 -42.45
N PRO A 444 -8.44 -22.48 -41.39
CA PRO A 444 -8.59 -23.38 -40.22
C PRO A 444 -9.22 -24.72 -40.57
N LYS A 445 -9.98 -24.81 -41.67
CA LYS A 445 -10.63 -26.05 -42.07
C LYS A 445 -9.70 -26.99 -42.83
N THR A 446 -8.39 -26.79 -42.74
CA THR A 446 -7.45 -27.65 -43.44
C THR A 446 -7.48 -29.06 -42.87
N THR A 447 -7.42 -30.05 -43.75
CA THR A 447 -7.54 -31.45 -43.38
C THR A 447 -6.16 -32.08 -43.19
N LEU A 448 -6.16 -33.25 -42.54
CA LEU A 448 -4.93 -33.96 -42.26
C LEU A 448 -4.19 -34.36 -43.52
N ASP A 449 -4.83 -34.32 -44.69
CA ASP A 449 -4.19 -34.67 -45.94
C ASP A 449 -3.46 -33.46 -46.55
N GLU A 450 -4.13 -32.31 -46.58
CA GLU A 450 -3.48 -31.10 -47.08
C GLU A 450 -2.27 -30.73 -46.25
N LEU A 451 -2.27 -31.10 -44.97
CA LEU A 451 -1.10 -30.86 -44.13
C LEU A 451 0.08 -31.73 -44.58
N LEU A 452 -0.15 -33.04 -44.74
CA LEU A 452 0.92 -33.93 -45.16
C LEU A 452 1.45 -33.57 -46.54
N ASP A 453 0.71 -32.79 -47.33
CA ASP A 453 1.28 -32.25 -48.56
C ASP A 453 2.42 -31.29 -48.28
N ILE A 454 2.50 -30.77 -47.05
CA ILE A 454 3.58 -29.88 -46.63
C ILE A 454 4.55 -30.60 -45.70
N VAL A 455 4.05 -31.08 -44.56
CA VAL A 455 4.87 -31.83 -43.60
C VAL A 455 5.06 -33.23 -44.18
N GLN A 456 6.20 -33.46 -44.82
CA GLN A 456 6.43 -34.68 -45.58
C GLN A 456 6.72 -35.90 -44.72
N GLY A 457 6.95 -35.70 -43.42
CA GLY A 457 7.22 -36.79 -42.52
C GLY A 457 8.33 -36.44 -41.54
N PRO A 458 8.84 -37.44 -40.84
CA PRO A 458 9.96 -37.19 -39.91
C PRO A 458 11.16 -36.64 -40.66
N ASP A 459 12.04 -35.98 -39.88
CA ASP A 459 13.30 -35.42 -40.41
C ASP A 459 14.34 -35.68 -39.34
N PHE A 460 15.07 -36.80 -39.48
CA PHE A 460 16.09 -37.21 -38.53
C PHE A 460 17.41 -36.56 -38.86
N PRO A 461 18.30 -36.42 -37.88
CA PRO A 461 19.63 -35.85 -38.17
C PRO A 461 20.51 -36.82 -38.94
N THR A 462 20.10 -37.14 -40.17
CA THR A 462 20.81 -38.11 -40.99
C THR A 462 20.44 -37.87 -42.45
N GLU A 463 21.26 -38.42 -43.34
CA GLU A 463 20.94 -38.43 -44.76
C GLU A 463 20.39 -39.77 -45.21
N ALA A 464 20.14 -40.68 -44.27
CA ALA A 464 19.55 -41.96 -44.60
C ALA A 464 18.07 -41.79 -44.93
N GLU A 465 17.63 -42.47 -45.98
CA GLU A 465 16.29 -42.25 -46.52
C GLU A 465 15.25 -43.01 -45.72
N ILE A 466 14.03 -42.48 -45.74
CA ILE A 466 12.87 -43.10 -45.10
C ILE A 466 12.09 -43.85 -46.18
N ILE A 467 11.97 -45.17 -46.00
CA ILE A 467 11.45 -46.04 -47.06
C ILE A 467 9.98 -46.39 -46.87
N THR A 468 9.33 -45.86 -45.84
CA THR A 468 7.91 -46.15 -45.63
C THR A 468 7.07 -45.46 -46.70
N SER A 469 5.96 -46.12 -47.05
CA SER A 469 5.11 -45.64 -48.13
C SER A 469 4.49 -44.31 -47.77
N ARG A 470 4.14 -43.53 -48.80
CA ARG A 470 3.49 -42.25 -48.58
C ARG A 470 2.13 -42.44 -47.89
N ALA A 471 1.33 -43.38 -48.40
CA ALA A 471 0.03 -43.64 -47.79
C ALA A 471 0.15 -44.31 -46.44
N GLU A 472 1.22 -45.09 -46.22
CA GLU A 472 1.42 -45.73 -44.92
C GLU A 472 1.82 -44.71 -43.87
N ILE A 473 2.51 -43.63 -44.25
CA ILE A 473 2.76 -42.54 -43.33
C ILE A 473 1.47 -41.80 -43.02
N ARG A 474 0.62 -41.62 -44.04
CA ARG A 474 -0.67 -40.97 -43.82
C ARG A 474 -1.47 -41.66 -42.74
N LYS A 475 -1.28 -42.97 -42.58
CA LYS A 475 -1.99 -43.69 -41.53
C LYS A 475 -1.44 -43.37 -40.15
N ILE A 476 -0.17 -42.97 -40.07
CA ILE A 476 0.44 -42.69 -38.78
C ILE A 476 -0.04 -41.35 -38.24
N TYR A 477 0.03 -40.31 -39.06
CA TYR A 477 -0.33 -38.95 -38.66
C TYR A 477 -1.84 -38.76 -38.54
N GLN A 478 -2.64 -39.83 -38.67
CA GLN A 478 -4.08 -39.76 -38.42
C GLN A 478 -4.52 -40.65 -37.27
N ASN A 479 -3.70 -41.61 -36.86
CA ASN A 479 -4.04 -42.53 -35.78
C ASN A 479 -3.17 -42.35 -34.55
N GLY A 480 -2.08 -41.59 -34.65
CA GLY A 480 -1.22 -41.34 -33.51
C GLY A 480 -0.21 -42.42 -33.20
N ARG A 481 -0.22 -43.54 -33.92
CA ARG A 481 0.69 -44.63 -33.65
C ARG A 481 1.06 -45.28 -34.98
N GLY A 482 2.10 -46.11 -34.95
CA GLY A 482 2.58 -46.78 -36.13
C GLY A 482 4.08 -46.98 -36.05
N SER A 483 4.69 -47.14 -37.22
CA SER A 483 6.13 -47.34 -37.29
C SER A 483 6.64 -46.85 -38.63
N VAL A 484 7.96 -46.68 -38.70
CA VAL A 484 8.62 -46.18 -39.90
C VAL A 484 10.00 -46.78 -39.96
N ARG A 485 10.50 -47.01 -41.18
CA ARG A 485 11.78 -47.66 -41.40
C ARG A 485 12.70 -46.76 -42.21
N MET A 486 14.00 -46.91 -41.96
CA MET A 486 15.05 -46.19 -42.67
C MET A 486 16.09 -47.17 -43.17
N ARG A 487 16.68 -46.86 -44.32
CA ARG A 487 17.79 -47.63 -44.86
C ARG A 487 18.97 -46.71 -45.09
N ALA A 488 20.17 -47.25 -44.94
CA ALA A 488 21.37 -46.46 -45.21
C ALA A 488 21.46 -46.15 -46.70
N VAL A 489 22.29 -45.16 -47.02
CA VAL A 489 22.56 -44.75 -48.40
C VAL A 489 23.92 -45.32 -48.81
N TRP A 490 24.00 -45.82 -50.04
CA TRP A 490 25.23 -46.44 -50.50
C TRP A 490 25.32 -46.37 -52.02
N SER A 491 26.54 -46.41 -52.52
CA SER A 491 26.85 -46.46 -53.94
C SER A 491 27.64 -47.73 -54.23
N LYS A 492 28.12 -47.87 -55.46
CA LYS A 492 28.85 -49.06 -55.91
C LYS A 492 30.19 -48.66 -56.50
N GLU A 493 30.94 -47.82 -55.80
CA GLU A 493 32.22 -47.34 -56.28
C GLU A 493 33.15 -48.50 -56.63
N ASP A 494 33.51 -48.60 -57.91
CA ASP A 494 34.51 -49.57 -58.35
C ASP A 494 34.10 -51.00 -58.04
N GLY A 495 32.80 -51.27 -58.13
CA GLY A 495 32.29 -52.59 -57.86
C GLY A 495 32.05 -52.84 -56.38
N ALA A 496 32.78 -52.14 -55.53
CA ALA A 496 32.62 -52.27 -54.08
C ALA A 496 31.55 -51.30 -53.60
N VAL A 497 30.63 -51.79 -52.77
CA VAL A 497 29.59 -50.95 -52.21
C VAL A 497 30.20 -50.09 -51.10
N VAL A 498 29.67 -48.87 -50.96
CA VAL A 498 30.17 -47.91 -50.00
C VAL A 498 28.98 -47.24 -49.34
N ILE A 499 28.74 -47.55 -48.07
CA ILE A 499 27.68 -46.91 -47.31
C ILE A 499 28.12 -45.50 -46.95
N THR A 500 27.29 -44.51 -47.28
CA THR A 500 27.63 -43.11 -47.08
C THR A 500 26.96 -42.49 -45.87
N ALA A 501 25.74 -42.93 -45.53
CA ALA A 501 25.01 -42.36 -44.41
C ALA A 501 24.17 -43.45 -43.75
N LEU A 502 24.24 -43.52 -42.43
CA LEU A 502 23.59 -44.56 -41.65
C LEU A 502 22.25 -44.06 -41.11
N PRO A 503 21.32 -44.98 -40.82
CA PRO A 503 20.06 -44.57 -40.21
C PRO A 503 20.27 -43.92 -38.85
N HIS A 504 19.19 -43.35 -38.33
CA HIS A 504 19.26 -42.61 -37.08
C HIS A 504 19.48 -43.56 -35.91
N GLN A 505 20.38 -43.16 -35.00
CA GLN A 505 20.71 -43.95 -33.83
C GLN A 505 21.21 -45.35 -34.20
N VAL A 506 21.83 -45.47 -35.37
CA VAL A 506 22.48 -46.71 -35.80
C VAL A 506 23.97 -46.42 -35.85
N SER A 507 24.73 -47.13 -35.03
CA SER A 507 26.17 -46.86 -34.90
C SER A 507 26.96 -47.54 -36.01
N GLY A 508 27.96 -46.82 -36.53
CA GLY A 508 28.80 -47.40 -37.55
C GLY A 508 29.58 -48.59 -37.04
N ALA A 509 30.19 -48.45 -35.86
CA ALA A 509 30.92 -49.57 -35.28
C ALA A 509 30.01 -50.77 -35.05
N LYS A 510 28.75 -50.52 -34.65
CA LYS A 510 27.83 -51.63 -34.42
C LYS A 510 27.54 -52.39 -35.70
N VAL A 511 27.32 -51.67 -36.81
CA VAL A 511 27.01 -52.34 -38.07
C VAL A 511 28.19 -53.17 -38.54
N LEU A 512 29.40 -52.64 -38.39
CA LEU A 512 30.59 -53.39 -38.79
C LEU A 512 30.63 -54.76 -38.10
N GLU A 513 30.62 -54.76 -36.76
CA GLU A 513 30.65 -56.01 -36.03
C GLU A 513 29.54 -56.94 -36.48
N GLN A 514 28.34 -56.40 -36.69
CA GLN A 514 27.25 -57.22 -37.20
C GLN A 514 27.62 -57.83 -38.55
N ILE A 515 28.08 -56.99 -39.48
CA ILE A 515 28.49 -57.50 -40.79
C ILE A 515 29.73 -58.39 -40.68
N ALA A 516 30.50 -58.25 -39.61
CA ALA A 516 31.68 -59.09 -39.41
C ALA A 516 31.35 -60.39 -38.70
N ALA A 517 30.39 -60.37 -37.77
CA ALA A 517 30.00 -61.60 -37.10
C ALA A 517 29.43 -62.62 -38.07
N GLN A 518 28.71 -62.15 -39.11
CA GLN A 518 28.23 -63.07 -40.13
C GLN A 518 29.39 -63.69 -40.91
N MET A 519 30.40 -62.89 -41.23
CA MET A 519 31.52 -63.40 -42.01
C MET A 519 32.29 -64.47 -41.24
N ARG A 520 32.27 -64.41 -39.91
CA ARG A 520 32.90 -65.46 -39.11
C ARG A 520 32.02 -66.70 -39.01
N ASN A 521 30.70 -66.54 -39.08
CA ASN A 521 29.77 -67.66 -39.07
C ASN A 521 29.63 -68.31 -40.44
N LYS A 522 30.54 -68.03 -41.37
CA LYS A 522 30.50 -68.59 -42.72
C LYS A 522 29.20 -68.25 -43.43
N LYS A 523 28.65 -67.06 -43.15
CA LYS A 523 27.37 -66.64 -43.70
C LYS A 523 27.53 -65.76 -44.94
N LEU A 524 28.72 -65.25 -45.22
CA LEU A 524 28.97 -64.39 -46.37
C LEU A 524 30.28 -64.78 -47.04
N PRO A 525 30.32 -65.92 -47.72
CA PRO A 525 31.54 -66.30 -48.47
C PRO A 525 31.76 -65.49 -49.73
N MET A 526 30.83 -64.60 -50.10
CA MET A 526 30.99 -63.74 -51.26
C MET A 526 31.58 -62.39 -50.91
N VAL A 527 31.46 -61.96 -49.65
CA VAL A 527 32.05 -60.69 -49.21
C VAL A 527 33.52 -60.95 -48.92
N ASP A 528 34.40 -60.43 -49.78
CA ASP A 528 35.83 -60.60 -49.55
C ASP A 528 36.26 -59.96 -48.24
N ASP A 529 36.00 -58.67 -48.07
CA ASP A 529 36.47 -57.93 -46.91
C ASP A 529 35.64 -56.66 -46.76
N LEU A 530 35.56 -56.16 -45.53
CA LEU A 530 34.90 -54.90 -45.23
C LEU A 530 35.86 -54.01 -44.46
N ARG A 531 35.84 -52.72 -44.76
CA ARG A 531 36.78 -51.75 -44.21
C ARG A 531 36.04 -50.58 -43.60
N ASP A 532 36.65 -49.98 -42.59
CA ASP A 532 36.14 -48.78 -41.93
C ASP A 532 37.01 -47.61 -42.36
N GLU A 533 36.51 -46.81 -43.29
CA GLU A 533 37.22 -45.65 -43.83
C GLU A 533 36.59 -44.34 -43.39
N SER A 534 36.10 -44.32 -42.15
CA SER A 534 35.53 -43.10 -41.58
C SER A 534 36.65 -42.15 -41.17
N ASP A 535 36.50 -40.88 -41.52
CA ASP A 535 37.49 -39.86 -41.16
C ASP A 535 36.75 -38.54 -40.96
N HIS A 536 37.51 -37.44 -40.93
CA HIS A 536 36.91 -36.11 -40.75
C HIS A 536 36.05 -35.73 -41.95
N GLU A 537 36.65 -35.70 -43.13
CA GLU A 537 35.92 -35.31 -44.33
C GLU A 537 34.65 -36.15 -44.50
N ASN A 538 34.80 -37.47 -44.56
CA ASN A 538 33.68 -38.38 -44.69
C ASN A 538 33.36 -38.97 -43.33
N PRO A 539 32.33 -38.49 -42.62
CA PRO A 539 32.10 -38.98 -41.25
C PRO A 539 31.89 -40.48 -41.17
N THR A 540 30.99 -41.03 -41.99
CA THR A 540 30.70 -42.46 -42.02
C THR A 540 30.95 -42.96 -43.44
N ARG A 541 31.96 -43.81 -43.60
CA ARG A 541 32.26 -44.45 -44.88
C ARG A 541 32.56 -45.91 -44.60
N LEU A 542 31.60 -46.78 -44.92
CA LEU A 542 31.74 -48.23 -44.76
C LEU A 542 31.81 -48.86 -46.14
N VAL A 543 32.89 -49.60 -46.40
CA VAL A 543 33.10 -50.25 -47.69
C VAL A 543 32.92 -51.75 -47.49
N ILE A 544 32.32 -52.40 -48.48
CA ILE A 544 32.12 -53.85 -48.49
C ILE A 544 32.50 -54.34 -49.87
N VAL A 545 33.58 -55.10 -49.98
CA VAL A 545 34.08 -55.53 -51.29
C VAL A 545 33.61 -56.95 -51.58
N PRO A 546 33.18 -57.25 -52.79
CA PRO A 546 32.90 -58.64 -53.17
C PRO A 546 34.13 -59.37 -53.67
N ARG A 547 34.03 -60.70 -53.66
CA ARG A 547 35.10 -61.52 -54.22
C ARG A 547 35.27 -61.23 -55.71
N SER A 548 34.21 -61.41 -56.48
CA SER A 548 34.26 -61.19 -57.92
C SER A 548 33.15 -60.23 -58.34
N ASN A 549 33.35 -59.58 -59.49
CA ASN A 549 32.35 -58.68 -60.02
C ASN A 549 31.05 -59.42 -60.34
N ARG A 550 31.10 -60.73 -60.54
CA ARG A 550 29.89 -61.51 -60.79
C ARG A 550 29.02 -61.67 -59.55
N VAL A 551 29.48 -61.19 -58.39
CA VAL A 551 28.69 -61.31 -57.17
C VAL A 551 27.54 -60.34 -57.23
N ASP A 552 26.32 -60.86 -56.99
CA ASP A 552 25.13 -60.03 -56.99
C ASP A 552 25.06 -59.18 -55.74
N MET A 553 26.01 -58.25 -55.60
CA MET A 553 26.08 -57.46 -54.38
C MET A 553 24.75 -56.77 -54.10
N GLU A 554 23.96 -56.50 -55.13
CA GLU A 554 22.62 -55.95 -54.90
C GLU A 554 21.83 -56.85 -53.96
N GLN A 555 21.78 -58.15 -54.25
CA GLN A 555 21.08 -59.08 -53.37
C GLN A 555 21.80 -59.22 -52.03
N VAL A 556 23.11 -59.02 -52.01
CA VAL A 556 23.86 -59.08 -50.75
C VAL A 556 23.34 -58.02 -49.79
N MET A 557 23.06 -56.82 -50.30
CA MET A 557 22.55 -55.75 -49.46
C MET A 557 21.19 -56.12 -48.87
N ASN A 558 20.26 -56.57 -49.73
CA ASN A 558 18.93 -56.93 -49.23
C ASN A 558 19.03 -57.85 -48.02
N HIS A 559 20.00 -58.78 -48.04
CA HIS A 559 20.21 -59.64 -46.88
C HIS A 559 20.66 -58.82 -45.68
N LEU A 560 21.63 -57.93 -45.88
CA LEU A 560 22.19 -57.18 -44.77
C LEU A 560 21.18 -56.17 -44.22
N PHE A 561 20.26 -55.67 -45.04
CA PHE A 561 19.19 -54.83 -44.52
C PHE A 561 18.37 -55.60 -43.50
N ALA A 562 18.03 -56.86 -43.80
CA ALA A 562 17.20 -57.64 -42.91
C ALA A 562 17.99 -58.18 -41.72
N THR A 563 19.29 -58.40 -41.89
CA THR A 563 20.11 -59.00 -40.85
C THR A 563 20.76 -57.94 -39.96
N THR A 564 21.44 -56.98 -40.57
CA THR A 564 22.11 -55.92 -39.84
C THR A 564 21.14 -54.78 -39.54
N ASP A 565 21.64 -53.72 -38.90
CA ASP A 565 20.85 -52.53 -38.60
C ASP A 565 20.91 -51.51 -39.72
N LEU A 566 21.42 -51.89 -40.90
CA LEU A 566 21.35 -50.99 -42.05
C LEU A 566 19.91 -50.58 -42.35
N GLU A 567 18.95 -51.43 -42.01
CA GLU A 567 17.53 -51.08 -42.04
C GLU A 567 16.98 -51.30 -40.63
N LYS A 568 16.56 -50.22 -39.98
CA LYS A 568 16.07 -50.27 -38.61
C LYS A 568 14.68 -49.65 -38.55
N SER A 569 13.81 -50.26 -37.74
CA SER A 569 12.46 -49.77 -37.53
C SER A 569 12.44 -48.70 -36.45
N TYR A 570 11.41 -47.87 -36.48
CA TYR A 570 11.24 -46.80 -35.50
C TYR A 570 9.78 -46.75 -35.08
N ARG A 571 9.52 -46.97 -33.79
CA ARG A 571 8.16 -46.93 -33.28
C ARG A 571 7.75 -45.49 -33.04
N ILE A 572 6.51 -45.17 -33.43
CA ILE A 572 5.96 -43.83 -33.28
C ILE A 572 4.74 -43.92 -32.38
N ASN A 573 4.73 -43.14 -31.31
CA ASN A 573 3.60 -43.06 -30.38
C ASN A 573 3.51 -41.61 -29.93
N LEU A 574 2.60 -40.85 -30.56
CA LEU A 574 2.48 -39.41 -30.33
C LEU A 574 1.68 -39.12 -29.07
N ASN A 575 2.23 -39.55 -27.93
CA ASN A 575 1.62 -39.32 -26.64
C ASN A 575 2.32 -38.16 -25.94
N MET A 576 1.53 -37.30 -25.30
CA MET A 576 2.06 -36.06 -24.75
C MET A 576 1.08 -35.49 -23.74
N ILE A 577 1.59 -34.62 -22.88
CA ILE A 577 0.77 -33.88 -21.92
C ILE A 577 0.15 -32.71 -22.67
N GLY A 578 -1.14 -32.80 -22.96
CA GLY A 578 -1.84 -31.73 -23.64
C GLY A 578 -2.00 -30.51 -22.76
N LEU A 579 -2.58 -29.47 -23.35
CA LEU A 579 -2.77 -28.24 -22.60
C LEU A 579 -3.69 -28.46 -21.40
N ASP A 580 -4.59 -29.45 -21.48
CA ASP A 580 -5.50 -29.72 -20.38
C ASP A 580 -4.84 -30.53 -19.26
N GLY A 581 -3.52 -30.64 -19.26
CA GLY A 581 -2.84 -31.36 -18.20
C GLY A 581 -3.13 -32.84 -18.15
N ARG A 582 -3.70 -33.39 -19.22
CA ARG A 582 -4.07 -34.79 -19.28
C ARG A 582 -3.32 -35.46 -20.42
N PRO A 583 -2.61 -36.57 -20.16
CA PRO A 583 -1.89 -37.23 -21.25
C PRO A 583 -2.85 -37.88 -22.24
N ALA A 584 -2.49 -37.80 -23.52
CA ALA A 584 -3.34 -38.37 -24.56
C ALA A 584 -2.53 -38.47 -25.86
N VAL A 585 -3.02 -39.31 -26.76
CA VAL A 585 -2.36 -39.55 -28.04
C VAL A 585 -3.13 -38.78 -29.10
N LYS A 586 -2.53 -37.70 -29.60
CA LYS A 586 -3.10 -36.87 -30.65
C LYS A 586 -2.40 -37.12 -31.97
N ASN A 587 -3.10 -36.81 -33.06
CA ASN A 587 -2.54 -36.95 -34.39
C ASN A 587 -2.00 -35.61 -34.88
N LEU A 588 -1.40 -35.63 -36.07
CA LEU A 588 -0.69 -34.45 -36.56
C LEU A 588 -1.59 -33.23 -36.59
N LEU A 589 -2.85 -33.41 -36.97
CA LEU A 589 -3.78 -32.28 -37.02
C LEU A 589 -4.11 -31.77 -35.63
N GLU A 590 -4.23 -32.67 -34.65
CA GLU A 590 -4.54 -32.26 -33.30
C GLU A 590 -3.33 -31.62 -32.63
N ILE A 591 -2.13 -32.12 -32.90
CA ILE A 591 -0.93 -31.58 -32.28
C ILE A 591 -0.68 -30.16 -32.77
N LEU A 592 -0.84 -29.92 -34.07
CA LEU A 592 -0.63 -28.59 -34.61
C LEU A 592 -1.74 -27.63 -34.15
N SER A 593 -3.00 -27.99 -34.38
CA SER A 593 -4.10 -27.11 -34.00
C SER A 593 -4.05 -26.80 -32.52
N GLU A 594 -3.76 -27.80 -31.69
CA GLU A 594 -3.71 -27.56 -30.25
C GLU A 594 -2.52 -26.68 -29.87
N TRP A 595 -1.40 -26.80 -30.59
CA TRP A 595 -0.26 -25.95 -30.27
C TRP A 595 -0.56 -24.49 -30.58
N LEU A 596 -1.26 -24.22 -31.68
CA LEU A 596 -1.63 -22.85 -31.99
C LEU A 596 -2.52 -22.27 -30.89
N VAL A 597 -3.37 -23.10 -30.30
CA VAL A 597 -4.14 -22.67 -29.13
C VAL A 597 -3.20 -22.25 -28.01
N PHE A 598 -2.07 -22.95 -27.88
CA PHE A 598 -1.06 -22.53 -26.91
C PHE A 598 -0.38 -21.24 -27.33
N ARG A 599 0.08 -21.17 -28.58
CA ARG A 599 0.81 -20.00 -29.05
C ARG A 599 -0.05 -18.75 -28.99
N ARG A 600 -1.28 -18.83 -29.53
CA ARG A 600 -2.17 -17.68 -29.46
C ARG A 600 -2.38 -17.23 -28.02
N ASP A 601 -2.46 -18.18 -27.09
CA ASP A 601 -2.68 -17.84 -25.69
C ASP A 601 -1.49 -17.11 -25.10
N THR A 602 -0.27 -17.50 -25.51
CA THR A 602 0.92 -16.84 -24.96
C THR A 602 1.08 -15.43 -25.51
N VAL A 603 0.96 -15.27 -26.82
CA VAL A 603 1.05 -13.92 -27.41
C VAL A 603 -0.07 -13.04 -26.88
N ARG A 604 -1.27 -13.62 -26.71
CA ARG A 604 -2.33 -12.93 -26.00
C ARG A 604 -1.84 -12.43 -24.65
N ARG A 605 -1.01 -13.22 -23.98
CA ARG A 605 -0.43 -12.81 -22.71
C ARG A 605 0.81 -11.94 -22.91
N ARG A 606 1.60 -12.23 -23.94
CA ARG A 606 2.80 -11.44 -24.20
C ARG A 606 2.45 -10.00 -24.54
N LEU A 607 1.34 -9.77 -25.21
CA LEU A 607 0.96 -8.42 -25.59
C LEU A 607 0.30 -7.67 -24.43
N ASN A 608 -0.68 -8.30 -23.76
CA ASN A 608 -1.29 -7.69 -22.59
C ASN A 608 -0.23 -7.37 -21.54
N HIS A 609 0.86 -8.14 -21.49
CA HIS A 609 1.94 -7.81 -20.58
C HIS A 609 2.58 -6.49 -20.95
N ARG A 610 2.89 -6.31 -22.24
CA ARG A 610 3.47 -5.04 -22.69
C ARG A 610 2.45 -3.90 -22.54
N LEU A 611 1.22 -4.14 -23.01
CA LEU A 611 0.16 -3.15 -22.84
C LEU A 611 0.12 -2.67 -21.40
N GLU A 612 -0.09 -3.59 -20.47
CA GLU A 612 -0.12 -3.22 -19.06
C GLU A 612 1.17 -2.55 -18.63
N LYS A 613 2.28 -2.82 -19.32
CA LYS A 613 3.55 -2.21 -18.95
C LYS A 613 3.69 -0.81 -19.55
N VAL A 614 3.29 -0.64 -20.81
CA VAL A 614 3.36 0.68 -21.43
C VAL A 614 2.47 1.66 -20.68
N LEU A 615 1.22 1.26 -20.40
CA LEU A 615 0.29 2.14 -19.70
C LEU A 615 0.90 2.65 -18.40
N LYS A 616 1.51 1.76 -17.61
CA LYS A 616 2.09 2.19 -16.34
C LYS A 616 3.11 3.30 -16.56
N ARG A 617 3.91 3.18 -17.62
CA ARG A 617 4.88 4.24 -17.93
C ARG A 617 4.18 5.55 -18.29
N LEU A 618 3.25 5.49 -19.25
CA LEU A 618 2.53 6.69 -19.66
C LEU A 618 1.91 7.40 -18.47
N HIS A 619 1.23 6.65 -17.61
CA HIS A 619 0.63 7.24 -16.41
C HIS A 619 1.68 8.02 -15.63
N ILE A 620 2.88 7.47 -15.50
CA ILE A 620 3.96 8.20 -14.84
C ILE A 620 4.34 9.43 -15.67
N LEU A 621 4.53 9.24 -16.98
CA LEU A 621 5.04 10.33 -17.80
C LEU A 621 4.11 11.54 -17.74
N GLU A 622 2.81 11.31 -17.91
CA GLU A 622 1.87 12.44 -17.87
C GLU A 622 1.94 13.17 -16.54
N GLY A 623 2.21 12.44 -15.46
CA GLY A 623 2.35 13.09 -14.16
C GLY A 623 3.63 13.89 -14.06
N LEU A 624 4.73 13.36 -14.58
CA LEU A 624 6.00 14.07 -14.51
C LEU A 624 5.92 15.41 -15.23
N LEU A 625 5.26 15.44 -16.39
CA LEU A 625 5.15 16.68 -17.13
C LEU A 625 4.44 17.75 -16.31
N VAL A 626 3.41 17.35 -15.56
CA VAL A 626 2.73 18.30 -14.68
C VAL A 626 3.73 18.91 -13.71
N ALA A 627 4.69 18.12 -13.24
CA ALA A 627 5.68 18.63 -12.31
C ALA A 627 6.62 19.63 -12.98
N PHE A 628 7.03 19.34 -14.21
CA PHE A 628 7.83 20.31 -14.96
C PHE A 628 7.08 21.63 -15.10
N LEU A 629 5.81 21.57 -15.49
CA LEU A 629 5.01 22.78 -15.62
C LEU A 629 4.77 23.45 -14.28
N ASN A 630 4.91 22.72 -13.17
CA ASN A 630 4.56 23.23 -11.85
C ASN A 630 5.70 23.05 -10.86
N ILE A 631 6.94 23.02 -11.35
CA ILE A 631 8.05 22.73 -10.46
C ILE A 631 8.15 23.76 -9.34
N ASP A 632 7.67 24.97 -9.58
CA ASP A 632 7.71 26.00 -8.55
C ASP A 632 6.89 25.59 -7.34
N GLU A 633 5.62 25.23 -7.56
CA GLU A 633 4.78 24.81 -6.44
C GLU A 633 5.29 23.51 -5.83
N VAL A 634 5.68 22.55 -6.67
CA VAL A 634 6.11 21.24 -6.18
C VAL A 634 7.22 21.39 -5.15
N ILE A 635 8.35 21.97 -5.56
CA ILE A 635 9.49 22.12 -4.67
C ILE A 635 9.06 22.82 -3.39
N GLU A 636 8.19 23.83 -3.52
CA GLU A 636 7.70 24.52 -2.33
C GLU A 636 6.91 23.57 -1.44
N ILE A 637 6.04 22.75 -2.02
CA ILE A 637 5.28 21.79 -1.23
C ILE A 637 6.25 20.83 -0.54
N ILE A 638 7.27 20.36 -1.26
CA ILE A 638 8.17 19.36 -0.70
C ILE A 638 8.94 19.94 0.48
N ARG A 639 9.30 21.22 0.41
CA ARG A 639 10.11 21.82 1.46
C ARG A 639 9.26 22.28 2.64
N THR A 640 8.00 22.63 2.40
CA THR A 640 7.14 23.23 3.43
C THR A 640 6.02 22.29 3.85
N GLU A 641 6.31 21.00 3.94
CA GLU A 641 5.32 20.03 4.38
C GLU A 641 6.03 18.73 4.78
N ASP A 642 5.62 18.16 5.91
CA ASP A 642 6.31 16.99 6.44
C ASP A 642 6.25 15.82 5.46
N GLU A 643 5.04 15.40 5.09
CA GLU A 643 4.83 14.34 4.10
C GLU A 643 4.19 14.96 2.87
N PRO A 644 4.97 15.38 1.87
CA PRO A 644 4.36 16.02 0.68
C PRO A 644 3.59 15.07 -0.20
N LYS A 645 3.67 13.76 0.05
CA LYS A 645 3.06 12.81 -0.88
C LYS A 645 1.55 13.02 -1.02
N PRO A 646 0.79 13.24 0.06
CA PRO A 646 -0.62 13.60 -0.15
C PRO A 646 -0.80 15.02 -0.66
N ALA A 647 0.04 15.94 -0.18
CA ALA A 647 -0.09 17.34 -0.59
C ALA A 647 0.02 17.46 -2.10
N LEU A 648 0.93 16.71 -2.72
CA LEU A 648 1.07 16.75 -4.17
C LEU A 648 -0.13 16.12 -4.86
N MET A 649 -0.82 15.19 -4.20
CA MET A 649 -1.94 14.50 -4.83
C MET A 649 -3.16 15.40 -4.96
N SER A 650 -3.37 16.30 -4.00
CA SER A 650 -4.54 17.17 -4.04
C SER A 650 -4.28 18.40 -4.90
N ARG A 651 -3.22 19.15 -4.58
CA ARG A 651 -2.95 20.40 -5.27
C ARG A 651 -2.73 20.22 -6.77
N PHE A 652 -2.58 18.99 -7.26
CA PHE A 652 -2.37 18.74 -8.68
C PHE A 652 -3.28 17.67 -9.26
N GLY A 653 -4.04 16.95 -8.44
CA GLY A 653 -4.83 15.85 -8.93
C GLY A 653 -4.02 14.64 -9.32
N ILE A 654 -2.75 14.59 -8.94
CA ILE A 654 -1.89 13.46 -9.28
C ILE A 654 -2.24 12.26 -8.40
N SER A 655 -1.77 11.09 -8.82
CA SER A 655 -2.01 9.84 -8.11
C SER A 655 -0.80 9.46 -7.28
N GLU A 656 -1.05 8.75 -6.19
CA GLU A 656 0.03 8.33 -5.29
C GLU A 656 1.19 7.71 -6.06
N THR A 657 0.88 6.90 -7.07
CA THR A 657 1.93 6.36 -7.93
C THR A 657 2.68 7.46 -8.64
N GLN A 658 1.95 8.42 -9.21
CA GLN A 658 2.58 9.55 -9.90
C GLN A 658 3.34 10.42 -8.92
N ALA A 659 2.77 10.67 -7.74
CA ALA A 659 3.44 11.49 -6.75
C ALA A 659 4.82 10.94 -6.42
N GLU A 660 4.89 9.64 -6.10
CA GLU A 660 6.17 9.04 -5.76
C GLU A 660 7.17 9.24 -6.88
N ALA A 661 6.72 9.13 -8.15
CA ALA A 661 7.63 9.34 -9.26
C ALA A 661 8.20 10.74 -9.26
N ILE A 662 7.35 11.74 -9.03
CA ILE A 662 7.82 13.12 -8.94
C ILE A 662 8.87 13.24 -7.84
N LEU A 663 8.58 12.66 -6.68
CA LEU A 663 9.55 12.64 -5.59
C LEU A 663 10.90 12.10 -6.07
N GLU A 664 10.86 11.01 -6.86
CA GLU A 664 12.07 10.35 -7.34
C GLU A 664 12.75 11.10 -8.48
N LEU A 665 12.28 12.27 -8.87
CA LEU A 665 12.95 13.03 -9.90
C LEU A 665 14.27 13.60 -9.38
N LYS A 666 15.32 13.45 -10.16
CA LYS A 666 16.63 14.00 -9.83
C LYS A 666 16.76 15.41 -10.39
N LEU A 667 17.55 16.23 -9.70
CA LEU A 667 17.65 17.63 -10.08
C LEU A 667 18.12 17.78 -11.51
N ARG A 668 18.95 16.86 -12.00
CA ARG A 668 19.36 16.94 -13.40
C ARG A 668 18.20 16.74 -14.35
N HIS A 669 17.10 16.10 -13.92
CA HIS A 669 16.00 15.90 -14.84
C HIS A 669 15.18 17.17 -15.05
N LEU A 670 15.37 18.20 -14.21
CA LEU A 670 14.64 19.44 -14.39
C LEU A 670 15.16 20.27 -15.56
N ALA A 671 16.21 19.83 -16.23
CA ALA A 671 16.72 20.58 -17.37
C ALA A 671 15.76 20.45 -18.55
N LYS A 672 15.95 21.34 -19.54
CA LYS A 672 15.05 21.39 -20.67
C LYS A 672 15.08 20.08 -21.46
N LEU A 673 16.28 19.52 -21.68
CA LEU A 673 16.38 18.32 -22.50
C LEU A 673 15.63 17.14 -21.87
N GLU A 674 15.83 16.94 -20.57
CA GLU A 674 15.24 15.76 -19.92
C GLU A 674 13.73 15.80 -19.98
N GLU A 675 13.14 16.99 -20.07
CA GLU A 675 11.70 17.07 -20.31
C GLU A 675 11.38 16.68 -21.75
N MET A 676 12.10 17.25 -22.71
CA MET A 676 11.89 16.89 -24.11
C MET A 676 12.00 15.38 -24.30
N LYS A 677 12.99 14.75 -23.66
CA LYS A 677 13.13 13.32 -23.76
C LYS A 677 11.90 12.60 -23.23
N ILE A 678 11.35 13.08 -22.11
CA ILE A 678 10.14 12.47 -21.55
C ILE A 678 9.00 12.54 -22.56
N ARG A 679 8.81 13.69 -23.20
CA ARG A 679 7.80 13.79 -24.24
C ARG A 679 8.14 12.88 -25.42
N GLY A 680 9.42 12.57 -25.62
CA GLY A 680 9.79 11.66 -26.69
C GLY A 680 9.25 10.26 -26.48
N GLU A 681 9.31 9.75 -25.26
CA GLU A 681 8.69 8.46 -24.97
C GLU A 681 7.19 8.51 -25.17
N GLN A 682 6.53 9.54 -24.61
CA GLN A 682 5.07 9.58 -24.65
C GLN A 682 4.56 9.73 -26.08
N SER A 683 5.31 10.40 -26.94
CA SER A 683 4.93 10.49 -28.35
C SER A 683 4.97 9.12 -29.01
N GLU A 684 5.94 8.29 -28.65
CA GLU A 684 6.10 6.95 -29.21
C GLU A 684 5.33 5.90 -28.43
N LEU A 685 5.35 5.97 -27.10
CA LEU A 685 4.60 4.99 -26.31
C LEU A 685 3.12 5.05 -26.63
N GLU A 686 2.55 6.27 -26.76
CA GLU A 686 1.15 6.39 -27.12
C GLU A 686 0.87 5.75 -28.49
N LYS A 687 1.83 5.82 -29.42
CA LYS A 687 1.67 5.10 -30.68
C LYS A 687 1.81 3.60 -30.49
N GLU A 688 2.49 3.16 -29.43
CA GLU A 688 2.68 1.74 -29.20
C GLU A 688 1.43 1.09 -28.63
N ARG A 689 0.77 1.76 -27.67
CA ARG A 689 -0.40 1.15 -27.04
C ARG A 689 -1.57 1.06 -28.01
N ASP A 690 -1.66 1.98 -28.96
CA ASP A 690 -2.73 1.88 -29.95
C ASP A 690 -2.53 0.66 -30.84
N GLN A 691 -1.27 0.34 -31.16
CA GLN A 691 -1.00 -0.86 -31.95
C GLN A 691 -1.21 -2.13 -31.13
N LEU A 692 -0.85 -2.09 -29.84
CA LEU A 692 -1.09 -3.22 -28.96
C LEU A 692 -2.58 -3.45 -28.74
N GLN A 693 -3.33 -2.36 -28.50
CA GLN A 693 -4.76 -2.48 -28.26
C GLN A 693 -5.50 -2.96 -29.50
N ALA A 694 -4.96 -2.66 -30.68
CA ALA A 694 -5.60 -3.10 -31.92
C ALA A 694 -5.40 -4.59 -32.16
N ILE A 695 -4.18 -5.08 -31.97
CA ILE A 695 -3.89 -6.49 -32.18
C ILE A 695 -4.66 -7.33 -31.17
N LEU A 696 -5.00 -6.77 -30.01
CA LEU A 696 -5.73 -7.53 -29.01
C LEU A 696 -7.22 -7.57 -29.30
N ALA A 697 -7.80 -6.44 -29.68
CA ALA A 697 -9.24 -6.39 -29.95
C ALA A 697 -9.61 -7.06 -31.27
N SER A 698 -8.66 -7.20 -32.20
CA SER A 698 -8.91 -7.77 -33.51
C SER A 698 -8.32 -9.17 -33.58
N GLU A 699 -9.17 -10.17 -33.84
CA GLU A 699 -8.70 -11.53 -34.05
C GLU A 699 -8.07 -11.72 -35.42
N ARG A 700 -8.39 -10.86 -36.38
CA ARG A 700 -7.70 -10.90 -37.67
C ARG A 700 -6.28 -10.38 -37.53
N LYS A 701 -6.12 -9.17 -36.98
CA LYS A 701 -4.78 -8.67 -36.68
C LYS A 701 -4.01 -9.67 -35.83
N MET A 702 -4.71 -10.35 -34.91
CA MET A 702 -4.06 -11.34 -34.05
C MET A 702 -3.37 -12.42 -34.89
N ASN A 703 -4.10 -12.99 -35.85
CA ASN A 703 -3.53 -14.07 -36.65
C ASN A 703 -2.43 -13.55 -37.57
N ASN A 704 -2.58 -12.35 -38.11
CA ASN A 704 -1.54 -11.80 -38.97
C ASN A 704 -0.23 -11.68 -38.23
N LEU A 705 -0.27 -11.40 -36.92
CA LEU A 705 0.97 -11.34 -36.15
C LEU A 705 1.57 -12.73 -35.97
N LEU A 706 0.74 -13.73 -35.67
CA LEU A 706 1.24 -15.09 -35.52
C LEU A 706 1.82 -15.59 -36.84
N LYS A 707 0.98 -15.65 -37.87
CA LYS A 707 1.44 -16.09 -39.18
C LYS A 707 2.63 -15.28 -39.67
N LYS A 708 2.91 -14.13 -39.07
CA LYS A 708 4.07 -13.33 -39.42
C LYS A 708 5.30 -13.77 -38.64
N GLU A 709 5.17 -13.97 -37.33
CA GLU A 709 6.32 -14.36 -36.52
C GLU A 709 6.76 -15.79 -36.84
N LEU A 710 5.80 -16.68 -37.11
CA LEU A 710 6.14 -18.05 -37.46
C LEU A 710 7.08 -18.08 -38.66
N GLN A 711 6.66 -17.47 -39.77
CA GLN A 711 7.53 -17.39 -40.93
C GLN A 711 8.85 -16.74 -40.59
N ALA A 712 8.82 -15.67 -39.79
CA ALA A 712 10.06 -15.02 -39.38
C ALA A 712 10.96 -15.99 -38.63
N ASP A 713 10.38 -16.74 -37.68
CA ASP A 713 11.18 -17.73 -36.97
C ASP A 713 11.69 -18.81 -37.92
N ALA A 714 10.83 -19.28 -38.83
CA ALA A 714 11.26 -20.27 -39.81
C ALA A 714 12.32 -19.74 -40.75
N ASP A 715 12.49 -18.42 -40.82
CA ASP A 715 13.50 -17.83 -41.69
C ASP A 715 14.86 -17.76 -41.02
N ALA A 716 14.91 -17.65 -39.69
CA ALA A 716 16.15 -17.48 -38.96
C ALA A 716 16.63 -18.74 -38.28
N PHE A 717 15.85 -19.82 -38.31
CA PHE A 717 16.24 -21.06 -37.68
C PHE A 717 16.01 -22.31 -38.51
N GLY A 718 15.25 -22.23 -39.60
CA GLY A 718 14.99 -23.40 -40.40
C GLY A 718 16.22 -23.86 -41.17
N ASP A 719 16.17 -25.13 -41.59
CA ASP A 719 17.26 -25.71 -42.35
C ASP A 719 16.68 -26.71 -43.34
N ASP A 720 17.51 -27.11 -44.30
CA ASP A 720 17.09 -28.09 -45.29
C ASP A 720 16.72 -29.42 -44.63
N ARG A 721 15.93 -30.20 -45.35
CA ARG A 721 15.55 -31.53 -44.89
C ARG A 721 16.70 -32.49 -45.13
N ARG A 722 17.07 -33.23 -44.10
CA ARG A 722 18.24 -34.12 -44.19
C ARG A 722 17.87 -35.52 -44.66
N SER A 723 16.92 -36.17 -43.97
CA SER A 723 16.55 -37.54 -44.29
C SER A 723 15.39 -37.52 -45.29
N PRO A 724 15.62 -37.84 -46.56
CA PRO A 724 14.54 -37.77 -47.54
C PRO A 724 13.52 -38.87 -47.33
N LEU A 725 12.44 -38.78 -48.10
CA LEU A 725 11.33 -39.73 -48.04
C LEU A 725 11.29 -40.67 -49.24
N HIS A 726 12.41 -40.86 -49.92
CA HIS A 726 12.47 -41.73 -51.08
C HIS A 726 11.93 -43.12 -50.75
N GLU A 727 10.88 -43.52 -51.47
CA GLU A 727 10.28 -44.83 -51.26
C GLU A 727 11.11 -45.91 -51.94
N ARG A 728 11.18 -47.07 -51.29
CA ARG A 728 11.91 -48.21 -51.83
C ARG A 728 11.66 -49.43 -50.96
N GLU A 729 11.83 -50.61 -51.55
CA GLU A 729 11.63 -51.86 -50.84
C GLU A 729 12.17 -53.03 -51.65
N PRO B 11 44.35 -57.67 -23.00
CA PRO B 11 44.47 -56.31 -22.44
C PRO B 11 43.13 -55.73 -21.99
N GLY B 12 42.25 -55.38 -22.93
CA GLY B 12 40.90 -54.96 -22.62
C GLY B 12 40.68 -53.46 -22.54
N LYS B 13 41.75 -52.66 -22.59
CA LYS B 13 41.61 -51.21 -22.49
C LYS B 13 42.30 -50.51 -23.65
N LEU B 14 43.36 -51.13 -24.18
CA LEU B 14 44.13 -50.53 -25.27
C LEU B 14 43.40 -50.72 -26.59
N ALA B 15 43.24 -49.64 -27.34
CA ALA B 15 42.58 -49.66 -28.65
C ALA B 15 43.68 -49.78 -29.71
N ASP B 16 43.95 -51.01 -30.14
CA ASP B 16 45.05 -51.25 -31.06
C ASP B 16 44.79 -50.59 -32.41
N CYS B 17 45.80 -50.64 -33.27
CA CYS B 17 45.75 -50.08 -34.61
C CYS B 17 45.58 -51.19 -35.65
N THR B 18 45.14 -50.78 -36.84
CA THR B 18 44.92 -51.76 -37.91
C THR B 18 46.24 -52.30 -38.45
N ALA B 19 47.27 -51.46 -38.51
CA ALA B 19 48.56 -51.88 -39.04
C ALA B 19 49.38 -52.57 -37.95
N GLN B 20 50.48 -53.21 -38.38
CA GLN B 20 51.35 -53.92 -37.46
C GLN B 20 52.83 -53.71 -37.72
N ASP B 21 53.20 -52.88 -38.69
CA ASP B 21 54.62 -52.66 -38.99
C ASP B 21 55.27 -51.95 -37.82
N LEU B 22 56.28 -52.60 -37.21
CA LEU B 22 56.93 -52.05 -36.03
C LEU B 22 57.62 -50.71 -36.31
N ASN B 23 57.73 -50.30 -37.57
CA ASN B 23 58.37 -49.03 -37.90
C ASN B 23 57.38 -47.87 -37.96
N ARG B 24 56.09 -48.14 -38.15
CA ARG B 24 55.09 -47.09 -38.29
C ARG B 24 54.12 -47.00 -37.12
N THR B 25 54.11 -47.99 -36.23
CA THR B 25 53.19 -47.97 -35.09
C THR B 25 53.68 -47.00 -34.01
N GLU B 26 52.73 -46.28 -33.42
CA GLU B 26 53.03 -45.30 -32.38
C GLU B 26 51.89 -45.30 -31.36
N LEU B 27 52.25 -45.45 -30.09
CA LEU B 27 51.28 -45.56 -29.00
C LEU B 27 51.33 -44.32 -28.11
N PHE B 28 50.20 -44.06 -27.45
CA PHE B 28 50.05 -42.90 -26.58
C PHE B 28 49.46 -43.35 -25.25
N LEU B 29 50.10 -42.95 -24.15
CA LEU B 29 49.61 -43.23 -22.80
C LEU B 29 48.97 -41.94 -22.27
N VAL B 30 47.65 -41.85 -22.40
CA VAL B 30 46.93 -40.64 -22.01
C VAL B 30 46.83 -40.56 -20.50
N GLU B 31 46.82 -39.34 -19.97
CA GLU B 31 46.82 -39.18 -18.53
C GLU B 31 45.52 -39.67 -17.90
N GLY B 32 44.39 -39.38 -18.54
CA GLY B 32 43.10 -39.70 -17.95
C GLY B 32 42.21 -40.43 -18.92
N ASP B 33 41.24 -41.16 -18.36
CA ASP B 33 40.29 -41.90 -19.19
C ASP B 33 39.33 -40.96 -19.91
N SER B 34 38.95 -39.85 -19.28
CA SER B 34 38.12 -38.85 -19.94
C SER B 34 38.89 -38.20 -21.10
N ALA B 35 40.19 -37.97 -20.91
CA ALA B 35 41.02 -37.49 -22.00
C ALA B 35 41.39 -38.61 -22.96
N GLY B 36 41.46 -39.84 -22.47
CA GLY B 36 41.75 -40.96 -23.34
C GLY B 36 40.63 -41.25 -24.31
N GLY B 37 39.39 -41.25 -23.82
CA GLY B 37 38.26 -41.43 -24.71
C GLY B 37 38.26 -40.42 -25.84
N SER B 38 38.51 -39.15 -25.51
CA SER B 38 38.65 -38.13 -26.55
C SER B 38 39.86 -38.40 -27.42
N ALA B 39 40.91 -38.98 -26.84
CA ALA B 39 42.09 -39.32 -27.64
C ALA B 39 41.81 -40.51 -28.54
N LYS B 40 41.04 -41.48 -28.06
CA LYS B 40 40.71 -42.64 -28.88
C LYS B 40 39.87 -42.24 -30.08
N GLN B 41 38.91 -41.32 -29.87
CA GLN B 41 38.02 -40.94 -30.96
C GLN B 41 38.76 -40.15 -32.03
N ALA B 42 39.66 -39.25 -31.62
CA ALA B 42 40.36 -38.38 -32.55
C ALA B 42 41.60 -39.01 -33.15
N ARG B 43 42.02 -40.18 -32.67
CA ARG B 43 43.24 -40.80 -33.16
C ARG B 43 43.03 -41.39 -34.55
N ASP B 44 44.11 -41.46 -35.31
CA ASP B 44 44.10 -42.12 -36.61
C ASP B 44 44.12 -43.62 -36.38
N ARG B 45 42.99 -44.29 -36.66
CA ARG B 45 42.88 -45.72 -36.41
C ARG B 45 43.92 -46.53 -37.18
N GLU B 46 44.61 -45.91 -38.15
CA GLU B 46 45.55 -46.66 -38.98
C GLU B 46 46.84 -46.98 -38.24
N TYR B 47 47.47 -45.96 -37.63
CA TYR B 47 48.79 -46.13 -37.05
C TYR B 47 48.88 -45.61 -35.62
N GLN B 48 47.76 -45.47 -34.92
CA GLN B 48 47.75 -44.95 -33.56
C GLN B 48 46.88 -45.82 -32.68
N ALA B 49 47.39 -46.14 -31.49
CA ALA B 49 46.68 -46.93 -30.49
C ALA B 49 46.90 -46.30 -29.13
N ILE B 50 45.82 -46.16 -28.36
CA ILE B 50 45.85 -45.44 -27.10
C ILE B 50 45.45 -46.36 -25.97
N MET B 51 46.07 -46.12 -24.80
CA MET B 51 45.74 -46.84 -23.57
C MET B 51 45.68 -45.83 -22.42
N PRO B 52 44.52 -45.66 -21.78
CA PRO B 52 44.42 -44.67 -20.71
C PRO B 52 45.10 -45.12 -19.43
N LEU B 53 45.44 -44.14 -18.59
CA LEU B 53 46.10 -44.38 -17.31
C LEU B 53 45.30 -43.68 -16.21
N LYS B 54 44.26 -44.35 -15.72
CA LYS B 54 43.39 -43.76 -14.72
C LYS B 54 44.16 -43.56 -13.42
N GLY B 55 44.46 -42.31 -13.08
CA GLY B 55 45.12 -41.99 -11.84
C GLY B 55 46.63 -42.12 -11.92
N LYS B 56 47.29 -41.72 -10.85
CA LYS B 56 48.74 -41.85 -10.76
C LYS B 56 49.14 -43.33 -10.67
N ILE B 57 50.31 -43.65 -11.22
CA ILE B 57 50.80 -45.00 -11.27
C ILE B 57 51.82 -45.22 -10.15
N LEU B 58 52.11 -46.49 -9.88
CA LEU B 58 52.99 -46.83 -8.77
C LEU B 58 54.42 -46.40 -9.04
N ASN B 59 55.09 -45.89 -8.00
CA ASN B 59 56.50 -45.55 -8.09
C ASN B 59 57.30 -46.83 -8.14
N THR B 60 57.58 -47.33 -9.35
CA THR B 60 58.21 -48.63 -9.53
C THR B 60 59.73 -48.56 -9.52
N TRP B 61 60.31 -47.46 -9.02
CA TRP B 61 61.76 -47.35 -8.98
C TRP B 61 62.37 -48.43 -8.10
N GLU B 62 61.90 -48.54 -6.86
CA GLU B 62 62.41 -49.52 -5.91
C GLU B 62 61.53 -50.75 -5.82
N VAL B 63 60.50 -50.86 -6.66
CA VAL B 63 59.62 -52.02 -6.67
C VAL B 63 60.29 -53.16 -7.42
N SER B 64 60.19 -54.37 -6.88
CA SER B 64 60.81 -55.52 -7.53
C SER B 64 60.17 -55.77 -8.89
N SER B 65 60.86 -56.57 -9.71
CA SER B 65 60.33 -56.91 -11.03
C SER B 65 59.00 -57.65 -10.90
N ASP B 66 58.83 -58.43 -9.83
CA ASP B 66 57.55 -59.12 -9.62
C ASP B 66 56.47 -58.16 -9.16
N GLU B 67 56.82 -57.20 -8.30
CA GLU B 67 55.85 -56.20 -7.86
C GLU B 67 55.38 -55.34 -9.02
N VAL B 68 56.26 -55.09 -10.00
CA VAL B 68 55.86 -54.31 -11.17
C VAL B 68 54.71 -55.00 -11.88
N LEU B 69 54.78 -56.31 -12.06
CA LEU B 69 53.73 -57.06 -12.72
C LEU B 69 52.49 -57.24 -11.83
N ALA B 70 52.51 -56.73 -10.61
CA ALA B 70 51.39 -56.90 -9.68
C ALA B 70 50.41 -55.74 -9.73
N SER B 71 50.91 -54.53 -9.93
CA SER B 71 50.05 -53.36 -10.00
C SER B 71 49.27 -53.34 -11.31
N GLN B 72 47.98 -53.03 -11.23
CA GLN B 72 47.12 -53.07 -12.41
C GLN B 72 47.65 -52.18 -13.51
N GLU B 73 48.00 -50.93 -13.18
CA GLU B 73 48.41 -49.99 -14.22
C GLU B 73 49.75 -50.39 -14.83
N VAL B 74 50.73 -50.73 -13.99
CA VAL B 74 52.02 -51.16 -14.51
C VAL B 74 51.89 -52.50 -15.23
N HIS B 75 50.98 -53.37 -14.76
CA HIS B 75 50.76 -54.65 -15.43
C HIS B 75 50.27 -54.42 -16.86
N ASP B 76 49.16 -53.72 -17.02
CA ASP B 76 48.64 -53.44 -18.35
C ASP B 76 49.65 -52.66 -19.18
N ILE B 77 50.43 -51.79 -18.54
CA ILE B 77 51.43 -51.02 -19.28
C ILE B 77 52.51 -51.94 -19.82
N SER B 78 52.88 -52.97 -19.06
CA SER B 78 53.90 -53.90 -19.51
C SER B 78 53.38 -54.85 -20.58
N VAL B 79 52.16 -55.37 -20.39
CA VAL B 79 51.58 -56.28 -21.37
C VAL B 79 51.43 -55.59 -22.72
N ALA B 80 50.82 -54.40 -22.72
CA ALA B 80 50.59 -53.69 -23.98
C ALA B 80 51.91 -53.31 -24.65
N ILE B 81 52.93 -52.98 -23.85
CA ILE B 81 54.21 -52.57 -24.43
C ILE B 81 54.83 -53.72 -25.21
N GLY B 82 54.72 -54.95 -24.67
CA GLY B 82 55.32 -56.12 -25.26
C GLY B 82 56.57 -56.59 -24.53
N ILE B 83 57.34 -55.65 -23.97
CA ILE B 83 58.54 -56.01 -23.24
C ILE B 83 58.18 -56.48 -21.83
N ASP B 84 59.06 -57.28 -21.25
CA ASP B 84 58.87 -57.83 -19.92
C ASP B 84 59.66 -57.02 -18.89
N PRO B 85 59.33 -57.14 -17.60
CA PRO B 85 60.07 -56.41 -16.57
C PRO B 85 61.52 -56.86 -16.48
N ASP B 86 62.43 -55.92 -16.72
CA ASP B 86 63.87 -56.08 -16.50
C ASP B 86 64.55 -57.03 -17.48
N SER B 87 63.84 -57.50 -18.50
CA SER B 87 64.46 -58.39 -19.48
C SER B 87 65.41 -57.62 -20.38
N ASP B 88 66.48 -58.29 -20.80
CA ASP B 88 67.45 -57.67 -21.69
C ASP B 88 67.03 -57.76 -23.15
N ASP B 89 66.30 -58.81 -23.52
CA ASP B 89 65.91 -59.02 -24.90
C ASP B 89 64.87 -57.98 -25.33
N LEU B 90 64.76 -57.81 -26.66
CA LEU B 90 63.78 -56.88 -27.19
C LEU B 90 62.37 -57.32 -26.87
N SER B 91 62.12 -58.62 -26.83
CA SER B 91 60.83 -59.19 -26.48
C SER B 91 59.76 -58.94 -27.54
N GLN B 92 60.16 -58.53 -28.73
CA GLN B 92 59.22 -58.28 -29.84
C GLN B 92 58.18 -57.23 -29.43
N LEU B 93 58.67 -56.02 -29.18
CA LEU B 93 57.80 -54.91 -28.80
C LEU B 93 56.66 -54.78 -29.79
N ARG B 94 55.44 -54.59 -29.26
CA ARG B 94 54.26 -54.57 -30.10
C ARG B 94 54.11 -53.25 -30.87
N TYR B 95 54.60 -52.15 -30.32
CA TYR B 95 54.48 -50.84 -30.95
C TYR B 95 55.86 -50.23 -31.15
N GLY B 96 55.97 -49.38 -32.17
CA GLY B 96 57.24 -48.76 -32.52
C GLY B 96 57.62 -47.60 -31.62
N LYS B 97 56.72 -46.62 -31.49
CA LYS B 97 56.96 -45.42 -30.69
C LYS B 97 56.00 -45.42 -29.51
N ILE B 98 56.54 -45.41 -28.30
CA ILE B 98 55.75 -45.37 -27.08
C ILE B 98 55.80 -43.92 -26.58
N CYS B 99 54.79 -43.15 -26.97
CA CYS B 99 54.72 -41.74 -26.62
C CYS B 99 53.93 -41.54 -25.33
N ILE B 100 54.33 -40.53 -24.56
CA ILE B 100 53.71 -40.19 -23.29
C ILE B 100 52.85 -38.95 -23.49
N LEU B 101 51.59 -39.02 -23.06
CA LEU B 101 50.65 -37.89 -23.17
C LEU B 101 50.02 -37.65 -21.81
N ALA B 102 50.44 -36.56 -21.16
CA ALA B 102 49.88 -36.15 -19.88
C ALA B 102 49.56 -34.66 -19.95
N ASP B 103 48.65 -34.23 -19.09
CA ASP B 103 48.29 -32.81 -19.03
C ASP B 103 49.53 -31.96 -18.80
N ALA B 104 49.41 -30.68 -19.12
CA ALA B 104 50.42 -29.70 -18.72
C ALA B 104 50.38 -29.43 -17.22
N ASP B 105 49.43 -30.01 -16.50
CA ASP B 105 49.37 -29.85 -15.04
C ASP B 105 50.71 -30.21 -14.43
N SER B 106 51.02 -29.59 -13.29
CA SER B 106 52.16 -30.05 -12.51
C SER B 106 52.00 -31.51 -12.12
N ASP B 107 50.76 -32.00 -12.03
CA ASP B 107 50.52 -33.42 -11.83
C ASP B 107 50.83 -34.21 -13.09
N GLY B 108 50.48 -33.68 -14.25
CA GLY B 108 50.81 -34.35 -15.50
C GLY B 108 52.30 -34.52 -15.68
N LEU B 109 53.08 -33.53 -15.24
CA LEU B 109 54.53 -33.68 -15.25
C LEU B 109 54.97 -34.75 -14.25
N HIS B 110 54.25 -34.87 -13.13
CA HIS B 110 54.55 -35.94 -12.18
C HIS B 110 54.10 -37.30 -12.71
N ILE B 111 52.91 -37.36 -13.32
CA ILE B 111 52.46 -38.61 -13.94
C ILE B 111 53.43 -39.04 -15.02
N ALA B 112 54.15 -38.08 -15.63
CA ALA B 112 55.16 -38.43 -16.62
C ALA B 112 56.45 -38.87 -15.96
N THR B 113 56.94 -38.10 -14.99
CA THR B 113 58.12 -38.53 -14.22
C THR B 113 57.88 -39.90 -13.61
N LEU B 114 56.73 -40.09 -12.96
CA LEU B 114 56.40 -41.41 -12.43
C LEU B 114 56.40 -42.47 -13.52
N LEU B 115 56.06 -42.09 -14.76
CA LEU B 115 56.12 -43.04 -15.87
C LEU B 115 57.56 -43.38 -16.22
N CYS B 116 58.45 -42.39 -16.15
CA CYS B 116 59.86 -42.64 -16.43
C CYS B 116 60.51 -43.50 -15.38
N ALA B 117 59.80 -43.83 -14.29
CA ALA B 117 60.36 -44.74 -13.29
C ALA B 117 60.46 -46.16 -13.85
N LEU B 118 59.32 -46.75 -14.23
CA LEU B 118 59.35 -48.04 -14.92
C LEU B 118 60.19 -47.95 -16.19
N PHE B 119 59.92 -46.95 -17.03
CA PHE B 119 60.43 -46.86 -18.40
C PHE B 119 61.92 -46.49 -18.45
N VAL B 120 62.58 -46.49 -17.28
CA VAL B 120 64.02 -46.36 -17.17
C VAL B 120 64.61 -47.53 -16.36
N ARG B 121 64.05 -47.79 -15.18
CA ARG B 121 64.60 -48.86 -14.34
C ARG B 121 64.30 -50.24 -14.92
N HIS B 122 63.00 -50.55 -15.08
CA HIS B 122 62.59 -51.88 -15.51
C HIS B 122 62.60 -52.05 -17.02
N PHE B 123 62.71 -50.98 -17.79
CA PHE B 123 62.73 -51.04 -19.24
C PHE B 123 63.84 -50.15 -19.79
N ARG B 124 65.03 -50.30 -19.23
CA ARG B 124 66.15 -49.46 -19.64
C ARG B 124 66.45 -49.61 -21.13
N THR B 125 66.33 -50.83 -21.66
CA THR B 125 66.67 -51.05 -23.06
C THR B 125 65.70 -50.33 -23.99
N LEU B 126 64.47 -50.10 -23.56
CA LEU B 126 63.49 -49.43 -24.41
C LEU B 126 63.89 -47.98 -24.66
N VAL B 127 64.06 -47.20 -23.59
CA VAL B 127 64.41 -45.79 -23.73
C VAL B 127 65.83 -45.59 -24.25
N LYS B 128 66.62 -46.67 -24.35
CA LYS B 128 67.99 -46.55 -24.85
C LYS B 128 68.01 -46.39 -26.36
N GLU B 129 67.24 -47.23 -27.07
CA GLU B 129 67.19 -47.17 -28.53
C GLU B 129 66.50 -45.91 -29.04
N GLY B 130 65.91 -45.10 -28.16
CA GLY B 130 65.25 -43.90 -28.58
C GLY B 130 63.78 -44.06 -28.88
N HIS B 131 63.10 -44.96 -28.18
CA HIS B 131 61.66 -45.14 -28.36
C HIS B 131 60.83 -44.26 -27.43
N VAL B 132 61.46 -43.58 -26.48
CA VAL B 132 60.75 -42.67 -25.61
C VAL B 132 60.23 -41.48 -26.40
N TYR B 133 59.00 -41.07 -26.11
CA TYR B 133 58.39 -39.92 -26.77
C TYR B 133 57.54 -39.18 -25.75
N VAL B 134 57.83 -37.89 -25.56
CA VAL B 134 57.09 -37.04 -24.64
C VAL B 134 56.31 -36.03 -25.46
N ALA B 135 54.99 -36.22 -25.53
CA ALA B 135 54.15 -35.29 -26.28
C ALA B 135 54.06 -33.96 -25.54
N LEU B 136 54.24 -32.87 -26.29
CA LEU B 136 54.22 -31.53 -25.72
C LEU B 136 52.84 -30.92 -25.91
N PRO B 137 51.97 -30.93 -24.91
CA PRO B 137 50.64 -30.35 -25.09
C PRO B 137 50.70 -28.83 -25.10
N PRO B 138 49.94 -28.17 -25.96
CA PRO B 138 49.91 -26.71 -25.93
C PRO B 138 49.07 -26.21 -24.76
N LEU B 139 49.41 -25.00 -24.32
CA LEU B 139 48.65 -24.35 -23.26
C LEU B 139 47.65 -23.35 -23.77
N TYR B 140 48.00 -22.61 -24.82
CA TYR B 140 47.05 -21.63 -25.37
C TYR B 140 47.41 -21.36 -26.83
N ARG B 141 46.42 -20.82 -27.56
CA ARG B 141 46.58 -20.65 -29.00
C ARG B 141 45.53 -19.68 -29.54
N ILE B 142 45.71 -19.30 -30.79
CA ILE B 142 44.79 -18.39 -31.45
C ILE B 142 45.07 -18.34 -32.95
N TYR B 150 51.01 -18.46 -30.63
CA TYR B 150 50.92 -19.91 -30.58
C TYR B 150 52.19 -20.53 -29.99
N ALA B 151 52.20 -20.71 -28.68
CA ALA B 151 53.34 -21.28 -27.97
C ALA B 151 52.85 -22.18 -26.85
N LEU B 152 53.74 -23.06 -26.40
CA LEU B 152 53.40 -23.97 -25.31
C LEU B 152 53.57 -23.31 -23.95
N THR B 153 54.58 -22.44 -23.81
CA THR B 153 54.86 -21.75 -22.56
C THR B 153 54.89 -20.25 -22.79
N GLU B 154 54.50 -19.49 -21.76
CA GLU B 154 54.53 -18.03 -21.81
C GLU B 154 55.97 -17.58 -21.63
N GLU B 155 56.74 -17.68 -22.72
CA GLU B 155 58.15 -17.31 -22.71
C GLU B 155 58.26 -15.79 -22.82
N GLU B 156 59.48 -15.30 -23.01
CA GLU B 156 59.73 -13.87 -23.10
C GLU B 156 59.63 -13.33 -24.52
N LYS B 157 59.62 -14.19 -25.54
CA LYS B 157 59.58 -13.75 -26.92
C LYS B 157 58.17 -13.65 -27.48
N THR B 158 57.19 -14.29 -26.84
CA THR B 158 55.80 -14.18 -27.25
C THR B 158 55.12 -12.95 -26.67
N GLY B 159 55.85 -12.08 -25.97
CA GLY B 159 55.27 -10.90 -25.37
C GLY B 159 55.37 -9.67 -26.25
N VAL B 160 56.49 -9.50 -26.94
CA VAL B 160 56.72 -8.35 -27.80
C VAL B 160 56.66 -7.07 -26.99
N GLN B 174 42.62 -22.36 -27.78
CA GLN B 174 41.84 -21.33 -27.10
C GLN B 174 42.06 -21.40 -25.58
N ARG B 175 43.31 -21.53 -25.17
CA ARG B 175 43.67 -21.65 -23.76
C ARG B 175 42.95 -22.84 -23.11
N PHE B 176 43.24 -24.02 -23.64
CA PHE B 176 42.59 -25.25 -23.17
C PHE B 176 42.97 -25.52 -21.72
N LYS B 177 41.96 -25.76 -20.88
CA LYS B 177 42.16 -26.05 -19.46
C LYS B 177 42.16 -27.56 -19.28
N GLY B 178 43.29 -28.18 -19.63
CA GLY B 178 43.48 -29.61 -19.51
C GLY B 178 43.20 -30.34 -20.81
N LEU B 179 43.75 -31.56 -20.91
CA LEU B 179 43.53 -32.37 -22.10
C LEU B 179 42.12 -32.96 -22.13
N GLY B 180 41.52 -33.19 -20.96
CA GLY B 180 40.17 -33.70 -20.92
C GLY B 180 39.16 -32.70 -21.44
N GLU B 181 39.34 -31.42 -21.12
CA GLU B 181 38.44 -30.39 -21.60
C GLU B 181 38.69 -30.00 -23.05
N MET B 182 39.87 -30.33 -23.60
CA MET B 182 40.18 -29.99 -24.97
C MET B 182 39.30 -30.77 -25.93
N ASN B 183 38.83 -30.10 -26.98
CA ASN B 183 37.97 -30.76 -27.95
C ASN B 183 38.74 -31.86 -28.68
N PRO B 184 38.06 -32.95 -29.04
CA PRO B 184 38.79 -34.05 -29.71
C PRO B 184 39.51 -33.62 -30.97
N MET B 185 38.83 -32.89 -31.86
CA MET B 185 39.46 -32.47 -33.10
C MET B 185 40.69 -31.61 -32.82
N GLN B 186 40.60 -30.70 -31.85
CA GLN B 186 41.74 -29.86 -31.51
C GLN B 186 42.85 -30.68 -30.87
N LEU B 187 42.51 -31.58 -29.95
CA LEU B 187 43.52 -32.44 -29.34
C LEU B 187 44.29 -33.19 -30.40
N ARG B 188 43.61 -33.65 -31.45
CA ARG B 188 44.30 -34.34 -32.53
C ARG B 188 45.28 -33.42 -33.24
N GLU B 189 44.83 -32.20 -33.57
CA GLU B 189 45.68 -31.26 -34.28
C GLU B 189 46.86 -30.77 -33.44
N THR B 190 46.85 -31.03 -32.13
CA THR B 190 47.92 -30.59 -31.26
C THR B 190 48.76 -31.72 -30.68
N THR B 191 48.25 -32.95 -30.68
CA THR B 191 48.95 -34.04 -29.99
C THR B 191 49.08 -35.28 -30.84
N LEU B 192 48.19 -35.49 -31.81
CA LEU B 192 48.14 -36.73 -32.57
C LEU B 192 48.50 -36.55 -34.03
N ASP B 193 47.88 -35.59 -34.72
CA ASP B 193 48.14 -35.38 -36.14
C ASP B 193 49.58 -34.92 -36.33
N PRO B 194 50.48 -35.76 -36.87
CA PRO B 194 51.91 -35.41 -36.87
C PRO B 194 52.23 -34.09 -37.54
N ASN B 195 51.33 -33.61 -38.41
CA ASN B 195 51.58 -32.34 -39.08
C ASN B 195 51.69 -31.19 -38.08
N THR B 196 50.61 -30.95 -37.32
CA THR B 196 50.58 -29.88 -36.34
C THR B 196 50.83 -30.40 -34.92
N ARG B 197 51.54 -31.52 -34.79
CA ARG B 197 51.80 -32.14 -33.51
C ARG B 197 53.20 -31.78 -33.02
N ARG B 198 53.32 -31.58 -31.71
CA ARG B 198 54.57 -31.24 -31.07
C ARG B 198 54.97 -32.38 -30.15
N LEU B 199 56.18 -32.91 -30.34
CA LEU B 199 56.67 -34.05 -29.58
C LEU B 199 58.18 -34.00 -29.52
N VAL B 200 58.74 -34.42 -28.38
CA VAL B 200 60.18 -34.49 -28.18
C VAL B 200 60.57 -35.93 -27.91
N GLN B 201 61.63 -36.39 -28.57
CA GLN B 201 62.11 -37.76 -28.43
C GLN B 201 63.08 -37.84 -27.26
N LEU B 202 62.63 -38.43 -26.15
CA LEU B 202 63.48 -38.58 -24.98
C LEU B 202 64.51 -39.67 -25.22
N VAL B 203 65.79 -39.34 -25.07
CA VAL B 203 66.88 -40.26 -25.32
C VAL B 203 67.94 -40.09 -24.24
N ILE B 204 68.47 -41.21 -23.77
CA ILE B 204 69.52 -41.24 -22.76
C ILE B 204 70.86 -41.43 -23.46
N SER B 205 71.77 -40.47 -23.27
CA SER B 205 73.10 -40.55 -23.86
C SER B 205 73.97 -41.52 -23.08
N ASP B 206 74.90 -42.17 -23.80
CA ASP B 206 75.84 -43.06 -23.14
C ASP B 206 76.73 -42.29 -22.16
N GLU B 207 77.01 -41.02 -22.44
CA GLU B 207 77.81 -40.21 -21.53
C GLU B 207 77.00 -39.78 -20.32
N ASP B 208 75.81 -39.22 -20.55
CA ASP B 208 74.94 -38.78 -19.47
C ASP B 208 74.18 -39.94 -18.84
N GLU B 209 74.51 -41.19 -19.19
CA GLU B 209 73.83 -42.33 -18.59
C GLU B 209 74.19 -42.47 -17.11
N GLN B 210 75.43 -42.15 -16.75
CA GLN B 210 75.82 -42.17 -15.35
C GLN B 210 75.10 -41.07 -14.57
N GLN B 211 74.97 -39.88 -15.18
CA GLN B 211 74.23 -38.81 -14.52
C GLN B 211 72.74 -39.05 -14.55
N THR B 212 72.25 -39.75 -15.57
CA THR B 212 70.82 -40.04 -15.65
C THR B 212 70.37 -40.93 -14.49
N THR B 213 71.21 -41.90 -14.12
CA THR B 213 70.85 -42.80 -13.01
C THR B 213 71.01 -42.11 -11.66
N ALA B 214 71.91 -41.14 -11.54
CA ALA B 214 72.12 -40.46 -10.27
C ALA B 214 71.06 -39.40 -9.99
N ILE B 215 70.52 -38.77 -11.04
CA ILE B 215 69.48 -37.76 -10.85
C ILE B 215 68.16 -38.42 -10.50
N MET B 216 67.73 -39.37 -11.34
CA MET B 216 66.44 -40.02 -11.11
C MET B 216 66.39 -40.71 -9.75
N ASP B 217 67.53 -41.22 -9.27
CA ASP B 217 67.53 -41.97 -8.02
C ASP B 217 66.99 -41.13 -6.87
N MET B 218 67.68 -40.04 -6.54
CA MET B 218 67.29 -39.23 -5.39
C MET B 218 65.92 -38.59 -5.59
N LEU B 219 65.41 -38.54 -6.82
CA LEU B 219 64.09 -37.96 -7.03
C LEU B 219 62.98 -38.90 -6.57
N LEU B 220 63.14 -40.21 -6.80
CA LEU B 220 62.11 -41.19 -6.49
C LEU B 220 62.56 -42.19 -5.42
N ALA B 221 63.63 -41.88 -4.69
CA ALA B 221 64.11 -42.76 -3.62
C ALA B 221 63.32 -42.49 -2.35
N LYS B 222 62.55 -43.47 -1.91
CA LYS B 222 61.64 -43.26 -0.78
C LYS B 222 62.37 -42.78 0.47
N LYS B 223 63.67 -43.02 0.59
CA LYS B 223 64.42 -42.65 1.78
C LYS B 223 65.34 -41.45 1.57
N ARG B 224 65.75 -41.16 0.34
CA ARG B 224 66.63 -40.04 0.06
C ARG B 224 65.83 -38.76 -0.13
N SER B 225 65.00 -38.44 0.87
CA SER B 225 64.14 -37.26 0.79
C SER B 225 64.90 -36.01 1.24
N GLU B 226 65.71 -36.12 2.29
CA GLU B 226 66.48 -34.96 2.75
C GLU B 226 67.39 -34.44 1.64
N ASP B 227 68.00 -35.35 0.88
CA ASP B 227 68.79 -34.94 -0.28
C ASP B 227 67.95 -34.07 -1.21
N ARG B 228 66.70 -34.47 -1.46
CA ARG B 228 65.80 -33.63 -2.22
C ARG B 228 65.55 -32.31 -1.51
N ARG B 229 65.41 -32.35 -0.18
CA ARG B 229 65.23 -31.12 0.59
C ARG B 229 66.33 -30.12 0.30
N ASN B 230 67.58 -30.61 0.21
CA ASN B 230 68.69 -29.74 -0.15
C ASN B 230 68.66 -29.40 -1.65
N TRP B 231 68.11 -30.29 -2.47
CA TRP B 231 68.08 -30.05 -3.91
C TRP B 231 67.16 -28.87 -4.25
N LEU B 232 65.98 -28.81 -3.63
CA LEU B 232 65.04 -27.75 -3.96
C LEU B 232 65.63 -26.37 -3.68
N GLN B 233 66.29 -26.20 -2.54
CA GLN B 233 66.81 -24.89 -2.17
C GLN B 233 67.87 -24.42 -3.14
N GLU B 234 68.87 -25.25 -3.41
CA GLU B 234 69.96 -24.87 -4.29
C GLU B 234 69.45 -24.60 -5.72
N LYS B 235 68.66 -25.54 -6.26
CA LYS B 235 68.18 -25.40 -7.63
C LYS B 235 67.25 -24.20 -7.77
N GLY B 236 66.58 -23.80 -6.68
CA GLY B 236 65.67 -22.67 -6.74
C GLY B 236 66.33 -21.34 -7.00
N ASP B 237 67.61 -21.20 -6.67
CA ASP B 237 68.34 -19.96 -6.90
C ASP B 237 68.36 -19.59 -8.38
N GLU B 251 63.15 -32.23 -33.06
CA GLU B 251 63.66 -31.89 -31.73
C GLU B 251 63.63 -33.12 -30.82
N ARG B 252 64.63 -33.21 -29.94
CA ARG B 252 64.72 -34.32 -29.00
C ARG B 252 65.44 -33.84 -27.75
N LEU B 253 64.95 -34.28 -26.59
CA LEU B 253 65.49 -33.88 -25.31
C LEU B 253 66.09 -35.09 -24.59
N ALA B 254 66.88 -34.81 -23.56
CA ALA B 254 67.50 -35.86 -22.76
C ALA B 254 66.50 -36.38 -21.74
N LEU B 255 66.55 -37.69 -21.50
CA LEU B 255 65.62 -38.30 -20.55
C LEU B 255 65.91 -37.84 -19.13
N HIS B 256 67.18 -37.64 -18.79
CA HIS B 256 67.51 -37.23 -17.43
C HIS B 256 67.17 -35.77 -17.19
N GLU B 257 67.42 -34.92 -18.20
CA GLU B 257 67.07 -33.51 -18.07
C GLU B 257 65.56 -33.35 -17.95
N PHE B 258 64.80 -34.07 -18.77
CA PHE B 258 63.36 -34.07 -18.61
C PHE B 258 62.95 -34.67 -17.27
N THR B 259 63.70 -35.66 -16.79
CA THR B 259 63.39 -36.28 -15.51
C THR B 259 63.69 -35.36 -14.33
N GLU B 260 64.58 -34.37 -14.51
CA GLU B 260 64.94 -33.46 -13.44
C GLU B 260 64.04 -32.23 -13.41
N ASN B 261 63.98 -31.50 -14.54
CA ASN B 261 63.23 -30.25 -14.57
C ASN B 261 61.73 -30.48 -14.37
N ALA B 262 61.23 -31.67 -14.73
CA ALA B 262 59.82 -31.96 -14.56
C ALA B 262 59.45 -32.22 -13.10
N TYR B 263 60.31 -32.96 -12.38
CA TYR B 263 60.01 -33.31 -10.99
C TYR B 263 60.22 -32.15 -10.04
N LEU B 264 60.94 -31.11 -10.47
CA LEU B 264 61.06 -29.90 -9.67
C LEU B 264 59.82 -29.02 -9.79
N ASN B 265 59.28 -28.88 -11.01
CA ASN B 265 58.04 -28.15 -11.18
C ASN B 265 56.92 -28.75 -10.36
N TYR B 266 56.99 -30.05 -10.09
CA TYR B 266 56.04 -30.67 -9.18
C TYR B 266 56.47 -30.53 -7.73
N SER B 267 57.78 -30.63 -7.48
CA SER B 267 58.27 -30.51 -6.11
C SER B 267 57.96 -29.12 -5.54
N MET B 268 58.08 -28.08 -6.36
CA MET B 268 57.77 -26.74 -5.90
C MET B 268 56.26 -26.48 -5.89
N TYR B 269 55.51 -27.12 -6.80
CA TYR B 269 54.08 -26.91 -6.83
C TYR B 269 53.39 -27.51 -5.61
N VAL B 270 53.84 -28.69 -5.17
CA VAL B 270 53.22 -29.32 -4.01
C VAL B 270 53.62 -28.60 -2.72
N ILE B 271 54.90 -28.24 -2.61
CA ILE B 271 55.36 -27.55 -1.40
C ILE B 271 54.65 -26.21 -1.25
N MET B 272 54.25 -25.59 -2.36
CA MET B 272 53.66 -24.26 -2.32
C MET B 272 52.14 -24.31 -2.28
N ASP B 273 51.52 -24.90 -3.30
CA ASP B 273 50.10 -24.71 -3.57
C ASP B 273 49.25 -25.95 -3.28
N ARG B 274 49.78 -26.92 -2.56
CA ARG B 274 48.92 -28.05 -2.19
C ARG B 274 49.02 -28.44 -0.72
N ALA B 275 50.20 -28.40 -0.13
CA ALA B 275 50.42 -29.05 1.16
C ALA B 275 50.85 -28.11 2.26
N LEU B 276 51.66 -27.12 1.95
CA LEU B 276 52.12 -26.20 2.98
C LEU B 276 51.10 -25.07 3.17
N PRO B 277 50.64 -24.81 4.39
CA PRO B 277 49.69 -23.72 4.62
C PRO B 277 50.41 -22.37 4.70
N PHE B 278 49.62 -21.33 4.99
CA PHE B 278 50.10 -19.95 5.00
C PHE B 278 50.02 -19.39 6.41
N ILE B 279 51.10 -18.72 6.84
CA ILE B 279 51.18 -18.17 8.19
C ILE B 279 49.93 -17.33 8.49
N GLY B 280 49.59 -16.41 7.59
CA GLY B 280 48.51 -15.47 7.83
C GLY B 280 47.22 -16.10 8.28
N ASP B 281 46.59 -16.89 7.40
CA ASP B 281 45.30 -17.49 7.69
C ASP B 281 45.38 -19.00 7.92
N GLY B 282 46.57 -19.59 7.85
CA GLY B 282 46.72 -21.00 8.12
C GLY B 282 45.80 -21.88 7.29
N LEU B 283 45.82 -21.70 5.98
CA LEU B 283 44.95 -22.46 5.09
C LEU B 283 45.71 -22.82 3.81
N LYS B 284 45.23 -23.87 3.17
CA LYS B 284 45.74 -24.34 1.90
C LYS B 284 44.94 -23.76 0.75
N PRO B 285 45.52 -23.70 -0.46
CA PRO B 285 44.75 -23.20 -1.60
C PRO B 285 43.41 -23.89 -1.77
N VAL B 286 43.33 -25.19 -1.47
CA VAL B 286 42.03 -25.87 -1.47
C VAL B 286 41.13 -25.36 -0.36
N GLN B 287 41.67 -24.62 0.61
CA GLN B 287 40.90 -24.15 1.75
C GLN B 287 40.48 -22.68 1.62
N ARG B 288 41.26 -21.83 0.95
CA ARG B 288 40.75 -20.51 0.60
C ARG B 288 39.48 -20.65 -0.22
N ARG B 289 39.57 -21.39 -1.32
CA ARG B 289 38.55 -21.36 -2.36
C ARG B 289 37.24 -21.95 -1.88
N ILE B 290 37.30 -23.06 -1.13
CA ILE B 290 36.09 -23.59 -0.52
C ILE B 290 35.44 -22.54 0.36
N VAL B 291 36.23 -21.90 1.23
CA VAL B 291 35.69 -20.89 2.13
C VAL B 291 35.25 -19.67 1.35
N TYR B 292 36.16 -19.11 0.54
CA TYR B 292 35.85 -17.89 -0.20
C TYR B 292 34.62 -18.07 -1.07
N ALA B 293 34.50 -19.22 -1.75
CA ALA B 293 33.35 -19.43 -2.62
C ALA B 293 32.06 -19.51 -1.81
N MET B 294 32.10 -20.16 -0.64
CA MET B 294 30.91 -20.22 0.19
C MET B 294 30.53 -18.82 0.67
N SER B 295 31.51 -18.00 1.04
CA SER B 295 31.22 -16.62 1.40
C SER B 295 30.70 -15.84 0.20
N GLU B 296 31.26 -16.10 -0.98
CA GLU B 296 30.81 -15.41 -2.18
C GLU B 296 29.44 -15.89 -2.61
N LEU B 297 29.11 -17.16 -2.35
CA LEU B 297 27.75 -17.65 -2.53
C LEU B 297 26.79 -17.17 -1.45
N GLY B 298 27.27 -16.42 -0.46
CA GLY B 298 26.42 -15.92 0.60
C GLY B 298 26.09 -16.92 1.69
N LEU B 299 26.76 -18.07 1.70
CA LEU B 299 26.49 -19.13 2.69
C LEU B 299 27.20 -18.80 4.01
N ASN B 300 26.76 -17.71 4.63
CA ASN B 300 27.33 -17.27 5.89
C ASN B 300 26.69 -18.04 7.05
N ALA B 301 27.14 -17.73 8.27
CA ALA B 301 26.69 -18.48 9.44
C ALA B 301 25.19 -18.37 9.65
N SER B 302 24.52 -17.40 9.02
CA SER B 302 23.09 -17.22 9.18
C SER B 302 22.28 -17.73 7.99
N ALA B 303 22.88 -17.81 6.80
CA ALA B 303 22.17 -18.25 5.63
C ALA B 303 21.65 -19.68 5.81
N LYS B 304 20.65 -20.03 5.03
CA LYS B 304 20.13 -21.40 5.05
C LYS B 304 21.14 -22.34 4.41
N PHE B 305 21.18 -23.56 4.92
CA PHE B 305 22.08 -24.57 4.38
C PHE B 305 21.84 -24.76 2.89
N LYS B 306 22.94 -24.88 2.14
CA LYS B 306 22.88 -25.11 0.71
C LYS B 306 23.51 -26.46 0.37
N LYS B 307 22.97 -27.11 -0.65
CA LYS B 307 23.47 -28.42 -1.06
C LYS B 307 24.98 -28.36 -1.29
N SER B 308 25.69 -29.33 -0.72
CA SER B 308 27.15 -29.33 -0.79
C SER B 308 27.63 -29.40 -2.24
N ALA B 309 26.94 -30.17 -3.08
CA ALA B 309 27.35 -30.29 -4.47
C ALA B 309 27.51 -28.93 -5.12
N ARG B 310 26.54 -28.05 -4.92
CA ARG B 310 26.62 -26.71 -5.51
C ARG B 310 27.87 -25.99 -5.04
N THR B 311 28.17 -26.06 -3.74
CA THR B 311 29.38 -25.43 -3.22
C THR B 311 30.61 -25.95 -3.97
N VAL B 312 30.74 -27.28 -4.04
CA VAL B 312 31.88 -27.86 -4.73
C VAL B 312 31.89 -27.46 -6.19
N GLY B 313 30.74 -27.52 -6.84
CA GLY B 313 30.68 -27.14 -8.25
C GLY B 313 31.22 -25.75 -8.50
N ASP B 314 30.90 -24.80 -7.61
CA ASP B 314 31.38 -23.44 -7.78
C ASP B 314 32.86 -23.32 -7.46
N VAL B 315 33.36 -24.09 -6.49
CA VAL B 315 34.78 -24.03 -6.16
C VAL B 315 35.62 -24.54 -7.30
N LEU B 316 35.16 -25.60 -7.99
CA LEU B 316 35.92 -26.14 -9.10
C LEU B 316 35.69 -25.36 -10.39
N GLY B 317 34.45 -24.98 -10.67
CA GLY B 317 34.15 -24.30 -11.91
C GLY B 317 34.74 -22.90 -12.01
N LYS B 318 35.09 -22.30 -10.87
CA LYS B 318 35.60 -20.93 -10.86
C LYS B 318 37.05 -20.81 -10.46
N TYR B 319 37.49 -21.55 -9.44
CA TYR B 319 38.74 -21.26 -8.75
C TYR B 319 39.71 -22.43 -8.68
N HIS B 320 39.23 -23.65 -8.46
CA HIS B 320 40.06 -24.78 -8.07
C HIS B 320 39.92 -25.93 -9.04
N PRO B 321 40.69 -25.96 -10.13
CA PRO B 321 40.54 -27.01 -11.16
C PRO B 321 41.22 -28.33 -10.77
N HIS B 322 40.57 -29.07 -9.89
CA HIS B 322 41.10 -30.34 -9.40
C HIS B 322 39.94 -31.27 -9.10
N GLY B 323 40.21 -32.34 -8.37
CA GLY B 323 39.22 -33.39 -8.20
C GLY B 323 37.99 -32.92 -7.45
N ASP B 324 36.82 -33.41 -7.89
CA ASP B 324 35.56 -33.06 -7.25
C ASP B 324 35.36 -33.85 -5.96
N SER B 325 35.63 -35.16 -5.99
CA SER B 325 35.55 -35.95 -4.78
C SER B 325 36.63 -35.53 -3.79
N ALA B 326 37.86 -35.31 -4.29
CA ALA B 326 38.94 -34.88 -3.43
C ALA B 326 38.61 -33.56 -2.74
N CYS B 327 37.97 -32.64 -3.46
CA CYS B 327 37.59 -31.36 -2.87
C CYS B 327 36.54 -31.55 -1.78
N TYR B 328 35.56 -32.43 -2.01
CA TYR B 328 34.57 -32.70 -0.98
C TYR B 328 35.15 -33.49 0.19
N GLU B 329 36.25 -34.22 -0.03
CA GLU B 329 36.95 -34.85 1.09
C GLU B 329 37.50 -33.78 2.03
N ALA B 330 38.00 -32.67 1.47
CA ALA B 330 38.56 -31.60 2.30
C ALA B 330 37.48 -30.76 2.97
N MET B 331 36.31 -30.61 2.33
CA MET B 331 35.24 -29.84 2.94
C MET B 331 34.59 -30.60 4.09
N VAL B 332 34.65 -31.94 4.05
CA VAL B 332 34.17 -32.73 5.17
C VAL B 332 35.08 -32.55 6.38
N LEU B 333 36.39 -32.50 6.16
CA LEU B 333 37.33 -32.30 7.27
C LEU B 333 37.14 -30.93 7.91
N MET B 334 36.67 -29.95 7.16
CA MET B 334 36.45 -28.62 7.71
C MET B 334 35.14 -28.52 8.49
N ALA B 335 34.17 -29.37 8.20
CA ALA B 335 32.89 -29.34 8.88
C ALA B 335 32.86 -30.23 10.12
N GLN B 336 33.65 -31.30 10.12
CA GLN B 336 33.64 -32.27 11.21
C GLN B 336 34.17 -31.68 12.51
N PRO B 337 33.33 -31.57 13.56
CA PRO B 337 33.80 -30.95 14.81
C PRO B 337 34.88 -31.73 15.53
N PHE B 338 35.15 -32.99 15.08
CA PHE B 338 36.16 -33.82 15.73
C PHE B 338 37.43 -34.09 14.88
N SER B 339 37.58 -33.52 13.68
CA SER B 339 38.87 -33.47 12.99
C SER B 339 39.55 -32.11 13.19
N TYR B 340 38.85 -31.02 12.85
CA TYR B 340 39.29 -29.69 13.26
C TYR B 340 38.83 -29.38 14.68
N ARG B 341 39.67 -28.62 15.40
CA ARG B 341 39.29 -28.14 16.72
C ARG B 341 38.22 -27.07 16.63
N TYR B 342 38.40 -26.12 15.73
CA TYR B 342 37.45 -25.01 15.50
C TYR B 342 36.98 -25.10 14.06
N PRO B 343 35.83 -25.75 13.82
CA PRO B 343 35.42 -25.99 12.43
C PRO B 343 35.13 -24.70 11.68
N LEU B 344 35.38 -24.74 10.37
CA LEU B 344 35.05 -23.64 9.48
C LEU B 344 33.67 -23.78 8.86
N VAL B 345 33.07 -24.97 8.93
CA VAL B 345 31.84 -25.29 8.21
C VAL B 345 30.86 -25.96 9.17
N ASP B 346 29.57 -25.75 8.90
CA ASP B 346 28.49 -26.50 9.53
C ASP B 346 27.63 -27.10 8.44
N GLY B 347 27.08 -28.28 8.70
CA GLY B 347 26.33 -29.00 7.69
C GLY B 347 25.14 -29.73 8.27
N GLN B 348 24.30 -30.22 7.36
CA GLN B 348 23.13 -31.02 7.71
C GLN B 348 23.16 -32.29 6.87
N GLY B 349 23.18 -33.44 7.56
CA GLY B 349 23.24 -34.75 6.94
C GLY B 349 24.31 -35.61 7.59
N ASN B 350 24.59 -36.74 6.97
CA ASN B 350 25.60 -37.67 7.48
C ASN B 350 26.97 -37.13 7.11
N TRP B 351 27.62 -36.48 8.08
CA TRP B 351 28.98 -35.96 7.91
C TRP B 351 30.03 -36.86 8.55
N GLY B 352 29.69 -38.11 8.84
CA GLY B 352 30.64 -39.06 9.40
C GLY B 352 30.40 -39.28 10.88
N ALA B 353 31.23 -40.16 11.43
CA ALA B 353 31.14 -40.56 12.82
C ALA B 353 32.54 -40.64 13.40
N PRO B 354 32.67 -40.64 14.74
CA PRO B 354 34.02 -40.76 15.34
C PRO B 354 34.72 -42.06 15.00
N ASP B 355 33.98 -43.17 14.91
CA ASP B 355 34.62 -44.45 14.61
C ASP B 355 35.28 -44.41 13.23
N ASP B 356 34.59 -43.86 12.23
CA ASP B 356 35.14 -43.72 10.88
C ASP B 356 34.71 -42.37 10.30
N PRO B 357 35.59 -41.38 10.31
CA PRO B 357 35.23 -40.08 9.73
C PRO B 357 34.90 -40.14 8.25
N LYS B 358 35.05 -41.30 7.60
CA LYS B 358 34.82 -41.44 6.18
C LYS B 358 33.49 -42.10 5.85
N SER B 359 32.61 -42.25 6.84
CA SER B 359 31.32 -42.90 6.69
C SER B 359 30.24 -41.87 6.39
N PHE B 360 30.60 -40.81 5.69
CA PHE B 360 29.77 -39.64 5.49
C PHE B 360 28.93 -39.73 4.20
N ALA B 361 27.90 -38.87 4.16
CA ALA B 361 26.99 -38.93 3.03
C ALA B 361 27.58 -38.17 1.85
N ALA B 362 27.23 -38.62 0.64
CA ALA B 362 27.73 -37.97 -0.56
C ALA B 362 27.40 -36.49 -0.55
N MET B 363 28.14 -35.73 -1.35
CA MET B 363 27.90 -34.29 -1.41
C MET B 363 26.50 -33.99 -1.94
N ARG B 364 25.94 -34.89 -2.75
CA ARG B 364 24.61 -34.70 -3.31
C ARG B 364 23.51 -34.75 -2.25
N TYR B 365 23.82 -35.19 -1.03
CA TYR B 365 22.82 -35.34 0.01
C TYR B 365 23.06 -34.44 1.22
N THR B 366 24.28 -33.95 1.41
CA THR B 366 24.59 -33.07 2.54
C THR B 366 24.51 -31.61 2.09
N GLU B 367 23.90 -30.80 2.94
CA GLU B 367 23.86 -29.35 2.77
C GLU B 367 24.82 -28.73 3.76
N SER B 368 25.55 -27.70 3.32
CA SER B 368 26.62 -27.11 4.12
C SER B 368 26.59 -25.59 4.01
N ARG B 369 26.98 -24.95 5.11
CA ARG B 369 27.15 -23.51 5.18
C ARG B 369 28.36 -23.22 6.05
N LEU B 370 28.80 -21.96 6.05
CA LEU B 370 29.90 -21.56 6.91
C LEU B 370 29.43 -21.50 8.36
N SER B 371 30.40 -21.38 9.26
CA SER B 371 30.16 -21.38 10.70
C SER B 371 30.46 -20.02 11.30
N LYS B 372 30.06 -19.86 12.55
CA LYS B 372 30.36 -18.61 13.25
C LYS B 372 31.86 -18.34 13.26
N TYR B 373 32.66 -19.37 13.55
CA TYR B 373 34.11 -19.20 13.55
C TYR B 373 34.62 -18.70 12.21
N ALA B 374 33.98 -19.10 11.11
CA ALA B 374 34.48 -18.73 9.79
C ALA B 374 34.55 -17.22 9.61
N GLU B 375 33.76 -16.46 10.39
CA GLU B 375 33.76 -15.01 10.26
C GLU B 375 35.13 -14.40 10.53
N LEU B 376 35.97 -15.09 11.31
CA LEU B 376 37.30 -14.58 11.64
C LEU B 376 38.25 -14.56 10.44
N LEU B 377 37.82 -15.05 9.28
CA LEU B 377 38.66 -15.07 8.08
C LEU B 377 38.12 -14.25 6.93
N LEU B 378 36.89 -13.76 7.02
CA LEU B 378 36.20 -13.20 5.87
C LEU B 378 35.60 -11.81 6.13
N SER B 379 35.23 -11.55 7.38
CA SER B 379 34.54 -10.30 7.69
C SER B 379 35.31 -9.10 7.16
N GLU B 380 36.63 -9.13 7.26
CA GLU B 380 37.47 -8.03 6.79
C GLU B 380 37.95 -8.20 5.36
N LEU B 381 37.26 -9.03 4.58
CA LEU B 381 37.69 -9.31 3.22
C LEU B 381 37.32 -8.20 2.24
N GLY B 382 36.29 -7.42 2.53
CA GLY B 382 35.83 -6.35 1.67
C GLY B 382 36.40 -4.98 1.95
N GLN B 383 37.38 -4.87 2.86
CA GLN B 383 37.99 -3.60 3.22
C GLN B 383 39.38 -3.44 2.60
N GLY B 384 39.57 -3.92 1.37
CA GLY B 384 40.87 -3.77 0.73
C GLY B 384 42.03 -4.19 1.60
N THR B 385 41.86 -5.25 2.40
CA THR B 385 42.88 -5.67 3.34
C THR B 385 43.84 -6.70 2.78
N VAL B 386 43.50 -7.35 1.67
CA VAL B 386 44.28 -8.45 1.14
C VAL B 386 44.53 -8.23 -0.35
N ASP B 387 45.57 -8.89 -0.85
CA ASP B 387 45.87 -8.87 -2.28
C ASP B 387 44.90 -9.76 -3.04
N TRP B 388 44.93 -9.64 -4.36
CA TRP B 388 43.95 -10.30 -5.23
C TRP B 388 44.65 -10.71 -6.52
N VAL B 389 44.59 -12.00 -6.84
CA VAL B 389 45.20 -12.55 -8.06
C VAL B 389 44.09 -13.14 -8.89
N PRO B 390 44.27 -13.24 -10.22
CA PRO B 390 43.23 -13.88 -11.05
C PRO B 390 43.13 -15.36 -10.79
N ASN B 391 42.04 -15.95 -11.29
CA ASN B 391 41.81 -17.39 -11.13
C ASN B 391 42.61 -18.16 -12.17
N PHE B 392 42.31 -19.45 -12.32
CA PHE B 392 43.06 -20.29 -13.25
C PHE B 392 42.76 -19.97 -14.70
N ASP B 393 41.65 -19.29 -15.00
CA ASP B 393 41.29 -18.97 -16.39
C ASP B 393 41.03 -17.49 -16.60
N GLY B 394 41.47 -16.64 -15.66
CA GLY B 394 41.37 -15.20 -15.83
C GLY B 394 39.98 -14.62 -15.83
N THR B 395 38.94 -15.45 -15.70
CA THR B 395 37.58 -14.94 -15.76
C THR B 395 37.11 -14.34 -14.44
N LEU B 396 37.77 -14.67 -13.33
CA LEU B 396 37.34 -14.19 -12.02
C LEU B 396 38.51 -13.63 -11.23
N GLN B 397 38.27 -13.28 -9.97
CA GLN B 397 39.24 -12.61 -9.11
C GLN B 397 39.16 -13.26 -7.74
N GLU B 398 40.19 -13.98 -7.33
CA GLU B 398 40.20 -14.66 -6.04
C GLU B 398 41.21 -14.03 -5.09
N PRO B 399 41.00 -14.16 -3.78
CA PRO B 399 41.94 -13.56 -2.82
C PRO B 399 43.15 -14.44 -2.58
N LYS B 400 44.33 -13.81 -2.51
CA LYS B 400 45.55 -14.56 -2.24
C LYS B 400 45.59 -15.05 -0.79
N MET B 401 45.34 -14.15 0.16
CA MET B 401 45.28 -14.46 1.58
C MET B 401 43.85 -14.29 2.06
N LEU B 402 43.66 -14.44 3.37
CA LEU B 402 42.40 -14.06 4.00
C LEU B 402 42.72 -13.24 5.26
N PRO B 403 41.99 -12.16 5.50
CA PRO B 403 42.30 -11.33 6.67
C PRO B 403 41.92 -12.01 7.97
N ALA B 404 42.71 -12.99 8.37
CA ALA B 404 42.44 -13.70 9.61
C ALA B 404 42.51 -12.75 10.79
N ARG B 405 41.53 -12.86 11.69
CA ARG B 405 41.50 -12.05 12.90
C ARG B 405 42.06 -12.80 14.11
N LEU B 406 42.50 -14.03 13.95
CA LEU B 406 43.23 -14.75 14.99
C LEU B 406 44.18 -15.72 14.30
N PRO B 407 45.21 -16.19 15.03
CA PRO B 407 46.23 -17.04 14.39
C PRO B 407 45.70 -18.39 13.99
N ASN B 408 44.96 -18.44 12.88
CA ASN B 408 44.36 -19.70 12.44
C ASN B 408 45.39 -20.80 12.27
N ILE B 409 46.60 -20.44 11.81
CA ILE B 409 47.66 -21.45 11.62
C ILE B 409 47.87 -22.25 12.89
N LEU B 410 47.72 -21.62 14.06
CA LEU B 410 47.86 -22.31 15.32
C LEU B 410 46.52 -22.76 15.91
N LEU B 411 45.41 -22.19 15.47
CA LEU B 411 44.12 -22.53 16.07
C LEU B 411 43.64 -23.90 15.60
N ASN B 412 43.91 -24.25 14.34
CA ASN B 412 43.52 -25.55 13.80
C ASN B 412 44.69 -26.38 13.33
N GLY B 413 45.75 -25.77 12.82
CA GLY B 413 46.91 -26.53 12.35
C GLY B 413 46.60 -27.32 11.10
N THR B 414 47.62 -28.02 10.61
CA THR B 414 47.50 -28.76 9.37
C THR B 414 48.32 -30.03 9.46
N THR B 415 48.12 -30.91 8.49
CA THR B 415 48.86 -32.16 8.38
C THR B 415 49.08 -32.42 6.89
N GLY B 416 50.24 -32.01 6.37
CA GLY B 416 50.51 -32.04 4.95
C GLY B 416 51.73 -32.87 4.57
N ILE B 417 51.83 -33.21 3.29
CA ILE B 417 52.91 -34.04 2.78
C ILE B 417 53.35 -33.43 1.45
N ALA B 418 54.51 -32.79 1.43
CA ALA B 418 55.02 -32.19 0.21
C ALA B 418 56.04 -33.12 -0.44
N VAL B 419 56.72 -32.63 -1.47
CA VAL B 419 57.81 -33.35 -2.11
C VAL B 419 59.10 -32.71 -1.59
N GLY B 420 59.72 -33.35 -0.61
CA GLY B 420 60.91 -32.85 0.04
C GLY B 420 60.69 -32.38 1.46
N MET B 421 59.45 -32.25 1.90
CA MET B 421 59.15 -31.80 3.25
C MET B 421 57.71 -32.14 3.58
N ALA B 422 57.34 -31.92 4.84
CA ALA B 422 56.00 -32.21 5.33
C ALA B 422 55.63 -31.15 6.36
N THR B 423 54.37 -31.20 6.81
CA THR B 423 53.87 -30.25 7.79
C THR B 423 52.95 -30.97 8.77
N ASP B 424 53.06 -30.59 10.06
CA ASP B 424 52.22 -31.16 11.11
C ASP B 424 52.13 -30.12 12.22
N ILE B 425 51.01 -29.42 12.30
CA ILE B 425 50.76 -28.38 13.28
C ILE B 425 49.59 -28.80 14.14
N PRO B 426 49.76 -29.01 15.44
CA PRO B 426 48.63 -29.40 16.29
C PRO B 426 47.69 -28.22 16.51
N PRO B 427 46.44 -28.49 16.88
CA PRO B 427 45.52 -27.40 17.23
C PRO B 427 45.85 -26.82 18.59
N HIS B 428 45.27 -25.65 18.86
CA HIS B 428 45.51 -24.93 20.09
C HIS B 428 44.22 -24.31 20.59
N ASN B 429 44.19 -24.01 21.90
CA ASN B 429 43.06 -23.31 22.48
C ASN B 429 43.02 -21.87 21.96
N LEU B 430 41.82 -21.42 21.58
CA LEU B 430 41.67 -20.08 21.04
C LEU B 430 41.99 -19.02 22.08
N ARG B 431 41.41 -19.14 23.27
CA ARG B 431 41.63 -18.13 24.30
C ARG B 431 43.08 -18.07 24.73
N GLU B 432 43.75 -19.22 24.79
CA GLU B 432 45.15 -19.22 25.22
C GLU B 432 46.05 -18.63 24.16
N VAL B 433 45.84 -19.00 22.89
CA VAL B 433 46.63 -18.38 21.82
C VAL B 433 46.33 -16.89 21.76
N ALA B 434 45.08 -16.50 22.04
CA ALA B 434 44.72 -15.10 21.99
C ALA B 434 45.48 -14.30 23.04
N LYS B 435 45.36 -14.69 24.31
CA LYS B 435 46.06 -13.98 25.37
C LYS B 435 47.57 -13.96 25.13
N ALA B 436 48.10 -15.03 24.54
CA ALA B 436 49.52 -15.04 24.19
C ALA B 436 49.81 -13.96 23.15
N ALA B 437 48.95 -13.84 22.13
CA ALA B 437 49.13 -12.78 21.15
C ALA B 437 49.06 -11.40 21.82
N ILE B 438 48.18 -11.25 22.81
CA ILE B 438 48.01 -9.96 23.47
C ILE B 438 49.24 -9.63 24.30
N THR B 439 49.77 -10.60 25.06
CA THR B 439 50.93 -10.34 25.90
C THR B 439 52.16 -10.07 25.04
N LEU B 440 52.25 -10.67 23.85
CA LEU B 440 53.38 -10.41 22.97
C LEU B 440 53.36 -8.98 22.43
N ILE B 441 52.18 -8.35 22.35
CA ILE B 441 52.09 -6.97 21.88
C ILE B 441 52.39 -5.99 23.01
N GLU B 442 51.79 -6.22 24.18
CA GLU B 442 52.03 -5.34 25.32
C GLU B 442 53.50 -5.33 25.71
N GLN B 443 54.14 -6.51 25.72
CA GLN B 443 55.57 -6.65 26.04
C GLN B 443 56.23 -7.36 24.87
N PRO B 444 56.79 -6.62 23.90
CA PRO B 444 57.43 -7.29 22.75
C PRO B 444 58.60 -8.16 23.13
N LYS B 445 59.26 -7.91 24.26
CA LYS B 445 60.43 -8.68 24.66
C LYS B 445 60.05 -9.98 25.39
N THR B 446 58.82 -10.45 25.26
CA THR B 446 58.41 -11.68 25.93
C THR B 446 59.20 -12.87 25.39
N THR B 447 59.61 -13.75 26.28
CA THR B 447 60.40 -14.91 25.92
C THR B 447 59.47 -16.12 25.69
N LEU B 448 60.07 -17.25 25.29
CA LEU B 448 59.29 -18.45 25.03
C LEU B 448 58.76 -19.05 26.32
N ASP B 449 59.57 -19.03 27.40
CA ASP B 449 59.10 -19.57 28.66
C ASP B 449 57.96 -18.74 29.23
N GLU B 450 57.96 -17.44 28.98
CA GLU B 450 56.82 -16.61 29.38
C GLU B 450 55.60 -16.90 28.51
N LEU B 451 55.81 -17.25 27.24
CA LEU B 451 54.69 -17.62 26.38
C LEU B 451 54.08 -18.95 26.83
N LEU B 452 54.91 -19.89 27.28
CA LEU B 452 54.42 -21.22 27.66
C LEU B 452 53.66 -21.22 28.97
N ASP B 453 53.71 -20.13 29.74
CA ASP B 453 52.91 -20.05 30.96
C ASP B 453 51.43 -19.83 30.68
N ILE B 454 51.08 -19.44 29.46
CA ILE B 454 49.69 -19.23 29.06
C ILE B 454 49.24 -20.25 28.03
N VAL B 455 50.06 -20.48 27.00
CA VAL B 455 49.75 -21.46 25.96
C VAL B 455 50.34 -22.79 26.44
N GLN B 456 49.51 -23.57 27.15
CA GLN B 456 49.97 -24.83 27.72
C GLN B 456 50.52 -25.75 26.63
N GLY B 457 49.82 -25.86 25.50
CA GLY B 457 50.24 -26.70 24.42
C GLY B 457 49.10 -27.05 23.50
N PRO B 458 49.19 -28.20 22.83
CA PRO B 458 48.12 -28.60 21.93
C PRO B 458 46.79 -28.77 22.66
N ASP B 459 45.70 -28.50 21.92
CA ASP B 459 44.34 -28.71 22.42
C ASP B 459 43.54 -29.40 21.31
N PHE B 460 43.52 -30.72 21.35
CA PHE B 460 42.79 -31.51 20.36
C PHE B 460 41.31 -31.58 20.72
N PRO B 461 40.46 -31.98 19.76
CA PRO B 461 39.02 -32.10 20.02
C PRO B 461 38.64 -33.41 20.72
N THR B 462 39.38 -33.74 21.78
CA THR B 462 39.09 -34.91 22.59
C THR B 462 39.33 -34.57 24.05
N GLU B 463 38.71 -35.35 24.94
CA GLU B 463 38.86 -35.17 26.37
C GLU B 463 40.08 -35.89 26.93
N ALA B 464 40.87 -36.55 26.08
CA ALA B 464 42.01 -37.31 26.54
C ALA B 464 43.15 -36.40 26.96
N GLU B 465 43.79 -36.73 28.08
CA GLU B 465 44.86 -35.90 28.60
C GLU B 465 46.12 -36.07 27.77
N ILE B 466 46.95 -35.03 27.79
CA ILE B 466 48.27 -35.06 27.16
C ILE B 466 49.28 -35.38 28.24
N ILE B 467 50.03 -36.48 28.05
CA ILE B 467 50.95 -36.96 29.06
C ILE B 467 52.40 -36.54 28.80
N THR B 468 52.64 -35.75 27.76
CA THR B 468 53.99 -35.30 27.48
C THR B 468 54.49 -34.39 28.59
N SER B 469 55.76 -34.53 28.95
CA SER B 469 56.35 -33.72 30.00
C SER B 469 56.28 -32.24 29.64
N ARG B 470 56.16 -31.40 30.67
CA ARG B 470 56.08 -29.96 30.43
C ARG B 470 57.35 -29.45 29.75
N ALA B 471 58.52 -29.91 30.21
CA ALA B 471 59.76 -29.53 29.57
C ALA B 471 59.90 -30.19 28.20
N GLU B 472 59.33 -31.38 28.02
CA GLU B 472 59.34 -32.01 26.71
C GLU B 472 58.61 -31.15 25.70
N ILE B 473 57.50 -30.53 26.10
CA ILE B 473 56.79 -29.60 25.22
C ILE B 473 57.64 -28.36 24.98
N ARG B 474 58.21 -27.78 26.05
CA ARG B 474 59.02 -26.59 25.91
C ARG B 474 60.12 -26.77 24.88
N LYS B 475 60.53 -28.00 24.60
CA LYS B 475 61.49 -28.25 23.54
C LYS B 475 60.83 -28.30 22.16
N ILE B 476 59.56 -28.74 22.10
CA ILE B 476 58.87 -28.82 20.82
C ILE B 476 58.58 -27.43 20.28
N TYR B 477 58.18 -26.52 21.16
CA TYR B 477 57.89 -25.13 20.79
C TYR B 477 59.14 -24.25 20.76
N GLN B 478 60.33 -24.82 20.99
CA GLN B 478 61.57 -24.08 20.91
C GLN B 478 62.47 -24.52 19.77
N ASN B 479 62.27 -25.72 19.22
CA ASN B 479 63.04 -26.20 18.09
C ASN B 479 62.23 -26.32 16.81
N GLY B 480 60.90 -26.35 16.92
CA GLY B 480 60.05 -26.38 15.75
C GLY B 480 59.57 -27.75 15.33
N ARG B 481 59.85 -28.78 16.12
CA ARG B 481 59.44 -30.14 15.76
C ARG B 481 59.19 -30.90 17.06
N GLY B 482 59.12 -32.22 16.95
CA GLY B 482 58.92 -33.08 18.11
C GLY B 482 57.63 -33.86 17.98
N SER B 483 57.25 -34.49 19.10
CA SER B 483 56.05 -35.29 19.16
C SER B 483 55.31 -34.97 20.46
N VAL B 484 54.06 -35.44 20.54
CA VAL B 484 53.25 -35.34 21.75
C VAL B 484 52.45 -36.63 21.86
N ARG B 485 52.03 -36.94 23.08
CA ARG B 485 51.32 -38.17 23.38
C ARG B 485 50.10 -37.88 24.24
N MET B 486 49.08 -38.71 24.08
CA MET B 486 47.84 -38.59 24.84
C MET B 486 47.36 -39.97 25.26
N ARG B 487 46.64 -40.03 26.38
CA ARG B 487 46.09 -41.26 26.91
C ARG B 487 44.60 -41.06 27.18
N ALA B 488 43.84 -42.12 26.97
CA ALA B 488 42.39 -42.05 27.13
C ALA B 488 42.02 -41.78 28.59
N VAL B 489 40.76 -41.43 28.80
CA VAL B 489 40.20 -41.18 30.11
C VAL B 489 39.30 -42.34 30.49
N TRP B 490 39.19 -42.60 31.79
CA TRP B 490 38.48 -43.76 32.30
C TRP B 490 37.72 -43.38 33.56
N SER B 491 36.93 -44.34 34.05
CA SER B 491 36.14 -44.16 35.27
C SER B 491 35.92 -45.54 35.89
N LYS B 492 35.26 -45.55 37.04
CA LYS B 492 34.96 -46.77 37.78
C LYS B 492 33.50 -46.78 38.23
N GLU B 493 32.60 -46.46 37.29
CA GLU B 493 31.18 -46.36 37.61
C GLU B 493 30.59 -47.76 37.80
N ASP B 494 30.14 -48.03 39.03
CA ASP B 494 29.45 -49.28 39.34
C ASP B 494 30.41 -50.49 39.27
N GLY B 495 31.63 -50.31 39.77
CA GLY B 495 32.58 -51.40 39.85
C GLY B 495 33.32 -51.67 38.56
N ALA B 496 32.62 -51.56 37.43
CA ALA B 496 33.22 -51.80 36.13
C ALA B 496 33.99 -50.58 35.65
N VAL B 497 35.00 -50.81 34.82
CA VAL B 497 35.80 -49.75 34.25
C VAL B 497 35.20 -49.35 32.91
N VAL B 498 34.93 -48.05 32.75
CA VAL B 498 34.35 -47.51 31.52
C VAL B 498 35.23 -46.36 31.06
N ILE B 499 35.57 -46.35 29.77
CA ILE B 499 36.38 -45.29 29.18
C ILE B 499 35.47 -44.16 28.76
N THR B 500 35.84 -42.93 29.11
CA THR B 500 35.01 -41.76 28.85
C THR B 500 35.40 -41.00 27.60
N ALA B 501 36.60 -41.26 27.05
CA ALA B 501 37.03 -40.61 25.83
C ALA B 501 38.37 -41.22 25.40
N LEU B 502 38.62 -41.20 24.09
CA LEU B 502 39.86 -41.72 23.54
C LEU B 502 40.65 -40.61 22.87
N PRO B 503 41.93 -40.83 22.54
CA PRO B 503 42.73 -39.78 21.90
C PRO B 503 42.16 -39.38 20.56
N HIS B 504 42.76 -38.34 19.98
CA HIS B 504 42.31 -37.85 18.69
C HIS B 504 42.73 -38.81 17.58
N GLN B 505 41.90 -38.88 16.54
CA GLN B 505 42.07 -39.78 15.40
C GLN B 505 42.09 -41.24 15.81
N VAL B 506 41.69 -41.56 17.03
CA VAL B 506 41.63 -42.93 17.52
C VAL B 506 40.17 -43.37 17.51
N SER B 507 39.87 -44.38 16.71
CA SER B 507 38.50 -44.86 16.57
C SER B 507 38.11 -45.70 17.78
N GLY B 508 36.87 -45.52 18.24
CA GLY B 508 36.38 -46.32 19.35
C GLY B 508 36.23 -47.79 18.99
N ALA B 509 35.72 -48.06 17.78
CA ALA B 509 35.58 -49.44 17.34
C ALA B 509 36.95 -50.09 17.14
N LYS B 510 37.96 -49.32 16.76
CA LYS B 510 39.28 -49.89 16.55
C LYS B 510 39.96 -50.23 17.87
N VAL B 511 39.80 -49.36 18.88
CA VAL B 511 40.39 -49.65 20.18
C VAL B 511 39.64 -50.80 20.85
N LEU B 512 38.32 -50.85 20.68
CA LEU B 512 37.55 -51.95 21.25
C LEU B 512 37.90 -53.27 20.58
N GLU B 513 38.07 -53.26 19.25
CA GLU B 513 38.47 -54.48 18.56
C GLU B 513 39.92 -54.86 18.87
N GLN B 514 40.75 -53.88 19.22
CA GLN B 514 42.13 -54.18 19.58
C GLN B 514 42.20 -54.80 20.98
N ILE B 515 41.33 -54.37 21.90
CA ILE B 515 41.29 -54.95 23.23
C ILE B 515 40.49 -56.24 23.29
N ALA B 516 39.75 -56.57 22.23
CA ALA B 516 38.97 -57.81 22.20
C ALA B 516 39.74 -58.97 21.57
N ALA B 517 40.52 -58.69 20.51
CA ALA B 517 41.30 -59.75 19.89
C ALA B 517 42.23 -60.41 20.89
N GLN B 518 42.80 -59.63 21.80
CA GLN B 518 43.62 -60.21 22.86
C GLN B 518 42.79 -61.06 23.81
N MET B 519 41.49 -60.77 23.91
CA MET B 519 40.62 -61.63 24.70
C MET B 519 40.36 -62.96 23.98
N ARG B 520 40.30 -62.94 22.64
CA ARG B 520 40.12 -64.16 21.88
C ARG B 520 41.36 -65.06 21.96
N ASN B 521 42.54 -64.45 21.98
CA ASN B 521 43.80 -65.20 22.07
C ASN B 521 44.11 -65.65 23.49
N LYS B 522 43.20 -65.44 24.44
CA LYS B 522 43.38 -65.86 25.82
C LYS B 522 44.65 -65.27 26.45
N LYS B 523 45.13 -64.15 25.93
CA LYS B 523 46.30 -63.48 26.48
C LYS B 523 45.95 -62.40 27.49
N LEU B 524 44.66 -62.15 27.71
CA LEU B 524 44.23 -61.11 28.66
C LEU B 524 44.17 -61.67 30.07
N PRO B 525 44.80 -61.02 31.06
CA PRO B 525 44.73 -61.56 32.42
C PRO B 525 43.31 -61.66 32.96
N MET B 526 42.45 -60.69 32.69
CA MET B 526 41.10 -60.67 33.25
C MET B 526 40.08 -61.29 32.30
N VAL B 527 40.20 -61.01 31.01
CA VAL B 527 39.34 -61.64 30.00
C VAL B 527 40.20 -62.55 29.12
N GLU B 533 29.74 -49.95 25.04
CA GLU B 533 28.43 -49.52 25.48
C GLU B 533 28.08 -48.13 24.96
N SER B 534 28.67 -47.77 23.83
CA SER B 534 28.43 -46.46 23.24
C SER B 534 26.98 -46.36 22.76
N ASP B 535 26.31 -45.29 23.16
CA ASP B 535 24.91 -45.09 22.82
C ASP B 535 24.71 -43.61 22.47
N HIS B 536 23.44 -43.20 22.38
CA HIS B 536 23.14 -41.81 22.03
C HIS B 536 23.41 -40.88 23.20
N GLU B 537 22.84 -41.19 24.37
CA GLU B 537 23.07 -40.35 25.55
C GLU B 537 24.54 -40.28 25.89
N ASN B 538 25.21 -41.43 25.95
CA ASN B 538 26.64 -41.50 26.22
C ASN B 538 27.36 -41.83 24.90
N PRO B 539 27.97 -40.86 24.22
CA PRO B 539 28.55 -41.15 22.91
C PRO B 539 29.65 -42.20 22.94
N THR B 540 30.68 -41.96 23.76
CA THR B 540 31.84 -42.85 23.84
C THR B 540 31.94 -43.40 25.26
N ARG B 541 31.46 -44.63 25.45
CA ARG B 541 31.56 -45.29 26.75
C ARG B 541 31.68 -46.80 26.49
N LEU B 542 32.90 -47.31 26.52
CA LEU B 542 33.15 -48.73 26.37
C LEU B 542 33.16 -49.37 27.75
N VAL B 543 32.36 -50.43 27.91
CA VAL B 543 32.18 -51.09 29.21
C VAL B 543 33.06 -52.33 29.25
N ILE B 544 33.86 -52.44 30.31
CA ILE B 544 34.72 -53.60 30.55
C ILE B 544 34.48 -54.05 31.98
N VAL B 545 33.84 -55.20 32.15
CA VAL B 545 33.46 -55.70 33.46
C VAL B 545 34.61 -56.55 34.00
N PRO B 546 35.16 -56.23 35.18
CA PRO B 546 36.22 -57.08 35.74
C PRO B 546 35.72 -58.50 35.98
N ARG B 547 36.68 -59.37 36.33
CA ARG B 547 36.38 -60.77 36.64
C ARG B 547 36.16 -60.99 38.13
N SER B 548 37.00 -60.38 38.97
CA SER B 548 36.87 -60.52 40.42
C SER B 548 37.33 -59.22 41.08
N ASN B 549 36.92 -59.05 42.33
CA ASN B 549 37.34 -57.87 43.08
C ASN B 549 38.84 -57.81 43.28
N ARG B 550 39.53 -58.95 43.14
CA ARG B 550 40.98 -58.99 43.31
C ARG B 550 41.73 -58.53 42.08
N VAL B 551 41.05 -58.31 40.95
CA VAL B 551 41.70 -57.87 39.73
C VAL B 551 41.91 -56.36 39.82
N ASP B 552 43.17 -55.94 39.96
CA ASP B 552 43.51 -54.51 40.08
C ASP B 552 43.43 -53.88 38.69
N MET B 553 42.26 -53.31 38.39
CA MET B 553 42.06 -52.66 37.10
C MET B 553 43.09 -51.57 36.85
N GLU B 554 43.66 -51.00 37.92
CA GLU B 554 44.68 -49.96 37.74
C GLU B 554 45.87 -50.48 36.93
N GLN B 555 46.22 -51.75 37.13
CA GLN B 555 47.30 -52.37 36.37
C GLN B 555 46.83 -52.94 35.05
N VAL B 556 45.54 -53.30 34.94
CA VAL B 556 45.03 -53.85 33.68
C VAL B 556 45.06 -52.79 32.60
N MET B 557 44.65 -51.57 32.91
CA MET B 557 44.65 -50.51 31.92
C MET B 557 46.06 -50.16 31.46
N ASN B 558 47.02 -50.16 32.40
CA ASN B 558 48.40 -49.83 32.05
C ASN B 558 48.90 -50.74 30.93
N HIS B 559 48.50 -52.01 30.94
CA HIS B 559 48.83 -52.90 29.84
C HIS B 559 48.02 -52.56 28.59
N LEU B 560 46.82 -51.99 28.78
CA LEU B 560 46.00 -51.63 27.64
C LEU B 560 46.54 -50.37 26.95
N PHE B 561 47.00 -49.40 27.73
CA PHE B 561 47.57 -48.19 27.13
C PHE B 561 48.78 -48.50 26.26
N ALA B 562 49.58 -49.50 26.65
CA ALA B 562 50.78 -49.85 25.91
C ALA B 562 50.50 -50.79 24.74
N THR B 563 49.36 -51.47 24.74
CA THR B 563 49.04 -52.42 23.67
C THR B 563 48.20 -51.76 22.58
N THR B 564 47.01 -51.27 22.94
CA THR B 564 46.08 -50.71 21.96
C THR B 564 46.45 -49.27 21.66
N ASP B 565 45.62 -48.59 20.86
CA ASP B 565 45.82 -47.19 20.54
C ASP B 565 45.34 -46.25 21.63
N LEU B 566 44.99 -46.76 22.81
CA LEU B 566 44.60 -45.89 23.89
C LEU B 566 45.71 -44.89 24.22
N GLU B 567 46.96 -45.26 23.95
CA GLU B 567 48.12 -44.37 24.12
C GLU B 567 48.80 -44.24 22.76
N LYS B 568 48.61 -43.08 22.13
CA LYS B 568 49.15 -42.82 20.81
C LYS B 568 50.08 -41.61 20.85
N SER B 569 50.97 -41.55 19.86
CA SER B 569 51.88 -40.42 19.68
C SER B 569 51.46 -39.61 18.46
N TYR B 570 51.85 -38.34 18.47
CA TYR B 570 51.51 -37.40 17.41
C TYR B 570 52.77 -36.67 16.97
N ARG B 571 52.96 -36.58 15.66
CA ARG B 571 54.12 -35.90 15.09
C ARG B 571 53.85 -34.41 14.98
N ILE B 572 54.82 -33.60 15.38
CA ILE B 572 54.72 -32.14 15.31
C ILE B 572 55.84 -31.66 14.40
N ASN B 573 55.46 -30.98 13.32
CA ASN B 573 56.42 -30.34 12.39
C ASN B 573 55.79 -29.00 12.01
N LEU B 574 56.14 -27.95 12.76
CA LEU B 574 55.57 -26.62 12.55
C LEU B 574 56.26 -25.97 11.35
N ASN B 575 55.99 -26.54 10.18
CA ASN B 575 56.48 -25.99 8.92
C ASN B 575 55.34 -25.31 8.18
N MET B 576 55.64 -24.16 7.58
CA MET B 576 54.61 -23.35 6.93
C MET B 576 55.27 -22.34 6.01
N ILE B 577 54.49 -21.80 5.09
CA ILE B 577 54.98 -20.81 4.14
C ILE B 577 54.80 -19.43 4.78
N GLY B 578 55.92 -18.81 5.16
CA GLY B 578 55.87 -17.54 5.84
C GLY B 578 55.48 -16.39 4.92
N LEU B 579 55.39 -15.21 5.53
CA LEU B 579 55.02 -14.01 4.79
C LEU B 579 55.99 -13.74 3.64
N ASP B 580 57.24 -14.19 3.77
CA ASP B 580 58.25 -14.03 2.74
C ASP B 580 58.02 -14.95 1.56
N GLY B 581 56.91 -15.70 1.51
CA GLY B 581 56.67 -16.62 0.43
C GLY B 581 57.56 -17.84 0.41
N ARG B 582 58.26 -18.13 1.50
CA ARG B 582 59.16 -19.26 1.59
C ARG B 582 58.75 -20.19 2.71
N PRO B 583 58.88 -21.49 2.54
CA PRO B 583 58.60 -22.41 3.65
C PRO B 583 59.74 -22.41 4.67
N ALA B 584 59.37 -22.62 5.92
CA ALA B 584 60.35 -22.68 6.99
C ALA B 584 59.67 -23.14 8.27
N VAL B 585 60.40 -23.91 9.07
CA VAL B 585 59.88 -24.41 10.34
C VAL B 585 59.99 -23.28 11.37
N LYS B 586 58.85 -22.82 11.84
CA LYS B 586 58.79 -21.78 12.86
C LYS B 586 58.58 -22.40 14.23
N ASN B 587 59.02 -21.70 15.26
CA ASN B 587 58.70 -22.04 16.64
C ASN B 587 57.57 -21.13 17.15
N LEU B 588 57.11 -21.43 18.37
CA LEU B 588 55.96 -20.72 18.90
C LEU B 588 56.17 -19.21 18.87
N LEU B 589 57.38 -18.75 19.21
CA LEU B 589 57.64 -17.32 19.26
C LEU B 589 57.72 -16.72 17.86
N GLU B 590 58.32 -17.45 16.92
CA GLU B 590 58.40 -16.93 15.55
C GLU B 590 57.05 -16.96 14.84
N ILE B 591 56.13 -17.83 15.27
CA ILE B 591 54.82 -17.88 14.64
C ILE B 591 53.95 -16.72 15.11
N LEU B 592 53.94 -16.45 16.41
CA LEU B 592 53.14 -15.34 16.91
C LEU B 592 53.75 -14.00 16.50
N SER B 593 55.08 -13.87 16.57
CA SER B 593 55.70 -12.61 16.22
C SER B 593 55.49 -12.27 14.74
N GLU B 594 55.43 -13.29 13.88
CA GLU B 594 55.22 -13.04 12.46
C GLU B 594 53.75 -12.87 12.11
N TRP B 595 52.85 -13.50 12.86
CA TRP B 595 51.42 -13.29 12.62
C TRP B 595 51.00 -11.88 12.98
N LEU B 596 51.56 -11.33 14.06
CA LEU B 596 51.20 -9.97 14.46
C LEU B 596 51.67 -8.95 13.43
N VAL B 597 52.79 -9.21 12.76
CA VAL B 597 53.19 -8.36 11.64
C VAL B 597 52.17 -8.45 10.52
N PHE B 598 51.62 -9.65 10.29
CA PHE B 598 50.56 -9.80 9.30
C PHE B 598 49.30 -9.08 9.76
N ARG B 599 48.83 -9.38 10.97
CA ARG B 599 47.59 -8.78 11.45
C ARG B 599 47.71 -7.27 11.50
N ARG B 600 48.82 -6.75 12.04
CA ARG B 600 48.98 -5.31 12.16
C ARG B 600 48.99 -4.64 10.79
N ASP B 601 49.41 -5.35 9.75
CA ASP B 601 49.36 -4.79 8.41
C ASP B 601 47.96 -4.92 7.81
N THR B 602 47.31 -6.06 7.99
CA THR B 602 45.94 -6.20 7.49
C THR B 602 45.00 -5.22 8.18
N VAL B 603 45.31 -4.83 9.41
CA VAL B 603 44.55 -3.77 10.06
C VAL B 603 45.02 -2.39 9.58
N ARG B 604 46.31 -2.25 9.29
CA ARG B 604 46.80 -1.03 8.65
C ARG B 604 46.09 -0.80 7.33
N ARG B 605 45.86 -1.87 6.57
CA ARG B 605 45.16 -1.77 5.29
C ARG B 605 43.64 -1.64 5.47
N ARG B 606 43.11 -2.08 6.60
CA ARG B 606 41.69 -1.92 6.89
C ARG B 606 41.36 -0.51 7.34
N LEU B 607 42.29 0.15 8.03
CA LEU B 607 42.05 1.50 8.53
C LEU B 607 42.19 2.55 7.43
N ASN B 608 43.27 2.48 6.65
CA ASN B 608 43.43 3.40 5.54
C ASN B 608 42.31 3.24 4.52
N HIS B 609 41.74 2.04 4.40
CA HIS B 609 40.62 1.84 3.49
C HIS B 609 39.39 2.61 3.97
N ARG B 610 39.00 2.41 5.24
CA ARG B 610 37.82 3.10 5.76
C ARG B 610 38.01 4.60 5.71
N LEU B 611 39.16 5.09 6.20
CA LEU B 611 39.42 6.53 6.15
C LEU B 611 39.29 7.04 4.72
N GLU B 612 39.81 6.29 3.75
CA GLU B 612 39.63 6.65 2.35
C GLU B 612 38.14 6.69 1.97
N LYS B 613 37.33 5.85 2.62
CA LYS B 613 35.89 5.87 2.36
C LYS B 613 35.19 6.95 3.15
N VAL B 614 35.71 7.31 4.33
CA VAL B 614 35.08 8.34 5.13
C VAL B 614 35.34 9.72 4.54
N LEU B 615 36.52 9.94 3.99
CA LEU B 615 36.86 11.26 3.45
C LEU B 615 36.07 11.56 2.18
N LYS B 616 36.01 10.61 1.25
CA LYS B 616 35.27 10.83 0.02
C LYS B 616 33.77 10.95 0.25
N ARG B 617 33.27 10.52 1.41
CA ARG B 617 31.88 10.76 1.75
C ARG B 617 31.68 12.16 2.29
N LEU B 618 32.54 12.57 3.24
CA LEU B 618 32.50 13.94 3.73
C LEU B 618 32.58 14.94 2.58
N HIS B 619 33.44 14.67 1.61
CA HIS B 619 33.56 15.53 0.43
C HIS B 619 32.20 15.74 -0.22
N ILE B 620 31.44 14.65 -0.41
CA ILE B 620 30.12 14.76 -1.01
C ILE B 620 29.19 15.57 -0.11
N LEU B 621 29.24 15.34 1.19
CA LEU B 621 28.31 16.01 2.09
C LEU B 621 28.53 17.51 2.11
N GLU B 622 29.78 17.96 1.95
CA GLU B 622 30.00 19.38 1.79
C GLU B 622 29.26 19.91 0.57
N GLY B 623 29.42 19.24 -0.57
CA GLY B 623 28.72 19.64 -1.78
C GLY B 623 27.20 19.66 -1.60
N LEU B 624 26.66 18.76 -0.79
CA LEU B 624 25.22 18.71 -0.62
C LEU B 624 24.73 19.83 0.28
N LEU B 625 25.42 20.07 1.40
CA LEU B 625 25.03 21.16 2.28
C LEU B 625 25.09 22.50 1.56
N VAL B 626 26.10 22.67 0.69
CA VAL B 626 26.17 23.90 -0.10
C VAL B 626 24.97 23.99 -1.04
N ALA B 627 24.46 22.85 -1.50
CA ALA B 627 23.29 22.85 -2.38
C ALA B 627 22.01 23.14 -1.60
N PHE B 628 21.89 22.62 -0.37
CA PHE B 628 20.75 22.96 0.46
C PHE B 628 20.84 24.41 0.92
N LEU B 629 22.05 24.91 1.19
CA LEU B 629 22.20 26.31 1.52
C LEU B 629 21.84 27.21 0.36
N ASN B 630 21.85 26.69 -0.87
CA ASN B 630 21.58 27.47 -2.07
C ASN B 630 20.68 26.70 -3.01
N ILE B 631 19.62 26.07 -2.47
CA ILE B 631 18.73 25.27 -3.29
C ILE B 631 18.18 26.10 -4.43
N ASP B 632 17.82 27.36 -4.15
CA ASP B 632 17.20 28.20 -5.17
C ASP B 632 18.15 28.46 -6.33
N GLU B 633 19.35 28.96 -6.05
CA GLU B 633 20.30 29.23 -7.12
C GLU B 633 20.57 27.98 -7.93
N VAL B 634 20.85 26.85 -7.25
CA VAL B 634 21.13 25.61 -7.97
C VAL B 634 20.00 25.28 -8.92
N ILE B 635 18.77 25.27 -8.41
CA ILE B 635 17.63 24.89 -9.23
C ILE B 635 17.49 25.83 -10.41
N GLU B 636 17.62 27.13 -10.17
CA GLU B 636 17.55 28.09 -11.28
C GLU B 636 18.68 27.86 -12.27
N ILE B 637 19.89 27.60 -11.77
CA ILE B 637 21.02 27.36 -12.66
C ILE B 637 20.78 26.12 -13.51
N ILE B 638 20.33 25.04 -12.86
CA ILE B 638 20.14 23.77 -13.57
C ILE B 638 19.13 23.94 -14.70
N ARG B 639 18.19 24.86 -14.56
CA ARG B 639 17.10 24.99 -15.51
C ARG B 639 17.25 26.17 -16.46
N THR B 640 18.17 27.09 -16.19
CA THR B 640 18.37 28.28 -17.00
C THR B 640 19.77 28.37 -17.60
N GLU B 641 20.40 27.21 -17.87
CA GLU B 641 21.72 27.19 -18.46
C GLU B 641 21.88 25.88 -19.23
N ASP B 642 22.76 25.90 -20.24
CA ASP B 642 22.96 24.74 -21.09
C ASP B 642 23.49 23.53 -20.35
N GLU B 643 24.71 23.61 -19.83
CA GLU B 643 25.26 22.53 -19.01
C GLU B 643 25.44 23.03 -17.59
N PRO B 644 24.60 22.62 -16.64
CA PRO B 644 24.74 23.12 -15.27
C PRO B 644 26.04 22.69 -14.60
N LYS B 645 26.68 21.63 -15.07
CA LYS B 645 27.85 21.11 -14.38
C LYS B 645 28.90 22.20 -14.19
N PRO B 646 29.47 22.79 -15.25
CA PRO B 646 30.46 23.85 -15.02
C PRO B 646 29.90 25.03 -14.26
N ALA B 647 28.64 25.38 -14.52
CA ALA B 647 28.06 26.57 -13.91
C ALA B 647 27.97 26.40 -12.39
N LEU B 648 27.46 25.26 -11.93
CA LEU B 648 27.43 25.00 -10.49
C LEU B 648 28.82 25.10 -9.89
N MET B 649 29.85 24.76 -10.66
CA MET B 649 31.21 24.81 -10.13
C MET B 649 31.66 26.25 -9.93
N SER B 650 31.44 27.10 -10.94
CA SER B 650 31.89 28.49 -10.85
C SER B 650 31.10 29.26 -9.80
N ARG B 651 29.77 29.13 -9.82
CA ARG B 651 28.92 29.91 -8.94
C ARG B 651 28.97 29.45 -7.49
N PHE B 652 29.67 28.35 -7.18
CA PHE B 652 29.72 27.85 -5.82
C PHE B 652 31.12 27.39 -5.38
N GLY B 653 32.12 27.42 -6.25
CA GLY B 653 33.42 26.89 -5.89
C GLY B 653 33.39 25.42 -5.53
N ILE B 654 32.39 24.69 -6.01
CA ILE B 654 32.28 23.27 -5.69
C ILE B 654 33.14 22.45 -6.65
N SER B 655 33.51 21.25 -6.22
CA SER B 655 34.38 20.39 -7.00
C SER B 655 33.58 19.58 -8.02
N GLU B 656 34.31 19.00 -8.97
CA GLU B 656 33.65 18.25 -10.05
C GLU B 656 32.82 17.11 -9.49
N THR B 657 33.38 16.34 -8.57
CA THR B 657 32.64 15.22 -7.99
C THR B 657 31.51 15.71 -7.11
N GLN B 658 31.65 16.90 -6.51
CA GLN B 658 30.57 17.43 -5.69
C GLN B 658 29.39 17.89 -6.55
N ALA B 659 29.68 18.58 -7.66
CA ALA B 659 28.61 19.07 -8.52
C ALA B 659 27.78 17.93 -9.07
N GLU B 660 28.43 16.82 -9.43
CA GLU B 660 27.69 15.67 -9.95
C GLU B 660 26.74 15.11 -8.90
N ALA B 661 27.20 15.02 -7.65
CA ALA B 661 26.32 14.54 -6.58
C ALA B 661 25.07 15.41 -6.47
N ILE B 662 25.23 16.71 -6.68
CA ILE B 662 24.07 17.60 -6.64
C ILE B 662 23.10 17.28 -7.75
N LEU B 663 23.61 17.17 -8.98
CA LEU B 663 22.76 16.84 -10.11
C LEU B 663 22.01 15.54 -9.90
N GLU B 664 22.50 14.66 -9.03
CA GLU B 664 21.86 13.38 -8.77
C GLU B 664 20.93 13.41 -7.57
N LEU B 665 20.87 14.52 -6.84
CA LEU B 665 19.92 14.61 -5.74
C LEU B 665 18.50 14.42 -6.24
N LYS B 666 17.70 13.71 -5.46
CA LYS B 666 16.29 13.53 -5.74
C LYS B 666 15.48 14.58 -4.98
N LEU B 667 14.37 15.00 -5.59
CA LEU B 667 13.52 15.98 -4.94
C LEU B 667 13.06 15.52 -3.57
N ARG B 668 13.06 14.21 -3.32
CA ARG B 668 12.85 13.72 -1.96
C ARG B 668 13.80 14.42 -0.99
N HIS B 669 15.04 14.64 -1.42
CA HIS B 669 16.09 15.12 -0.53
C HIS B 669 15.95 16.59 -0.19
N LEU B 670 15.20 17.36 -0.99
CA LEU B 670 15.06 18.78 -0.72
C LEU B 670 14.26 19.08 0.54
N ALA B 671 13.54 18.10 1.07
CA ALA B 671 12.76 18.33 2.28
C ALA B 671 13.67 18.74 3.44
N LYS B 672 13.05 19.20 4.52
CA LYS B 672 13.82 19.70 5.66
C LYS B 672 14.55 18.58 6.38
N LEU B 673 13.92 17.41 6.51
CA LEU B 673 14.54 16.33 7.26
C LEU B 673 15.83 15.85 6.59
N GLU B 674 15.81 15.70 5.26
CA GLU B 674 16.98 15.20 4.55
C GLU B 674 18.15 16.17 4.61
N GLU B 675 17.91 17.44 4.97
CA GLU B 675 19.00 18.38 5.18
C GLU B 675 19.62 18.20 6.56
N MET B 676 18.88 17.64 7.52
CA MET B 676 19.43 17.36 8.84
C MET B 676 20.19 16.04 8.85
N LYS B 677 19.65 15.02 8.17
CA LYS B 677 20.35 13.74 8.06
C LYS B 677 21.78 13.96 7.58
N ILE B 678 21.96 14.83 6.59
CA ILE B 678 23.29 15.09 6.06
C ILE B 678 24.19 15.68 7.14
N ARG B 679 23.67 16.64 7.89
CA ARG B 679 24.43 17.20 9.00
C ARG B 679 24.67 16.15 10.07
N GLY B 680 23.78 15.16 10.18
CA GLY B 680 24.01 14.09 11.12
C GLY B 680 25.22 13.26 10.76
N GLU B 681 25.32 12.85 9.50
CA GLU B 681 26.46 12.04 9.07
C GLU B 681 27.76 12.81 9.23
N GLN B 682 27.77 14.09 8.85
CA GLN B 682 28.97 14.90 8.95
C GLN B 682 29.57 14.82 10.34
N SER B 683 28.75 15.06 11.37
CA SER B 683 29.25 14.97 12.75
C SER B 683 29.75 13.56 13.04
N GLU B 684 29.00 12.54 12.61
CA GLU B 684 29.43 11.16 12.82
C GLU B 684 30.76 10.91 12.12
N LEU B 685 30.84 11.24 10.83
CA LEU B 685 32.03 10.87 10.06
C LEU B 685 33.24 11.72 10.44
N GLU B 686 33.03 13.00 10.72
CA GLU B 686 34.16 13.85 11.12
C GLU B 686 34.79 13.36 12.41
N LYS B 687 34.00 12.77 13.31
CA LYS B 687 34.57 12.17 14.50
C LYS B 687 35.27 10.85 14.16
N GLU B 688 34.68 10.06 13.27
CA GLU B 688 35.32 8.81 12.85
C GLU B 688 36.62 9.07 12.10
N ARG B 689 36.62 10.08 11.22
CA ARG B 689 37.86 10.43 10.52
C ARG B 689 38.95 10.82 11.51
N ASP B 690 38.59 11.57 12.56
CA ASP B 690 39.58 11.97 13.55
C ASP B 690 40.05 10.77 14.38
N GLN B 691 39.20 9.76 14.54
CA GLN B 691 39.62 8.53 15.21
C GLN B 691 40.54 7.72 14.33
N LEU B 692 40.13 7.47 13.08
CA LEU B 692 40.95 6.69 12.18
C LEU B 692 42.31 7.33 11.97
N GLN B 693 42.35 8.67 11.88
CA GLN B 693 43.62 9.34 11.72
C GLN B 693 44.48 9.20 12.97
N ALA B 694 43.87 9.07 14.14
CA ALA B 694 44.63 8.94 15.38
C ALA B 694 45.24 7.54 15.51
N ILE B 695 44.48 6.51 15.16
CA ILE B 695 44.99 5.15 15.26
C ILE B 695 46.10 4.92 14.25
N LEU B 696 46.07 5.63 13.12
CA LEU B 696 47.08 5.44 12.10
C LEU B 696 48.35 6.23 12.38
N ALA B 697 48.24 7.37 13.04
CA ALA B 697 49.40 8.23 13.28
C ALA B 697 50.15 7.86 14.55
N SER B 698 49.51 7.21 15.51
CA SER B 698 50.13 6.85 16.77
C SER B 698 50.40 5.36 16.80
N GLU B 699 51.66 4.99 17.05
CA GLU B 699 52.01 3.57 17.15
C GLU B 699 51.45 2.94 18.42
N ARG B 700 51.24 3.74 19.47
CA ARG B 700 50.65 3.20 20.69
C ARG B 700 49.16 2.95 20.53
N LYS B 701 48.44 3.93 19.96
CA LYS B 701 47.01 3.73 19.73
C LYS B 701 46.76 2.56 18.79
N MET B 702 47.72 2.27 17.90
CA MET B 702 47.56 1.16 16.98
C MET B 702 47.48 -0.16 17.74
N ASN B 703 48.45 -0.42 18.61
CA ASN B 703 48.51 -1.71 19.30
C ASN B 703 47.39 -1.85 20.33
N ASN B 704 46.87 -0.73 20.85
CA ASN B 704 45.73 -0.82 21.76
C ASN B 704 44.51 -1.39 21.05
N LEU B 705 44.30 -1.00 19.80
CA LEU B 705 43.20 -1.55 19.01
C LEU B 705 43.36 -3.06 18.87
N LEU B 706 44.52 -3.50 18.38
CA LEU B 706 44.76 -4.93 18.24
C LEU B 706 44.53 -5.64 19.57
N LYS B 707 45.16 -5.15 20.64
CA LYS B 707 44.92 -5.71 21.97
C LYS B 707 43.45 -5.64 22.34
N LYS B 708 42.68 -4.77 21.68
CA LYS B 708 41.24 -4.72 21.88
C LYS B 708 40.50 -5.62 20.91
N GLU B 709 40.93 -5.67 19.65
CA GLU B 709 40.26 -6.52 18.67
C GLU B 709 40.45 -8.00 18.99
N LEU B 710 41.60 -8.38 19.55
CA LEU B 710 41.83 -9.76 19.91
C LEU B 710 40.92 -10.19 21.06
N GLN B 711 40.86 -9.36 22.12
CA GLN B 711 40.08 -9.72 23.29
C GLN B 711 38.61 -9.90 22.96
N ALA B 712 38.06 -8.99 22.14
CA ALA B 712 36.66 -9.12 21.75
C ALA B 712 36.40 -10.44 21.02
N ASP B 713 37.38 -10.90 20.24
CA ASP B 713 37.22 -12.16 19.53
C ASP B 713 37.31 -13.35 20.49
N ALA B 714 38.19 -13.27 21.47
CA ALA B 714 38.32 -14.35 22.44
C ALA B 714 37.04 -14.54 23.26
N ASP B 715 36.30 -13.44 23.49
CA ASP B 715 35.05 -13.54 24.22
C ASP B 715 33.93 -14.12 23.38
N ALA B 716 33.88 -13.74 22.09
CA ALA B 716 32.79 -14.18 21.23
C ALA B 716 33.03 -15.55 20.62
N PHE B 717 34.28 -16.00 20.54
CA PHE B 717 34.61 -17.23 19.84
C PHE B 717 35.46 -18.19 20.65
N GLY B 718 35.93 -17.82 21.83
CA GLY B 718 36.76 -18.71 22.62
C GLY B 718 35.93 -19.71 23.39
N ASP B 719 36.57 -20.85 23.69
CA ASP B 719 35.92 -21.94 24.41
C ASP B 719 36.88 -22.47 25.47
N ASP B 720 36.37 -23.38 26.29
CA ASP B 720 37.21 -23.99 27.31
C ASP B 720 38.17 -24.99 26.69
N ARG B 721 39.28 -25.22 27.38
CA ARG B 721 40.25 -26.21 26.91
C ARG B 721 39.71 -27.60 27.14
N ARG B 722 39.86 -28.47 26.14
CA ARG B 722 39.33 -29.83 26.20
C ARG B 722 40.38 -30.87 26.59
N SER B 723 41.60 -30.77 26.06
CA SER B 723 42.63 -31.76 26.30
C SER B 723 43.48 -31.33 27.49
N PRO B 724 43.33 -31.95 28.66
CA PRO B 724 44.15 -31.55 29.81
C PRO B 724 45.57 -32.06 29.68
N LEU B 725 46.42 -31.60 30.61
CA LEU B 725 47.82 -32.01 30.65
C LEU B 725 48.13 -32.82 31.92
N LYS C 13 -42.90 51.20 -12.19
CA LYS C 13 -42.16 50.40 -13.16
C LYS C 13 -40.67 50.39 -12.84
N LEU C 14 -39.99 49.28 -13.16
CA LEU C 14 -38.58 49.11 -12.89
C LEU C 14 -37.73 49.02 -14.15
N ALA C 15 -38.35 49.06 -15.33
CA ALA C 15 -37.62 48.94 -16.59
C ALA C 15 -37.38 50.32 -17.18
N ASP C 16 -36.15 50.55 -17.65
CA ASP C 16 -35.77 51.81 -18.28
C ASP C 16 -34.95 51.53 -19.53
N CYS C 17 -35.08 52.40 -20.53
CA CYS C 17 -34.34 52.29 -21.77
C CYS C 17 -34.47 53.60 -22.54
N THR C 18 -33.36 54.03 -23.14
CA THR C 18 -33.31 55.33 -23.79
C THR C 18 -33.73 55.23 -25.27
N ALA C 19 -33.01 54.44 -26.06
CA ALA C 19 -33.27 54.35 -27.48
C ALA C 19 -34.64 53.72 -27.74
N GLN C 20 -35.18 54.00 -28.93
CA GLN C 20 -36.48 53.50 -29.33
C GLN C 20 -36.40 52.79 -30.68
N ASP C 21 -35.28 52.13 -30.97
CA ASP C 21 -35.11 51.38 -32.20
C ASP C 21 -35.82 50.04 -32.04
N LEU C 22 -36.97 49.89 -32.68
CA LEU C 22 -37.76 48.68 -32.51
C LEU C 22 -36.99 47.42 -32.92
N ASN C 23 -35.93 47.56 -33.70
CA ASN C 23 -35.10 46.44 -34.10
C ASN C 23 -33.87 46.24 -33.21
N ARG C 24 -33.49 47.25 -32.44
CA ARG C 24 -32.35 47.17 -31.53
C ARG C 24 -32.74 47.08 -30.07
N THR C 25 -33.78 47.81 -29.65
CA THR C 25 -34.22 47.76 -28.27
C THR C 25 -34.44 46.31 -27.84
N GLU C 26 -34.30 46.06 -26.54
CA GLU C 26 -34.22 44.70 -26.03
C GLU C 26 -34.59 44.70 -24.56
N LEU C 27 -35.52 43.81 -24.19
CA LEU C 27 -36.01 43.70 -22.82
C LEU C 27 -35.54 42.39 -22.21
N PHE C 28 -35.21 42.44 -20.91
CA PHE C 28 -34.77 41.27 -20.16
C PHE C 28 -35.64 41.10 -18.92
N LEU C 29 -36.26 39.94 -18.78
CA LEU C 29 -37.12 39.64 -17.64
C LEU C 29 -36.36 38.71 -16.70
N VAL C 30 -35.64 39.30 -15.75
CA VAL C 30 -34.83 38.52 -14.82
C VAL C 30 -35.73 37.79 -13.83
N GLU C 31 -35.23 36.67 -13.30
CA GLU C 31 -36.03 35.86 -12.39
C GLU C 31 -36.14 36.51 -11.02
N GLY C 32 -35.00 36.83 -10.40
CA GLY C 32 -34.98 37.32 -9.05
C GLY C 32 -34.79 38.82 -8.95
N ASP C 33 -35.16 39.36 -7.79
CA ASP C 33 -34.90 40.77 -7.52
C ASP C 33 -33.42 41.00 -7.26
N SER C 34 -32.81 40.16 -6.42
CA SER C 34 -31.37 40.25 -6.22
C SER C 34 -30.63 40.11 -7.54
N ALA C 35 -31.11 39.22 -8.41
CA ALA C 35 -30.50 39.09 -9.74
C ALA C 35 -30.85 40.29 -10.61
N GLY C 36 -32.06 40.82 -10.47
CA GLY C 36 -32.43 41.99 -11.25
C GLY C 36 -31.56 43.19 -10.92
N GLY C 37 -31.26 43.40 -9.64
CA GLY C 37 -30.41 44.53 -9.26
C GLY C 37 -29.01 44.40 -9.83
N SER C 38 -28.49 43.18 -9.92
CA SER C 38 -27.19 42.96 -10.53
C SER C 38 -27.27 43.09 -12.04
N ALA C 39 -28.36 42.60 -12.64
CA ALA C 39 -28.50 42.68 -14.09
C ALA C 39 -28.70 44.12 -14.55
N LYS C 40 -29.32 44.96 -13.72
CA LYS C 40 -29.50 46.36 -14.08
C LYS C 40 -28.22 47.16 -13.93
N GLN C 41 -27.37 46.82 -12.96
CA GLN C 41 -26.13 47.56 -12.74
C GLN C 41 -25.13 47.36 -13.86
N ALA C 42 -25.28 46.30 -14.66
CA ALA C 42 -24.35 45.99 -15.73
C ALA C 42 -24.96 46.02 -17.13
N ARG C 43 -26.27 46.17 -17.25
CA ARG C 43 -26.92 46.18 -18.55
C ARG C 43 -26.50 47.41 -19.35
N ASP C 44 -26.79 47.37 -20.65
CA ASP C 44 -26.52 48.51 -21.54
C ASP C 44 -27.78 49.37 -21.60
N ARG C 45 -27.86 50.36 -20.69
CA ARG C 45 -29.02 51.22 -20.63
C ARG C 45 -29.29 51.96 -21.94
N GLU C 46 -28.34 51.92 -22.88
CA GLU C 46 -28.54 52.62 -24.14
C GLU C 46 -29.69 52.00 -24.92
N TYR C 47 -29.74 50.66 -24.99
CA TYR C 47 -30.81 49.99 -25.72
C TYR C 47 -31.32 48.74 -25.01
N GLN C 48 -30.94 48.50 -23.76
CA GLN C 48 -31.35 47.32 -23.02
C GLN C 48 -32.04 47.72 -21.72
N ALA C 49 -33.15 47.06 -21.43
CA ALA C 49 -33.92 47.29 -20.21
C ALA C 49 -33.89 46.04 -19.34
N ILE C 50 -34.48 46.15 -18.15
CA ILE C 50 -34.51 45.05 -17.19
C ILE C 50 -35.66 45.26 -16.22
N MET C 51 -36.42 44.21 -15.97
CA MET C 51 -37.52 44.24 -15.01
C MET C 51 -37.55 42.93 -14.23
N PRO C 52 -37.45 42.95 -12.91
CA PRO C 52 -37.42 41.71 -12.14
C PRO C 52 -38.82 41.11 -11.97
N LEU C 53 -38.83 39.80 -11.71
CA LEU C 53 -40.05 39.03 -11.50
C LEU C 53 -40.02 38.43 -10.10
N LYS C 54 -40.46 39.21 -9.10
CA LYS C 54 -40.45 38.75 -7.73
C LYS C 54 -41.28 37.47 -7.58
N GLY C 55 -40.62 36.37 -7.25
CA GLY C 55 -41.31 35.12 -7.08
C GLY C 55 -41.80 34.57 -8.42
N LYS C 56 -42.59 33.50 -8.32
CA LYS C 56 -43.18 32.88 -9.49
C LYS C 56 -44.37 33.68 -9.98
N ILE C 57 -44.64 33.58 -11.28
CA ILE C 57 -45.67 34.36 -11.92
C ILE C 57 -46.93 33.53 -12.05
N LEU C 58 -48.04 34.18 -12.40
CA LEU C 58 -49.30 33.49 -12.59
C LEU C 58 -49.23 32.55 -13.79
N ASN C 59 -49.96 31.44 -13.70
CA ASN C 59 -50.15 30.55 -14.84
C ASN C 59 -51.26 31.16 -15.69
N THR C 60 -50.84 31.93 -16.70
CA THR C 60 -51.74 32.68 -17.55
C THR C 60 -52.32 31.86 -18.69
N TRP C 61 -52.35 30.54 -18.58
CA TRP C 61 -52.87 29.71 -19.67
C TRP C 61 -54.40 29.73 -19.69
N GLU C 62 -55.01 29.27 -18.61
CA GLU C 62 -56.47 29.21 -18.50
C GLU C 62 -57.05 30.42 -17.78
N VAL C 63 -56.35 31.55 -17.82
CA VAL C 63 -56.80 32.78 -17.18
C VAL C 63 -57.41 33.68 -18.24
N SER C 64 -58.46 34.41 -17.86
CA SER C 64 -59.13 35.32 -18.79
C SER C 64 -58.31 36.60 -18.97
N SER C 65 -58.53 37.26 -20.11
CA SER C 65 -57.82 38.49 -20.39
C SER C 65 -57.98 39.50 -19.27
N ASP C 66 -59.15 39.53 -18.63
CA ASP C 66 -59.36 40.42 -17.50
C ASP C 66 -58.54 39.99 -16.28
N GLU C 67 -58.36 38.67 -16.10
CA GLU C 67 -57.57 38.18 -14.98
C GLU C 67 -56.07 38.32 -15.22
N VAL C 68 -55.62 38.16 -16.47
CA VAL C 68 -54.20 38.33 -16.76
C VAL C 68 -53.74 39.73 -16.37
N LEU C 69 -54.56 40.74 -16.66
CA LEU C 69 -54.24 42.12 -16.30
C LEU C 69 -54.45 42.39 -14.81
N ALA C 70 -55.12 41.49 -14.09
CA ALA C 70 -55.39 41.67 -12.67
C ALA C 70 -54.29 41.13 -11.78
N SER C 71 -53.34 40.36 -12.32
CA SER C 71 -52.21 39.86 -11.55
C SER C 71 -51.04 40.80 -11.70
N GLN C 72 -50.46 41.21 -10.56
CA GLN C 72 -49.39 42.20 -10.57
C GLN C 72 -48.27 41.81 -11.54
N GLU C 73 -47.68 40.63 -11.35
CA GLU C 73 -46.53 40.24 -12.15
C GLU C 73 -46.83 40.26 -13.64
N VAL C 74 -47.91 39.58 -14.05
CA VAL C 74 -48.24 39.52 -15.47
C VAL C 74 -48.66 40.90 -15.97
N HIS C 75 -49.35 41.67 -15.14
CA HIS C 75 -49.75 43.02 -15.53
C HIS C 75 -48.55 43.83 -15.99
N ASP C 76 -47.59 44.05 -15.08
CA ASP C 76 -46.41 44.83 -15.43
C ASP C 76 -45.75 44.30 -16.70
N ILE C 77 -45.69 42.97 -16.84
CA ILE C 77 -45.14 42.39 -18.05
C ILE C 77 -45.96 42.84 -19.27
N SER C 78 -47.28 42.83 -19.13
CA SER C 78 -48.13 43.24 -20.25
C SER C 78 -47.92 44.70 -20.62
N VAL C 79 -47.66 45.55 -19.63
CA VAL C 79 -47.43 46.97 -19.89
C VAL C 79 -46.04 47.19 -20.48
N ALA C 80 -45.04 46.53 -19.90
CA ALA C 80 -43.67 46.70 -20.40
C ALA C 80 -43.52 46.13 -21.80
N ILE C 81 -44.22 45.03 -22.09
CA ILE C 81 -44.16 44.44 -23.43
C ILE C 81 -44.77 45.39 -24.45
N GLY C 82 -45.79 46.15 -24.06
CA GLY C 82 -46.44 47.09 -24.95
C GLY C 82 -47.76 46.58 -25.49
N ILE C 83 -47.84 45.29 -25.76
CA ILE C 83 -49.05 44.70 -26.31
C ILE C 83 -50.07 44.45 -25.22
N ASP C 84 -51.36 44.43 -25.61
CA ASP C 84 -52.43 44.16 -24.67
C ASP C 84 -52.79 42.68 -24.68
N PRO C 85 -53.32 42.15 -23.57
CA PRO C 85 -53.69 40.73 -23.54
C PRO C 85 -54.68 40.39 -24.65
N ASP C 86 -54.38 39.32 -25.38
CA ASP C 86 -55.26 38.80 -26.43
C ASP C 86 -55.57 39.87 -27.48
N SER C 87 -54.64 40.81 -27.68
CA SER C 87 -54.77 41.86 -28.68
C SER C 87 -53.76 41.58 -29.79
N ASP C 88 -54.27 41.15 -30.95
CA ASP C 88 -53.43 40.88 -32.11
C ASP C 88 -53.01 42.20 -32.77
N ASP C 89 -52.30 43.01 -31.97
CA ASP C 89 -51.88 44.34 -32.42
C ASP C 89 -50.57 44.67 -31.72
N LEU C 90 -49.48 44.68 -32.49
CA LEU C 90 -48.14 44.98 -31.98
C LEU C 90 -47.61 46.29 -32.54
N SER C 91 -48.49 47.30 -32.62
CA SER C 91 -48.12 48.60 -33.17
C SER C 91 -47.47 49.53 -32.15
N GLN C 92 -47.44 49.14 -30.88
CA GLN C 92 -46.83 49.96 -29.83
C GLN C 92 -46.04 49.08 -28.87
N LEU C 93 -45.29 48.13 -29.42
CA LEU C 93 -44.40 47.28 -28.61
C LEU C 93 -43.14 48.07 -28.26
N ARG C 94 -42.92 48.30 -26.98
CA ARG C 94 -41.85 49.21 -26.57
C ARG C 94 -40.48 48.68 -26.97
N TYR C 95 -40.28 47.36 -26.91
CA TYR C 95 -38.98 46.74 -27.07
C TYR C 95 -38.99 45.72 -28.20
N GLY C 96 -37.86 45.58 -28.88
CA GLY C 96 -37.75 44.66 -29.99
C GLY C 96 -37.63 43.21 -29.56
N LYS C 97 -36.57 42.89 -28.82
CA LYS C 97 -36.32 41.55 -28.32
C LYS C 97 -36.76 41.48 -26.86
N ILE C 98 -37.82 40.72 -26.60
CA ILE C 98 -38.30 40.49 -25.23
C ILE C 98 -37.66 39.20 -24.76
N CYS C 99 -36.58 39.33 -23.98
CA CYS C 99 -35.80 38.21 -23.51
C CYS C 99 -36.22 37.82 -22.09
N ILE C 100 -36.17 36.51 -21.82
CA ILE C 100 -36.54 35.96 -20.51
C ILE C 100 -35.35 35.13 -20.03
N LEU C 101 -34.65 35.64 -19.02
CA LEU C 101 -33.55 34.92 -18.39
C LEU C 101 -33.94 34.55 -16.97
N ALA C 102 -33.68 33.30 -16.61
CA ALA C 102 -33.89 32.79 -15.27
C ALA C 102 -32.73 31.86 -14.95
N ASP C 103 -32.59 31.51 -13.68
CA ASP C 103 -31.42 30.74 -13.30
C ASP C 103 -31.67 29.26 -13.57
N ALA C 104 -30.57 28.52 -13.65
CA ALA C 104 -30.55 27.17 -14.22
C ALA C 104 -31.16 26.13 -13.29
N ASP C 105 -31.96 26.54 -12.30
CA ASP C 105 -32.63 25.58 -11.43
C ASP C 105 -33.57 24.70 -12.26
N SER C 106 -34.17 23.71 -11.60
CA SER C 106 -35.43 23.18 -12.12
C SER C 106 -36.55 24.21 -11.93
N ASP C 107 -36.40 25.09 -10.93
CA ASP C 107 -37.40 26.12 -10.67
C ASP C 107 -37.44 27.17 -11.77
N GLY C 108 -36.28 27.65 -12.19
CA GLY C 108 -36.24 28.68 -13.23
C GLY C 108 -36.91 28.25 -14.51
N LEU C 109 -36.72 26.98 -14.89
CA LEU C 109 -37.43 26.44 -16.04
C LEU C 109 -38.93 26.62 -15.87
N HIS C 110 -39.46 26.20 -14.72
CA HIS C 110 -40.86 26.43 -14.40
C HIS C 110 -41.21 27.90 -14.55
N ILE C 111 -40.36 28.80 -14.05
CA ILE C 111 -40.55 30.22 -14.29
C ILE C 111 -40.51 30.50 -15.78
N ALA C 112 -39.62 29.84 -16.51
CA ALA C 112 -39.57 29.99 -17.96
C ALA C 112 -40.70 29.25 -18.65
N THR C 113 -41.25 28.21 -18.02
CA THR C 113 -42.33 27.48 -18.66
C THR C 113 -43.61 28.29 -18.67
N LEU C 114 -43.92 28.99 -17.58
CA LEU C 114 -45.16 29.75 -17.51
C LEU C 114 -45.05 31.13 -18.13
N LEU C 115 -43.83 31.64 -18.32
CA LEU C 115 -43.69 32.85 -19.12
C LEU C 115 -44.02 32.56 -20.58
N CYS C 116 -43.65 31.38 -21.07
CA CYS C 116 -44.10 30.98 -22.41
C CYS C 116 -45.61 30.86 -22.47
N ALA C 117 -46.22 30.34 -21.39
CA ALA C 117 -47.68 30.30 -21.34
C ALA C 117 -48.27 31.69 -21.48
N LEU C 118 -47.64 32.69 -20.87
CA LEU C 118 -48.11 34.06 -21.04
C LEU C 118 -47.85 34.54 -22.46
N PHE C 119 -46.65 34.35 -22.96
CA PHE C 119 -46.29 34.77 -24.31
C PHE C 119 -46.91 33.87 -25.39
N VAL C 120 -47.78 32.93 -25.04
CA VAL C 120 -48.38 32.04 -26.03
C VAL C 120 -49.90 32.13 -25.96
N ARG C 121 -50.48 31.84 -24.79
CA ARG C 121 -51.93 31.84 -24.67
C ARG C 121 -52.52 33.21 -24.93
N HIS C 122 -51.77 34.27 -24.68
CA HIS C 122 -52.26 35.64 -24.87
C HIS C 122 -51.51 36.35 -26.00
N PHE C 123 -50.19 36.43 -25.91
CA PHE C 123 -49.39 37.17 -26.89
C PHE C 123 -48.90 36.26 -28.02
N ARG C 124 -49.85 35.56 -28.66
CA ARG C 124 -49.49 34.63 -29.72
C ARG C 124 -48.78 35.34 -30.86
N THR C 125 -49.17 36.58 -31.15
CA THR C 125 -48.52 37.32 -32.23
C THR C 125 -47.05 37.59 -31.91
N LEU C 126 -46.74 37.82 -30.63
CA LEU C 126 -45.36 38.17 -30.26
C LEU C 126 -44.41 37.02 -30.59
N VAL C 127 -44.79 35.80 -30.22
CA VAL C 127 -43.91 34.65 -30.44
C VAL C 127 -43.96 34.19 -31.89
N LYS C 128 -45.10 34.39 -32.57
CA LYS C 128 -45.21 33.97 -33.97
C LYS C 128 -44.13 34.62 -34.81
N GLU C 129 -43.97 35.95 -34.70
CA GLU C 129 -42.92 36.64 -35.41
C GLU C 129 -41.53 36.26 -34.90
N GLY C 130 -41.44 35.68 -33.71
CA GLY C 130 -40.16 35.28 -33.16
C GLY C 130 -39.47 36.40 -32.39
N HIS C 131 -40.17 37.00 -31.44
CA HIS C 131 -39.56 38.00 -30.57
C HIS C 131 -39.25 37.47 -29.17
N VAL C 132 -39.86 36.36 -28.76
CA VAL C 132 -39.59 35.78 -27.45
C VAL C 132 -38.26 35.04 -27.51
N TYR C 133 -37.36 35.37 -26.58
CA TYR C 133 -36.03 34.80 -26.53
C TYR C 133 -35.72 34.36 -25.11
N VAL C 134 -35.00 33.25 -24.98
CA VAL C 134 -34.56 32.71 -23.69
C VAL C 134 -33.04 32.75 -23.66
N ALA C 135 -32.50 33.25 -22.55
CA ALA C 135 -31.06 33.34 -22.37
C ALA C 135 -30.52 32.04 -21.77
N LEU C 136 -29.30 31.69 -22.17
CA LEU C 136 -28.63 30.49 -21.69
C LEU C 136 -27.67 30.89 -20.56
N PRO C 137 -28.02 30.66 -19.29
CA PRO C 137 -27.14 31.09 -18.20
C PRO C 137 -26.00 30.11 -17.99
N PRO C 138 -24.88 30.57 -17.43
CA PRO C 138 -23.74 29.67 -17.23
C PRO C 138 -23.88 28.83 -15.98
N LEU C 139 -23.36 27.61 -16.06
CA LEU C 139 -23.36 26.69 -14.92
C LEU C 139 -22.15 26.91 -14.03
N TYR C 140 -20.95 26.78 -14.60
CA TYR C 140 -19.70 26.94 -13.88
C TYR C 140 -18.88 28.07 -14.50
N ARG C 141 -18.00 28.65 -13.69
CA ARG C 141 -17.11 29.74 -14.13
C ARG C 141 -15.68 29.39 -13.71
N ILE C 142 -14.97 28.64 -14.55
CA ILE C 142 -13.60 28.22 -14.29
C ILE C 142 -12.64 29.29 -14.81
N ASP C 143 -11.65 29.63 -14.00
CA ASP C 143 -10.70 30.69 -14.35
C ASP C 143 -9.33 30.35 -13.80
N LEU C 144 -8.30 30.82 -14.51
CA LEU C 144 -6.92 30.57 -14.12
C LEU C 144 -6.08 31.76 -14.61
N GLY C 145 -5.81 32.69 -13.71
CA GLY C 145 -5.06 33.88 -14.09
C GLY C 145 -5.87 34.77 -15.00
N LYS C 146 -5.25 35.22 -16.08
CA LYS C 146 -5.93 36.05 -17.06
C LYS C 146 -6.72 35.17 -18.03
N GLU C 147 -7.57 34.30 -17.49
CA GLU C 147 -8.35 33.37 -18.31
C GLU C 147 -9.68 33.13 -17.61
N VAL C 148 -10.78 33.39 -18.31
CA VAL C 148 -12.12 33.21 -17.79
C VAL C 148 -12.89 32.30 -18.73
N TYR C 149 -13.46 31.23 -18.18
CA TYR C 149 -14.17 30.22 -18.96
C TYR C 149 -15.50 29.93 -18.29
N TYR C 150 -16.56 29.87 -19.09
CA TYR C 150 -17.91 29.62 -18.59
C TYR C 150 -18.46 28.35 -19.22
N ALA C 151 -19.28 27.64 -18.46
CA ALA C 151 -19.81 26.34 -18.87
C ALA C 151 -21.32 26.33 -18.74
N LEU C 152 -21.94 25.39 -19.46
CA LEU C 152 -23.38 25.17 -19.40
C LEU C 152 -23.76 23.75 -18.99
N THR C 153 -22.86 22.78 -19.14
CA THR C 153 -23.10 21.41 -18.68
C THR C 153 -21.76 20.79 -18.30
N GLU C 154 -21.74 20.11 -17.15
CA GLU C 154 -20.52 19.51 -16.66
C GLU C 154 -20.05 18.34 -17.53
N GLU C 155 -20.92 17.81 -18.39
CA GLU C 155 -20.54 16.67 -19.21
C GLU C 155 -19.72 17.10 -20.43
N GLU C 156 -20.06 18.25 -21.02
CA GLU C 156 -19.43 18.70 -22.26
C GLU C 156 -18.64 19.98 -22.07
N LYS C 157 -19.25 21.04 -21.53
CA LYS C 157 -18.54 22.31 -21.38
C LYS C 157 -17.48 22.22 -20.30
N THR C 158 -17.89 21.92 -19.07
CA THR C 158 -16.93 21.91 -17.96
C THR C 158 -15.86 20.84 -18.15
N GLY C 159 -16.22 19.72 -18.80
CA GLY C 159 -15.24 18.67 -19.01
C GLY C 159 -14.07 19.12 -19.88
N VAL C 160 -14.36 19.90 -20.92
CA VAL C 160 -13.30 20.36 -21.82
C VAL C 160 -12.46 21.45 -21.16
N LEU C 161 -13.12 22.40 -20.50
CA LEU C 161 -12.39 23.47 -19.84
C LEU C 161 -11.40 22.91 -18.83
N GLU C 162 -11.81 21.90 -18.05
CA GLU C 162 -10.91 21.28 -17.10
C GLU C 162 -9.95 20.31 -17.79
N GLN C 163 -10.33 19.77 -18.94
CA GLN C 163 -9.44 18.87 -19.67
C GLN C 163 -8.21 19.61 -20.18
N LEU C 164 -8.40 20.82 -20.70
CA LEU C 164 -7.29 21.64 -21.20
C LEU C 164 -6.59 22.34 -20.03
N LYS C 165 -6.14 21.53 -19.08
CA LYS C 165 -5.41 22.00 -17.91
C LYS C 165 -3.91 21.80 -18.04
N ARG C 166 -3.38 21.96 -19.25
CA ARG C 166 -1.94 21.84 -19.50
C ARG C 166 -1.16 23.09 -19.14
N LYS C 167 -1.81 24.08 -18.53
CA LYS C 167 -1.17 25.33 -18.13
C LYS C 167 -0.83 25.29 -16.64
N LYS C 168 0.19 26.06 -16.27
CA LYS C 168 0.64 26.08 -14.89
C LYS C 168 -0.46 26.62 -13.99
N GLY C 169 -0.43 26.18 -12.72
CA GLY C 169 -1.37 26.65 -11.73
C GLY C 169 -2.58 25.74 -11.59
N LYS C 170 -3.32 25.98 -10.50
CA LYS C 170 -4.52 25.21 -10.18
C LYS C 170 -5.75 26.05 -10.45
N PRO C 171 -6.60 25.70 -11.41
CA PRO C 171 -7.74 26.55 -11.74
C PRO C 171 -8.71 26.70 -10.58
N ASN C 172 -9.45 27.80 -10.60
CA ASN C 172 -10.52 28.08 -9.66
C ASN C 172 -11.85 27.94 -10.38
N VAL C 173 -12.79 27.24 -9.76
CA VAL C 173 -14.10 26.97 -10.35
C VAL C 173 -15.17 27.44 -9.38
N GLN C 174 -15.96 28.42 -9.81
CA GLN C 174 -17.06 28.96 -9.04
C GLN C 174 -18.36 28.36 -9.55
N ARG C 175 -19.07 27.63 -8.70
CA ARG C 175 -20.31 26.98 -9.06
C ARG C 175 -21.47 27.95 -8.83
N PHE C 176 -22.02 28.50 -9.91
CA PHE C 176 -23.11 29.47 -9.83
C PHE C 176 -24.42 28.69 -9.76
N LYS C 177 -24.89 28.43 -8.55
CA LYS C 177 -26.15 27.74 -8.34
C LYS C 177 -27.36 28.62 -8.62
N GLY C 178 -27.14 29.88 -9.02
CA GLY C 178 -28.20 30.80 -9.36
C GLY C 178 -27.66 32.15 -9.78
N LEU C 179 -28.36 32.85 -10.67
CA LEU C 179 -27.87 34.15 -11.12
C LEU C 179 -27.74 35.15 -9.99
N GLY C 180 -28.46 34.94 -8.88
CA GLY C 180 -28.33 35.84 -7.75
C GLY C 180 -26.93 35.86 -7.17
N GLU C 181 -26.20 34.76 -7.33
CA GLU C 181 -24.84 34.64 -6.80
C GLU C 181 -23.78 35.23 -7.72
N MET C 182 -24.17 35.75 -8.88
CA MET C 182 -23.21 36.29 -9.84
C MET C 182 -22.96 37.77 -9.59
N ASN C 183 -21.78 38.22 -10.00
CA ASN C 183 -21.44 39.64 -9.92
C ASN C 183 -22.03 40.39 -11.10
N PRO C 184 -22.23 41.71 -10.96
CA PRO C 184 -22.81 42.48 -12.07
C PRO C 184 -22.02 42.33 -13.35
N MET C 185 -20.73 42.67 -13.31
CA MET C 185 -19.90 42.52 -14.50
C MET C 185 -19.79 41.05 -14.91
N GLN C 186 -19.74 40.15 -13.93
CA GLN C 186 -19.65 38.73 -14.25
C GLN C 186 -20.92 38.24 -14.94
N LEU C 187 -22.05 38.90 -14.71
CA LEU C 187 -23.29 38.57 -15.40
C LEU C 187 -23.43 39.30 -16.73
N ARG C 188 -22.64 40.35 -16.97
CA ARG C 188 -22.77 41.10 -18.20
C ARG C 188 -22.22 40.32 -19.39
N GLU C 189 -21.09 39.63 -19.18
CA GLU C 189 -20.43 38.93 -20.28
C GLU C 189 -21.13 37.63 -20.65
N THR C 190 -21.95 37.07 -19.76
CA THR C 190 -22.52 35.75 -19.99
C THR C 190 -23.86 35.82 -20.73
N THR C 191 -24.75 36.74 -20.33
CA THR C 191 -26.10 36.77 -20.86
C THR C 191 -26.56 38.15 -21.33
N LEU C 192 -25.74 39.18 -21.18
CA LEU C 192 -26.13 40.54 -21.59
C LEU C 192 -25.29 41.05 -22.76
N ASP C 193 -23.97 41.03 -22.65
CA ASP C 193 -23.09 41.55 -23.69
C ASP C 193 -23.18 40.67 -24.92
N PRO C 194 -23.75 41.15 -26.04
CA PRO C 194 -23.97 40.25 -27.18
C PRO C 194 -22.74 39.52 -27.66
N ASN C 195 -21.55 40.10 -27.48
CA ASN C 195 -20.32 39.44 -27.91
C ASN C 195 -20.19 38.06 -27.28
N THR C 196 -20.09 38.01 -25.95
CA THR C 196 -19.94 36.77 -25.22
C THR C 196 -21.27 36.24 -24.69
N ARG C 197 -22.38 36.62 -25.31
CA ARG C 197 -23.70 36.21 -24.85
C ARG C 197 -24.17 34.95 -25.57
N ARG C 198 -24.72 34.02 -24.81
CA ARG C 198 -25.37 32.84 -25.33
C ARG C 198 -26.87 33.04 -25.18
N LEU C 199 -27.61 32.92 -26.27
CA LEU C 199 -29.05 33.17 -26.26
C LEU C 199 -29.70 32.45 -27.43
N VAL C 200 -30.83 31.80 -27.16
CA VAL C 200 -31.58 31.06 -28.16
C VAL C 200 -32.90 31.79 -28.41
N GLN C 201 -33.37 31.69 -29.65
CA GLN C 201 -34.60 32.34 -30.09
C GLN C 201 -35.72 31.32 -30.09
N LEU C 202 -36.63 31.44 -29.12
CA LEU C 202 -37.80 30.57 -29.07
C LEU C 202 -38.78 30.96 -30.17
N VAL C 203 -39.20 29.98 -30.96
CA VAL C 203 -40.10 30.21 -32.09
C VAL C 203 -41.10 29.07 -32.16
N ILE C 204 -42.31 29.40 -32.60
CA ILE C 204 -43.38 28.43 -32.82
C ILE C 204 -43.60 28.32 -34.32
N SER C 205 -43.19 27.21 -34.91
CA SER C 205 -43.30 27.03 -36.35
C SER C 205 -44.76 27.13 -36.80
N ASP C 206 -44.95 27.41 -38.09
CA ASP C 206 -46.29 27.45 -38.66
C ASP C 206 -46.83 26.03 -38.85
N GLU C 207 -45.96 25.09 -39.24
CA GLU C 207 -46.40 23.72 -39.42
C GLU C 207 -46.65 23.02 -38.09
N ASP C 208 -45.78 23.26 -37.10
CA ASP C 208 -45.92 22.69 -35.77
C ASP C 208 -46.79 23.54 -34.85
N GLU C 209 -47.53 24.51 -35.40
CA GLU C 209 -48.37 25.36 -34.56
C GLU C 209 -49.49 24.58 -33.90
N GLN C 210 -49.97 23.51 -34.55
CA GLN C 210 -51.02 22.71 -33.96
C GLN C 210 -50.51 21.88 -32.79
N GLN C 211 -49.23 21.50 -32.82
CA GLN C 211 -48.63 20.71 -31.74
C GLN C 211 -48.14 21.60 -30.60
N THR C 212 -47.55 22.75 -30.91
CA THR C 212 -47.08 23.64 -29.87
C THR C 212 -48.22 24.03 -28.93
N THR C 213 -49.44 24.10 -29.45
CA THR C 213 -50.60 24.41 -28.60
C THR C 213 -51.10 23.18 -27.86
N ALA C 214 -50.99 21.99 -28.46
CA ALA C 214 -51.45 20.79 -27.80
C ALA C 214 -50.54 20.39 -26.65
N ILE C 215 -49.22 20.54 -26.84
CA ILE C 215 -48.27 20.17 -25.80
C ILE C 215 -48.46 21.07 -24.58
N MET C 216 -48.40 22.38 -24.79
CA MET C 216 -48.51 23.31 -23.67
C MET C 216 -49.84 23.18 -22.94
N ASP C 217 -50.88 22.68 -23.62
CA ASP C 217 -52.16 22.49 -22.96
C ASP C 217 -52.05 21.50 -21.81
N MET C 218 -51.70 20.25 -22.11
CA MET C 218 -51.62 19.23 -21.08
C MET C 218 -50.54 19.54 -20.05
N LEU C 219 -49.57 20.39 -20.40
CA LEU C 219 -48.54 20.76 -19.44
C LEU C 219 -49.05 21.75 -18.41
N LEU C 220 -49.86 22.73 -18.85
CA LEU C 220 -50.33 23.79 -17.99
C LEU C 220 -51.85 23.79 -17.81
N ALA C 221 -52.54 22.73 -18.22
CA ALA C 221 -53.99 22.64 -18.06
C ALA C 221 -54.33 22.18 -16.65
N LYS C 222 -55.09 23.01 -15.92
CA LYS C 222 -55.40 22.71 -14.54
C LYS C 222 -56.10 21.37 -14.39
N LYS C 223 -56.95 21.01 -15.36
CA LYS C 223 -57.76 19.80 -15.24
C LYS C 223 -57.07 18.56 -15.77
N ARG C 224 -56.19 18.69 -16.76
CA ARG C 224 -55.56 17.51 -17.35
C ARG C 224 -54.38 17.04 -16.53
N SER C 225 -54.60 16.80 -15.24
CA SER C 225 -53.54 16.25 -14.39
C SER C 225 -53.35 14.76 -14.64
N GLU C 226 -54.44 14.04 -14.98
CA GLU C 226 -54.32 12.62 -15.25
C GLU C 226 -53.49 12.36 -16.50
N ASP C 227 -53.60 13.24 -17.50
CA ASP C 227 -52.79 13.07 -18.71
C ASP C 227 -51.31 13.21 -18.40
N ARG C 228 -50.96 14.12 -17.49
CA ARG C 228 -49.54 14.31 -17.14
C ARG C 228 -49.00 13.10 -16.39
N ARG C 229 -49.82 12.45 -15.56
CA ARG C 229 -49.37 11.24 -14.88
C ARG C 229 -48.97 10.17 -15.89
N ASN C 230 -49.80 9.95 -16.91
CA ASN C 230 -49.44 9.02 -17.96
C ASN C 230 -48.31 9.56 -18.81
N TRP C 231 -48.21 10.88 -18.95
CA TRP C 231 -47.10 11.45 -19.71
C TRP C 231 -45.76 11.14 -19.03
N LEU C 232 -45.65 11.47 -17.75
CA LEU C 232 -44.39 11.23 -17.04
C LEU C 232 -44.09 9.74 -16.92
N GLN C 233 -45.13 8.90 -16.89
CA GLN C 233 -44.91 7.46 -16.83
C GLN C 233 -44.31 6.93 -18.13
N GLU C 234 -44.61 7.58 -19.25
CA GLU C 234 -44.06 7.19 -20.54
C GLU C 234 -42.69 7.81 -20.78
N LYS C 235 -42.54 9.11 -20.50
CA LYS C 235 -41.26 9.78 -20.73
C LYS C 235 -40.20 9.35 -19.74
N GLY C 236 -40.59 8.74 -18.61
CA GLY C 236 -39.60 8.29 -17.64
C GLY C 236 -38.96 6.96 -18.00
N ASP C 237 -39.72 6.07 -18.63
CA ASP C 237 -39.16 4.77 -19.04
C ASP C 237 -38.08 4.95 -20.09
N MET C 238 -38.26 5.91 -21.01
CA MET C 238 -37.33 6.16 -22.11
C MET C 238 -36.56 7.46 -21.92
N ALA C 239 -36.32 7.86 -20.67
CA ALA C 239 -35.56 9.08 -20.40
C ALA C 239 -34.10 8.89 -20.78
N ASP C 240 -33.56 9.83 -21.56
CA ASP C 240 -32.17 9.75 -21.99
C ASP C 240 -31.55 11.15 -22.06
N GLU C 251 -28.35 30.45 -33.88
CA GLU C 251 -28.97 29.36 -33.13
C GLU C 251 -30.33 29.79 -32.59
N ARG C 252 -31.38 29.03 -32.92
CA ARG C 252 -32.74 29.35 -32.52
C ARG C 252 -33.47 28.06 -32.18
N LEU C 253 -34.15 28.06 -31.04
CA LEU C 253 -34.89 26.90 -30.55
C LEU C 253 -36.37 27.02 -30.88
N ALA C 254 -37.01 25.87 -31.06
CA ALA C 254 -38.45 25.82 -31.29
C ALA C 254 -39.16 25.69 -29.96
N LEU C 255 -40.12 26.60 -29.70
CA LEU C 255 -40.83 26.57 -28.42
C LEU C 255 -41.49 25.21 -28.20
N HIS C 256 -41.85 24.52 -29.28
CA HIS C 256 -42.40 23.17 -29.15
C HIS C 256 -41.46 22.27 -28.36
N GLU C 257 -40.17 22.28 -28.73
CA GLU C 257 -39.19 21.47 -28.03
C GLU C 257 -38.93 22.01 -26.62
N PHE C 258 -38.71 23.33 -26.51
CA PHE C 258 -38.35 23.93 -25.23
C PHE C 258 -39.40 23.63 -24.17
N THR C 259 -40.66 23.90 -24.47
CA THR C 259 -41.70 23.83 -23.45
C THR C 259 -41.81 22.44 -22.85
N GLU C 260 -41.65 21.40 -23.67
CA GLU C 260 -41.80 20.04 -23.17
C GLU C 260 -40.58 19.62 -22.35
N ASN C 261 -39.38 20.00 -22.79
CA ASN C 261 -38.17 19.60 -22.08
C ASN C 261 -37.99 20.39 -20.79
N ALA C 262 -38.41 21.66 -20.76
CA ALA C 262 -38.23 22.48 -19.57
C ALA C 262 -39.15 22.04 -18.45
N TYR C 263 -40.42 21.81 -18.77
CA TYR C 263 -41.42 21.45 -17.75
C TYR C 263 -41.25 20.00 -17.29
N LEU C 264 -40.57 19.17 -18.08
CA LEU C 264 -40.29 17.80 -17.64
C LEU C 264 -39.18 17.78 -16.59
N ASN C 265 -38.07 18.49 -16.85
CA ASN C 265 -37.01 18.58 -15.86
C ASN C 265 -37.50 19.18 -14.55
N TYR C 266 -38.62 19.90 -14.57
CA TYR C 266 -39.24 20.38 -13.35
C TYR C 266 -40.20 19.35 -12.76
N SER C 267 -41.10 18.83 -13.59
CA SER C 267 -42.09 17.87 -13.11
C SER C 267 -41.41 16.72 -12.37
N MET C 268 -40.27 16.27 -12.89
CA MET C 268 -39.54 15.20 -12.21
C MET C 268 -38.84 15.72 -10.96
N TYR C 269 -38.18 16.87 -11.08
CA TYR C 269 -37.45 17.43 -9.95
C TYR C 269 -38.36 17.54 -8.72
N VAL C 270 -39.58 18.02 -8.91
CA VAL C 270 -40.49 18.19 -7.77
C VAL C 270 -40.94 16.82 -7.25
N ILE C 271 -41.29 15.91 -8.15
CA ILE C 271 -41.82 14.62 -7.72
C ILE C 271 -40.77 13.85 -6.93
N MET C 272 -39.48 14.07 -7.22
CA MET C 272 -38.40 13.31 -6.60
C MET C 272 -37.79 14.04 -5.41
N ASP C 273 -37.32 15.27 -5.62
CA ASP C 273 -36.45 15.93 -4.66
C ASP C 273 -37.10 17.10 -3.92
N ARG C 274 -38.40 17.32 -4.08
CA ARG C 274 -39.07 18.33 -3.27
C ARG C 274 -40.20 17.76 -2.42
N ALA C 275 -41.18 17.10 -3.03
CA ALA C 275 -42.50 16.96 -2.43
C ALA C 275 -42.88 15.55 -2.02
N LEU C 276 -42.37 14.53 -2.70
CA LEU C 276 -42.76 13.18 -2.31
C LEU C 276 -41.69 12.56 -1.42
N PRO C 277 -42.07 11.89 -0.34
CA PRO C 277 -41.09 11.30 0.58
C PRO C 277 -40.61 9.94 0.09
N PHE C 278 -39.66 9.39 0.84
CA PHE C 278 -39.07 8.09 0.58
C PHE C 278 -39.67 7.05 1.51
N ILE C 279 -39.87 5.84 0.99
CA ILE C 279 -40.56 4.81 1.76
C ILE C 279 -39.75 4.40 2.97
N GLY C 280 -38.42 4.33 2.84
CA GLY C 280 -37.57 3.91 3.92
C GLY C 280 -37.61 4.83 5.12
N ASP C 281 -37.09 6.05 4.98
CA ASP C 281 -37.03 6.98 6.09
C ASP C 281 -38.29 7.83 6.23
N GLY C 282 -39.20 7.78 5.26
CA GLY C 282 -40.43 8.55 5.34
C GLY C 282 -40.21 10.05 5.45
N LEU C 283 -39.19 10.57 4.77
CA LEU C 283 -38.83 11.96 4.87
C LEU C 283 -38.68 12.58 3.48
N LYS C 284 -38.75 13.89 3.46
CA LYS C 284 -38.50 14.69 2.28
C LYS C 284 -37.09 15.24 2.31
N PRO C 285 -36.48 15.54 1.15
CA PRO C 285 -35.09 16.02 1.17
C PRO C 285 -34.87 17.22 2.07
N VAL C 286 -35.77 18.19 2.06
CA VAL C 286 -35.65 19.33 2.97
C VAL C 286 -35.77 18.85 4.41
N GLN C 287 -36.65 17.87 4.66
CA GLN C 287 -36.74 17.27 5.98
C GLN C 287 -35.46 16.53 6.33
N ARG C 288 -35.01 15.63 5.45
CA ARG C 288 -33.80 14.85 5.70
C ARG C 288 -32.61 15.75 5.97
N ARG C 289 -32.26 16.58 4.98
CA ARG C 289 -31.11 17.46 5.14
C ARG C 289 -31.21 18.28 6.41
N ILE C 290 -32.43 18.58 6.86
CA ILE C 290 -32.60 19.35 8.09
C ILE C 290 -32.24 18.49 9.31
N VAL C 291 -32.70 17.24 9.33
CA VAL C 291 -32.46 16.37 10.47
C VAL C 291 -30.98 15.99 10.57
N TYR C 292 -30.38 15.61 9.44
CA TYR C 292 -28.95 15.30 9.43
C TYR C 292 -28.13 16.51 9.88
N ALA C 293 -28.40 17.69 9.30
CA ALA C 293 -27.61 18.86 9.62
C ALA C 293 -27.72 19.26 11.09
N MET C 294 -28.78 18.83 11.77
CA MET C 294 -28.87 19.09 13.20
C MET C 294 -28.03 18.08 13.99
N SER C 295 -28.13 16.79 13.65
CA SER C 295 -27.27 15.81 14.30
C SER C 295 -25.81 16.14 14.08
N GLU C 296 -25.46 16.57 12.86
CA GLU C 296 -24.07 16.90 12.56
C GLU C 296 -23.61 18.12 13.34
N LEU C 297 -24.51 19.06 13.60
CA LEU C 297 -24.23 20.22 14.43
C LEU C 297 -24.23 19.87 15.92
N GLY C 298 -24.38 18.59 16.27
CA GLY C 298 -24.36 18.15 17.64
C GLY C 298 -25.63 18.37 18.42
N LEU C 299 -26.72 18.74 17.76
CA LEU C 299 -27.96 19.08 18.45
C LEU C 299 -28.85 17.84 18.52
N ASN C 300 -28.43 16.90 19.36
CA ASN C 300 -29.21 15.70 19.62
C ASN C 300 -30.19 16.00 20.76
N ALA C 301 -30.91 14.97 21.22
CA ALA C 301 -31.92 15.18 22.25
C ALA C 301 -31.32 15.63 23.57
N SER C 302 -30.06 15.34 23.81
CA SER C 302 -29.42 15.69 25.08
C SER C 302 -28.72 17.03 25.05
N ALA C 303 -28.26 17.46 23.89
CA ALA C 303 -27.50 18.71 23.78
C ALA C 303 -28.40 19.90 24.10
N LYS C 304 -27.78 20.96 24.59
CA LYS C 304 -28.51 22.18 24.86
C LYS C 304 -28.96 22.83 23.55
N PHE C 305 -30.13 23.47 23.60
CA PHE C 305 -30.74 24.02 22.41
C PHE C 305 -29.81 25.01 21.71
N LYS C 306 -29.87 25.02 20.38
CA LYS C 306 -29.13 25.95 19.56
C LYS C 306 -30.10 26.81 18.75
N LYS C 307 -29.71 28.06 18.50
CA LYS C 307 -30.57 28.97 17.78
C LYS C 307 -30.96 28.38 16.42
N SER C 308 -32.25 28.48 16.10
CA SER C 308 -32.75 27.93 14.84
C SER C 308 -32.09 28.56 13.63
N ALA C 309 -31.48 29.74 13.79
CA ALA C 309 -30.83 30.39 12.67
C ALA C 309 -29.65 29.57 12.17
N ARG C 310 -28.66 29.36 13.04
CA ARG C 310 -27.49 28.58 12.65
C ARG C 310 -27.91 27.22 12.13
N THR C 311 -28.94 26.62 12.74
CA THR C 311 -29.48 25.36 12.21
C THR C 311 -29.84 25.50 10.74
N VAL C 312 -30.67 26.50 10.42
CA VAL C 312 -31.08 26.69 9.04
C VAL C 312 -29.94 27.27 8.21
N GLY C 313 -29.05 28.02 8.83
CA GLY C 313 -27.86 28.47 8.12
C GLY C 313 -27.01 27.32 7.62
N ASP C 314 -26.86 26.28 8.43
CA ASP C 314 -26.09 25.11 8.00
C ASP C 314 -26.86 24.29 6.96
N VAL C 315 -28.17 24.10 7.16
CA VAL C 315 -28.97 23.34 6.20
C VAL C 315 -28.84 23.93 4.81
N LEU C 316 -29.01 25.25 4.70
CA LEU C 316 -28.89 25.91 3.41
C LEU C 316 -27.44 26.09 3.01
N GLY C 317 -26.59 26.44 3.98
CA GLY C 317 -25.19 26.71 3.67
C GLY C 317 -24.42 25.51 3.18
N LYS C 318 -24.94 24.31 3.43
CA LYS C 318 -24.18 23.11 3.09
C LYS C 318 -24.95 22.14 2.20
N TYR C 319 -26.24 21.98 2.41
CA TYR C 319 -26.94 20.82 1.87
C TYR C 319 -28.15 21.15 1.01
N HIS C 320 -28.93 22.18 1.38
CA HIS C 320 -30.22 22.46 0.76
C HIS C 320 -30.26 23.88 0.21
N PRO C 321 -29.85 24.09 -1.05
CA PRO C 321 -29.77 25.46 -1.61
C PRO C 321 -31.14 26.00 -2.06
N HIS C 322 -31.91 26.47 -1.10
CA HIS C 322 -33.24 27.00 -1.38
C HIS C 322 -33.55 28.10 -0.38
N GLY C 323 -34.82 28.46 -0.26
CA GLY C 323 -35.19 29.65 0.49
C GLY C 323 -35.00 29.47 1.99
N ASP C 324 -34.55 30.54 2.63
CA ASP C 324 -34.39 30.53 4.08
C ASP C 324 -35.74 30.36 4.78
N SER C 325 -36.70 31.22 4.46
CA SER C 325 -38.01 31.15 5.10
C SER C 325 -38.71 29.84 4.78
N ALA C 326 -38.49 29.30 3.58
CA ALA C 326 -39.18 28.08 3.16
C ALA C 326 -38.76 26.87 3.98
N CYS C 327 -37.49 26.83 4.40
CA CYS C 327 -37.00 25.68 5.16
C CYS C 327 -37.44 25.76 6.62
N TYR C 328 -37.28 26.93 7.25
CA TYR C 328 -37.69 27.08 8.64
C TYR C 328 -39.16 26.77 8.82
N GLU C 329 -39.98 27.00 7.80
CA GLU C 329 -41.38 26.62 7.87
C GLU C 329 -41.53 25.11 7.97
N ALA C 330 -40.66 24.36 7.29
CA ALA C 330 -40.68 22.90 7.38
C ALA C 330 -40.21 22.43 8.75
N MET C 331 -39.17 23.07 9.29
CA MET C 331 -38.70 22.72 10.62
C MET C 331 -39.73 23.04 11.69
N VAL C 332 -40.62 24.00 11.44
CA VAL C 332 -41.67 24.30 12.40
C VAL C 332 -42.64 23.12 12.52
N LEU C 333 -43.09 22.60 11.37
CA LEU C 333 -44.04 21.49 11.41
C LEU C 333 -43.43 20.25 12.03
N MET C 334 -42.12 20.04 11.83
CA MET C 334 -41.48 18.88 12.44
C MET C 334 -41.40 19.00 13.95
N ALA C 335 -41.61 20.19 14.51
CA ALA C 335 -41.52 20.40 15.94
C ALA C 335 -42.87 20.60 16.62
N GLN C 336 -43.95 20.65 15.86
CA GLN C 336 -45.27 20.90 16.42
C GLN C 336 -45.95 19.60 16.80
N PRO C 337 -46.25 19.37 18.08
CA PRO C 337 -46.86 18.09 18.49
C PRO C 337 -48.23 17.87 17.88
N PHE C 338 -48.79 18.86 17.20
CA PHE C 338 -50.11 18.76 16.63
C PHE C 338 -50.13 18.78 15.11
N SER C 339 -48.99 18.98 14.44
CA SER C 339 -48.83 18.77 13.01
C SER C 339 -48.26 17.40 12.70
N TYR C 340 -47.18 17.01 13.40
CA TYR C 340 -46.69 15.63 13.35
C TYR C 340 -47.21 14.83 14.55
N ARG C 341 -47.48 13.55 14.30
CA ARG C 341 -47.87 12.64 15.38
C ARG C 341 -46.69 12.34 16.29
N TYR C 342 -45.52 12.12 15.70
CA TYR C 342 -44.29 11.83 16.42
C TYR C 342 -43.26 12.87 16.00
N PRO C 343 -43.22 14.02 16.66
CA PRO C 343 -42.35 15.10 16.20
C PRO C 343 -40.89 14.70 16.12
N LEU C 344 -40.18 15.32 15.19
CA LEU C 344 -38.76 15.09 15.01
C LEU C 344 -37.88 16.13 15.69
N VAL C 345 -38.46 17.26 16.10
CA VAL C 345 -37.69 18.38 16.64
C VAL C 345 -38.36 18.87 17.91
N ASP C 346 -37.55 19.32 18.86
CA ASP C 346 -38.02 19.98 20.07
C ASP C 346 -37.37 21.36 20.13
N GLY C 347 -38.18 22.39 20.40
CA GLY C 347 -37.71 23.76 20.34
C GLY C 347 -38.04 24.54 21.60
N GLN C 348 -37.39 25.70 21.71
CA GLN C 348 -37.65 26.65 22.78
C GLN C 348 -38.04 27.97 22.15
N GLY C 349 -39.21 28.50 22.53
CA GLY C 349 -39.73 29.74 22.00
C GLY C 349 -41.17 29.57 21.57
N ASN C 350 -41.66 30.53 20.80
CA ASN C 350 -43.03 30.52 20.30
C ASN C 350 -43.05 29.72 19.00
N TRP C 351 -43.34 28.42 19.12
CA TRP C 351 -43.42 27.53 17.98
C TRP C 351 -44.84 27.38 17.46
N GLY C 352 -45.69 28.38 17.70
CA GLY C 352 -47.05 28.35 17.21
C GLY C 352 -48.02 27.72 18.19
N ALA C 353 -49.29 27.92 17.90
CA ALA C 353 -50.38 27.42 18.73
C ALA C 353 -51.35 26.65 17.85
N PRO C 354 -52.17 25.78 18.43
CA PRO C 354 -53.15 25.04 17.62
C PRO C 354 -54.12 25.94 16.89
N ASP C 355 -54.49 27.09 17.46
CA ASP C 355 -55.43 27.99 16.79
C ASP C 355 -54.88 28.47 15.45
N ASP C 356 -53.56 28.67 15.36
CA ASP C 356 -52.93 28.98 14.09
C ASP C 356 -51.47 28.55 14.11
N PRO C 357 -51.12 27.48 13.39
CA PRO C 357 -49.72 27.02 13.40
C PRO C 357 -48.73 28.05 12.91
N LYS C 358 -49.16 29.06 12.16
CA LYS C 358 -48.25 30.02 11.56
C LYS C 358 -47.97 31.24 12.43
N SER C 359 -48.33 31.19 13.71
CA SER C 359 -48.14 32.31 14.64
C SER C 359 -46.79 32.23 15.31
N PHE C 360 -45.81 31.63 14.64
CA PHE C 360 -44.57 31.23 15.28
C PHE C 360 -43.51 32.35 15.18
N ALA C 361 -42.51 32.24 16.05
CA ALA C 361 -41.52 33.30 16.12
C ALA C 361 -40.45 33.10 15.05
N ALA C 362 -39.62 34.12 14.89
CA ALA C 362 -38.55 34.06 13.89
C ALA C 362 -37.51 33.01 14.30
N MET C 363 -36.70 32.61 13.32
CA MET C 363 -35.64 31.65 13.60
C MET C 363 -34.56 32.26 14.48
N ARG C 364 -34.32 33.57 14.36
CA ARG C 364 -33.31 34.22 15.18
C ARG C 364 -33.66 34.23 16.66
N TYR C 365 -34.93 34.00 17.00
CA TYR C 365 -35.36 34.00 18.40
C TYR C 365 -35.60 32.60 18.95
N THR C 366 -35.95 31.64 18.08
CA THR C 366 -36.31 30.30 18.53
C THR C 366 -35.10 29.38 18.51
N GLU C 367 -34.85 28.71 19.62
CA GLU C 367 -33.82 27.68 19.72
C GLU C 367 -34.47 26.31 19.50
N SER C 368 -33.67 25.36 19.01
CA SER C 368 -34.20 24.06 18.63
C SER C 368 -33.15 22.99 18.88
N ARG C 369 -33.60 21.73 18.81
CA ARG C 369 -32.74 20.56 18.89
C ARG C 369 -33.57 19.37 18.39
N LEU C 370 -32.92 18.21 18.29
CA LEU C 370 -33.60 17.01 17.85
C LEU C 370 -34.36 16.38 19.01
N SER C 371 -35.44 15.68 18.67
CA SER C 371 -36.26 15.05 19.69
C SER C 371 -35.82 13.60 19.92
N LYS C 372 -36.33 13.01 21.01
CA LYS C 372 -36.01 11.64 21.33
C LYS C 372 -36.41 10.70 20.18
N TYR C 373 -37.57 10.95 19.57
CA TYR C 373 -38.01 10.13 18.45
C TYR C 373 -37.08 10.24 17.25
N ALA C 374 -36.27 11.29 17.17
CA ALA C 374 -35.40 11.47 16.02
C ALA C 374 -34.27 10.44 15.98
N GLU C 375 -33.97 9.80 17.11
CA GLU C 375 -32.89 8.82 17.13
C GLU C 375 -33.19 7.62 16.26
N LEU C 376 -34.47 7.24 16.16
CA LEU C 376 -34.85 6.13 15.31
C LEU C 376 -34.46 6.34 13.85
N LEU C 377 -34.05 7.56 13.48
CA LEU C 377 -33.65 7.86 12.12
C LEU C 377 -32.16 8.08 11.96
N LEU C 378 -31.42 8.26 13.07
CA LEU C 378 -30.04 8.73 13.01
C LEU C 378 -29.04 7.86 13.77
N SER C 379 -29.47 7.02 14.71
CA SER C 379 -28.54 6.28 15.53
C SER C 379 -27.60 5.43 14.67
N GLU C 380 -28.15 4.73 13.68
CA GLU C 380 -27.40 3.78 12.86
C GLU C 380 -26.73 4.44 11.67
N LEU C 381 -26.47 5.75 11.74
CA LEU C 381 -25.94 6.46 10.59
C LEU C 381 -24.45 6.22 10.40
N GLY C 382 -23.72 5.98 11.49
CA GLY C 382 -22.30 5.75 11.44
C GLY C 382 -21.86 4.33 11.18
N GLN C 383 -22.82 3.41 11.04
CA GLN C 383 -22.54 2.00 10.80
C GLN C 383 -22.62 1.63 9.33
N GLY C 384 -22.23 2.55 8.44
CA GLY C 384 -22.23 2.27 7.02
C GLY C 384 -23.52 1.65 6.52
N THR C 385 -24.62 2.02 7.15
CA THR C 385 -25.93 1.46 6.82
C THR C 385 -26.64 2.23 5.72
N VAL C 386 -26.02 3.27 5.16
CA VAL C 386 -26.69 4.13 4.20
C VAL C 386 -25.68 4.61 3.16
N ASP C 387 -26.17 4.93 1.97
CA ASP C 387 -25.32 5.46 0.92
C ASP C 387 -24.97 6.91 1.22
N TRP C 388 -24.19 7.52 0.33
CA TRP C 388 -23.71 8.88 0.52
C TRP C 388 -23.44 9.49 -0.85
N VAL C 389 -24.09 10.61 -1.13
CA VAL C 389 -23.92 11.31 -2.41
C VAL C 389 -23.36 12.70 -2.13
N PRO C 390 -22.57 13.26 -3.04
CA PRO C 390 -22.06 14.61 -2.81
C PRO C 390 -23.19 15.63 -2.78
N ASN C 391 -22.88 16.80 -2.24
CA ASN C 391 -23.82 17.91 -2.18
C ASN C 391 -23.74 18.72 -3.50
N PHE C 392 -24.48 19.83 -3.51
CA PHE C 392 -24.57 20.68 -4.71
C PHE C 392 -23.24 21.35 -5.08
N ASP C 393 -22.43 21.76 -4.11
CA ASP C 393 -21.13 22.35 -4.46
C ASP C 393 -20.01 21.33 -4.53
N GLY C 394 -20.17 20.19 -3.87
CA GLY C 394 -19.17 19.15 -3.89
C GLY C 394 -18.16 19.18 -2.76
N THR C 395 -18.26 20.16 -1.86
CA THR C 395 -17.30 20.27 -0.77
C THR C 395 -17.58 19.30 0.37
N LEU C 396 -18.83 18.87 0.54
CA LEU C 396 -19.21 18.03 1.66
C LEU C 396 -19.94 16.77 1.18
N GLN C 397 -20.38 15.96 2.14
CA GLN C 397 -20.96 14.65 1.90
C GLN C 397 -22.24 14.53 2.70
N GLU C 398 -23.34 14.19 2.03
CA GLU C 398 -24.63 14.07 2.68
C GLU C 398 -25.25 12.71 2.43
N PRO C 399 -26.07 12.22 3.35
CA PRO C 399 -26.70 10.90 3.15
C PRO C 399 -27.89 10.97 2.20
N LYS C 400 -27.96 9.97 1.30
CA LYS C 400 -29.08 9.91 0.38
C LYS C 400 -30.38 9.59 1.09
N MET C 401 -30.30 8.88 2.20
CA MET C 401 -31.47 8.50 2.99
C MET C 401 -31.00 8.36 4.44
N LEU C 402 -31.88 7.85 5.30
CA LEU C 402 -31.52 7.70 6.70
C LEU C 402 -31.92 6.32 7.21
N PRO C 403 -31.11 5.72 8.08
CA PRO C 403 -31.44 4.37 8.57
C PRO C 403 -32.58 4.39 9.57
N ALA C 404 -33.80 4.40 9.06
CA ALA C 404 -34.98 4.39 9.93
C ALA C 404 -35.11 3.04 10.62
N ARG C 405 -35.29 3.06 11.93
CA ARG C 405 -35.51 1.82 12.68
C ARG C 405 -36.98 1.48 12.83
N LEU C 406 -37.88 2.38 12.45
CA LEU C 406 -39.31 2.10 12.39
C LEU C 406 -39.88 2.78 11.15
N PRO C 407 -41.05 2.33 10.69
CA PRO C 407 -41.59 2.88 9.44
C PRO C 407 -42.08 4.31 9.59
N ASN C 408 -41.16 5.27 9.58
CA ASN C 408 -41.57 6.66 9.75
C ASN C 408 -42.56 7.09 8.68
N ILE C 409 -42.45 6.52 7.47
CA ILE C 409 -43.38 6.87 6.39
C ILE C 409 -44.83 6.72 6.83
N LEU C 410 -45.10 5.79 7.76
CA LEU C 410 -46.45 5.61 8.26
C LEU C 410 -46.67 6.24 9.62
N LEU C 411 -45.61 6.55 10.36
CA LEU C 411 -45.78 7.05 11.72
C LEU C 411 -46.12 8.53 11.73
N ASN C 412 -45.40 9.33 10.95
CA ASN C 412 -45.68 10.75 10.83
C ASN C 412 -46.48 11.11 9.59
N GLY C 413 -46.26 10.40 8.48
CA GLY C 413 -46.98 10.67 7.26
C GLY C 413 -46.53 11.97 6.63
N THR C 414 -47.09 12.24 5.45
CA THR C 414 -46.79 13.47 4.73
C THR C 414 -48.02 13.87 3.93
N THR C 415 -48.00 15.12 3.45
CA THR C 415 -49.04 15.62 2.56
C THR C 415 -48.36 16.59 1.60
N GLY C 416 -47.99 16.09 0.41
CA GLY C 416 -47.26 16.86 -0.56
C GLY C 416 -48.04 17.07 -1.86
N ILE C 417 -47.48 17.92 -2.71
CA ILE C 417 -48.08 18.22 -4.01
C ILE C 417 -46.98 18.32 -5.05
N ALA C 418 -46.86 17.29 -5.89
CA ALA C 418 -45.92 17.31 -6.99
C ALA C 418 -46.64 17.76 -8.26
N VAL C 419 -45.93 17.72 -9.39
CA VAL C 419 -46.51 18.11 -10.68
C VAL C 419 -46.95 16.83 -11.38
N GLY C 420 -48.26 16.56 -11.36
CA GLY C 420 -48.82 15.34 -11.91
C GLY C 420 -49.28 14.35 -10.87
N MET C 421 -48.88 14.51 -9.62
CA MET C 421 -49.26 13.59 -8.57
C MET C 421 -49.10 14.30 -7.23
N ALA C 422 -49.68 13.70 -6.20
CA ALA C 422 -49.60 14.24 -4.84
C ALA C 422 -49.53 13.07 -3.86
N THR C 423 -49.28 13.40 -2.60
CA THR C 423 -49.21 12.44 -1.52
C THR C 423 -50.04 12.94 -0.35
N ASP C 424 -50.74 12.02 0.31
CA ASP C 424 -51.50 12.32 1.53
C ASP C 424 -51.49 11.05 2.38
N ILE C 425 -50.55 10.97 3.30
CA ILE C 425 -50.36 9.80 4.14
C ILE C 425 -50.65 10.21 5.58
N PRO C 426 -51.70 9.69 6.20
CA PRO C 426 -52.00 10.07 7.59
C PRO C 426 -51.05 9.41 8.56
N PRO C 427 -50.85 9.99 9.74
CA PRO C 427 -50.00 9.34 10.75
C PRO C 427 -50.67 8.13 11.36
N HIS C 428 -49.85 7.22 11.88
CA HIS C 428 -50.34 6.00 12.51
C HIS C 428 -49.61 5.78 13.83
N ASN C 429 -50.20 4.92 14.66
CA ASN C 429 -49.61 4.62 15.96
C ASN C 429 -48.31 3.83 15.81
N LEU C 430 -47.37 4.07 16.72
CA LEU C 430 -46.08 3.40 16.64
C LEU C 430 -46.16 1.96 17.11
N ARG C 431 -46.87 1.70 18.21
CA ARG C 431 -46.99 0.33 18.70
C ARG C 431 -47.85 -0.52 17.78
N GLU C 432 -48.82 0.09 17.09
CA GLU C 432 -49.68 -0.68 16.21
C GLU C 432 -48.97 -1.08 14.92
N VAL C 433 -48.06 -0.24 14.42
CA VAL C 433 -47.29 -0.59 13.23
C VAL C 433 -46.20 -1.58 13.56
N ALA C 434 -45.55 -1.40 14.71
CA ALA C 434 -44.47 -2.30 15.10
C ALA C 434 -44.96 -3.74 15.19
N LYS C 435 -46.01 -3.97 15.98
CA LYS C 435 -46.58 -5.30 16.08
C LYS C 435 -46.97 -5.82 14.70
N ALA C 436 -47.43 -4.94 13.83
CA ALA C 436 -47.75 -5.36 12.47
C ALA C 436 -46.50 -5.75 11.69
N ALA C 437 -45.38 -5.08 11.96
CA ALA C 437 -44.12 -5.47 11.32
C ALA C 437 -43.58 -6.76 11.91
N ILE C 438 -43.76 -6.95 13.22
CA ILE C 438 -43.30 -8.17 13.86
C ILE C 438 -44.10 -9.37 13.37
N THR C 439 -45.43 -9.22 13.30
CA THR C 439 -46.27 -10.33 12.88
C THR C 439 -46.22 -10.59 11.38
N LEU C 440 -45.58 -9.73 10.60
CA LEU C 440 -45.42 -9.98 9.17
C LEU C 440 -44.15 -10.75 8.86
N ILE C 441 -43.14 -10.70 9.73
CA ILE C 441 -41.96 -11.52 9.54
C ILE C 441 -42.14 -12.90 10.18
N GLU C 442 -42.96 -13.01 11.22
CA GLU C 442 -43.26 -14.32 11.79
C GLU C 442 -44.20 -15.11 10.90
N GLN C 443 -45.00 -14.42 10.09
CA GLN C 443 -45.85 -15.06 9.09
C GLN C 443 -45.82 -14.22 7.82
N PRO C 444 -44.81 -14.43 6.97
CA PRO C 444 -44.73 -13.63 5.74
C PRO C 444 -45.96 -13.72 4.86
N LYS C 445 -46.80 -14.74 5.04
CA LYS C 445 -48.02 -14.89 4.26
C LYS C 445 -49.19 -14.11 4.84
N THR C 446 -48.93 -13.21 5.78
CA THR C 446 -50.01 -12.45 6.41
C THR C 446 -50.76 -11.64 5.37
N THR C 447 -52.09 -11.69 5.45
CA THR C 447 -52.94 -10.93 4.55
C THR C 447 -53.31 -9.59 5.18
N LEU C 448 -53.91 -8.72 4.36
CA LEU C 448 -54.24 -7.37 4.84
C LEU C 448 -55.25 -7.42 5.97
N ASP C 449 -56.27 -8.27 5.86
CA ASP C 449 -57.27 -8.35 6.91
C ASP C 449 -56.63 -8.69 8.25
N GLU C 450 -55.58 -9.52 8.24
CA GLU C 450 -54.89 -9.84 9.49
C GLU C 450 -54.11 -8.64 10.02
N LEU C 451 -53.56 -7.83 9.12
CA LEU C 451 -52.83 -6.63 9.56
C LEU C 451 -53.77 -5.61 10.19
N LEU C 452 -55.00 -5.52 9.70
CA LEU C 452 -55.95 -4.55 10.25
C LEU C 452 -56.41 -4.91 11.65
N ASP C 453 -56.31 -6.20 12.02
CA ASP C 453 -56.63 -6.61 13.40
C ASP C 453 -55.69 -5.97 14.41
N ILE C 454 -54.48 -5.59 13.97
CA ILE C 454 -53.53 -4.86 14.81
C ILE C 454 -53.46 -3.39 14.41
N VAL C 455 -53.07 -3.12 13.16
CA VAL C 455 -53.08 -1.74 12.68
C VAL C 455 -54.53 -1.30 12.55
N GLN C 456 -54.97 -0.40 13.43
CA GLN C 456 -56.38 -0.06 13.54
C GLN C 456 -56.79 1.12 12.65
N GLY C 457 -55.84 1.92 12.19
CA GLY C 457 -56.14 3.03 11.32
C GLY C 457 -55.30 4.24 11.65
N PRO C 458 -55.64 5.39 11.07
CA PRO C 458 -54.88 6.61 11.36
C PRO C 458 -54.95 6.99 12.82
N ASP C 459 -53.82 7.46 13.35
CA ASP C 459 -53.70 7.92 14.72
C ASP C 459 -53.21 9.36 14.66
N PHE C 460 -54.15 10.31 14.72
CA PHE C 460 -53.82 11.73 14.67
C PHE C 460 -53.45 12.23 16.06
N PRO C 461 -52.71 13.35 16.15
CA PRO C 461 -52.36 13.94 17.45
C PRO C 461 -53.52 14.72 18.08
N THR C 462 -54.70 14.10 18.09
CA THR C 462 -55.90 14.70 18.68
C THR C 462 -56.72 13.61 19.35
N GLU C 463 -57.67 14.02 20.18
CA GLU C 463 -58.55 13.08 20.86
C GLU C 463 -59.91 12.97 20.18
N ALA C 464 -60.02 13.46 18.95
CA ALA C 464 -61.28 13.38 18.22
C ALA C 464 -61.48 11.99 17.64
N GLU C 465 -62.71 11.50 17.72
CA GLU C 465 -63.03 10.15 17.27
C GLU C 465 -63.10 10.08 15.75
N ILE C 466 -62.50 9.03 15.19
CA ILE C 466 -62.59 8.74 13.76
C ILE C 466 -63.85 7.93 13.54
N ILE C 467 -64.81 8.52 12.81
CA ILE C 467 -66.12 7.89 12.65
C ILE C 467 -66.21 7.01 11.40
N THR C 468 -65.19 7.03 10.54
CA THR C 468 -65.25 6.24 9.32
C THR C 468 -65.42 4.77 9.65
N SER C 469 -66.25 4.09 8.84
CA SER C 469 -66.56 2.69 9.10
C SER C 469 -65.33 1.81 8.97
N ARG C 470 -65.32 0.72 9.75
CA ARG C 470 -64.20 -0.20 9.70
C ARG C 470 -63.99 -0.73 8.29
N ALA C 471 -65.07 -1.17 7.64
CA ALA C 471 -64.94 -1.73 6.29
C ALA C 471 -64.48 -0.65 5.30
N GLU C 472 -64.94 0.58 5.47
CA GLU C 472 -64.47 1.65 4.60
C GLU C 472 -62.97 1.82 4.69
N ILE C 473 -62.39 1.59 5.87
CA ILE C 473 -60.95 1.69 6.02
C ILE C 473 -60.25 0.59 5.24
N ARG C 474 -60.78 -0.63 5.31
CA ARG C 474 -60.20 -1.74 4.57
C ARG C 474 -60.05 -1.38 3.10
N LYS C 475 -61.04 -0.71 2.53
CA LYS C 475 -60.93 -0.29 1.13
C LYS C 475 -59.77 0.69 0.96
N ILE C 476 -59.61 1.62 1.91
CA ILE C 476 -58.57 2.63 1.79
C ILE C 476 -57.19 1.99 1.83
N TYR C 477 -57.04 0.95 2.65
CA TYR C 477 -55.76 0.27 2.82
C TYR C 477 -55.58 -0.89 1.84
N GLN C 478 -56.55 -1.13 0.96
CA GLN C 478 -56.39 -2.07 -0.15
C GLN C 478 -56.22 -1.38 -1.49
N ASN C 479 -56.86 -0.22 -1.67
CA ASN C 479 -56.79 0.53 -2.92
C ASN C 479 -55.78 1.66 -2.90
N GLY C 480 -55.27 2.02 -1.72
CA GLY C 480 -54.32 3.10 -1.61
C GLY C 480 -54.90 4.49 -1.73
N ARG C 481 -56.22 4.63 -1.75
CA ARG C 481 -56.87 5.92 -1.89
C ARG C 481 -58.17 5.89 -1.09
N GLY C 482 -58.74 7.06 -0.88
CA GLY C 482 -59.99 7.22 -0.16
C GLY C 482 -59.88 8.33 0.86
N SER C 483 -60.90 8.44 1.71
CA SER C 483 -60.97 9.50 2.71
C SER C 483 -61.57 8.97 4.00
N VAL C 484 -61.10 9.53 5.11
CA VAL C 484 -61.65 9.26 6.43
C VAL C 484 -62.13 10.60 7.02
N ARG C 485 -63.07 10.51 7.95
CA ARG C 485 -63.67 11.70 8.54
C ARG C 485 -63.56 11.63 10.06
N MET C 486 -63.20 12.75 10.67
CA MET C 486 -63.10 12.87 12.12
C MET C 486 -64.23 13.75 12.63
N ARG C 487 -64.52 13.60 13.93
CA ARG C 487 -65.57 14.39 14.59
C ARG C 487 -65.11 14.72 16.00
N ALA C 488 -65.43 15.94 16.44
CA ALA C 488 -64.98 16.39 17.74
C ALA C 488 -65.70 15.67 18.87
N VAL C 489 -65.11 15.75 20.06
CA VAL C 489 -65.68 15.16 21.26
C VAL C 489 -66.32 16.27 22.09
N TRP C 490 -67.38 15.93 22.82
CA TRP C 490 -68.12 16.92 23.57
C TRP C 490 -68.98 16.23 24.62
N SER C 491 -69.19 16.93 25.73
CA SER C 491 -70.11 16.52 26.79
C SER C 491 -71.25 17.53 26.87
N LYS C 492 -72.18 17.26 27.79
CA LYS C 492 -73.33 18.14 28.03
C LYS C 492 -73.37 18.58 29.49
N GLU C 493 -72.22 18.97 30.02
CA GLU C 493 -72.12 19.33 31.43
C GLU C 493 -73.05 20.51 31.75
N ASP C 494 -74.02 20.26 32.63
CA ASP C 494 -74.95 21.29 33.06
C ASP C 494 -75.84 21.75 31.90
N GLY C 495 -76.21 20.83 31.03
CA GLY C 495 -77.07 21.15 29.91
C GLY C 495 -76.32 21.77 28.75
N ALA C 496 -75.43 22.72 29.05
CA ALA C 496 -74.61 23.32 28.01
C ALA C 496 -73.68 22.28 27.41
N VAL C 497 -73.49 22.36 26.09
CA VAL C 497 -72.55 21.48 25.42
C VAL C 497 -71.15 22.08 25.51
N VAL C 498 -70.16 21.23 25.78
CA VAL C 498 -68.78 21.65 25.95
C VAL C 498 -67.91 20.73 25.09
N ILE C 499 -67.28 21.30 24.07
CA ILE C 499 -66.36 20.53 23.24
C ILE C 499 -65.04 20.37 23.98
N THR C 500 -64.51 19.15 23.97
CA THR C 500 -63.29 18.81 24.69
C THR C 500 -62.06 18.67 23.80
N ALA C 501 -62.23 18.21 22.57
CA ALA C 501 -61.11 18.04 21.65
C ALA C 501 -61.61 18.21 20.22
N LEU C 502 -60.79 18.83 19.39
CA LEU C 502 -61.12 19.10 17.99
C LEU C 502 -60.37 18.16 17.06
N PRO C 503 -60.89 17.95 15.85
CA PRO C 503 -60.17 17.12 14.86
C PRO C 503 -58.83 17.70 14.48
N HIS C 504 -58.08 16.96 13.67
CA HIS C 504 -56.72 17.36 13.31
C HIS C 504 -56.75 18.56 12.38
N GLN C 505 -55.82 19.49 12.61
CA GLN C 505 -55.65 20.67 11.77
C GLN C 505 -56.87 21.60 11.82
N VAL C 506 -57.70 21.46 12.85
CA VAL C 506 -58.91 22.28 13.00
C VAL C 506 -58.65 23.31 14.08
N SER C 507 -58.73 24.58 13.73
CA SER C 507 -58.49 25.66 14.68
C SER C 507 -59.73 25.90 15.54
N GLY C 508 -59.49 26.08 16.84
CA GLY C 508 -60.60 26.41 17.73
C GLY C 508 -61.19 27.78 17.41
N ALA C 509 -60.32 28.77 17.22
CA ALA C 509 -60.79 30.09 16.84
C ALA C 509 -61.62 30.03 15.56
N LYS C 510 -61.17 29.25 14.58
CA LYS C 510 -61.90 29.15 13.32
C LYS C 510 -63.24 28.43 13.52
N VAL C 511 -63.22 27.28 14.20
CA VAL C 511 -64.45 26.53 14.43
C VAL C 511 -65.45 27.39 15.19
N LEU C 512 -64.97 28.20 16.13
CA LEU C 512 -65.86 29.07 16.88
C LEU C 512 -66.39 30.20 16.00
N GLU C 513 -65.51 30.80 15.19
CA GLU C 513 -65.96 31.88 14.32
C GLU C 513 -67.03 31.39 13.35
N GLN C 514 -66.86 30.17 12.81
CA GLN C 514 -67.88 29.59 11.95
C GLN C 514 -69.19 29.40 12.73
N ILE C 515 -69.09 28.80 13.91
CA ILE C 515 -70.27 28.59 14.74
C ILE C 515 -70.83 29.90 15.29
N ALA C 516 -70.08 30.99 15.20
CA ALA C 516 -70.53 32.29 15.67
C ALA C 516 -71.19 33.10 14.56
N ALA C 517 -70.54 33.18 13.39
CA ALA C 517 -71.10 33.92 12.27
C ALA C 517 -72.49 33.40 11.90
N GLN C 518 -72.76 32.12 12.16
CA GLN C 518 -74.11 31.59 11.92
C GLN C 518 -75.14 32.32 12.77
N MET C 519 -74.83 32.53 14.05
CA MET C 519 -75.78 33.20 14.92
C MET C 519 -76.10 34.59 14.39
N ARG C 520 -75.08 35.34 13.96
CA ARG C 520 -75.31 36.66 13.40
C ARG C 520 -76.19 36.59 12.16
N ASN C 521 -76.05 35.54 11.35
CA ASN C 521 -76.91 35.32 10.20
C ASN C 521 -78.25 34.68 10.58
N LYS C 522 -78.61 34.70 11.86
CA LYS C 522 -79.93 34.27 12.35
C LYS C 522 -80.22 32.81 12.02
N LYS C 523 -79.18 32.02 11.75
CA LYS C 523 -79.35 30.62 11.40
C LYS C 523 -79.47 29.71 12.62
N LEU C 524 -79.18 30.22 13.83
CA LEU C 524 -79.25 29.44 15.06
C LEU C 524 -79.90 30.28 16.15
N PRO C 525 -81.21 30.53 16.04
CA PRO C 525 -81.93 31.33 17.05
C PRO C 525 -82.18 30.61 18.37
N MET C 526 -81.80 29.33 18.49
CA MET C 526 -81.97 28.58 19.73
C MET C 526 -80.72 28.57 20.59
N VAL C 527 -79.60 29.06 20.08
CA VAL C 527 -78.35 29.10 20.82
C VAL C 527 -78.31 30.36 21.67
N ASP C 528 -77.95 30.22 22.93
CA ASP C 528 -77.86 31.36 23.84
C ASP C 528 -76.53 32.09 23.67
N ASP C 529 -75.42 31.38 23.89
CA ASP C 529 -74.10 31.99 23.82
C ASP C 529 -73.06 30.94 23.45
N LEU C 530 -71.89 31.43 23.04
CA LEU C 530 -70.74 30.59 22.74
C LEU C 530 -69.51 31.16 23.45
N ARG C 531 -68.81 30.31 24.19
CA ARG C 531 -67.67 30.73 24.99
C ARG C 531 -66.49 29.80 24.75
N ASP C 532 -65.29 30.37 24.77
CA ASP C 532 -64.03 29.65 24.57
C ASP C 532 -63.28 29.61 25.90
N GLU C 533 -63.43 28.50 26.63
CA GLU C 533 -62.81 28.35 27.94
C GLU C 533 -61.46 27.65 27.88
N SER C 534 -60.72 27.83 26.79
CA SER C 534 -59.40 27.21 26.67
C SER C 534 -58.41 27.91 27.59
N ASP C 535 -57.66 27.12 28.35
CA ASP C 535 -56.65 27.64 29.25
C ASP C 535 -55.51 26.63 29.33
N HIS C 536 -54.63 26.81 30.33
CA HIS C 536 -53.49 25.90 30.48
C HIS C 536 -53.96 24.50 30.85
N GLU C 537 -54.86 24.40 31.84
CA GLU C 537 -55.35 23.10 32.27
C GLU C 537 -56.12 22.39 31.15
N ASN C 538 -57.09 23.08 30.57
CA ASN C 538 -57.91 22.52 29.50
C ASN C 538 -57.49 23.13 28.17
N PRO C 539 -56.89 22.36 27.26
CA PRO C 539 -56.34 22.97 26.04
C PRO C 539 -57.37 23.70 25.20
N THR C 540 -58.43 22.99 24.80
CA THR C 540 -59.47 23.54 23.93
C THR C 540 -60.82 23.21 24.55
N ARG C 541 -61.41 24.18 25.25
CA ARG C 541 -62.74 24.05 25.82
C ARG C 541 -63.65 25.07 25.14
N LEU C 542 -64.62 24.58 24.37
CA LEU C 542 -65.60 25.40 23.69
C LEU C 542 -66.97 25.07 24.24
N VAL C 543 -67.61 26.07 24.88
CA VAL C 543 -68.93 25.91 25.51
C VAL C 543 -69.99 26.47 24.57
N ILE C 544 -71.15 25.81 24.53
CA ILE C 544 -72.27 26.21 23.68
C ILE C 544 -73.54 26.03 24.50
N VAL C 545 -74.11 27.14 24.96
CA VAL C 545 -75.26 27.12 25.87
C VAL C 545 -76.53 27.35 25.06
N PRO C 546 -77.55 26.51 25.20
CA PRO C 546 -78.84 26.79 24.56
C PRO C 546 -79.71 27.71 25.40
N ARG C 547 -80.66 28.34 24.71
CA ARG C 547 -81.58 29.25 25.39
C ARG C 547 -82.37 28.52 26.47
N SER C 548 -82.99 27.40 26.11
CA SER C 548 -83.81 26.63 27.03
C SER C 548 -83.25 25.21 27.18
N ASN C 549 -83.43 24.64 28.38
CA ASN C 549 -83.07 23.25 28.57
C ASN C 549 -83.87 22.34 27.63
N ARG C 550 -85.01 22.80 27.14
CA ARG C 550 -85.83 22.03 26.22
C ARG C 550 -85.36 22.16 24.77
N VAL C 551 -84.19 22.73 24.54
CA VAL C 551 -83.63 22.86 23.19
C VAL C 551 -82.86 21.58 22.87
N ASP C 552 -83.14 21.01 21.69
CA ASP C 552 -82.56 19.73 21.31
C ASP C 552 -81.13 19.92 20.81
N MET C 553 -80.23 20.19 21.76
CA MET C 553 -78.82 20.35 21.43
C MET C 553 -78.28 19.13 20.71
N GLU C 554 -78.85 17.94 20.98
CA GLU C 554 -78.43 16.77 20.22
C GLU C 554 -78.65 17.00 18.73
N GLN C 555 -79.76 17.64 18.37
CA GLN C 555 -80.04 17.94 16.97
C GLN C 555 -79.28 19.16 16.48
N VAL C 556 -79.05 20.13 17.35
CA VAL C 556 -78.27 21.31 16.98
C VAL C 556 -76.88 20.89 16.52
N MET C 557 -76.28 19.90 17.20
CA MET C 557 -74.92 19.48 16.88
C MET C 557 -74.88 18.78 15.53
N ASN C 558 -75.80 17.85 15.27
CA ASN C 558 -75.82 17.17 13.98
C ASN C 558 -75.83 18.17 12.83
N HIS C 559 -76.33 19.38 13.06
CA HIS C 559 -76.24 20.44 12.08
C HIS C 559 -74.82 21.02 12.01
N LEU C 560 -74.24 21.33 13.16
CA LEU C 560 -72.95 22.01 13.17
C LEU C 560 -71.84 21.12 12.64
N PHE C 561 -71.98 19.80 12.76
CA PHE C 561 -70.98 18.92 12.17
C PHE C 561 -70.96 19.07 10.66
N ALA C 562 -72.14 19.06 10.04
CA ALA C 562 -72.25 19.21 8.59
C ALA C 562 -72.20 20.67 8.15
N THR C 563 -71.95 21.60 9.05
CA THR C 563 -71.85 23.02 8.73
C THR C 563 -70.47 23.58 9.05
N THR C 564 -69.96 23.37 10.26
CA THR C 564 -68.69 23.92 10.68
C THR C 564 -67.59 22.87 10.49
N ASP C 565 -66.38 23.19 10.96
CA ASP C 565 -65.24 22.27 10.89
C ASP C 565 -65.20 21.30 12.06
N LEU C 566 -66.31 21.15 12.80
CA LEU C 566 -66.35 20.16 13.87
C LEU C 566 -66.23 18.74 13.33
N GLU C 567 -66.54 18.53 12.05
CA GLU C 567 -66.33 17.24 11.38
C GLU C 567 -65.61 17.51 10.07
N LYS C 568 -64.36 17.08 9.98
CA LYS C 568 -63.50 17.35 8.84
C LYS C 568 -63.11 16.05 8.16
N SER C 569 -63.25 16.00 6.85
CA SER C 569 -62.79 14.84 6.09
C SER C 569 -61.29 14.93 5.86
N TYR C 570 -60.69 13.79 5.51
CA TYR C 570 -59.26 13.72 5.28
C TYR C 570 -59.02 12.71 4.15
N ARG C 571 -58.55 13.20 3.02
CA ARG C 571 -58.26 12.33 1.89
C ARG C 571 -56.91 11.65 2.10
N ILE C 572 -56.84 10.37 1.73
CA ILE C 572 -55.65 9.55 1.91
C ILE C 572 -55.18 9.11 0.53
N ASN C 573 -53.90 9.37 0.25
CA ASN C 573 -53.27 9.00 -1.02
C ASN C 573 -51.87 8.52 -0.67
N LEU C 574 -51.69 7.21 -0.61
CA LEU C 574 -50.45 6.59 -0.14
C LEU C 574 -49.42 6.46 -1.27
N ASN C 575 -49.10 7.62 -1.85
CA ASN C 575 -48.10 7.72 -2.90
C ASN C 575 -46.76 8.08 -2.29
N MET C 576 -45.71 7.37 -2.70
CA MET C 576 -44.40 7.52 -2.09
C MET C 576 -43.35 6.97 -3.05
N ILE C 577 -42.11 7.44 -2.86
CA ILE C 577 -40.98 6.93 -3.61
C ILE C 577 -40.60 5.57 -3.03
N GLY C 578 -40.84 4.51 -3.79
CA GLY C 578 -40.47 3.19 -3.35
C GLY C 578 -38.97 2.96 -3.40
N LEU C 579 -38.56 1.83 -2.83
CA LEU C 579 -37.15 1.49 -2.85
C LEU C 579 -36.61 1.46 -4.26
N ASP C 580 -37.44 1.13 -5.23
CA ASP C 580 -36.98 1.06 -6.62
C ASP C 580 -36.73 2.41 -7.23
N GLY C 581 -36.76 3.50 -6.46
CA GLY C 581 -36.49 4.83 -6.96
C GLY C 581 -37.60 5.45 -7.78
N ARG C 582 -38.80 4.87 -7.76
CA ARG C 582 -39.92 5.33 -8.55
C ARG C 582 -41.10 5.65 -7.63
N PRO C 583 -41.88 6.68 -7.95
CA PRO C 583 -43.11 6.92 -7.18
C PRO C 583 -44.16 5.87 -7.51
N ALA C 584 -44.95 5.53 -6.50
CA ALA C 584 -45.97 4.51 -6.68
C ALA C 584 -46.90 4.52 -5.48
N VAL C 585 -48.15 4.15 -5.72
CA VAL C 585 -49.17 4.15 -4.68
C VAL C 585 -49.22 2.72 -4.12
N LYS C 586 -48.59 2.52 -2.96
CA LYS C 586 -48.63 1.26 -2.26
C LYS C 586 -49.85 1.20 -1.36
N ASN C 587 -50.23 -0.02 -0.97
CA ASN C 587 -51.23 -0.22 0.07
C ASN C 587 -50.53 -0.58 1.38
N LEU C 588 -51.32 -0.85 2.41
CA LEU C 588 -50.75 -1.08 3.73
C LEU C 588 -49.79 -2.27 3.71
N LEU C 589 -50.19 -3.37 3.06
CA LEU C 589 -49.32 -4.54 3.00
C LEU C 589 -48.06 -4.25 2.20
N GLU C 590 -48.21 -3.58 1.05
CA GLU C 590 -47.05 -3.28 0.22
C GLU C 590 -46.09 -2.33 0.92
N ILE C 591 -46.61 -1.46 1.79
CA ILE C 591 -45.75 -0.50 2.48
C ILE C 591 -44.95 -1.19 3.57
N LEU C 592 -45.60 -2.05 4.36
CA LEU C 592 -44.89 -2.76 5.42
C LEU C 592 -43.96 -3.82 4.85
N SER C 593 -44.46 -4.62 3.89
CA SER C 593 -43.61 -5.65 3.30
C SER C 593 -42.38 -5.04 2.66
N GLU C 594 -42.54 -3.89 1.98
CA GLU C 594 -41.42 -3.25 1.31
C GLU C 594 -40.51 -2.50 2.27
N TRP C 595 -40.99 -2.15 3.46
CA TRP C 595 -40.11 -1.54 4.44
C TRP C 595 -39.22 -2.58 5.10
N LEU C 596 -39.80 -3.72 5.47
CA LEU C 596 -39.01 -4.80 6.04
C LEU C 596 -37.91 -5.25 5.08
N VAL C 597 -38.14 -5.12 3.77
CA VAL C 597 -37.05 -5.29 2.82
C VAL C 597 -36.01 -4.21 3.04
N PHE C 598 -36.44 -2.98 3.34
CA PHE C 598 -35.49 -1.90 3.59
C PHE C 598 -34.79 -2.09 4.93
N ARG C 599 -35.53 -2.45 5.97
CA ARG C 599 -34.91 -2.60 7.28
C ARG C 599 -34.01 -3.82 7.32
N ARG C 600 -34.47 -4.95 6.79
CA ARG C 600 -33.65 -6.15 6.79
C ARG C 600 -32.36 -5.95 6.01
N ASP C 601 -32.36 -5.02 5.06
CA ASP C 601 -31.15 -4.79 4.26
C ASP C 601 -30.18 -3.84 4.94
N THR C 602 -30.67 -2.90 5.75
CA THR C 602 -29.76 -1.99 6.43
C THR C 602 -29.08 -2.69 7.61
N VAL C 603 -29.84 -3.45 8.40
CA VAL C 603 -29.22 -4.23 9.48
C VAL C 603 -28.19 -5.20 8.90
N ARG C 604 -28.55 -5.89 7.82
CA ARG C 604 -27.57 -6.66 7.06
C ARG C 604 -26.32 -5.85 6.82
N ARG C 605 -26.47 -4.58 6.43
CA ARG C 605 -25.33 -3.69 6.26
C ARG C 605 -24.77 -3.23 7.59
N ARG C 606 -25.63 -3.03 8.58
CA ARG C 606 -25.16 -2.62 9.90
C ARG C 606 -24.31 -3.70 10.55
N LEU C 607 -24.67 -4.97 10.34
CA LEU C 607 -23.89 -6.07 10.90
C LEU C 607 -22.55 -6.20 10.19
N ASN C 608 -22.57 -6.38 8.86
CA ASN C 608 -21.33 -6.53 8.13
C ASN C 608 -20.36 -5.39 8.40
N HIS C 609 -20.88 -4.19 8.69
CA HIS C 609 -20.00 -3.06 8.98
C HIS C 609 -19.20 -3.29 10.26
N ARG C 610 -19.89 -3.67 11.34
CA ARG C 610 -19.20 -3.97 12.60
C ARG C 610 -18.22 -5.13 12.41
N LEU C 611 -18.68 -6.21 11.79
CA LEU C 611 -17.79 -7.34 11.50
C LEU C 611 -16.55 -6.87 10.75
N GLU C 612 -16.73 -5.98 9.77
CA GLU C 612 -15.60 -5.49 9.01
C GLU C 612 -14.59 -4.76 9.89
N LYS C 613 -15.05 -4.11 10.96
CA LYS C 613 -14.14 -3.41 11.87
C LYS C 613 -13.61 -4.32 12.97
N VAL C 614 -14.42 -5.27 13.46
CA VAL C 614 -13.91 -6.23 14.42
C VAL C 614 -12.75 -7.02 13.82
N LEU C 615 -12.95 -7.55 12.62
CA LEU C 615 -11.88 -8.25 11.93
C LEU C 615 -10.61 -7.39 11.89
N LYS C 616 -10.72 -6.19 11.30
CA LYS C 616 -9.55 -5.34 11.19
C LYS C 616 -8.95 -5.00 12.54
N ARG C 617 -9.73 -5.05 13.61
CA ARG C 617 -9.18 -4.85 14.94
C ARG C 617 -8.40 -6.08 15.40
N LEU C 618 -9.06 -7.24 15.38
CA LEU C 618 -8.38 -8.48 15.74
C LEU C 618 -7.11 -8.66 14.92
N HIS C 619 -7.09 -8.19 13.68
CA HIS C 619 -5.89 -8.29 12.86
C HIS C 619 -4.79 -7.39 13.40
N ILE C 620 -5.15 -6.19 13.86
CA ILE C 620 -4.16 -5.34 14.50
C ILE C 620 -3.69 -5.97 15.80
N LEU C 621 -4.62 -6.48 16.60
CA LEU C 621 -4.26 -6.99 17.92
C LEU C 621 -3.25 -8.14 17.80
N GLU C 622 -3.56 -9.15 16.99
CA GLU C 622 -2.63 -10.26 16.84
C GLU C 622 -1.25 -9.78 16.42
N GLY C 623 -1.19 -8.71 15.64
CA GLY C 623 0.09 -8.11 15.30
C GLY C 623 0.79 -7.50 16.49
N LEU C 624 0.02 -6.93 17.42
CA LEU C 624 0.62 -6.32 18.60
C LEU C 624 1.20 -7.38 19.53
N LEU C 625 0.42 -8.44 19.80
CA LEU C 625 0.90 -9.50 20.69
C LEU C 625 2.23 -10.07 20.19
N VAL C 626 2.39 -10.16 18.87
CA VAL C 626 3.66 -10.64 18.31
C VAL C 626 4.80 -9.73 18.76
N ALA C 627 4.55 -8.42 18.78
CA ALA C 627 5.59 -7.50 19.20
C ALA C 627 5.94 -7.71 20.67
N PHE C 628 4.92 -7.88 21.52
CA PHE C 628 5.19 -8.12 22.95
C PHE C 628 6.00 -9.39 23.15
N LEU C 629 5.63 -10.47 22.45
CA LEU C 629 6.41 -11.70 22.53
C LEU C 629 7.78 -11.57 21.90
N ASN C 630 8.05 -10.46 21.19
CA ASN C 630 9.35 -10.26 20.55
C ASN C 630 9.82 -8.82 20.71
N ILE C 631 9.47 -8.18 21.83
CA ILE C 631 9.80 -6.77 22.03
C ILE C 631 11.28 -6.51 21.83
N ASP C 632 12.12 -7.51 22.11
CA ASP C 632 13.56 -7.33 21.98
C ASP C 632 13.96 -7.15 20.51
N GLU C 633 13.54 -8.08 19.64
CA GLU C 633 13.92 -7.97 18.23
C GLU C 633 13.30 -6.74 17.58
N VAL C 634 12.02 -6.46 17.88
CA VAL C 634 11.36 -5.31 17.28
C VAL C 634 12.18 -4.05 17.52
N ILE C 635 12.41 -3.72 18.79
CA ILE C 635 13.13 -2.50 19.13
C ILE C 635 14.51 -2.50 18.48
N GLU C 636 15.13 -3.67 18.33
CA GLU C 636 16.44 -3.74 17.69
C GLU C 636 16.33 -3.47 16.20
N ILE C 637 15.27 -3.95 15.56
CA ILE C 637 15.07 -3.69 14.15
C ILE C 637 14.77 -2.22 13.90
N ILE C 638 14.07 -1.58 14.83
CA ILE C 638 13.68 -0.18 14.65
C ILE C 638 14.91 0.71 14.60
N ARG C 639 15.90 0.43 15.46
CA ARG C 639 17.08 1.27 15.54
C ARG C 639 18.17 0.87 14.55
N THR C 640 18.16 -0.37 14.09
CA THR C 640 19.20 -0.89 13.21
C THR C 640 18.70 -1.09 11.78
N GLU C 641 17.81 -0.20 11.32
CA GLU C 641 17.29 -0.30 9.96
C GLU C 641 16.73 1.05 9.54
N ASP C 642 16.96 1.43 8.29
CA ASP C 642 16.46 2.70 7.78
C ASP C 642 14.94 2.72 7.77
N GLU C 643 14.33 1.79 7.02
CA GLU C 643 12.87 1.63 6.99
C GLU C 643 12.51 0.35 7.73
N PRO C 644 11.98 0.43 8.96
CA PRO C 644 11.73 -0.80 9.73
C PRO C 644 10.55 -1.62 9.21
N LYS C 645 9.56 -0.99 8.58
CA LYS C 645 8.35 -1.73 8.22
C LYS C 645 8.64 -2.94 7.34
N PRO C 646 9.43 -2.84 6.26
CA PRO C 646 9.75 -4.06 5.51
C PRO C 646 10.48 -5.08 6.35
N ALA C 647 11.38 -4.63 7.23
CA ALA C 647 12.12 -5.57 8.07
C ALA C 647 11.18 -6.33 9.00
N LEU C 648 10.25 -5.61 9.64
CA LEU C 648 9.34 -6.24 10.58
C LEU C 648 8.39 -7.22 9.90
N MET C 649 8.19 -7.09 8.59
CA MET C 649 7.28 -7.99 7.88
C MET C 649 7.96 -9.27 7.42
N SER C 650 9.24 -9.21 7.04
CA SER C 650 9.95 -10.41 6.62
C SER C 650 10.40 -11.24 7.81
N ARG C 651 10.85 -10.58 8.88
CA ARG C 651 11.39 -11.27 10.05
C ARG C 651 10.30 -11.76 11.00
N PHE C 652 9.04 -11.43 10.76
CA PHE C 652 7.95 -11.88 11.62
C PHE C 652 6.73 -12.41 10.87
N GLY C 653 6.63 -12.18 9.56
CA GLY C 653 5.46 -12.56 8.81
C GLY C 653 4.28 -11.63 8.96
N ILE C 654 4.46 -10.50 9.65
CA ILE C 654 3.37 -9.56 9.92
C ILE C 654 3.01 -8.86 8.62
N SER C 655 1.89 -8.14 8.63
CA SER C 655 1.41 -7.39 7.49
C SER C 655 1.73 -5.90 7.66
N GLU C 656 1.80 -5.20 6.52
CA GLU C 656 2.12 -3.77 6.56
C GLU C 656 1.16 -3.01 7.47
N THR C 657 -0.13 -3.34 7.40
CA THR C 657 -1.10 -2.72 8.29
C THR C 657 -0.80 -3.03 9.75
N GLN C 658 -0.35 -4.25 10.02
CA GLN C 658 0.02 -4.63 11.39
C GLN C 658 1.34 -4.00 11.81
N ALA C 659 2.27 -3.83 10.85
CA ALA C 659 3.56 -3.24 11.18
C ALA C 659 3.42 -1.77 11.57
N GLU C 660 2.61 -1.02 10.83
CA GLU C 660 2.37 0.37 11.17
C GLU C 660 1.89 0.50 12.62
N ALA C 661 0.98 -0.37 13.04
CA ALA C 661 0.47 -0.30 14.40
C ALA C 661 1.56 -0.56 15.43
N ILE C 662 2.53 -1.41 15.09
CA ILE C 662 3.62 -1.70 16.03
C ILE C 662 4.48 -0.45 16.23
N LEU C 663 4.84 0.22 15.13
CA LEU C 663 5.65 1.42 15.25
C LEU C 663 4.95 2.49 16.06
N GLU C 664 3.62 2.46 16.09
CA GLU C 664 2.83 3.47 16.82
C GLU C 664 2.59 3.09 18.27
N LEU C 665 3.10 1.94 18.73
CA LEU C 665 2.99 1.61 20.14
C LEU C 665 3.82 2.57 20.98
N LYS C 666 3.23 3.04 22.07
CA LYS C 666 3.93 3.91 23.00
C LYS C 666 4.64 3.07 24.07
N LEU C 667 5.78 3.57 24.54
CA LEU C 667 6.53 2.85 25.57
C LEU C 667 5.63 2.51 26.75
N ARG C 668 4.66 3.36 27.05
CA ARG C 668 3.68 3.05 28.08
C ARG C 668 3.04 1.67 27.84
N HIS C 669 2.84 1.31 26.57
CA HIS C 669 2.11 0.09 26.25
C HIS C 669 2.93 -1.17 26.49
N LEU C 670 4.24 -1.05 26.65
CA LEU C 670 5.07 -2.22 26.87
C LEU C 670 4.90 -2.83 28.26
N ALA C 671 4.16 -2.17 29.14
CA ALA C 671 3.93 -2.72 30.47
C ALA C 671 3.02 -3.96 30.38
N LYS C 672 3.07 -4.77 31.44
CA LYS C 672 2.33 -6.02 31.44
C LYS C 672 0.82 -5.79 31.42
N LEU C 673 0.34 -4.77 32.14
CA LEU C 673 -1.09 -4.54 32.19
C LEU C 673 -1.66 -4.32 30.80
N GLU C 674 -0.95 -3.55 29.96
CA GLU C 674 -1.46 -3.24 28.63
C GLU C 674 -1.50 -4.47 27.74
N GLU C 675 -0.61 -5.44 28.00
CA GLU C 675 -0.72 -6.72 27.31
C GLU C 675 -1.99 -7.45 27.74
N MET C 676 -2.33 -7.37 29.02
CA MET C 676 -3.55 -8.03 29.50
C MET C 676 -4.79 -7.36 28.94
N LYS C 677 -4.75 -6.03 28.77
CA LYS C 677 -5.89 -5.35 28.15
C LYS C 677 -6.06 -5.78 26.70
N ILE C 678 -4.96 -5.81 25.95
CA ILE C 678 -5.03 -6.25 24.55
C ILE C 678 -5.62 -7.65 24.48
N ARG C 679 -5.13 -8.56 25.31
CA ARG C 679 -5.69 -9.90 25.33
C ARG C 679 -7.15 -9.88 25.78
N GLY C 680 -7.52 -8.91 26.62
CA GLY C 680 -8.91 -8.78 27.02
C GLY C 680 -9.82 -8.48 25.86
N GLU C 681 -9.46 -7.49 25.03
CA GLU C 681 -10.27 -7.18 23.86
C GLU C 681 -10.39 -8.40 22.94
N GLN C 682 -9.26 -9.03 22.63
CA GLN C 682 -9.25 -10.10 21.64
C GLN C 682 -10.15 -11.25 22.05
N SER C 683 -10.29 -11.50 23.36
CA SER C 683 -11.27 -12.48 23.83
C SER C 683 -12.69 -11.96 23.63
N GLU C 684 -12.93 -10.70 24.02
CA GLU C 684 -14.24 -10.09 23.81
C GLU C 684 -14.57 -10.00 22.34
N LEU C 685 -13.64 -9.48 21.54
CA LEU C 685 -13.91 -9.32 20.11
C LEU C 685 -14.01 -10.67 19.41
N GLU C 686 -13.16 -11.62 19.77
CA GLU C 686 -13.23 -12.94 19.16
C GLU C 686 -14.61 -13.55 19.35
N LYS C 687 -15.19 -13.39 20.54
CA LYS C 687 -16.57 -13.84 20.75
C LYS C 687 -17.54 -12.99 19.94
N GLU C 688 -17.31 -11.68 19.88
CA GLU C 688 -18.17 -10.81 19.08
C GLU C 688 -18.08 -11.16 17.60
N ARG C 689 -16.88 -11.49 17.12
CA ARG C 689 -16.72 -11.87 15.72
C ARG C 689 -17.59 -13.07 15.38
N ASP C 690 -17.64 -14.06 16.27
CA ASP C 690 -18.39 -15.27 15.99
C ASP C 690 -19.89 -15.02 16.01
N GLN C 691 -20.35 -14.15 16.92
CA GLN C 691 -21.78 -13.85 17.01
C GLN C 691 -22.28 -13.17 15.74
N LEU C 692 -21.51 -12.23 15.21
CA LEU C 692 -21.91 -11.55 13.98
C LEU C 692 -21.96 -12.52 12.81
N GLN C 693 -20.87 -13.28 12.62
CA GLN C 693 -20.83 -14.25 11.54
C GLN C 693 -22.03 -15.20 11.59
N ALA C 694 -22.56 -15.45 12.79
CA ALA C 694 -23.66 -16.40 12.94
C ALA C 694 -24.98 -15.80 12.50
N ILE C 695 -25.27 -14.57 12.94
CA ILE C 695 -26.52 -13.91 12.55
C ILE C 695 -26.54 -13.71 11.04
N LEU C 696 -25.43 -13.20 10.49
CA LEU C 696 -25.37 -12.95 9.05
C LEU C 696 -25.63 -14.23 8.26
N ALA C 697 -25.08 -15.36 8.72
CA ALA C 697 -25.18 -16.60 7.98
C ALA C 697 -26.55 -17.26 8.14
N SER C 698 -27.19 -17.08 9.28
CA SER C 698 -28.48 -17.72 9.56
C SER C 698 -29.60 -16.73 9.25
N GLU C 699 -30.50 -17.13 8.34
CA GLU C 699 -31.64 -16.29 8.01
C GLU C 699 -32.70 -16.29 9.11
N ARG C 700 -32.75 -17.34 9.93
CA ARG C 700 -33.67 -17.36 11.06
C ARG C 700 -33.18 -16.46 12.17
N LYS C 701 -31.89 -16.55 12.51
CA LYS C 701 -31.32 -15.64 13.50
C LYS C 701 -31.49 -14.19 13.08
N MET C 702 -31.32 -13.92 11.78
CA MET C 702 -31.51 -12.56 11.27
C MET C 702 -32.89 -12.03 11.62
N ASN C 703 -33.93 -12.83 11.37
CA ASN C 703 -35.29 -12.42 11.71
C ASN C 703 -35.44 -12.22 13.21
N ASN C 704 -34.99 -13.19 14.00
CA ASN C 704 -35.12 -13.07 15.46
C ASN C 704 -34.53 -11.76 15.96
N LEU C 705 -33.51 -11.24 15.28
CA LEU C 705 -32.97 -9.94 15.64
C LEU C 705 -33.96 -8.83 15.34
N LEU C 706 -34.49 -8.81 14.11
CA LEU C 706 -35.48 -7.80 13.75
C LEU C 706 -36.69 -7.88 14.66
N LYS C 707 -37.28 -9.08 14.80
CA LYS C 707 -38.42 -9.25 15.69
C LYS C 707 -38.12 -8.75 17.09
N LYS C 708 -36.84 -8.65 17.46
CA LYS C 708 -36.44 -8.18 18.78
C LYS C 708 -36.24 -6.68 18.80
N GLU C 709 -35.51 -6.14 17.83
CA GLU C 709 -35.23 -4.70 17.82
C GLU C 709 -36.50 -3.88 17.63
N LEU C 710 -37.44 -4.38 16.83
CA LEU C 710 -38.69 -3.65 16.61
C LEU C 710 -39.49 -3.53 17.90
N GLN C 711 -39.76 -4.66 18.55
CA GLN C 711 -40.46 -4.63 19.82
C GLN C 711 -39.71 -3.80 20.84
N ALA C 712 -38.37 -3.77 20.77
CA ALA C 712 -37.59 -2.97 21.70
C ALA C 712 -37.78 -1.49 21.44
N ASP C 713 -37.82 -1.09 20.17
CA ASP C 713 -38.03 0.32 19.84
C ASP C 713 -39.43 0.78 20.23
N ALA C 714 -40.44 -0.07 20.01
CA ALA C 714 -41.78 0.26 20.45
C ALA C 714 -41.85 0.40 21.97
N ASP C 715 -41.08 -0.42 22.68
CA ASP C 715 -41.07 -0.35 24.13
C ASP C 715 -40.56 1.00 24.63
N ALA C 716 -39.63 1.61 23.91
CA ALA C 716 -38.99 2.84 24.35
C ALA C 716 -39.49 4.09 23.62
N PHE C 717 -40.34 3.93 22.61
CA PHE C 717 -40.86 5.07 21.87
C PHE C 717 -42.36 5.00 21.60
N GLY C 718 -43.02 3.87 21.91
CA GLY C 718 -44.44 3.77 21.68
C GLY C 718 -45.26 4.50 22.73
N ASP C 719 -46.51 4.78 22.36
CA ASP C 719 -47.43 5.48 23.25
C ASP C 719 -48.84 4.99 22.98
N ASP C 720 -49.77 5.47 23.81
CA ASP C 720 -51.17 5.09 23.65
C ASP C 720 -51.76 5.75 22.41
N ARG C 721 -52.86 5.16 21.92
CA ARG C 721 -53.50 5.68 20.73
C ARG C 721 -54.25 6.96 21.03
N ARG C 722 -53.93 8.01 20.28
CA ARG C 722 -54.56 9.31 20.50
C ARG C 722 -56.02 9.31 20.02
N SER C 723 -56.22 9.07 18.74
CA SER C 723 -57.53 9.24 18.11
C SER C 723 -58.29 7.92 18.11
N PRO C 724 -59.30 7.73 18.96
CA PRO C 724 -60.06 6.49 18.91
C PRO C 724 -60.77 6.34 17.57
N LEU C 725 -61.20 5.10 17.29
CA LEU C 725 -61.82 4.76 16.03
C LEU C 725 -63.33 4.62 16.13
N HIS C 726 -63.90 4.86 17.31
CA HIS C 726 -65.34 4.73 17.54
C HIS C 726 -65.82 3.32 17.19
N GLU C 727 -65.26 2.34 17.90
CA GLU C 727 -65.62 0.93 17.78
C GLU C 727 -65.97 0.44 19.18
N ARG C 728 -67.22 0.63 19.58
CA ARG C 728 -67.68 0.21 20.90
C ARG C 728 -68.23 -1.21 20.87
N PRO D 11 -58.73 51.63 14.40
CA PRO D 11 -57.98 50.57 15.11
C PRO D 11 -56.69 50.18 14.38
N GLY D 12 -56.06 49.12 14.82
CA GLY D 12 -54.83 48.64 14.21
C GLY D 12 -54.61 47.18 14.51
N LYS D 13 -53.33 46.79 14.57
CA LYS D 13 -52.94 45.42 14.84
C LYS D 13 -53.02 45.06 16.32
N LEU D 14 -53.51 45.96 17.17
CA LEU D 14 -53.62 45.67 18.58
C LEU D 14 -54.68 44.61 18.82
N ALA D 15 -54.31 43.54 19.52
CA ALA D 15 -55.22 42.45 19.85
C ALA D 15 -56.07 42.89 21.04
N ASP D 16 -57.29 43.33 20.77
CA ASP D 16 -58.16 43.82 21.81
C ASP D 16 -58.67 42.67 22.68
N CYS D 17 -59.11 43.02 23.88
CA CYS D 17 -59.70 42.07 24.82
C CYS D 17 -61.22 42.12 24.74
N THR D 18 -61.85 41.06 25.26
CA THR D 18 -63.30 40.95 25.16
C THR D 18 -64.00 41.98 26.04
N ALA D 19 -63.49 42.20 27.25
CA ALA D 19 -64.11 43.14 28.17
C ALA D 19 -63.95 44.57 27.66
N GLN D 20 -64.75 45.47 28.23
CA GLN D 20 -64.69 46.89 27.87
C GLN D 20 -64.70 47.78 29.11
N ASP D 21 -64.49 47.23 30.30
CA ASP D 21 -64.53 48.01 31.54
C ASP D 21 -63.32 48.94 31.59
N LEU D 22 -63.58 50.25 31.55
CA LEU D 22 -62.50 51.22 31.66
C LEU D 22 -61.77 51.13 32.99
N ASN D 23 -62.30 50.37 33.95
CA ASN D 23 -61.70 50.21 35.26
C ASN D 23 -60.85 48.96 35.38
N ARG D 24 -60.94 48.03 34.42
CA ARG D 24 -60.22 46.76 34.53
C ARG D 24 -59.54 46.33 33.23
N THR D 25 -59.50 47.18 32.21
CA THR D 25 -58.83 46.87 30.95
C THR D 25 -57.43 47.49 30.94
N GLU D 26 -56.54 46.88 30.15
CA GLU D 26 -55.15 47.29 30.09
C GLU D 26 -54.58 46.94 28.73
N LEU D 27 -53.80 47.86 28.16
CA LEU D 27 -53.17 47.69 26.86
C LEU D 27 -51.66 47.64 27.04
N PHE D 28 -51.05 46.57 26.54
CA PHE D 28 -49.61 46.37 26.65
C PHE D 28 -48.94 46.68 25.33
N LEU D 29 -47.95 47.58 25.37
CA LEU D 29 -47.20 47.99 24.18
C LEU D 29 -45.87 47.23 24.17
N VAL D 30 -45.87 46.07 23.52
CA VAL D 30 -44.66 45.27 23.44
C VAL D 30 -43.68 45.91 22.46
N GLU D 31 -42.40 45.56 22.60
CA GLU D 31 -41.36 46.11 21.74
C GLU D 31 -41.27 45.34 20.42
N GLY D 32 -41.15 44.02 20.49
CA GLY D 32 -40.95 43.20 19.30
C GLY D 32 -42.27 42.63 18.79
N ASP D 33 -42.39 42.56 17.48
CA ASP D 33 -43.58 41.96 16.88
C ASP D 33 -43.63 40.46 17.16
N SER D 34 -42.50 39.77 17.00
CA SER D 34 -42.43 38.37 17.40
C SER D 34 -42.65 38.24 18.90
N ALA D 35 -42.13 39.18 19.69
CA ALA D 35 -42.44 39.21 21.11
C ALA D 35 -43.93 39.44 21.34
N GLY D 36 -44.57 40.17 20.43
CA GLY D 36 -46.01 40.36 20.54
C GLY D 36 -46.81 39.14 20.16
N GLY D 37 -46.31 38.36 19.19
CA GLY D 37 -46.98 37.11 18.85
C GLY D 37 -46.99 36.13 20.00
N SER D 38 -45.89 36.08 20.76
CA SER D 38 -45.84 35.24 21.94
C SER D 38 -46.58 35.86 23.11
N ALA D 39 -46.60 37.18 23.21
CA ALA D 39 -47.37 37.86 24.23
C ALA D 39 -48.88 37.74 23.98
N LYS D 40 -49.28 37.44 22.74
CA LYS D 40 -50.69 37.24 22.41
C LYS D 40 -51.15 35.83 22.68
N GLN D 41 -50.28 34.82 22.51
CA GLN D 41 -50.64 33.47 22.88
C GLN D 41 -50.87 33.35 24.39
N ALA D 42 -50.04 34.03 25.18
CA ALA D 42 -50.01 33.81 26.62
C ALA D 42 -50.85 34.80 27.41
N ARG D 43 -51.41 35.82 26.77
CA ARG D 43 -52.26 36.76 27.47
C ARG D 43 -53.61 36.11 27.82
N ASP D 44 -54.26 36.67 28.83
CA ASP D 44 -55.62 36.28 29.18
C ASP D 44 -56.59 37.08 28.30
N ARG D 45 -57.21 36.41 27.34
CA ARG D 45 -58.04 37.09 26.35
C ARG D 45 -59.22 37.84 26.95
N GLU D 46 -59.47 37.69 28.25
CA GLU D 46 -60.62 38.34 28.87
C GLU D 46 -60.39 39.84 29.06
N TYR D 47 -59.33 40.20 29.79
CA TYR D 47 -59.09 41.58 30.16
C TYR D 47 -57.74 42.12 29.72
N GLN D 48 -56.93 41.32 29.02
CA GLN D 48 -55.60 41.73 28.61
C GLN D 48 -55.56 41.95 27.10
N ALA D 49 -54.93 43.04 26.69
CA ALA D 49 -54.79 43.39 25.28
C ALA D 49 -53.38 43.88 25.02
N ILE D 50 -52.83 43.54 23.85
CA ILE D 50 -51.47 43.89 23.49
C ILE D 50 -51.49 44.61 22.13
N MET D 51 -50.44 45.39 21.90
CA MET D 51 -50.28 46.12 20.65
C MET D 51 -48.81 46.22 20.28
N PRO D 52 -48.39 45.69 19.14
CA PRO D 52 -46.96 45.69 18.81
C PRO D 52 -46.47 47.07 18.38
N LEU D 53 -45.17 47.28 18.57
CA LEU D 53 -44.49 48.52 18.19
C LEU D 53 -43.25 48.15 17.39
N LYS D 54 -43.41 47.97 16.08
CA LYS D 54 -42.31 47.54 15.23
C LYS D 54 -41.22 48.60 15.19
N GLY D 55 -40.03 48.24 15.66
CA GLY D 55 -38.90 49.15 15.63
C GLY D 55 -39.00 50.26 16.67
N LYS D 56 -38.18 51.28 16.46
CA LYS D 56 -38.18 52.45 17.32
C LYS D 56 -39.15 53.49 16.78
N ILE D 57 -39.84 54.18 17.68
CA ILE D 57 -40.85 55.15 17.32
C ILE D 57 -40.22 56.51 17.08
N LEU D 58 -40.97 57.43 16.49
CA LEU D 58 -40.47 58.77 16.20
C LEU D 58 -40.48 59.65 17.46
N ASN D 59 -39.42 60.42 17.62
CA ASN D 59 -39.28 61.31 18.77
C ASN D 59 -40.25 62.48 18.61
N THR D 60 -41.38 62.41 19.31
CA THR D 60 -42.42 63.42 19.19
C THR D 60 -42.26 64.56 20.21
N TRP D 61 -41.11 64.65 20.89
CA TRP D 61 -40.86 65.79 21.76
C TRP D 61 -40.77 67.09 20.96
N GLU D 62 -40.20 67.01 19.76
CA GLU D 62 -40.04 68.14 18.86
C GLU D 62 -41.13 68.21 17.80
N VAL D 63 -41.87 67.14 17.59
CA VAL D 63 -42.87 67.06 16.53
C VAL D 63 -44.11 67.84 16.93
N SER D 64 -44.84 68.34 15.94
CA SER D 64 -46.04 69.13 16.17
C SER D 64 -47.24 68.22 16.42
N SER D 65 -48.32 68.83 16.90
CA SER D 65 -49.55 68.07 17.15
C SER D 65 -50.01 67.37 15.88
N ASP D 66 -49.98 68.07 14.74
CA ASP D 66 -50.32 67.43 13.48
C ASP D 66 -49.22 66.49 13.01
N GLU D 67 -47.97 66.77 13.39
CA GLU D 67 -46.88 65.87 13.04
C GLU D 67 -46.93 64.58 13.86
N VAL D 68 -47.46 64.63 15.08
CA VAL D 68 -47.58 63.43 15.90
C VAL D 68 -48.48 62.41 15.22
N LEU D 69 -49.60 62.87 14.66
CA LEU D 69 -50.55 61.99 13.98
C LEU D 69 -50.04 61.52 12.62
N ALA D 70 -48.88 62.01 12.16
CA ALA D 70 -48.35 61.59 10.86
C ALA D 70 -47.61 60.27 10.96
N SER D 71 -46.82 60.08 12.02
CA SER D 71 -46.10 58.82 12.20
C SER D 71 -47.09 57.68 12.41
N GLN D 72 -46.99 56.64 11.57
CA GLN D 72 -47.98 55.57 11.62
C GLN D 72 -47.93 54.83 12.95
N GLU D 73 -46.74 54.67 13.53
CA GLU D 73 -46.63 54.06 14.85
C GLU D 73 -47.31 54.92 15.91
N VAL D 74 -46.88 56.18 16.03
CA VAL D 74 -47.46 57.06 17.04
C VAL D 74 -48.94 57.28 16.78
N HIS D 75 -49.35 57.29 15.51
CA HIS D 75 -50.76 57.48 15.19
C HIS D 75 -51.60 56.32 15.71
N ASP D 76 -51.14 55.09 15.51
CA ASP D 76 -51.85 53.93 16.01
C ASP D 76 -51.89 53.93 17.53
N ILE D 77 -50.78 54.31 18.18
CA ILE D 77 -50.77 54.43 19.64
C ILE D 77 -51.85 55.41 20.08
N SER D 78 -52.01 56.52 19.34
CA SER D 78 -53.02 57.50 19.71
C SER D 78 -54.42 56.95 19.50
N VAL D 79 -54.66 56.26 18.37
CA VAL D 79 -55.99 55.70 18.11
C VAL D 79 -56.31 54.63 19.15
N ALA D 80 -55.34 53.77 19.45
CA ALA D 80 -55.58 52.71 20.43
C ALA D 80 -55.78 53.29 21.83
N ILE D 81 -54.93 54.24 22.22
CA ILE D 81 -55.04 54.82 23.55
C ILE D 81 -56.41 55.48 23.74
N GLY D 82 -56.87 56.23 22.73
CA GLY D 82 -58.15 56.89 22.78
C GLY D 82 -58.05 58.40 22.77
N ILE D 83 -57.10 58.95 23.52
CA ILE D 83 -56.89 60.39 23.56
C ILE D 83 -56.07 60.81 22.34
N ASP D 84 -56.31 62.03 21.88
CA ASP D 84 -55.60 62.55 20.73
C ASP D 84 -54.38 63.36 21.16
N PRO D 85 -53.42 63.57 20.26
CA PRO D 85 -52.22 64.34 20.63
C PRO D 85 -52.58 65.72 21.14
N ASP D 86 -52.19 66.00 22.38
CA ASP D 86 -52.34 67.31 23.01
C ASP D 86 -53.80 67.69 23.25
N SER D 87 -54.72 66.73 23.19
CA SER D 87 -56.13 66.98 23.46
C SER D 87 -56.41 66.84 24.95
N ASP D 88 -57.00 67.87 25.54
CA ASP D 88 -57.19 67.88 26.99
C ASP D 88 -58.23 66.87 27.44
N ASP D 89 -59.20 66.55 26.59
CA ASP D 89 -60.26 65.63 26.99
C ASP D 89 -59.69 64.24 27.25
N LEU D 90 -59.97 63.71 28.45
CA LEU D 90 -59.55 62.38 28.84
C LEU D 90 -60.68 61.37 28.86
N SER D 91 -61.88 61.76 28.43
CA SER D 91 -63.01 60.83 28.43
C SER D 91 -62.72 59.64 27.51
N GLN D 92 -62.18 59.90 26.32
CA GLN D 92 -61.88 58.84 25.38
C GLN D 92 -60.66 58.06 25.83
N LEU D 93 -60.87 56.97 26.57
CA LEU D 93 -59.79 56.10 27.06
C LEU D 93 -60.29 54.67 26.98
N ARG D 94 -59.94 53.98 25.89
CA ARG D 94 -60.40 52.62 25.68
C ARG D 94 -59.82 51.63 26.68
N TYR D 95 -58.76 52.02 27.40
CA TYR D 95 -58.10 51.13 28.34
C TYR D 95 -57.75 51.91 29.60
N GLY D 96 -57.66 51.18 30.71
CA GLY D 96 -57.36 51.80 31.99
C GLY D 96 -55.88 51.93 32.25
N LYS D 97 -55.15 50.83 32.16
CA LYS D 97 -53.71 50.81 32.42
C LYS D 97 -52.97 50.77 31.08
N ILE D 98 -52.12 51.75 30.84
CA ILE D 98 -51.29 51.81 29.64
C ILE D 98 -49.90 51.37 30.09
N CYS D 99 -49.62 50.08 29.97
CA CYS D 99 -48.36 49.49 30.38
C CYS D 99 -47.47 49.26 29.17
N ILE D 100 -46.18 49.53 29.35
CA ILE D 100 -45.18 49.38 28.29
C ILE D 100 -44.27 48.21 28.66
N LEU D 101 -44.00 47.34 27.68
CA LEU D 101 -43.14 46.17 27.87
C LEU D 101 -42.03 46.24 26.83
N ALA D 102 -40.83 46.58 27.27
CA ALA D 102 -39.67 46.67 26.39
C ALA D 102 -38.64 45.61 26.81
N ASP D 103 -37.82 45.21 25.84
CA ASP D 103 -36.78 44.23 26.10
C ASP D 103 -35.72 44.83 27.00
N ALA D 104 -35.12 43.99 27.86
CA ALA D 104 -34.11 44.46 28.80
C ALA D 104 -32.88 45.01 28.08
N ASP D 105 -32.86 44.92 26.74
CA ASP D 105 -31.84 45.59 25.96
C ASP D 105 -31.65 47.02 26.45
N SER D 106 -30.42 47.54 26.34
CA SER D 106 -30.23 48.96 26.60
C SER D 106 -31.09 49.81 25.65
N ASP D 107 -31.07 49.47 24.36
CA ASP D 107 -31.91 50.19 23.41
C ASP D 107 -33.38 49.82 23.54
N GLY D 108 -33.70 48.80 24.34
CA GLY D 108 -35.08 48.58 24.74
C GLY D 108 -35.56 49.62 25.73
N LEU D 109 -34.70 49.98 26.69
CA LEU D 109 -34.98 51.12 27.55
C LEU D 109 -35.04 52.41 26.77
N HIS D 110 -34.42 52.45 25.58
CA HIS D 110 -34.57 53.60 24.71
C HIS D 110 -35.96 53.64 24.06
N ILE D 111 -36.48 52.47 23.68
CA ILE D 111 -37.85 52.42 23.16
C ILE D 111 -38.85 52.89 24.20
N ALA D 112 -38.55 52.64 25.48
CA ALA D 112 -39.45 53.10 26.54
C ALA D 112 -39.38 54.62 26.71
N THR D 113 -38.16 55.17 26.74
CA THR D 113 -38.01 56.61 26.91
C THR D 113 -38.76 57.38 25.82
N LEU D 114 -38.64 56.93 24.57
CA LEU D 114 -39.34 57.61 23.48
C LEU D 114 -40.84 57.53 23.67
N LEU D 115 -41.35 56.42 24.20
CA LEU D 115 -42.77 56.34 24.52
C LEU D 115 -43.16 57.37 25.57
N CYS D 116 -42.25 57.67 26.50
CA CYS D 116 -42.54 58.69 27.50
C CYS D 116 -42.62 60.08 26.88
N ALA D 117 -41.82 60.34 25.84
CA ALA D 117 -41.81 61.66 25.23
C ALA D 117 -43.18 62.05 24.70
N LEU D 118 -43.97 61.07 24.23
CA LEU D 118 -45.32 61.37 23.78
C LEU D 118 -46.30 61.44 24.94
N PHE D 119 -46.19 60.51 25.89
CA PHE D 119 -47.08 60.48 27.04
C PHE D 119 -46.95 61.72 27.93
N VAL D 120 -46.00 62.61 27.65
CA VAL D 120 -45.78 63.81 28.43
C VAL D 120 -45.99 65.06 27.59
N ARG D 121 -45.35 65.13 26.42
CA ARG D 121 -45.46 66.32 25.59
C ARG D 121 -46.81 66.38 24.89
N HIS D 122 -47.44 65.24 24.61
CA HIS D 122 -48.69 65.21 23.89
C HIS D 122 -49.83 64.54 24.67
N PHE D 123 -49.52 63.81 25.74
CA PHE D 123 -50.52 63.18 26.60
C PHE D 123 -50.20 63.47 28.06
N ARG D 124 -49.89 64.74 28.34
CA ARG D 124 -49.50 65.13 29.69
C ARG D 124 -50.53 64.67 30.72
N THR D 125 -51.80 64.99 30.49
CA THR D 125 -52.84 64.64 31.45
C THR D 125 -52.96 63.13 31.66
N LEU D 126 -52.49 62.33 30.71
CA LEU D 126 -52.56 60.88 30.87
C LEU D 126 -51.55 60.39 31.89
N VAL D 127 -50.28 60.78 31.72
CA VAL D 127 -49.26 60.34 32.68
C VAL D 127 -49.47 61.04 34.02
N LYS D 128 -50.05 62.23 34.02
CA LYS D 128 -50.31 62.94 35.28
C LYS D 128 -51.37 62.22 36.09
N GLU D 129 -52.41 61.70 35.44
CA GLU D 129 -53.47 60.97 36.12
C GLU D 129 -53.03 59.60 36.61
N GLY D 130 -51.80 59.19 36.33
CA GLY D 130 -51.31 57.91 36.79
C GLY D 130 -51.85 56.75 35.97
N HIS D 131 -51.67 56.82 34.66
CA HIS D 131 -52.12 55.76 33.75
C HIS D 131 -50.98 55.12 32.96
N VAL D 132 -49.80 55.71 32.95
CA VAL D 132 -48.64 55.13 32.27
C VAL D 132 -47.93 54.23 33.27
N TYR D 133 -47.77 52.97 32.91
CA TYR D 133 -47.16 51.96 33.77
C TYR D 133 -45.97 51.33 33.05
N VAL D 134 -45.05 50.79 33.85
CA VAL D 134 -43.83 50.19 33.35
C VAL D 134 -43.78 48.74 33.81
N ALA D 135 -43.44 47.85 32.88
CA ALA D 135 -43.26 46.43 33.18
C ALA D 135 -41.78 46.13 33.33
N LEU D 136 -41.41 45.52 34.45
CA LEU D 136 -40.01 45.20 34.72
C LEU D 136 -39.71 43.80 34.21
N PRO D 137 -39.00 43.64 33.10
CA PRO D 137 -38.73 42.30 32.58
C PRO D 137 -37.58 41.65 33.31
N PRO D 138 -37.77 40.46 33.88
CA PRO D 138 -36.63 39.70 34.38
C PRO D 138 -35.86 39.05 33.25
N LEU D 139 -34.64 38.65 33.56
CA LEU D 139 -33.76 38.02 32.58
C LEU D 139 -33.53 36.53 32.84
N TYR D 140 -33.94 36.01 34.00
CA TYR D 140 -33.66 34.64 34.38
C TYR D 140 -34.94 33.91 34.74
N GLN D 174 -32.33 29.12 32.77
CA GLN D 174 -32.64 30.05 31.69
C GLN D 174 -31.49 31.03 31.48
N ARG D 175 -31.16 31.28 30.21
CA ARG D 175 -30.12 32.22 29.85
C ARG D 175 -30.67 33.64 29.93
N PHE D 176 -29.95 34.61 29.34
CA PHE D 176 -30.43 35.99 29.25
C PHE D 176 -31.91 36.01 28.86
N LYS D 177 -32.29 35.20 27.88
CA LYS D 177 -33.69 34.92 27.56
C LYS D 177 -34.45 36.22 27.25
N GLY D 178 -34.04 36.83 26.13
CA GLY D 178 -34.70 38.03 25.65
C GLY D 178 -36.20 37.88 25.54
N LEU D 179 -36.92 39.01 25.48
CA LEU D 179 -38.37 38.97 25.47
C LEU D 179 -38.89 38.14 24.29
N GLY D 180 -38.43 38.47 23.08
CA GLY D 180 -38.86 37.72 21.90
C GLY D 180 -38.34 36.30 21.85
N GLU D 181 -37.39 35.94 22.71
CA GLU D 181 -36.78 34.62 22.69
C GLU D 181 -37.36 33.67 23.73
N MET D 182 -37.84 34.18 24.86
CA MET D 182 -38.36 33.30 25.89
C MET D 182 -39.66 32.64 25.43
N ASN D 183 -40.12 31.68 26.23
CA ASN D 183 -41.32 30.93 25.89
C ASN D 183 -42.58 31.74 26.16
N PRO D 184 -43.64 31.54 25.38
CA PRO D 184 -44.89 32.27 25.65
C PRO D 184 -45.37 32.10 27.08
N MET D 185 -45.54 30.85 27.53
CA MET D 185 -45.95 30.62 28.91
C MET D 185 -44.95 31.22 29.88
N GLN D 186 -43.66 31.18 29.54
CA GLN D 186 -42.65 31.80 30.38
C GLN D 186 -42.84 33.31 30.42
N LEU D 187 -43.17 33.92 29.28
CA LEU D 187 -43.44 35.35 29.26
C LEU D 187 -44.66 35.69 30.08
N ARG D 188 -45.62 34.76 30.19
CA ARG D 188 -46.80 34.99 31.02
C ARG D 188 -46.41 35.23 32.46
N GLU D 189 -45.75 34.24 33.08
CA GLU D 189 -45.45 34.30 34.50
C GLU D 189 -44.49 35.43 34.87
N THR D 190 -43.92 36.13 33.89
CA THR D 190 -42.97 37.19 34.16
C THR D 190 -43.50 38.58 33.92
N THR D 191 -44.43 38.75 32.97
CA THR D 191 -44.94 40.07 32.62
C THR D 191 -46.45 40.16 32.52
N LEU D 192 -47.16 39.05 32.34
CA LEU D 192 -48.60 39.09 32.10
C LEU D 192 -49.42 38.67 33.31
N ASP D 193 -49.17 37.48 33.86
CA ASP D 193 -49.95 36.97 34.98
C ASP D 193 -49.76 37.89 36.17
N PRO D 194 -50.80 38.60 36.63
CA PRO D 194 -50.61 39.58 37.71
C PRO D 194 -50.05 38.98 38.99
N ASN D 195 -50.25 37.68 39.23
CA ASN D 195 -49.76 37.08 40.47
C ASN D 195 -48.25 37.18 40.58
N THR D 196 -47.54 36.77 39.53
CA THR D 196 -46.07 36.81 39.52
C THR D 196 -45.52 37.91 38.61
N ARG D 197 -46.36 38.88 38.24
CA ARG D 197 -45.93 39.94 37.35
C ARG D 197 -45.19 41.02 38.11
N ARG D 198 -44.15 41.57 37.49
CA ARG D 198 -43.33 42.63 38.06
C ARG D 198 -43.52 43.88 37.23
N LEU D 199 -44.33 44.81 37.74
CA LEU D 199 -44.60 46.07 37.06
C LEU D 199 -44.51 47.21 38.07
N VAL D 200 -44.24 48.41 37.54
CA VAL D 200 -44.13 49.61 38.35
C VAL D 200 -45.19 50.61 37.88
N GLN D 201 -45.40 51.65 38.68
CA GLN D 201 -46.38 52.69 38.40
C GLN D 201 -45.63 54.01 38.20
N LEU D 202 -45.47 54.41 36.94
CA LEU D 202 -44.80 55.67 36.63
C LEU D 202 -45.77 56.83 36.83
N VAL D 203 -45.36 57.80 37.65
CA VAL D 203 -46.22 58.94 37.98
C VAL D 203 -45.34 60.15 38.23
N ILE D 204 -45.71 61.28 37.66
CA ILE D 204 -44.98 62.53 37.82
C ILE D 204 -45.49 63.23 39.07
N SER D 205 -44.59 63.45 40.04
CA SER D 205 -44.97 64.10 41.27
C SER D 205 -45.27 65.57 41.03
N ASP D 206 -46.26 66.10 41.77
CA ASP D 206 -46.59 67.51 41.64
C ASP D 206 -45.37 68.39 41.92
N GLU D 207 -44.55 68.00 42.88
CA GLU D 207 -43.34 68.76 43.18
C GLU D 207 -42.28 68.54 42.09
N ASP D 208 -42.18 67.32 41.57
CA ASP D 208 -41.23 66.99 40.52
C ASP D 208 -41.80 67.23 39.13
N GLU D 209 -42.88 68.01 39.03
CA GLU D 209 -43.45 68.30 37.71
C GLU D 209 -42.53 69.20 36.90
N GLN D 210 -42.11 70.33 37.48
CA GLN D 210 -41.22 71.24 36.78
C GLN D 210 -39.89 70.57 36.46
N GLN D 211 -39.44 69.63 37.31
CA GLN D 211 -38.21 68.91 37.04
C GLN D 211 -38.42 67.83 35.99
N THR D 212 -39.58 67.19 35.99
CA THR D 212 -39.87 66.17 34.99
C THR D 212 -39.87 66.75 33.59
N THR D 213 -40.18 68.04 33.46
CA THR D 213 -40.19 68.70 32.16
C THR D 213 -38.81 69.20 31.75
N ALA D 214 -38.06 69.79 32.69
CA ALA D 214 -36.73 70.29 32.36
C ALA D 214 -35.75 69.16 32.12
N ILE D 215 -35.84 68.09 32.91
CA ILE D 215 -34.94 66.95 32.71
C ILE D 215 -35.21 66.31 31.35
N MET D 216 -36.47 66.00 31.07
CA MET D 216 -36.81 65.35 29.81
C MET D 216 -36.44 66.19 28.61
N ASP D 217 -36.43 67.52 28.77
CA ASP D 217 -36.17 68.41 27.64
C ASP D 217 -34.77 68.18 27.07
N MET D 218 -33.74 68.44 27.87
CA MET D 218 -32.38 68.33 27.36
C MET D 218 -32.04 66.89 26.95
N LEU D 219 -32.79 65.90 27.44
CA LEU D 219 -32.54 64.52 27.05
C LEU D 219 -33.05 64.24 25.64
N LEU D 220 -34.14 64.90 25.23
CA LEU D 220 -34.75 64.66 23.93
C LEU D 220 -34.71 65.89 23.03
N ALA D 221 -33.83 66.85 23.32
CA ALA D 221 -33.70 68.06 22.52
C ALA D 221 -32.70 67.81 21.39
N LYS D 222 -33.19 67.80 20.15
CA LYS D 222 -32.30 67.58 19.01
C LYS D 222 -31.18 68.61 18.98
N LYS D 223 -31.46 69.84 19.42
CA LYS D 223 -30.48 70.90 19.37
C LYS D 223 -29.60 70.95 20.61
N ARG D 224 -30.12 70.57 21.77
CA ARG D 224 -29.37 70.64 23.03
C ARG D 224 -28.54 69.37 23.21
N SER D 225 -27.66 69.12 22.23
CA SER D 225 -26.80 67.94 22.29
C SER D 225 -25.55 68.19 23.12
N GLU D 226 -25.02 69.42 23.12
CA GLU D 226 -23.86 69.73 23.93
C GLU D 226 -24.16 69.64 25.42
N ASP D 227 -25.39 69.98 25.81
CA ASP D 227 -25.77 69.89 27.22
C ASP D 227 -25.74 68.45 27.71
N ARG D 228 -26.11 67.51 26.83
CA ARG D 228 -26.08 66.10 27.21
C ARG D 228 -24.66 65.59 27.33
N ARG D 229 -23.71 66.21 26.63
CA ARG D 229 -22.31 65.85 26.80
C ARG D 229 -21.82 66.25 28.20
N ASN D 230 -22.13 67.47 28.62
CA ASN D 230 -21.75 67.90 29.96
C ASN D 230 -22.55 67.17 31.03
N TRP D 231 -23.78 66.76 30.71
CA TRP D 231 -24.56 65.94 31.63
C TRP D 231 -23.89 64.59 31.88
N LEU D 232 -23.28 64.02 30.84
CA LEU D 232 -22.62 62.73 31.01
C LEU D 232 -21.42 62.84 31.95
N GLN D 233 -20.68 63.96 31.87
CA GLN D 233 -19.47 64.09 32.68
C GLN D 233 -19.81 64.33 34.15
N GLU D 234 -20.82 65.15 34.43
CA GLU D 234 -21.17 65.47 35.82
C GLU D 234 -21.92 64.31 36.49
N LYS D 235 -22.72 63.57 35.74
CA LYS D 235 -23.44 62.43 36.29
C LYS D 235 -22.57 61.19 36.39
N GLY D 236 -21.51 61.09 35.59
CA GLY D 236 -20.64 59.93 35.62
C GLY D 236 -19.50 60.06 36.61
N SER D 247 -29.98 46.01 42.72
CA SER D 247 -31.14 45.18 42.39
C SER D 247 -32.41 45.72 43.02
N ASP D 248 -32.26 46.59 44.02
CA ASP D 248 -33.42 47.14 44.71
C ASP D 248 -34.26 47.99 43.76
N MET D 249 -35.58 47.87 43.86
CA MET D 249 -36.51 48.64 43.07
C MET D 249 -37.70 49.02 43.94
N ALA D 250 -38.58 49.85 43.39
CA ALA D 250 -39.76 50.33 44.09
C ALA D 250 -41.02 49.83 43.40
N GLU D 251 -42.14 49.88 44.12
CA GLU D 251 -43.42 49.48 43.58
C GLU D 251 -44.10 50.57 42.76
N ARG D 252 -43.63 51.82 42.88
CA ARG D 252 -44.18 52.93 42.10
C ARG D 252 -43.07 53.96 41.94
N LEU D 253 -42.47 54.01 40.75
CA LEU D 253 -41.35 54.90 40.48
C LEU D 253 -41.82 56.21 39.89
N ALA D 254 -40.92 57.20 39.90
CA ALA D 254 -41.22 58.52 39.36
C ALA D 254 -40.81 58.59 37.91
N LEU D 255 -41.73 59.08 37.06
CA LEU D 255 -41.44 59.20 35.64
C LEU D 255 -40.22 60.11 35.42
N HIS D 256 -40.13 61.20 36.19
CA HIS D 256 -38.99 62.09 36.05
C HIS D 256 -37.69 61.39 36.45
N GLU D 257 -37.75 60.56 37.50
CA GLU D 257 -36.56 59.84 37.94
C GLU D 257 -36.22 58.69 36.99
N PHE D 258 -37.22 58.11 36.34
CA PHE D 258 -36.97 57.04 35.38
C PHE D 258 -36.61 57.57 34.01
N THR D 259 -36.99 58.81 33.67
CA THR D 259 -36.66 59.36 32.37
C THR D 259 -35.17 59.66 32.26
N GLU D 260 -34.56 60.20 33.33
CA GLU D 260 -33.14 60.49 33.32
C GLU D 260 -32.29 59.26 33.61
N ASN D 261 -32.88 58.21 34.20
CA ASN D 261 -32.12 57.00 34.51
C ASN D 261 -32.02 56.07 33.31
N ALA D 262 -33.13 55.86 32.60
CA ALA D 262 -33.12 54.94 31.46
C ALA D 262 -32.37 55.52 30.28
N TYR D 263 -32.48 56.84 30.06
CA TYR D 263 -31.81 57.47 28.92
C TYR D 263 -30.31 57.60 29.14
N LEU D 264 -29.85 57.50 30.38
CA LEU D 264 -28.41 57.49 30.66
C LEU D 264 -27.80 56.14 30.30
N ASN D 265 -28.48 55.04 30.62
CA ASN D 265 -28.02 53.72 30.21
C ASN D 265 -27.79 53.69 28.70
N TYR D 266 -28.82 54.01 27.93
CA TYR D 266 -28.67 54.06 26.47
C TYR D 266 -27.59 55.07 26.08
N SER D 267 -27.56 56.21 26.75
CA SER D 267 -26.56 57.23 26.44
C SER D 267 -25.15 56.70 26.62
N MET D 268 -24.95 55.79 27.57
CA MET D 268 -23.64 55.18 27.80
C MET D 268 -23.44 53.93 26.96
N TYR D 269 -24.47 53.10 26.84
CA TYR D 269 -24.35 51.86 26.07
C TYR D 269 -23.95 52.16 24.63
N VAL D 270 -24.53 53.18 24.02
CA VAL D 270 -24.23 53.48 22.62
C VAL D 270 -22.83 54.05 22.49
N ILE D 271 -22.43 54.93 23.42
CA ILE D 271 -21.12 55.55 23.33
C ILE D 271 -20.02 54.51 23.47
N MET D 272 -20.28 53.43 24.21
CA MET D 272 -19.28 52.41 24.47
C MET D 272 -19.39 51.24 23.48
N ASP D 273 -20.54 50.56 23.46
CA ASP D 273 -20.66 49.26 22.83
C ASP D 273 -21.28 49.29 21.44
N ARG D 274 -21.67 50.45 20.94
CA ARG D 274 -22.31 50.50 19.62
C ARG D 274 -21.60 51.42 18.65
N ALA D 275 -21.26 52.64 19.05
CA ALA D 275 -20.83 53.67 18.11
C ALA D 275 -19.31 53.85 18.07
N LEU D 276 -18.71 54.19 19.20
CA LEU D 276 -17.31 54.60 19.16
C LEU D 276 -16.39 53.39 19.01
N PRO D 277 -15.30 53.52 18.26
CA PRO D 277 -14.32 52.43 18.15
C PRO D 277 -13.31 52.46 19.29
N PHE D 278 -12.47 51.43 19.30
CA PHE D 278 -11.37 51.33 20.24
C PHE D 278 -10.08 51.81 19.57
N ILE D 279 -9.26 52.55 20.33
CA ILE D 279 -8.09 53.18 19.74
C ILE D 279 -7.15 52.13 19.14
N GLY D 280 -7.02 50.99 19.82
CA GLY D 280 -6.09 49.96 19.38
C GLY D 280 -6.41 49.39 18.01
N ASP D 281 -7.50 48.66 17.90
CA ASP D 281 -7.87 48.00 16.64
C ASP D 281 -8.73 48.88 15.74
N GLY D 282 -9.19 50.03 16.22
CA GLY D 282 -10.00 50.90 15.39
C GLY D 282 -11.27 50.25 14.88
N LEU D 283 -11.96 49.51 15.75
CA LEU D 283 -13.15 48.78 15.35
C LEU D 283 -14.24 48.92 16.40
N LYS D 284 -15.49 48.89 15.96
CA LYS D 284 -16.63 48.82 16.87
C LYS D 284 -16.98 47.36 17.14
N PRO D 285 -17.71 47.09 18.22
CA PRO D 285 -18.06 45.69 18.52
C PRO D 285 -18.75 44.98 17.38
N VAL D 286 -19.68 45.65 16.68
CA VAL D 286 -20.31 45.04 15.52
C VAL D 286 -19.28 44.67 14.47
N GLN D 287 -18.18 45.42 14.42
CA GLN D 287 -17.10 45.15 13.48
C GLN D 287 -16.12 44.10 14.00
N ARG D 288 -15.76 44.21 15.28
CA ARG D 288 -14.80 43.28 15.86
C ARG D 288 -15.31 41.85 15.85
N ARG D 289 -16.57 41.66 16.23
CA ARG D 289 -17.12 40.32 16.33
C ARG D 289 -17.19 39.63 14.97
N ILE D 290 -17.51 40.39 13.92
CA ILE D 290 -17.55 39.80 12.59
C ILE D 290 -16.18 39.25 12.22
N VAL D 291 -15.12 40.03 12.45
CA VAL D 291 -13.78 39.61 12.07
C VAL D 291 -13.41 38.32 12.78
N TYR D 292 -13.57 38.29 14.11
CA TYR D 292 -13.21 37.11 14.88
C TYR D 292 -14.02 35.89 14.45
N ALA D 293 -15.34 36.05 14.33
CA ALA D 293 -16.20 34.92 14.00
C ALA D 293 -15.91 34.38 12.61
N MET D 294 -15.38 35.20 11.71
CA MET D 294 -15.03 34.69 10.40
C MET D 294 -13.73 33.90 10.44
N SER D 295 -12.83 34.22 11.36
CA SER D 295 -11.62 33.42 11.52
C SER D 295 -11.92 32.12 12.26
N GLU D 296 -12.68 32.20 13.35
CA GLU D 296 -13.06 31.00 14.09
C GLU D 296 -13.79 30.02 13.19
N LEU D 297 -14.45 30.50 12.14
CA LEU D 297 -15.08 29.64 11.14
C LEU D 297 -14.10 29.23 10.04
N GLY D 298 -12.84 29.64 10.13
CA GLY D 298 -11.85 29.24 9.17
C GLY D 298 -11.88 29.97 7.85
N LEU D 299 -12.47 31.16 7.82
CA LEU D 299 -12.52 31.96 6.58
C LEU D 299 -11.31 32.90 6.53
N ASN D 300 -10.14 32.28 6.43
CA ASN D 300 -8.88 33.01 6.35
C ASN D 300 -8.75 33.61 4.94
N ALA D 301 -7.58 34.19 4.65
CA ALA D 301 -7.38 34.79 3.33
C ALA D 301 -7.31 33.74 2.23
N SER D 302 -6.74 32.57 2.52
CA SER D 302 -6.57 31.53 1.52
C SER D 302 -7.79 30.63 1.36
N ALA D 303 -8.66 30.59 2.38
CA ALA D 303 -9.82 29.70 2.31
C ALA D 303 -10.79 30.16 1.23
N LYS D 304 -11.71 29.27 0.87
CA LYS D 304 -12.69 29.55 -0.16
C LYS D 304 -13.84 30.36 0.42
N PHE D 305 -14.51 31.11 -0.45
CA PHE D 305 -15.60 31.98 -0.02
C PHE D 305 -16.74 31.15 0.54
N LYS D 306 -17.36 31.66 1.60
CA LYS D 306 -18.52 31.04 2.23
C LYS D 306 -19.71 31.99 2.15
N LYS D 307 -20.91 31.42 1.97
CA LYS D 307 -22.12 32.22 1.85
C LYS D 307 -22.26 33.15 3.05
N SER D 308 -22.44 34.45 2.75
CA SER D 308 -22.48 35.44 3.82
C SER D 308 -23.60 35.16 4.80
N ALA D 309 -24.70 34.57 4.35
CA ALA D 309 -25.79 34.25 5.26
C ALA D 309 -25.30 33.40 6.42
N ARG D 310 -24.55 32.34 6.12
CA ARG D 310 -24.02 31.49 7.17
C ARG D 310 -23.05 32.26 8.06
N THR D 311 -22.27 33.17 7.47
CA THR D 311 -21.32 33.96 8.25
C THR D 311 -22.04 34.86 9.24
N VAL D 312 -23.00 35.64 8.76
CA VAL D 312 -23.73 36.54 9.63
C VAL D 312 -24.47 35.76 10.71
N GLY D 313 -25.06 34.62 10.33
CA GLY D 313 -25.78 33.81 11.31
C GLY D 313 -24.91 33.42 12.47
N ASP D 314 -23.67 33.02 12.20
CA ASP D 314 -22.76 32.65 13.29
C ASP D 314 -22.41 33.87 14.15
N VAL D 315 -22.22 35.03 13.52
CA VAL D 315 -21.89 36.24 14.28
C VAL D 315 -22.99 36.57 15.27
N LEU D 316 -24.24 36.28 14.92
CA LEU D 316 -25.37 36.65 15.76
C LEU D 316 -25.62 35.63 16.86
N GLY D 317 -25.82 34.37 16.47
CA GLY D 317 -26.13 33.34 17.45
C GLY D 317 -25.04 33.12 18.47
N LYS D 318 -23.79 33.40 18.10
CA LYS D 318 -22.66 33.19 19.01
C LYS D 318 -22.38 34.42 19.87
N TYR D 319 -22.15 35.56 19.25
CA TYR D 319 -21.56 36.70 19.94
C TYR D 319 -22.39 37.96 19.92
N HIS D 320 -23.05 38.29 18.80
CA HIS D 320 -23.66 39.60 18.61
C HIS D 320 -25.18 39.51 18.59
N PRO D 321 -25.85 39.69 19.72
CA PRO D 321 -27.32 39.61 19.76
C PRO D 321 -28.02 40.89 19.33
N HIS D 322 -28.06 41.11 18.02
CA HIS D 322 -28.70 42.28 17.46
C HIS D 322 -29.26 41.92 16.09
N GLY D 323 -29.66 42.95 15.33
CA GLY D 323 -30.35 42.71 14.08
C GLY D 323 -29.50 41.94 13.07
N ASP D 324 -30.19 41.24 12.18
CA ASP D 324 -29.51 40.46 11.15
C ASP D 324 -29.11 41.34 9.98
N SER D 325 -30.04 42.10 9.42
CA SER D 325 -29.69 43.03 8.34
C SER D 325 -28.79 44.14 8.86
N ALA D 326 -28.90 44.47 10.16
CA ALA D 326 -28.00 45.46 10.74
C ALA D 326 -26.57 44.96 10.78
N CYS D 327 -26.38 43.65 10.99
CA CYS D 327 -25.04 43.08 10.97
C CYS D 327 -24.52 42.95 9.54
N TYR D 328 -25.35 42.50 8.62
CA TYR D 328 -24.90 42.33 7.24
C TYR D 328 -24.57 43.68 6.61
N GLU D 329 -25.33 44.72 6.94
CA GLU D 329 -25.04 46.05 6.41
C GLU D 329 -23.66 46.52 6.85
N ALA D 330 -23.28 46.20 8.09
CA ALA D 330 -21.95 46.57 8.57
C ALA D 330 -20.87 45.79 7.83
N MET D 331 -21.08 44.49 7.62
CA MET D 331 -20.06 43.66 6.98
C MET D 331 -19.83 44.09 5.55
N VAL D 332 -20.86 44.64 4.89
CA VAL D 332 -20.66 45.15 3.53
C VAL D 332 -19.85 46.44 3.54
N LEU D 333 -20.05 47.27 4.57
CA LEU D 333 -19.23 48.46 4.71
C LEU D 333 -17.77 48.13 4.88
N MET D 334 -17.45 46.91 5.33
CA MET D 334 -16.07 46.47 5.43
C MET D 334 -15.57 45.81 4.15
N ALA D 335 -16.46 45.16 3.40
CA ALA D 335 -16.05 44.42 2.21
C ALA D 335 -15.90 45.31 0.98
N GLN D 336 -16.63 46.42 0.93
CA GLN D 336 -16.63 47.26 -0.26
C GLN D 336 -15.29 48.01 -0.38
N PRO D 337 -14.56 47.83 -1.48
CA PRO D 337 -13.26 48.53 -1.60
C PRO D 337 -13.39 50.04 -1.64
N PHE D 338 -14.59 50.56 -1.89
CA PHE D 338 -14.81 51.98 -2.09
C PHE D 338 -15.45 52.66 -0.88
N SER D 339 -15.55 51.96 0.26
CA SER D 339 -15.98 52.54 1.52
C SER D 339 -14.86 52.56 2.54
N TYR D 340 -14.18 51.42 2.75
CA TYR D 340 -12.91 51.41 3.46
C TYR D 340 -11.76 51.57 2.49
N ARG D 341 -10.79 52.41 2.87
CA ARG D 341 -9.54 52.48 2.10
C ARG D 341 -8.79 51.16 2.15
N TYR D 342 -8.83 50.47 3.30
CA TYR D 342 -8.16 49.19 3.49
C TYR D 342 -9.21 48.18 3.94
N PRO D 343 -9.93 47.57 3.01
CA PRO D 343 -11.02 46.67 3.39
C PRO D 343 -10.55 45.53 4.26
N LEU D 344 -11.48 45.00 5.05
CA LEU D 344 -11.23 43.85 5.90
C LEU D 344 -11.86 42.58 5.36
N VAL D 345 -12.69 42.65 4.32
CA VAL D 345 -13.45 41.52 3.82
C VAL D 345 -13.39 41.49 2.30
N ASP D 346 -13.25 40.30 1.74
CA ASP D 346 -13.36 40.06 0.31
C ASP D 346 -14.59 39.20 0.05
N GLY D 347 -15.20 39.39 -1.12
CA GLY D 347 -16.44 38.70 -1.41
C GLY D 347 -16.68 38.52 -2.89
N GLN D 348 -17.60 37.61 -3.19
CA GLN D 348 -18.05 37.32 -4.55
C GLN D 348 -19.53 37.66 -4.66
N GLY D 349 -19.93 38.13 -5.83
CA GLY D 349 -21.30 38.51 -6.09
C GLY D 349 -21.47 40.00 -6.24
N ASN D 350 -22.69 40.45 -5.98
CA ASN D 350 -23.04 41.87 -6.08
C ASN D 350 -22.88 42.49 -4.70
N TRP D 351 -21.75 43.16 -4.48
CA TRP D 351 -21.45 43.86 -3.23
C TRP D 351 -21.63 45.36 -3.37
N GLY D 352 -22.61 45.78 -4.16
CA GLY D 352 -22.86 47.20 -4.37
C GLY D 352 -22.05 47.77 -5.50
N ALA D 353 -22.24 49.07 -5.70
CA ALA D 353 -21.54 49.80 -6.74
C ALA D 353 -21.26 51.21 -6.24
N PRO D 354 -20.24 51.89 -6.78
CA PRO D 354 -19.95 53.25 -6.31
C PRO D 354 -21.13 54.20 -6.44
N ASP D 355 -22.03 53.97 -7.40
CA ASP D 355 -23.15 54.87 -7.60
C ASP D 355 -24.22 54.69 -6.52
N ASP D 356 -24.37 53.47 -5.99
CA ASP D 356 -25.34 53.19 -4.92
C ASP D 356 -24.79 52.05 -4.09
N PRO D 357 -24.14 52.36 -2.95
CA PRO D 357 -23.56 51.27 -2.14
C PRO D 357 -24.59 50.28 -1.62
N LYS D 358 -25.85 50.70 -1.47
CA LYS D 358 -26.90 49.86 -0.91
C LYS D 358 -27.68 49.10 -1.98
N SER D 359 -27.11 48.94 -3.18
CA SER D 359 -27.72 48.18 -4.26
C SER D 359 -27.19 46.76 -4.27
N PHE D 360 -26.79 46.25 -3.10
CA PHE D 360 -26.02 45.02 -2.98
C PHE D 360 -26.95 43.80 -2.86
N ALA D 361 -26.36 42.63 -3.08
CA ALA D 361 -27.15 41.41 -3.13
C ALA D 361 -27.37 40.86 -1.72
N ALA D 362 -28.49 40.15 -1.56
CA ALA D 362 -28.82 39.59 -0.26
C ALA D 362 -27.67 38.75 0.27
N MET D 363 -27.59 38.65 1.60
CA MET D 363 -26.54 37.85 2.20
C MET D 363 -26.64 36.38 1.79
N ARG D 364 -27.81 35.93 1.35
CA ARG D 364 -27.98 34.52 0.99
C ARG D 364 -27.31 34.19 -0.33
N TYR D 365 -27.18 35.17 -1.22
CA TYR D 365 -26.53 34.97 -2.51
C TYR D 365 -25.07 35.36 -2.51
N THR D 366 -24.67 36.34 -1.71
CA THR D 366 -23.28 36.75 -1.65
C THR D 366 -22.50 35.86 -0.69
N GLU D 367 -21.22 35.67 -1.02
CA GLU D 367 -20.31 34.86 -0.21
C GLU D 367 -19.02 35.65 -0.03
N SER D 368 -18.47 35.63 1.18
CA SER D 368 -17.36 36.49 1.54
C SER D 368 -16.36 35.74 2.41
N ARG D 369 -15.18 36.34 2.55
CA ARG D 369 -14.10 35.81 3.38
C ARG D 369 -13.27 36.99 3.87
N LEU D 370 -12.36 36.72 4.79
CA LEU D 370 -11.46 37.76 5.26
C LEU D 370 -10.41 38.06 4.20
N SER D 371 -9.91 39.29 4.22
CA SER D 371 -8.95 39.75 3.23
C SER D 371 -7.53 39.66 3.77
N LYS D 372 -6.57 39.94 2.89
CA LYS D 372 -5.16 39.93 3.31
C LYS D 372 -4.92 40.99 4.37
N TYR D 373 -5.55 42.16 4.22
CA TYR D 373 -5.33 43.25 5.17
C TYR D 373 -5.79 42.88 6.58
N ALA D 374 -6.75 41.97 6.70
CA ALA D 374 -7.24 41.60 8.02
C ALA D 374 -6.15 40.88 8.83
N GLU D 375 -5.18 40.24 8.17
CA GLU D 375 -4.19 39.46 8.89
C GLU D 375 -3.44 40.29 9.91
N LEU D 376 -3.36 41.60 9.71
CA LEU D 376 -2.66 42.45 10.69
C LEU D 376 -3.36 42.44 12.04
N LEU D 377 -4.65 42.13 12.07
CA LEU D 377 -5.42 42.15 13.32
C LEU D 377 -5.53 40.79 13.99
N LEU D 378 -5.31 39.70 13.26
CA LEU D 378 -5.56 38.37 13.77
C LEU D 378 -4.33 37.48 13.85
N SER D 379 -3.22 37.86 13.21
CA SER D 379 -2.04 37.01 13.21
C SER D 379 -1.56 36.71 14.62
N GLU D 380 -1.60 37.73 15.49
CA GLU D 380 -1.09 37.62 16.85
C GLU D 380 -2.18 37.31 17.86
N LEU D 381 -3.30 36.76 17.42
CA LEU D 381 -4.42 36.49 18.32
C LEU D 381 -4.23 35.20 19.12
N GLY D 382 -3.39 34.29 18.64
CA GLY D 382 -3.15 33.02 19.28
C GLY D 382 -1.99 32.98 20.25
N GLN D 383 -1.24 34.07 20.42
CA GLN D 383 -0.11 34.13 21.33
C GLN D 383 -0.45 34.86 22.61
N GLY D 384 -1.67 34.69 23.12
CA GLY D 384 -2.08 35.31 24.37
C GLY D 384 -1.70 36.78 24.47
N THR D 385 -2.14 37.57 23.49
CA THR D 385 -1.78 38.98 23.43
C THR D 385 -2.89 39.90 23.91
N VAL D 386 -4.14 39.48 23.81
CA VAL D 386 -5.29 40.31 24.15
C VAL D 386 -6.08 39.66 25.27
N ASP D 387 -6.96 40.44 25.89
CA ASP D 387 -7.83 39.95 26.93
C ASP D 387 -9.06 39.28 26.32
N TRP D 388 -9.79 38.54 27.16
CA TRP D 388 -10.89 37.70 26.71
C TRP D 388 -12.05 37.80 27.70
N VAL D 389 -13.26 37.94 27.16
CA VAL D 389 -14.46 38.04 27.98
C VAL D 389 -15.50 37.06 27.44
N PRO D 390 -16.35 36.49 28.29
CA PRO D 390 -17.38 35.57 27.78
C PRO D 390 -18.37 36.29 26.88
N ASN D 391 -19.10 35.50 26.09
CA ASN D 391 -20.13 36.04 25.22
C ASN D 391 -21.37 36.40 26.04
N PHE D 392 -22.44 36.82 25.35
CA PHE D 392 -23.61 37.35 26.05
C PHE D 392 -24.37 36.25 26.79
N ASP D 393 -24.49 35.07 26.19
CA ASP D 393 -25.20 33.97 26.86
C ASP D 393 -24.32 33.18 27.81
N GLY D 394 -23.00 33.34 27.71
CA GLY D 394 -22.10 32.71 28.66
C GLY D 394 -21.69 31.30 28.32
N THR D 395 -21.66 30.94 27.04
CA THR D 395 -21.26 29.61 26.61
C THR D 395 -19.93 29.58 25.87
N LEU D 396 -19.55 30.67 25.20
CA LEU D 396 -18.29 30.80 24.50
C LEU D 396 -17.53 32.01 25.04
N GLN D 397 -16.34 32.24 24.51
CA GLN D 397 -15.53 33.40 24.86
C GLN D 397 -15.19 34.19 23.60
N GLU D 398 -15.09 35.51 23.76
CA GLU D 398 -14.76 36.43 22.68
C GLU D 398 -13.64 37.35 23.13
N PRO D 399 -12.83 37.85 22.20
CA PRO D 399 -11.72 38.73 22.59
C PRO D 399 -12.19 40.14 22.88
N LYS D 400 -11.60 40.75 23.91
CA LYS D 400 -11.92 42.13 24.25
C LYS D 400 -11.27 43.09 23.26
N MET D 401 -9.97 42.92 23.00
CA MET D 401 -9.25 43.70 22.01
C MET D 401 -8.85 42.80 20.85
N LEU D 402 -8.19 43.38 19.86
CA LEU D 402 -7.54 42.61 18.81
C LEU D 402 -6.09 43.04 18.69
N PRO D 403 -5.17 42.09 18.49
CA PRO D 403 -3.75 42.45 18.41
C PRO D 403 -3.42 43.14 17.11
N ALA D 404 -3.70 44.45 17.04
CA ALA D 404 -3.44 45.20 15.82
C ALA D 404 -1.94 45.39 15.63
N ARG D 405 -1.44 44.96 14.47
CA ARG D 405 -0.05 45.20 14.10
C ARG D 405 0.14 46.53 13.37
N LEU D 406 -0.92 47.27 13.11
CA LEU D 406 -0.87 48.61 12.58
C LEU D 406 -2.01 49.40 13.19
N PRO D 407 -1.89 50.73 13.26
CA PRO D 407 -2.95 51.53 13.89
C PRO D 407 -4.18 51.65 13.00
N ASN D 408 -5.06 50.64 13.04
CA ASN D 408 -6.23 50.63 12.17
C ASN D 408 -7.19 51.77 12.47
N ILE D 409 -7.11 52.37 13.67
CA ILE D 409 -8.01 53.46 14.01
C ILE D 409 -7.89 54.60 13.01
N LEU D 410 -6.69 54.82 12.45
CA LEU D 410 -6.48 55.88 11.48
C LEU D 410 -6.39 55.37 10.04
N LEU D 411 -6.14 54.08 9.84
CA LEU D 411 -6.01 53.56 8.48
C LEU D 411 -7.35 53.50 7.77
N ASN D 412 -8.35 52.89 8.40
CA ASN D 412 -9.70 52.87 7.86
C ASN D 412 -10.59 53.96 8.42
N GLY D 413 -10.38 54.34 9.67
CA GLY D 413 -11.25 55.30 10.33
C GLY D 413 -12.65 54.71 10.52
N THR D 414 -13.49 55.52 11.17
CA THR D 414 -14.87 55.13 11.40
C THR D 414 -15.74 56.37 11.33
N THR D 415 -17.05 56.14 11.25
CA THR D 415 -18.04 57.23 11.20
C THR D 415 -19.26 56.75 11.99
N GLY D 416 -19.37 57.23 13.24
CA GLY D 416 -20.42 56.79 14.13
C GLY D 416 -21.16 57.96 14.75
N ILE D 417 -22.32 57.64 15.33
CA ILE D 417 -23.18 58.64 15.95
C ILE D 417 -23.69 58.10 17.27
N ALA D 418 -23.06 58.52 18.37
CA ALA D 418 -23.47 58.08 19.69
C ALA D 418 -24.49 59.07 20.25
N VAL D 419 -24.78 58.98 21.54
CA VAL D 419 -25.64 59.93 22.24
C VAL D 419 -24.73 60.95 22.92
N GLY D 420 -24.94 62.23 22.61
CA GLY D 420 -24.15 63.30 23.16
C GLY D 420 -22.84 63.58 22.45
N MET D 421 -22.36 62.65 21.63
CA MET D 421 -21.09 62.82 20.94
C MET D 421 -21.06 61.92 19.72
N ALA D 422 -20.29 62.34 18.71
CA ALA D 422 -20.20 61.65 17.43
C ALA D 422 -18.75 61.23 17.18
N THR D 423 -18.50 60.71 15.99
CA THR D 423 -17.16 60.26 15.60
C THR D 423 -17.01 60.39 14.10
N ASP D 424 -15.91 61.00 13.66
CA ASP D 424 -15.63 61.18 12.23
C ASP D 424 -14.11 61.10 12.07
N ILE D 425 -13.62 59.91 11.75
CA ILE D 425 -12.20 59.67 11.55
C ILE D 425 -11.98 59.34 10.07
N PRO D 426 -11.24 60.16 9.32
CA PRO D 426 -10.98 59.83 7.92
C PRO D 426 -9.86 58.81 7.80
N PRO D 427 -9.86 58.00 6.76
CA PRO D 427 -8.78 57.03 6.58
C PRO D 427 -7.48 57.73 6.21
N HIS D 428 -6.38 57.01 6.45
CA HIS D 428 -5.03 57.52 6.22
C HIS D 428 -4.23 56.48 5.43
N ASN D 429 -3.08 56.89 4.94
CA ASN D 429 -2.23 56.02 4.13
C ASN D 429 -1.48 55.02 5.00
N LEU D 430 -1.21 53.85 4.42
CA LEU D 430 -0.53 52.79 5.16
C LEU D 430 0.95 53.09 5.34
N ARG D 431 1.66 53.32 4.23
CA ARG D 431 3.08 53.61 4.33
C ARG D 431 3.35 54.93 5.05
N GLU D 432 2.35 55.79 5.18
CA GLU D 432 2.54 57.06 5.88
C GLU D 432 2.33 56.90 7.39
N VAL D 433 1.22 56.29 7.79
CA VAL D 433 0.98 56.05 9.20
C VAL D 433 2.02 55.10 9.79
N ALA D 434 2.62 54.25 8.94
CA ALA D 434 3.69 53.37 9.39
C ALA D 434 5.00 54.13 9.56
N LYS D 435 5.39 54.90 8.53
CA LYS D 435 6.61 55.70 8.63
C LYS D 435 6.52 56.75 9.73
N ALA D 436 5.31 57.06 10.21
CA ALA D 436 5.17 58.00 11.31
C ALA D 436 5.34 57.31 12.65
N ALA D 437 4.81 56.09 12.79
CA ALA D 437 4.95 55.37 14.06
C ALA D 437 6.40 55.03 14.34
N ILE D 438 7.13 54.58 13.30
CA ILE D 438 8.54 54.22 13.50
C ILE D 438 9.33 55.45 13.93
N THR D 439 9.13 56.58 13.24
CA THR D 439 9.84 57.80 13.58
C THR D 439 9.46 58.31 14.97
N LEU D 440 8.28 57.94 15.46
CA LEU D 440 7.89 58.34 16.82
C LEU D 440 8.61 57.50 17.87
N ILE D 441 8.94 56.26 17.54
CA ILE D 441 9.70 55.43 18.46
C ILE D 441 11.16 55.88 18.49
N GLU D 442 11.75 56.12 17.32
CA GLU D 442 13.15 56.52 17.27
C GLU D 442 13.38 57.89 17.91
N GLN D 443 12.40 58.79 17.79
CA GLN D 443 12.47 60.12 18.41
C GLN D 443 11.16 60.36 19.14
N PRO D 444 11.08 59.97 20.43
CA PRO D 444 9.83 60.19 21.17
C PRO D 444 9.41 61.65 21.23
N LYS D 445 10.35 62.58 21.13
CA LYS D 445 10.07 64.00 21.23
C LYS D 445 9.66 64.63 19.90
N THR D 446 9.24 63.82 18.94
CA THR D 446 8.82 64.36 17.65
C THR D 446 7.55 65.18 17.82
N THR D 447 7.45 66.27 17.06
CA THR D 447 6.30 67.17 17.11
C THR D 447 5.38 66.93 15.93
N LEU D 448 4.13 67.39 16.09
CA LEU D 448 3.13 67.17 15.04
C LEU D 448 3.58 67.81 13.72
N ASP D 449 4.22 68.98 13.78
CA ASP D 449 4.71 69.60 12.56
C ASP D 449 5.73 68.70 11.86
N GLU D 450 6.65 68.10 12.61
CA GLU D 450 7.55 67.12 12.03
C GLU D 450 6.79 65.91 11.53
N LEU D 451 5.68 65.55 12.18
CA LEU D 451 4.89 64.41 11.73
C LEU D 451 4.17 64.70 10.42
N LEU D 452 3.69 65.94 10.25
CA LEU D 452 3.02 66.31 9.01
C LEU D 452 3.94 66.24 7.81
N ASP D 453 5.26 66.27 8.02
CA ASP D 453 6.20 66.11 6.91
C ASP D 453 6.10 64.74 6.26
N ILE D 454 5.56 63.75 6.98
CA ILE D 454 5.38 62.40 6.45
C ILE D 454 3.90 62.11 6.19
N VAL D 455 3.06 62.19 7.22
CA VAL D 455 1.62 61.99 7.07
C VAL D 455 1.07 63.27 6.47
N GLN D 456 0.87 63.30 5.16
CA GLN D 456 0.39 64.52 4.51
C GLN D 456 -1.07 64.80 4.85
N GLY D 457 -1.84 63.76 5.16
CA GLY D 457 -3.23 63.94 5.50
C GLY D 457 -4.05 62.69 5.18
N PRO D 458 -5.37 62.86 5.07
CA PRO D 458 -6.24 61.71 4.80
C PRO D 458 -5.87 61.00 3.50
N ASP D 459 -6.43 59.80 3.34
CA ASP D 459 -6.25 59.01 2.12
C ASP D 459 -7.59 58.34 1.84
N PHE D 460 -8.40 58.96 0.96
CA PHE D 460 -9.69 58.40 0.62
C PHE D 460 -9.58 57.44 -0.56
N PRO D 461 -10.49 56.47 -0.67
CA PRO D 461 -10.43 55.50 -1.78
C PRO D 461 -10.91 56.09 -3.09
N THR D 462 -10.22 57.14 -3.55
CA THR D 462 -10.57 57.80 -4.79
C THR D 462 -9.40 58.65 -5.24
N GLU D 463 -9.36 58.93 -6.54
CA GLU D 463 -8.30 59.72 -7.14
C GLU D 463 -8.57 61.22 -7.07
N ALA D 464 -9.69 61.64 -6.49
CA ALA D 464 -10.00 63.06 -6.40
C ALA D 464 -9.02 63.75 -5.46
N GLU D 465 -8.57 64.93 -5.87
CA GLU D 465 -7.56 65.66 -5.13
C GLU D 465 -8.18 66.38 -3.92
N ILE D 466 -7.43 66.40 -2.82
CA ILE D 466 -7.83 67.13 -1.62
C ILE D 466 -7.38 68.57 -1.78
N ILE D 467 -8.32 69.51 -1.72
CA ILE D 467 -8.04 70.91 -1.97
C ILE D 467 -7.87 71.72 -0.68
N THR D 468 -7.81 71.05 0.46
CA THR D 468 -7.65 71.75 1.73
C THR D 468 -6.21 72.23 1.89
N SER D 469 -6.06 73.42 2.46
CA SER D 469 -4.75 74.04 2.59
C SER D 469 -3.88 73.24 3.56
N ARG D 470 -2.57 73.47 3.45
CA ARG D 470 -1.63 72.81 4.35
C ARG D 470 -1.81 73.28 5.78
N ALA D 471 -1.93 74.60 5.98
CA ALA D 471 -2.11 75.12 7.33
C ALA D 471 -3.46 74.72 7.91
N GLU D 472 -4.45 74.47 7.06
CA GLU D 472 -5.74 74.00 7.55
C GLU D 472 -5.63 72.59 8.09
N ILE D 473 -4.87 71.72 7.40
CA ILE D 473 -4.66 70.37 7.90
C ILE D 473 -3.83 70.40 9.17
N ARG D 474 -2.89 71.33 9.27
CA ARG D 474 -2.08 71.44 10.49
C ARG D 474 -2.97 71.72 11.70
N LYS D 475 -4.13 72.35 11.50
CA LYS D 475 -5.06 72.58 12.58
C LYS D 475 -5.93 71.36 12.84
N ILE D 476 -6.15 70.53 11.83
CA ILE D 476 -6.92 69.30 12.02
C ILE D 476 -6.19 68.36 12.96
N TYR D 477 -4.92 68.07 12.68
CA TYR D 477 -4.13 67.13 13.45
C TYR D 477 -3.52 67.75 14.69
N GLN D 478 -3.88 68.99 15.03
CA GLN D 478 -3.44 69.63 16.26
C GLN D 478 -4.58 69.95 17.21
N ASN D 479 -5.84 69.76 16.79
CA ASN D 479 -7.00 70.03 17.62
C ASN D 479 -7.97 68.87 17.73
N GLY D 480 -7.90 67.89 16.83
CA GLY D 480 -8.84 66.78 16.87
C GLY D 480 -10.21 67.08 16.34
N ARG D 481 -10.34 68.08 15.46
CA ARG D 481 -11.62 68.44 14.89
C ARG D 481 -11.38 69.26 13.63
N GLY D 482 -12.45 69.45 12.86
CA GLY D 482 -12.43 70.27 11.68
C GLY D 482 -13.03 69.54 10.49
N SER D 483 -12.70 70.01 9.30
CA SER D 483 -13.24 69.47 8.06
C SER D 483 -12.13 69.36 7.03
N VAL D 484 -12.51 68.94 5.82
CA VAL D 484 -11.58 68.82 4.70
C VAL D 484 -12.41 68.79 3.43
N ARG D 485 -11.80 69.17 2.31
CA ARG D 485 -12.52 69.32 1.05
C ARG D 485 -11.79 68.59 -0.07
N MET D 486 -12.58 68.05 -0.99
CA MET D 486 -12.06 67.36 -2.17
C MET D 486 -12.72 67.95 -3.42
N ARG D 487 -12.06 67.73 -4.56
CA ARG D 487 -12.56 68.19 -5.85
C ARG D 487 -12.28 67.12 -6.89
N ALA D 488 -13.24 66.91 -7.79
CA ALA D 488 -13.11 65.87 -8.80
C ALA D 488 -11.97 66.20 -9.76
N VAL D 489 -11.56 65.19 -10.52
CA VAL D 489 -10.48 65.33 -11.47
C VAL D 489 -11.05 65.61 -12.87
N LEU D 502 -14.14 61.45 -9.21
CA LEU D 502 -15.11 62.01 -8.27
C LEU D 502 -14.62 61.89 -6.83
N PRO D 503 -15.15 62.72 -5.93
CA PRO D 503 -14.75 62.64 -4.52
C PRO D 503 -15.22 61.35 -3.88
N HIS D 504 -14.79 61.16 -2.63
CA HIS D 504 -15.20 60.00 -1.87
C HIS D 504 -16.70 60.01 -1.64
N GLN D 505 -17.31 58.83 -1.67
CA GLN D 505 -18.74 58.64 -1.38
C GLN D 505 -19.64 59.42 -2.33
N VAL D 506 -19.09 60.00 -3.40
CA VAL D 506 -19.87 60.78 -4.35
C VAL D 506 -20.34 59.86 -5.46
N SER D 507 -21.65 59.87 -5.71
CA SER D 507 -22.22 58.98 -6.72
C SER D 507 -22.14 59.65 -8.10
N GLY D 508 -21.91 58.82 -9.12
CA GLY D 508 -21.88 59.34 -10.48
C GLY D 508 -23.26 59.66 -11.02
N ALA D 509 -24.30 58.99 -10.50
CA ALA D 509 -25.66 59.26 -10.93
C ALA D 509 -26.27 60.43 -10.18
N LYS D 510 -25.82 60.67 -8.93
CA LYS D 510 -26.36 61.76 -8.14
C LYS D 510 -25.90 63.11 -8.68
N VAL D 511 -24.62 63.21 -9.06
CA VAL D 511 -24.10 64.47 -9.57
C VAL D 511 -24.70 64.78 -10.94
N LEU D 512 -24.85 63.75 -11.79
CA LEU D 512 -25.43 63.96 -13.11
C LEU D 512 -26.84 64.53 -13.01
N GLU D 513 -27.65 63.98 -12.11
CA GLU D 513 -28.98 64.54 -11.87
C GLU D 513 -28.88 65.95 -11.32
N GLN D 514 -27.80 66.26 -10.60
CA GLN D 514 -27.59 67.62 -10.11
C GLN D 514 -27.30 68.58 -11.27
N ILE D 515 -26.50 68.12 -12.25
CA ILE D 515 -26.21 68.96 -13.40
C ILE D 515 -27.36 68.94 -14.40
N ALA D 516 -28.11 67.84 -14.46
CA ALA D 516 -29.25 67.77 -15.37
C ALA D 516 -30.37 68.73 -14.95
N ALA D 517 -30.64 68.82 -13.65
CA ALA D 517 -31.62 69.78 -13.17
C ALA D 517 -31.20 71.21 -13.47
N GLN D 518 -29.89 71.44 -13.59
CA GLN D 518 -29.41 72.77 -13.97
C GLN D 518 -29.69 73.07 -15.44
N MET D 519 -29.78 72.02 -16.27
CA MET D 519 -30.10 72.22 -17.68
C MET D 519 -31.57 72.52 -17.91
N ARG D 520 -32.45 71.91 -17.10
CA ARG D 520 -33.88 72.18 -17.24
C ARG D 520 -34.24 73.55 -16.69
N ASN D 521 -33.61 73.97 -15.60
CA ASN D 521 -33.87 75.28 -15.02
C ASN D 521 -32.68 75.72 -14.16
N GLU D 554 -12.83 75.44 -19.26
CA GLU D 554 -12.12 75.42 -17.99
C GLU D 554 -12.89 76.20 -16.93
N GLN D 555 -13.40 77.38 -17.32
CA GLN D 555 -14.13 78.21 -16.37
C GLN D 555 -15.51 77.63 -16.07
N VAL D 556 -16.08 76.86 -16.99
CA VAL D 556 -17.39 76.25 -16.75
C VAL D 556 -17.30 75.26 -15.61
N MET D 557 -16.20 74.51 -15.54
CA MET D 557 -16.04 73.52 -14.47
C MET D 557 -15.96 74.18 -13.10
N ASN D 558 -15.35 75.36 -13.02
CA ASN D 558 -15.26 76.06 -11.73
C ASN D 558 -16.65 76.36 -11.18
N HIS D 559 -17.57 76.81 -12.04
CA HIS D 559 -18.93 77.08 -11.59
C HIS D 559 -19.66 75.80 -11.22
N LEU D 560 -19.34 74.69 -11.88
CA LEU D 560 -19.99 73.42 -11.57
C LEU D 560 -19.50 72.83 -10.26
N PHE D 561 -18.28 73.18 -9.82
CA PHE D 561 -17.77 72.65 -8.57
C PHE D 561 -18.49 73.26 -7.37
N ALA D 562 -18.86 74.54 -7.47
CA ALA D 562 -19.56 75.21 -6.38
C ALA D 562 -21.06 74.95 -6.41
N THR D 563 -21.61 74.54 -7.55
CA THR D 563 -23.04 74.25 -7.66
C THR D 563 -23.34 72.78 -7.41
N THR D 564 -22.74 71.89 -8.22
CA THR D 564 -22.99 70.46 -8.10
C THR D 564 -22.16 69.87 -6.97
N ASP D 565 -22.27 68.55 -6.79
CA ASP D 565 -21.55 67.83 -5.74
C ASP D 565 -20.10 67.55 -6.11
N LEU D 566 -19.58 68.15 -7.17
CA LEU D 566 -18.19 67.94 -7.56
C LEU D 566 -17.25 68.28 -6.42
N GLU D 567 -17.53 69.38 -5.71
CA GLU D 567 -16.72 69.82 -4.58
C GLU D 567 -17.54 69.62 -3.31
N LYS D 568 -17.14 68.65 -2.49
CA LYS D 568 -17.83 68.31 -1.25
C LYS D 568 -16.89 68.49 -0.07
N SER D 569 -17.49 68.60 1.11
CA SER D 569 -16.77 68.75 2.36
C SER D 569 -16.91 67.49 3.20
N TYR D 570 -15.99 67.32 4.15
CA TYR D 570 -15.96 66.14 5.00
C TYR D 570 -15.63 66.57 6.43
N ARG D 571 -16.55 66.30 7.35
CA ARG D 571 -16.32 66.61 8.75
C ARG D 571 -15.27 65.67 9.35
N ILE D 572 -14.54 66.17 10.35
CA ILE D 572 -13.48 65.42 10.99
C ILE D 572 -13.62 65.59 12.51
N ASN D 573 -13.73 64.47 13.22
CA ASN D 573 -13.81 64.49 14.68
C ASN D 573 -13.10 63.24 15.19
N LEU D 574 -11.95 63.43 15.82
CA LEU D 574 -11.09 62.32 16.25
C LEU D 574 -11.48 61.86 17.66
N ASN D 575 -12.74 61.46 17.81
CA ASN D 575 -13.25 60.95 19.07
C ASN D 575 -13.22 59.43 19.04
N MET D 576 -12.87 58.82 20.17
CA MET D 576 -12.66 57.38 20.22
C MET D 576 -12.48 56.96 21.68
N ILE D 577 -12.70 55.67 21.93
CA ILE D 577 -12.48 55.10 23.25
C ILE D 577 -11.00 54.82 23.39
N GLY D 578 -10.34 55.56 24.27
CA GLY D 578 -8.92 55.34 24.51
C GLY D 578 -8.65 54.07 25.29
N LEU D 579 -7.37 53.73 25.40
CA LEU D 579 -6.98 52.56 26.19
C LEU D 579 -7.40 52.70 27.65
N ASP D 580 -7.68 53.93 28.11
CA ASP D 580 -8.15 54.18 29.46
C ASP D 580 -9.63 53.86 29.64
N GLY D 581 -10.27 53.30 28.61
CA GLY D 581 -11.66 52.88 28.74
C GLY D 581 -12.67 54.00 28.85
N ARG D 582 -12.34 55.19 28.34
CA ARG D 582 -13.27 56.32 28.33
C ARG D 582 -13.13 57.05 27.00
N PRO D 583 -14.21 57.68 26.53
CA PRO D 583 -14.12 58.44 25.28
C PRO D 583 -13.34 59.73 25.47
N ALA D 584 -12.61 60.12 24.42
CA ALA D 584 -11.82 61.34 24.46
C ALA D 584 -11.40 61.69 23.03
N VAL D 585 -11.39 62.98 22.73
CA VAL D 585 -10.95 63.47 21.43
C VAL D 585 -9.45 63.70 21.48
N LYS D 586 -8.72 63.02 20.60
CA LYS D 586 -7.28 63.11 20.52
C LYS D 586 -6.85 63.57 19.13
N ASN D 587 -5.59 64.01 19.02
CA ASN D 587 -5.01 64.44 17.76
C ASN D 587 -3.97 63.39 17.30
N LEU D 588 -3.27 63.71 16.21
CA LEU D 588 -2.33 62.74 15.64
C LEU D 588 -1.21 62.42 16.61
N LEU D 589 -0.53 63.46 17.13
CA LEU D 589 0.59 63.23 18.04
C LEU D 589 0.16 62.53 19.32
N GLU D 590 -1.14 62.56 19.65
CA GLU D 590 -1.66 61.87 20.82
C GLU D 590 -2.16 60.47 20.46
N ILE D 591 -2.81 60.33 19.30
CA ILE D 591 -3.33 59.03 18.90
C ILE D 591 -2.19 58.07 18.63
N LEU D 592 -1.21 58.48 17.83
CA LEU D 592 -0.09 57.61 17.52
C LEU D 592 0.68 57.24 18.79
N SER D 593 0.92 58.22 19.68
CA SER D 593 1.64 57.92 20.90
C SER D 593 0.87 56.94 21.77
N GLU D 594 -0.45 57.12 21.88
CA GLU D 594 -1.25 56.21 22.70
C GLU D 594 -1.35 54.82 22.08
N TRP D 595 -1.35 54.74 20.74
CA TRP D 595 -1.38 53.43 20.09
C TRP D 595 -0.11 52.65 20.37
N LEU D 596 1.05 53.31 20.29
CA LEU D 596 2.32 52.64 20.51
C LEU D 596 2.48 52.16 21.95
N VAL D 597 1.71 52.72 22.88
CA VAL D 597 1.63 52.13 24.21
C VAL D 597 0.87 50.81 24.17
N PHE D 598 -0.17 50.74 23.34
CA PHE D 598 -0.91 49.49 23.16
C PHE D 598 -0.09 48.47 22.39
N ARG D 599 0.62 48.92 21.34
CA ARG D 599 1.42 47.98 20.54
C ARG D 599 2.64 47.49 21.31
N ARG D 600 3.26 48.37 22.10
CA ARG D 600 4.39 47.95 22.92
C ARG D 600 3.98 47.06 24.07
N ASP D 601 2.68 46.95 24.37
CA ASP D 601 2.18 46.05 25.40
C ASP D 601 1.70 44.73 24.82
N THR D 602 1.00 44.75 23.69
CA THR D 602 0.56 43.51 23.06
C THR D 602 1.74 42.69 22.56
N VAL D 603 2.81 43.36 22.10
CA VAL D 603 4.01 42.64 21.67
C VAL D 603 4.77 42.09 22.87
N ARG D 604 4.81 42.86 23.97
CA ARG D 604 5.44 42.37 25.18
C ARG D 604 4.73 41.11 25.69
N ARG D 605 3.41 41.07 25.56
CA ARG D 605 2.67 39.86 25.92
C ARG D 605 2.92 38.74 24.92
N ARG D 606 3.03 39.10 23.63
CA ARG D 606 3.36 38.09 22.62
C ARG D 606 4.70 37.44 22.91
N LEU D 607 5.68 38.24 23.36
CA LEU D 607 7.00 37.69 23.64
C LEU D 607 6.97 36.77 24.85
N ASN D 608 6.39 37.24 25.96
CA ASN D 608 6.34 36.41 27.16
C ASN D 608 5.47 35.17 26.94
N HIS D 609 4.47 35.25 26.06
CA HIS D 609 3.68 34.06 25.74
C HIS D 609 4.53 33.04 25.00
N ARG D 610 5.34 33.50 24.04
CA ARG D 610 6.24 32.59 23.33
C ARG D 610 7.36 32.10 24.24
N LEU D 611 7.85 32.96 25.13
CA LEU D 611 8.88 32.53 26.07
C LEU D 611 8.37 31.44 27.00
N GLU D 612 7.12 31.59 27.47
CA GLU D 612 6.55 30.58 28.35
C GLU D 612 6.41 29.23 27.64
N LYS D 613 6.16 29.25 26.33
CA LYS D 613 5.99 28.01 25.59
C LYS D 613 7.33 27.34 25.27
N VAL D 614 8.35 28.14 24.97
CA VAL D 614 9.64 27.56 24.63
C VAL D 614 10.25 26.87 25.83
N LEU D 615 10.23 27.53 26.99
CA LEU D 615 10.83 26.94 28.19
C LEU D 615 10.14 25.64 28.55
N LYS D 616 8.81 25.57 28.34
CA LYS D 616 8.08 24.33 28.60
C LYS D 616 8.54 23.22 27.66
N ARG D 617 8.77 23.56 26.38
CA ARG D 617 9.23 22.56 25.43
C ARG D 617 10.64 22.08 25.76
N LEU D 618 11.56 23.02 25.98
CA LEU D 618 12.93 22.65 26.32
C LEU D 618 12.96 21.70 27.51
N HIS D 619 12.16 22.00 28.55
CA HIS D 619 12.12 21.12 29.72
C HIS D 619 11.74 19.70 29.32
N ILE D 620 10.83 19.55 28.37
CA ILE D 620 10.48 18.24 27.87
C ILE D 620 11.64 17.63 27.09
N LEU D 621 12.27 18.42 26.22
CA LEU D 621 13.32 17.89 25.35
C LEU D 621 14.49 17.35 26.18
N GLU D 622 14.68 17.85 27.39
CA GLU D 622 15.68 17.27 28.27
C GLU D 622 15.34 15.83 28.61
N GLY D 623 14.17 15.62 29.20
CA GLY D 623 13.77 14.28 29.58
C GLY D 623 13.78 13.31 28.42
N LEU D 624 13.61 13.81 27.19
CA LEU D 624 13.64 12.93 26.03
C LEU D 624 15.07 12.55 25.66
N LEU D 625 15.98 13.53 25.64
CA LEU D 625 17.37 13.23 25.36
C LEU D 625 17.96 12.32 26.42
N VAL D 626 17.57 12.52 27.69
CA VAL D 626 18.02 11.61 28.75
C VAL D 626 17.53 10.20 28.48
N ALA D 627 16.36 10.06 27.84
CA ALA D 627 15.84 8.73 27.53
C ALA D 627 16.63 8.08 26.40
N PHE D 628 16.90 8.83 25.33
CA PHE D 628 17.68 8.28 24.23
C PHE D 628 19.07 7.88 24.69
N LEU D 629 19.66 8.65 25.61
CA LEU D 629 20.96 8.29 26.16
C LEU D 629 20.90 7.03 27.01
N ASN D 630 19.73 6.70 27.55
CA ASN D 630 19.57 5.53 28.41
C ASN D 630 18.27 4.81 28.09
N ILE D 631 17.94 4.67 26.81
CA ILE D 631 16.69 4.02 26.43
C ILE D 631 16.69 2.57 26.88
N ASP D 632 17.86 1.91 26.86
CA ASP D 632 17.91 0.51 27.25
C ASP D 632 17.36 0.31 28.66
N GLU D 633 17.75 1.17 29.60
CA GLU D 633 17.24 1.06 30.96
C GLU D 633 15.77 1.43 31.05
N VAL D 634 15.36 2.49 30.34
CA VAL D 634 13.97 2.93 30.38
C VAL D 634 13.04 1.77 30.04
N ILE D 635 13.37 1.02 28.98
CA ILE D 635 12.53 -0.09 28.57
C ILE D 635 12.48 -1.16 29.66
N GLU D 636 13.63 -1.52 30.21
CA GLU D 636 13.66 -2.48 31.31
C GLU D 636 12.86 -1.95 32.50
N ILE D 637 12.96 -0.65 32.79
CA ILE D 637 12.20 -0.09 33.90
C ILE D 637 10.72 -0.16 33.61
N ILE D 638 10.31 -0.05 32.35
CA ILE D 638 8.89 -0.05 32.03
C ILE D 638 8.32 -1.46 32.01
N ARG D 639 9.14 -2.46 31.71
CA ARG D 639 8.67 -3.84 31.58
C ARG D 639 8.94 -4.69 32.82
N THR D 640 9.89 -4.29 33.67
CA THR D 640 10.28 -5.09 34.82
C THR D 640 9.95 -4.43 36.15
N GLU D 641 9.30 -3.27 36.14
CA GLU D 641 8.92 -2.58 37.36
C GLU D 641 7.41 -2.39 37.39
N ASP D 642 6.87 -2.22 38.60
CA ASP D 642 5.43 -2.19 38.78
C ASP D 642 4.82 -0.91 38.22
N GLU D 643 5.23 0.24 38.76
CA GLU D 643 4.81 1.54 38.25
C GLU D 643 6.03 2.33 37.79
N PRO D 644 6.20 2.55 36.48
CA PRO D 644 7.42 3.22 36.03
C PRO D 644 7.47 4.71 36.34
N LYS D 645 6.34 5.40 36.41
CA LYS D 645 6.36 6.85 36.53
C LYS D 645 7.26 7.34 37.66
N PRO D 646 7.12 6.86 38.91
CA PRO D 646 8.09 7.27 39.93
C PRO D 646 9.47 6.69 39.70
N ALA D 647 9.54 5.45 39.23
CA ALA D 647 10.84 4.81 39.02
C ALA D 647 11.71 5.63 38.08
N LEU D 648 11.17 5.98 36.90
CA LEU D 648 11.93 6.81 35.97
C LEU D 648 12.28 8.15 36.58
N MET D 649 11.47 8.63 37.53
CA MET D 649 11.77 9.90 38.19
C MET D 649 12.95 9.77 39.13
N SER D 650 12.96 8.73 39.97
CA SER D 650 14.01 8.57 40.96
C SER D 650 15.37 8.35 40.29
N ARG D 651 15.46 7.33 39.43
CA ARG D 651 16.73 7.01 38.78
C ARG D 651 17.32 8.23 38.07
N PHE D 652 16.58 8.76 37.09
CA PHE D 652 17.13 9.74 36.16
C PHE D 652 16.99 11.18 36.64
N GLY D 653 16.48 11.39 37.85
CA GLY D 653 16.31 12.75 38.34
C GLY D 653 15.41 13.61 37.47
N ILE D 654 14.60 12.98 36.62
CA ILE D 654 13.66 13.71 35.77
C ILE D 654 12.46 14.11 36.63
N SER D 655 11.64 15.01 36.11
CA SER D 655 10.49 15.51 36.84
C SER D 655 9.23 14.73 36.48
N GLU D 656 8.13 15.03 37.17
CA GLU D 656 6.87 14.35 36.90
C GLU D 656 6.46 14.53 35.44
N THR D 657 6.61 15.74 34.91
CA THR D 657 6.19 15.99 33.54
C THR D 657 7.10 15.30 32.53
N GLN D 658 8.40 15.28 32.81
CA GLN D 658 9.32 14.64 31.87
C GLN D 658 9.07 13.14 31.80
N ALA D 659 8.93 12.48 32.96
CA ALA D 659 8.71 11.04 32.97
C ALA D 659 7.44 10.68 32.22
N GLU D 660 6.45 11.58 32.19
CA GLU D 660 5.23 11.32 31.42
C GLU D 660 5.49 11.44 29.93
N ALA D 661 6.26 12.45 29.52
CA ALA D 661 6.60 12.58 28.10
C ALA D 661 7.33 11.34 27.61
N ILE D 662 8.22 10.79 28.43
CA ILE D 662 8.99 9.62 28.04
C ILE D 662 8.07 8.44 27.80
N LEU D 663 7.17 8.17 28.76
CA LEU D 663 6.22 7.08 28.59
C LEU D 663 5.41 7.24 27.31
N GLU D 664 5.16 8.48 26.89
CA GLU D 664 4.37 8.72 25.69
C GLU D 664 5.17 8.62 24.41
N LEU D 665 6.47 8.33 24.49
CA LEU D 665 7.27 8.12 23.29
C LEU D 665 6.73 6.91 22.53
N LYS D 666 6.81 6.98 21.21
CA LYS D 666 6.39 5.90 20.33
C LYS D 666 7.61 5.13 19.83
N LEU D 667 7.44 3.83 19.64
CA LEU D 667 8.57 2.97 19.30
C LEU D 667 9.32 3.50 18.09
N ARG D 668 8.61 4.08 17.12
CA ARG D 668 9.32 4.66 15.99
C ARG D 668 10.16 5.86 16.39
N HIS D 669 9.86 6.49 17.53
CA HIS D 669 10.69 7.60 18.00
C HIS D 669 12.04 7.13 18.54
N LEU D 670 12.36 5.83 18.45
CA LEU D 670 13.59 5.29 19.01
C LEU D 670 14.73 5.21 18.00
N ALA D 671 14.44 5.33 16.71
CA ALA D 671 15.50 5.31 15.71
C ALA D 671 16.40 6.53 15.88
N LYS D 672 17.53 6.51 15.16
CA LYS D 672 18.53 7.57 15.33
C LYS D 672 18.00 8.92 14.87
N LEU D 673 17.19 8.92 13.80
CA LEU D 673 16.70 10.19 13.26
C LEU D 673 15.91 10.97 14.29
N GLU D 674 14.95 10.32 14.94
CA GLU D 674 14.05 11.01 15.86
C GLU D 674 14.77 11.57 17.08
N GLU D 675 16.04 11.23 17.29
CA GLU D 675 16.83 11.94 18.29
C GLU D 675 17.52 13.17 17.68
N MET D 676 18.01 13.05 16.45
CA MET D 676 18.53 14.23 15.76
C MET D 676 17.43 15.29 15.62
N LYS D 677 16.20 14.86 15.32
CA LYS D 677 15.10 15.80 15.25
C LYS D 677 14.85 16.47 16.59
N ILE D 678 15.11 15.76 17.69
CA ILE D 678 14.90 16.33 19.02
C ILE D 678 16.06 17.25 19.41
N ARG D 679 17.29 16.88 19.04
CA ARG D 679 18.41 17.78 19.24
C ARG D 679 18.34 18.98 18.32
N GLY D 680 17.52 18.92 17.27
CA GLY D 680 17.35 20.09 16.41
C GLY D 680 16.55 21.19 17.08
N GLU D 681 15.43 20.81 17.71
CA GLU D 681 14.66 21.80 18.46
C GLU D 681 15.49 22.41 19.58
N GLN D 682 16.14 21.56 20.38
CA GLN D 682 16.94 22.05 21.50
C GLN D 682 17.91 23.14 21.05
N SER D 683 18.62 22.89 19.96
CA SER D 683 19.56 23.90 19.44
C SER D 683 18.82 25.03 18.74
N GLU D 684 17.61 24.78 18.24
CA GLU D 684 16.82 25.83 17.60
C GLU D 684 16.11 26.68 18.63
N LEU D 685 15.37 26.04 19.55
CA LEU D 685 14.65 26.78 20.58
C LEU D 685 15.60 27.47 21.56
N GLU D 686 16.78 26.90 21.78
CA GLU D 686 17.76 27.56 22.64
C GLU D 686 18.12 28.94 22.10
N LYS D 687 18.21 29.06 20.77
CA LYS D 687 18.47 30.36 20.16
C LYS D 687 17.33 31.34 20.45
N GLU D 688 16.09 30.85 20.38
CA GLU D 688 14.94 31.72 20.61
C GLU D 688 14.77 32.05 22.08
N ARG D 689 15.06 31.09 22.97
CA ARG D 689 14.91 31.35 24.40
C ARG D 689 15.80 32.51 24.85
N ASP D 690 16.96 32.68 24.22
CA ASP D 690 17.85 33.78 24.57
C ASP D 690 17.48 35.07 23.85
N GLN D 691 17.07 34.99 22.58
CA GLN D 691 16.66 36.19 21.87
C GLN D 691 15.48 36.86 22.56
N LEU D 692 14.46 36.08 22.91
CA LEU D 692 13.30 36.64 23.59
C LEU D 692 13.69 37.26 24.92
N GLN D 693 14.40 36.52 25.75
CA GLN D 693 14.85 37.06 27.03
C GLN D 693 15.71 38.30 26.84
N ALA D 694 16.51 38.34 25.77
CA ALA D 694 17.33 39.52 25.48
C ALA D 694 16.49 40.66 24.92
N ILE D 695 15.44 40.34 24.16
CA ILE D 695 14.58 41.37 23.59
C ILE D 695 13.56 41.89 24.61
N LEU D 696 13.26 41.12 25.65
CA LEU D 696 12.28 41.53 26.65
C LEU D 696 12.91 42.23 27.85
N ALA D 697 14.20 41.97 28.13
CA ALA D 697 14.89 42.61 29.24
C ALA D 697 15.55 43.92 28.84
N SER D 698 15.78 44.14 27.55
CA SER D 698 16.44 45.35 27.05
C SER D 698 15.41 46.20 26.32
N GLU D 699 15.06 47.35 26.91
CA GLU D 699 14.12 48.25 26.26
C GLU D 699 14.63 48.74 24.92
N ARG D 700 15.95 48.69 24.69
CA ARG D 700 16.49 49.08 23.39
C ARG D 700 16.26 48.02 22.34
N LYS D 701 16.46 46.75 22.69
CA LYS D 701 16.17 45.67 21.74
C LYS D 701 14.67 45.56 21.49
N MET D 702 13.85 45.92 22.48
CA MET D 702 12.42 45.96 22.26
C MET D 702 12.06 46.89 21.11
N ASN D 703 12.55 48.14 21.16
CA ASN D 703 12.20 49.12 20.14
C ASN D 703 12.72 48.73 18.77
N ASN D 704 13.92 48.14 18.71
CA ASN D 704 14.46 47.67 17.44
C ASN D 704 13.52 46.65 16.79
N LEU D 705 12.84 45.84 17.61
CA LEU D 705 11.87 44.88 17.07
C LEU D 705 10.64 45.60 16.55
N LEU D 706 10.04 46.48 17.36
CA LEU D 706 8.88 47.24 16.92
C LEU D 706 9.19 48.02 15.66
N LYS D 707 10.32 48.74 15.65
CA LYS D 707 10.71 49.48 14.45
C LYS D 707 10.90 48.53 13.27
N LYS D 708 11.55 47.39 13.50
CA LYS D 708 11.74 46.43 12.42
C LYS D 708 10.44 45.74 12.04
N GLU D 709 9.51 45.62 12.98
CA GLU D 709 8.25 44.95 12.68
C GLU D 709 7.25 45.90 12.03
N LEU D 710 7.21 47.16 12.47
CA LEU D 710 6.37 48.15 11.80
C LEU D 710 6.86 48.45 10.40
N GLN D 711 8.12 48.12 10.09
CA GLN D 711 8.67 48.33 8.76
C GLN D 711 8.46 47.11 7.86
N ALA D 712 8.78 45.91 8.37
CA ALA D 712 8.56 44.70 7.58
C ALA D 712 7.07 44.47 7.31
N ASP D 713 6.21 44.90 8.24
CA ASP D 713 4.77 44.74 8.03
C ASP D 713 4.24 45.72 7.00
N ALA D 714 4.82 46.92 6.93
CA ALA D 714 4.41 47.87 5.92
C ALA D 714 4.89 47.49 4.52
N ASP D 715 5.87 46.59 4.42
CA ASP D 715 6.38 46.19 3.12
C ASP D 715 5.32 45.45 2.32
N ALA D 716 4.85 44.32 2.84
CA ALA D 716 3.84 43.53 2.13
C ALA D 716 2.49 44.23 2.06
N PHE D 717 2.21 45.15 2.98
CA PHE D 717 0.94 45.85 3.05
C PHE D 717 1.06 47.32 2.68
N GLY D 718 1.98 47.64 1.76
CA GLY D 718 2.25 49.02 1.42
C GLY D 718 1.65 49.45 0.09
N ASP D 719 0.59 50.24 0.15
CA ASP D 719 -0.06 50.79 -1.03
C ASP D 719 0.12 52.30 -1.04
N ASP D 720 0.65 52.84 -2.13
CA ASP D 720 0.79 54.29 -2.23
C ASP D 720 -0.58 54.94 -2.27
N ARG D 721 -0.66 56.15 -1.75
CA ARG D 721 -1.94 56.83 -1.60
C ARG D 721 -2.55 57.15 -2.96
N ARG D 722 -3.84 57.43 -2.95
CA ARG D 722 -4.61 57.65 -4.16
C ARG D 722 -5.16 59.06 -4.30
N SER D 723 -5.39 59.77 -3.19
CA SER D 723 -5.98 61.10 -3.24
C SER D 723 -4.89 62.15 -3.12
N PRO D 724 -4.61 62.94 -4.15
CA PRO D 724 -3.60 64.01 -4.03
C PRO D 724 -3.96 64.98 -2.91
N LEU D 725 -2.99 65.83 -2.57
CA LEU D 725 -3.15 66.77 -1.46
C LEU D 725 -2.36 68.04 -1.77
N HIS D 726 -3.07 69.08 -2.18
CA HIS D 726 -2.50 70.41 -2.34
C HIS D 726 -3.61 71.44 -2.22
N GLU D 727 -3.23 72.64 -1.79
CA GLU D 727 -4.20 73.72 -1.63
C GLU D 727 -4.72 74.17 -2.99
N ARG D 728 -5.96 74.65 -2.99
CA ARG D 728 -6.59 75.12 -4.22
C ARG D 728 -7.86 75.90 -3.91
#